data_6U0L
#
_entry.id   6U0L
#
_cell.length_a   1.00
_cell.length_b   1.00
_cell.length_c   1.00
_cell.angle_alpha   90.00
_cell.angle_beta   90.00
_cell.angle_gamma   90.00
#
_symmetry.space_group_name_H-M   'P 1'
#
loop_
_entity.id
_entity.type
_entity.pdbx_description
1 polymer 'Envelope glycoprotein gp120'
2 polymer 'T-cell surface glycoprotein CD4'
3 polymer 'E51 Fab heavy chain'
4 polymer 'E51 Fab light chain'
5 polymer 'Envelope glycoprotein gp41'
6 branched 2-acetamido-2-deoxy-beta-D-glucopyranose-(1-4)-2-acetamido-2-deoxy-beta-D-glucopyranose
7 branched alpha-D-mannopyranose-(1-2)-alpha-D-mannopyranose-(1-3)-beta-D-mannopyranose-(1-4)-2-acetamido-2-deoxy-beta-D-glucopyranose-(1-4)-2-acetamido-2-deoxy-beta-D-glucopyranose
8 branched alpha-D-mannopyranose-(1-2)-alpha-D-mannopyranose-(1-3)-[alpha-D-mannopyranose-(1-3)-alpha-D-mannopyranose-(1-6)]beta-D-mannopyranose-(1-4)-2-acetamido-2-deoxy-beta-D-glucopyranose-(1-4)-2-acetamido-2-deoxy-beta-D-glucopyranose
9 non-polymer 2-acetamido-2-deoxy-beta-D-glucopyranose
#
loop_
_entity_poly.entity_id
_entity_poly.type
_entity_poly.pdbx_seq_one_letter_code
_entity_poly.pdbx_strand_id
1 'polypeptide(L)'
;AENLWVTVYYGVPVWKDAETTLFCASDAKAYETEKHNVWATHACVPTDPNPQEIHLENVTEEFNMWKNNMVEQMHTDIIS
LWDQSLKPCVKLTPLCVTLQCTNVTNNITDDMRGELKNCSFNMTTELRDKKQKVYSLFYRLDVVQINENQGNRSNNSNKE
YRLINCNTSAITQACPKVSFEPIPIHYCAPAGFAILKCKDKKFNGTGPCPSVSTVQCTHGIKPVVSTQLLLNGSLAEEEV
MIRSENITNNAKNILVQFNTPVQINCTRPNNNTRKSIRIGPGQAFYATGDIIGDIRQAHCNVSKATWNETLGKVVKQLRK
HFGNNTIIRFANSSGGDLEVTTHSFNCGGEFFYCNTSGLFNSTWISNTSVQGSNSTGSNDSITLPCRIKQIINMWQRIGQ
AMYAPPIQGVIRCVSNITGLILTRDGGSTNSTTETFRPGGGDMRDNWRSELYKYKVVKIEPLGVAPTRCKRRVVGRRRRR
R
;
A,B,C
2 'polypeptide(L)'
;KKVVLGKKGDTVELTCTASQKKSIQFHWKNSNQIKILGNQGSFLTKGPSKLNDRADSRRSLWDQGNFPLIIKNLKIEDSD
TYICEVEDQKEEVQLLVFGLTANSDTHLLQGQSLTLTLESPPGSSPSVQCRSPRGKNIQGGKTLSVSQLELQDSGTWTCT
VLQNQKKVEFKIDIVVLAFQKAIDGRHHHHHH
;
D,E,F
3 'polypeptide(L)'
;EVQLVQSGAEVNKPGSSVKVSCQASGATLNSHAFSWVRQAPGQGLEWMAGIIPIFGSSHYAQKFRGRVTISADESTRTVY
LHLRGLRSDDTAVYYCASNSIAGVAAAGD(TYS)AD(TYS)DGGYYYDMDVWGQGTTVTVSSASTKGPSVFPLAPSSKST
SGGTAALGCLVKDYFPEPVTVSWNSGALTSGVHTFPAVLQSSGLYSLSSVVTVPSSSLGTQTYICNVNHKPSNTKVDKRV
EPK
;
H,I,P
4 'polypeptide(L)'
;QSILTQPPSVSAAPGQKVTISCSGSSSNIGNNDVSWYQQFPGTVPKLVIYENNERPSGIPDRFSGSKSGTSATLGITGLQ
TGDEADYYCGTWDSSLSAVVFGGGSKVTVLGQPKAAPSVTLFPPSSEELQANKATLVCLISDFYPGAVTVAWKADSSPVK
AGVETTTPSKQSNNKYAASSYLSLTPEQWKSHRSYSCQVTHEGSTVEKTVAPT
;
J,L,Q
5 'polypeptide(L)'
;AVGIGAVFLGFLGAAGSTMGAASMTLTVQARNLLSGIVQQQSNLLRAPEAQQHLLKLTVWGIKQLQARVLAVERYLRDQQ
LLGIWGCSGKLICCTNVPWNSSWSNRNLSEIWDNMTWLQWDKEISNYTQIIYGLLEESQNQQEKNEQDLLALD
;
X,Y,Z
#
loop_
_chem_comp.id
_chem_comp.type
_chem_comp.name
_chem_comp.formula
BMA D-saccharide, beta linking beta-D-mannopyranose 'C6 H12 O6'
MAN D-saccharide, alpha linking alpha-D-mannopyranose 'C6 H12 O6'
NAG D-saccharide, beta linking 2-acetamido-2-deoxy-beta-D-glucopyranose 'C8 H15 N O6'
#
# COMPACT_ATOMS: atom_id res chain seq x y z
N ASN A 3 13.13 54.88 14.11
CA ASN A 3 13.42 55.42 12.79
C ASN A 3 14.71 56.23 12.79
N LEU A 4 15.75 55.74 13.47
CA LEU A 4 17.00 56.48 13.56
C LEU A 4 18.18 55.79 12.88
N TRP A 5 18.60 54.62 13.35
CA TRP A 5 19.89 54.15 12.87
C TRP A 5 20.10 52.64 12.73
N VAL A 6 19.15 51.77 13.06
CA VAL A 6 19.37 50.33 12.93
C VAL A 6 18.18 49.74 12.19
N THR A 7 18.44 49.12 11.05
CA THR A 7 17.41 48.55 10.22
C THR A 7 17.46 47.05 10.31
N VAL A 8 16.44 46.40 9.78
CA VAL A 8 16.44 44.95 9.56
C VAL A 8 15.91 44.68 8.17
N TYR A 9 16.47 43.68 7.51
CA TYR A 9 16.01 43.28 6.19
C TYR A 9 15.68 41.80 6.23
N TYR A 10 14.68 41.41 5.46
CA TYR A 10 14.28 40.01 5.39
C TYR A 10 14.37 39.50 3.97
N GLY A 11 15.45 38.80 3.65
CA GLY A 11 15.67 38.37 2.30
C GLY A 11 17.07 38.67 1.84
N VAL A 12 17.99 38.83 2.77
CA VAL A 12 19.37 39.15 2.43
C VAL A 12 20.07 37.90 1.93
N PRO A 13 20.92 38.00 0.94
CA PRO A 13 21.72 36.85 0.53
C PRO A 13 22.91 36.55 1.43
N VAL A 14 22.67 35.88 2.56
CA VAL A 14 23.73 35.44 3.44
C VAL A 14 23.63 33.93 3.57
N TRP A 15 24.78 33.23 3.57
CA TRP A 15 24.80 31.82 3.88
C TRP A 15 25.96 31.48 4.80
N LYS A 16 25.68 30.66 5.81
CA LYS A 16 26.66 30.07 6.70
C LYS A 16 26.62 28.56 6.55
N ASP A 17 27.80 27.94 6.58
CA ASP A 17 27.90 26.51 6.27
C ASP A 17 27.29 25.67 7.38
N ALA A 18 26.66 24.56 7.00
CA ALA A 18 25.92 23.76 7.95
C ALA A 18 26.13 22.27 7.71
N GLU A 19 25.53 21.48 8.60
CA GLU A 19 25.72 20.03 8.65
C GLU A 19 24.39 19.34 8.85
N THR A 20 23.41 19.67 8.00
CA THR A 20 22.06 19.15 8.12
C THR A 20 21.96 17.69 7.69
N THR A 21 20.72 17.19 7.62
CA THR A 21 20.45 15.83 7.16
C THR A 21 19.67 15.89 5.85
N LEU A 22 20.34 15.65 4.74
CA LEU A 22 19.69 15.68 3.45
C LEU A 22 18.87 14.42 3.27
N PHE A 23 17.96 14.46 2.31
CA PHE A 23 17.12 13.30 2.01
C PHE A 23 17.37 12.85 0.58
N CYS A 24 17.09 11.59 0.33
CA CYS A 24 17.50 10.87 -0.88
C CYS A 24 17.00 11.44 -2.20
N ALA A 25 15.68 11.37 -2.43
CA ALA A 25 15.04 11.79 -3.68
C ALA A 25 15.56 11.15 -4.95
N SER A 26 15.31 9.86 -5.14
CA SER A 26 15.69 9.16 -6.35
C SER A 26 14.49 8.90 -7.24
N ASP A 27 14.77 8.39 -8.43
CA ASP A 27 13.75 8.20 -9.46
C ASP A 27 13.33 6.74 -9.55
N ALA A 28 12.77 6.24 -8.45
CA ALA A 28 12.43 4.83 -8.32
C ALA A 28 11.21 4.50 -9.15
N LYS A 29 11.02 3.20 -9.40
CA LYS A 29 9.94 2.71 -10.24
C LYS A 29 8.83 2.00 -9.48
N ALA A 30 9.10 1.48 -8.28
CA ALA A 30 8.15 1.03 -7.26
C ALA A 30 7.38 -0.23 -7.62
N TYR A 31 7.51 -0.77 -8.83
CA TYR A 31 6.98 -2.08 -9.13
C TYR A 31 8.05 -3.13 -9.33
N GLU A 32 9.28 -2.73 -9.67
CA GLU A 32 10.37 -3.65 -9.91
C GLU A 32 10.80 -4.33 -8.61
N THR A 33 11.58 -5.38 -8.75
CA THR A 33 12.25 -6.00 -7.62
C THR A 33 13.75 -6.01 -7.82
N GLU A 34 14.25 -5.25 -8.79
CA GLU A 34 15.64 -4.82 -8.78
C GLU A 34 15.90 -4.12 -7.47
N LYS A 35 16.92 -4.57 -6.75
CA LYS A 35 16.95 -4.29 -5.32
C LYS A 35 17.42 -2.88 -4.98
N HIS A 36 17.53 -2.00 -5.96
CA HIS A 36 17.65 -0.58 -5.67
C HIS A 36 16.29 0.09 -5.73
N ASN A 37 15.47 -0.28 -6.71
CA ASN A 37 14.13 0.29 -6.82
C ASN A 37 13.23 -0.17 -5.69
N VAL A 38 13.57 -1.28 -5.04
CA VAL A 38 12.89 -1.64 -3.81
C VAL A 38 13.28 -0.67 -2.70
N TRP A 39 14.57 -0.38 -2.56
CA TRP A 39 15.02 0.47 -1.48
C TRP A 39 14.66 1.92 -1.74
N ALA A 40 14.76 2.36 -3.00
CA ALA A 40 14.48 3.75 -3.31
C ALA A 40 12.99 4.05 -3.35
N THR A 41 12.14 3.06 -3.13
CA THR A 41 10.72 3.29 -3.05
C THR A 41 10.32 3.75 -1.66
N HIS A 42 10.80 3.06 -0.63
CA HIS A 42 10.41 3.31 0.74
C HIS A 42 11.40 4.18 1.49
N ALA A 43 12.34 4.80 0.78
CA ALA A 43 13.32 5.63 1.47
C ALA A 43 13.68 6.86 0.69
N CYS A 44 12.93 7.19 -0.36
CA CYS A 44 13.20 8.37 -1.17
C CYS A 44 11.87 9.01 -1.59
N VAL A 45 11.98 10.17 -2.23
CA VAL A 45 10.83 10.87 -2.81
C VAL A 45 11.06 10.97 -4.30
N PRO A 46 10.05 11.21 -5.14
CA PRO A 46 10.31 11.40 -6.56
C PRO A 46 11.03 12.71 -6.80
N THR A 47 11.93 12.70 -7.78
CA THR A 47 12.71 13.90 -8.07
C THR A 47 11.81 14.94 -8.71
N ASP A 48 12.14 16.20 -8.46
CA ASP A 48 11.35 17.28 -9.01
C ASP A 48 11.56 17.35 -10.52
N PRO A 49 10.51 17.67 -11.29
CA PRO A 49 10.69 17.75 -12.74
C PRO A 49 11.50 18.95 -13.17
N ASN A 50 11.43 20.05 -12.43
CA ASN A 50 12.10 21.30 -12.77
C ASN A 50 13.00 21.72 -11.62
N PRO A 51 14.26 21.31 -11.64
CA PRO A 51 15.21 21.79 -10.61
C PRO A 51 15.58 23.24 -10.87
N GLN A 52 15.16 24.11 -9.96
CA GLN A 52 15.47 25.53 -10.06
C GLN A 52 16.94 25.72 -9.73
N GLU A 53 17.71 26.16 -10.73
CA GLU A 53 19.13 26.39 -10.56
C GLU A 53 19.42 27.87 -10.75
N ILE A 54 19.77 28.53 -9.66
CA ILE A 54 20.19 29.93 -9.69
C ILE A 54 21.70 29.95 -9.82
N HIS A 55 22.19 30.64 -10.84
CA HIS A 55 23.61 30.86 -11.01
C HIS A 55 24.00 32.06 -10.14
N LEU A 56 25.10 31.95 -9.42
CA LEU A 56 25.61 33.06 -8.63
C LEU A 56 26.66 33.81 -9.44
N GLU A 57 26.69 35.12 -9.27
CA GLU A 57 27.50 35.99 -10.09
C GLU A 57 28.46 36.78 -9.21
N ASN A 58 29.75 36.75 -9.60
CA ASN A 58 30.83 37.40 -8.87
C ASN A 58 30.90 36.92 -7.41
N VAL A 59 30.79 35.62 -7.21
CA VAL A 59 30.85 34.98 -5.89
C VAL A 59 32.05 34.06 -5.86
N THR A 60 32.81 34.08 -4.77
CA THR A 60 33.98 33.21 -4.65
C THR A 60 33.89 32.42 -3.35
N GLU A 61 33.17 31.30 -3.38
CA GLU A 61 33.10 30.44 -2.23
C GLU A 61 34.35 29.57 -2.13
N GLU A 62 34.63 29.13 -0.92
CA GLU A 62 35.82 28.32 -0.65
C GLU A 62 35.37 26.90 -0.39
N PHE A 63 35.29 26.10 -1.43
CA PHE A 63 34.82 24.73 -1.32
C PHE A 63 35.86 23.85 -0.66
N ASN A 64 35.41 22.66 -0.27
CA ASN A 64 36.29 21.60 0.17
C ASN A 64 35.59 20.29 -0.09
N MET A 65 36.38 19.24 -0.38
CA MET A 65 35.83 17.91 -0.54
C MET A 65 36.46 16.88 0.37
N TRP A 66 37.63 17.16 0.92
CA TRP A 66 38.23 16.25 1.87
C TRP A 66 37.72 16.49 3.28
N LYS A 67 36.83 17.43 3.46
CA LYS A 67 36.17 17.64 4.75
C LYS A 67 34.69 17.85 4.54
N ASN A 68 34.15 17.31 3.46
CA ASN A 68 32.74 17.41 3.17
C ASN A 68 31.96 16.49 4.09
N ASN A 69 30.73 16.88 4.38
CA ASN A 69 29.86 16.11 5.24
C ASN A 69 28.89 15.25 4.49
N MET A 70 28.36 15.72 3.35
CA MET A 70 27.37 14.97 2.60
C MET A 70 27.95 13.71 1.97
N VAL A 71 29.28 13.56 1.98
CA VAL A 71 29.91 12.29 1.71
C VAL A 71 29.54 11.28 2.78
N GLU A 72 29.47 11.72 4.04
CA GLU A 72 29.13 10.78 5.10
C GLU A 72 27.66 10.41 5.08
N GLN A 73 26.80 11.32 4.64
CA GLN A 73 25.38 10.98 4.58
C GLN A 73 25.07 10.14 3.37
N MET A 74 25.96 10.09 2.39
CA MET A 74 25.80 9.11 1.33
C MET A 74 26.29 7.76 1.79
N HIS A 75 27.37 7.74 2.54
CA HIS A 75 28.00 6.48 2.92
C HIS A 75 27.17 5.73 3.94
N THR A 76 26.25 6.41 4.62
CA THR A 76 25.36 5.73 5.55
C THR A 76 24.12 5.23 4.84
N ASP A 77 23.65 5.95 3.82
CA ASP A 77 22.49 5.47 3.07
C ASP A 77 22.83 4.28 2.19
N ILE A 78 24.10 4.13 1.81
CA ILE A 78 24.46 3.06 0.89
C ILE A 78 24.80 1.79 1.66
N ILE A 79 25.30 1.90 2.87
CA ILE A 79 25.36 0.76 3.77
C ILE A 79 23.97 0.27 4.08
N SER A 80 23.02 1.19 4.25
CA SER A 80 21.64 0.81 4.49
C SER A 80 20.99 0.23 3.24
N LEU A 81 21.54 0.51 2.07
CA LEU A 81 21.03 -0.12 0.87
C LEU A 81 21.47 -1.56 0.78
N TRP A 82 22.77 -1.80 0.94
CA TRP A 82 23.33 -3.12 0.74
C TRP A 82 22.88 -4.09 1.82
N ASP A 83 22.53 -3.59 3.00
CA ASP A 83 22.13 -4.48 4.08
C ASP A 83 20.71 -4.99 3.89
N GLN A 84 19.90 -4.26 3.15
CA GLN A 84 18.56 -4.73 2.86
C GLN A 84 18.43 -5.40 1.50
N SER A 85 19.46 -5.31 0.66
CA SER A 85 19.40 -5.83 -0.69
C SER A 85 20.14 -7.15 -0.83
N LEU A 86 21.41 -7.17 -0.49
CA LEU A 86 22.24 -8.35 -0.62
C LEU A 86 22.40 -8.97 0.76
N LYS A 87 21.40 -9.74 1.16
CA LYS A 87 21.47 -10.44 2.44
C LYS A 87 22.33 -11.68 2.29
N PRO A 88 23.41 -11.81 3.04
CA PRO A 88 24.27 -12.98 2.88
C PRO A 88 23.70 -14.20 3.56
N CYS A 89 24.10 -15.36 3.06
CA CYS A 89 23.70 -16.60 3.68
C CYS A 89 24.40 -16.79 5.02
N VAL A 90 25.64 -16.32 5.13
CA VAL A 90 26.44 -16.41 6.34
C VAL A 90 27.18 -15.09 6.47
N LYS A 91 27.06 -14.43 7.62
CA LYS A 91 27.70 -13.14 7.82
C LYS A 91 28.59 -13.23 9.05
N LEU A 92 29.90 -13.22 8.86
CA LEU A 92 30.85 -13.45 9.95
C LEU A 92 31.43 -12.14 10.45
N THR A 93 30.67 -11.40 11.25
CA THR A 93 31.19 -10.16 11.78
C THR A 93 31.63 -10.33 13.23
N PRO A 94 32.81 -9.86 13.60
CA PRO A 94 33.24 -9.96 15.01
C PRO A 94 32.45 -9.03 15.92
N LEU A 95 32.65 -9.22 17.22
CA LEU A 95 31.95 -8.44 18.23
C LEU A 95 32.89 -7.61 19.10
N CYS A 96 33.89 -8.23 19.72
CA CYS A 96 34.96 -7.58 20.48
C CYS A 96 34.43 -6.73 21.63
N VAL A 97 33.83 -7.40 22.62
CA VAL A 97 33.38 -6.72 23.82
C VAL A 97 34.28 -7.05 25.01
N TYR A 161 45.32 -3.55 28.68
CA TYR A 161 44.91 -4.85 28.17
C TYR A 161 45.92 -5.38 27.15
N ARG A 162 45.71 -6.60 26.71
CA ARG A 162 46.45 -7.16 25.59
C ARG A 162 45.55 -7.77 24.53
N LEU A 163 44.43 -8.39 24.93
CA LEU A 163 43.55 -9.09 24.00
C LEU A 163 42.16 -9.08 24.61
N ILE A 164 41.33 -8.15 24.17
CA ILE A 164 39.94 -8.10 24.63
C ILE A 164 39.18 -9.23 23.95
N ASN A 165 38.13 -9.73 24.62
CA ASN A 165 37.36 -10.87 24.16
C ASN A 165 36.65 -10.57 22.85
N CYS A 166 37.12 -11.17 21.75
CA CYS A 166 36.64 -10.87 20.41
C CYS A 166 35.96 -12.12 19.82
N ASN A 167 34.66 -12.25 20.08
CA ASN A 167 33.89 -13.36 19.55
C ASN A 167 33.38 -13.01 18.16
N THR A 168 33.50 -13.96 17.24
CA THR A 168 33.18 -13.74 15.84
C THR A 168 31.82 -14.35 15.55
N SER A 169 30.77 -13.54 15.66
CA SER A 169 29.41 -14.02 15.52
C SER A 169 29.09 -14.37 14.07
N ALA A 170 28.16 -15.29 13.88
CA ALA A 170 27.83 -15.82 12.56
C ALA A 170 26.33 -15.76 12.35
N ILE A 171 25.84 -14.62 11.92
CA ILE A 171 24.42 -14.48 11.62
C ILE A 171 24.15 -15.14 10.29
N THR A 172 23.16 -16.01 10.24
CA THR A 172 22.68 -16.60 9.01
C THR A 172 21.24 -16.18 8.77
N GLN A 173 20.83 -16.11 7.51
CA GLN A 173 19.47 -15.69 7.22
C GLN A 173 19.05 -16.24 5.86
N ALA A 174 17.81 -15.93 5.48
CA ALA A 174 17.28 -16.35 4.21
C ALA A 174 17.88 -15.50 3.11
N CYS A 175 18.50 -16.15 2.13
CA CYS A 175 19.35 -15.47 1.16
C CYS A 175 19.03 -15.92 -0.26
N PRO A 176 17.99 -15.36 -0.87
CA PRO A 176 17.74 -15.64 -2.28
C PRO A 176 18.66 -14.80 -3.16
N LYS A 177 18.66 -15.12 -4.44
CA LYS A 177 19.37 -14.32 -5.41
C LYS A 177 18.43 -13.25 -5.95
N VAL A 178 18.93 -12.03 -6.09
CA VAL A 178 18.09 -10.90 -6.46
C VAL A 178 18.86 -9.98 -7.37
N SER A 179 18.16 -9.34 -8.29
CA SER A 179 18.80 -8.50 -9.29
C SER A 179 19.28 -7.19 -8.66
N PHE A 180 20.43 -6.72 -9.11
CA PHE A 180 21.13 -5.69 -8.36
C PHE A 180 21.97 -4.85 -9.32
N GLU A 181 21.38 -3.75 -9.79
CA GLU A 181 22.09 -2.81 -10.64
C GLU A 181 21.76 -1.42 -10.10
N PRO A 182 22.74 -0.56 -9.88
CA PRO A 182 22.46 0.70 -9.20
C PRO A 182 21.81 1.71 -10.11
N ILE A 183 20.98 2.56 -9.51
CA ILE A 183 20.28 3.62 -10.21
C ILE A 183 20.80 4.96 -9.71
N PRO A 184 20.67 6.05 -10.46
CA PRO A 184 21.12 7.34 -9.97
C PRO A 184 20.26 7.85 -8.82
N ILE A 185 20.91 8.13 -7.70
CA ILE A 185 20.32 8.71 -6.51
C ILE A 185 20.68 10.19 -6.52
N HIS A 186 19.73 11.05 -6.22
CA HIS A 186 20.07 12.45 -6.01
C HIS A 186 20.33 12.66 -4.54
N TYR A 187 20.47 13.91 -4.08
CA TYR A 187 20.56 14.19 -2.65
C TYR A 187 19.97 15.58 -2.43
N CYS A 188 18.66 15.66 -2.20
CA CYS A 188 18.05 16.98 -2.02
C CYS A 188 18.03 17.52 -0.60
N ALA A 189 18.49 18.77 -0.46
CA ALA A 189 18.55 19.45 0.82
C ALA A 189 17.15 19.82 1.30
N PRO A 190 17.01 20.07 2.61
CA PRO A 190 15.67 20.38 3.13
C PRO A 190 15.34 21.86 3.01
N ALA A 191 14.18 22.25 3.51
CA ALA A 191 13.77 23.64 3.40
C ALA A 191 14.62 24.51 4.34
N GLY A 192 15.04 25.66 3.84
CA GLY A 192 15.87 26.54 4.62
C GLY A 192 17.35 26.34 4.44
N PHE A 193 17.76 25.44 3.56
CA PHE A 193 19.16 25.21 3.22
C PHE A 193 19.27 25.24 1.71
N ALA A 194 20.50 25.22 1.22
CA ALA A 194 20.74 25.15 -0.21
C ALA A 194 22.07 24.46 -0.43
N ILE A 195 22.29 24.01 -1.66
CA ILE A 195 23.50 23.31 -2.05
C ILE A 195 24.22 24.17 -3.07
N LEU A 196 25.47 24.51 -2.78
CA LEU A 196 26.28 25.28 -3.70
C LEU A 196 27.10 24.36 -4.58
N LYS A 197 27.36 24.78 -5.81
CA LYS A 197 27.93 23.89 -6.79
C LYS A 197 29.03 24.58 -7.56
N CYS A 198 30.21 23.98 -7.59
CA CYS A 198 31.38 24.58 -8.26
C CYS A 198 31.32 24.31 -9.74
N LYS A 199 30.81 25.26 -10.51
CA LYS A 199 30.67 25.15 -11.96
C LYS A 199 31.97 25.39 -12.72
N ASP A 200 33.06 25.67 -12.03
CA ASP A 200 34.36 25.78 -12.70
C ASP A 200 34.83 24.41 -13.14
N LYS A 201 35.38 24.35 -14.35
CA LYS A 201 35.82 23.09 -14.96
C LYS A 201 37.31 22.85 -14.80
N LYS A 202 37.93 23.41 -13.77
CA LYS A 202 39.34 23.15 -13.50
C LYS A 202 39.59 23.00 -12.02
N PHE A 203 38.58 22.56 -11.27
CA PHE A 203 38.62 22.65 -9.82
C PHE A 203 39.60 21.64 -9.23
N ASN A 204 40.54 22.16 -8.44
CA ASN A 204 41.54 21.35 -7.78
C ASN A 204 40.95 20.40 -6.76
N GLY A 205 39.77 20.71 -6.24
CA GLY A 205 39.18 19.91 -5.18
C GLY A 205 39.04 20.71 -3.91
N THR A 206 40.06 21.47 -3.56
CA THR A 206 40.04 22.39 -2.44
C THR A 206 40.31 23.80 -2.94
N GLY A 207 40.05 24.78 -2.09
CA GLY A 207 40.40 26.13 -2.43
C GLY A 207 39.23 26.92 -2.97
N PRO A 208 39.46 28.19 -3.28
CA PRO A 208 38.37 29.09 -3.70
C PRO A 208 37.88 28.78 -5.10
N CYS A 209 36.69 28.25 -5.19
CA CYS A 209 36.05 28.04 -6.47
C CYS A 209 35.59 29.38 -7.02
N PRO A 210 35.83 29.68 -8.28
CA PRO A 210 35.52 31.02 -8.79
C PRO A 210 34.07 31.20 -9.23
N SER A 211 33.38 30.12 -9.60
CA SER A 211 32.02 30.22 -10.09
C SER A 211 31.15 29.22 -9.35
N VAL A 212 30.14 29.72 -8.65
CA VAL A 212 29.26 28.92 -7.81
C VAL A 212 27.84 29.05 -8.35
N SER A 213 27.07 27.98 -8.25
CA SER A 213 25.65 28.02 -8.53
C SER A 213 24.91 27.29 -7.44
N THR A 214 23.70 27.72 -7.14
CA THR A 214 22.88 27.09 -6.11
C THR A 214 21.92 26.08 -6.73
N VAL A 215 21.69 24.97 -6.02
CA VAL A 215 20.80 23.93 -6.51
C VAL A 215 20.30 23.06 -5.36
N GLN A 216 19.03 22.68 -5.42
CA GLN A 216 18.42 21.85 -4.39
C GLN A 216 19.23 20.57 -4.17
N CYS A 217 19.45 19.82 -5.24
CA CYS A 217 20.22 18.58 -5.16
C CYS A 217 21.22 18.47 -6.31
N THR A 218 22.13 17.50 -6.20
CA THR A 218 23.15 17.29 -7.22
C THR A 218 22.65 16.38 -8.33
N HIS A 219 23.55 16.00 -9.24
CA HIS A 219 23.20 15.12 -10.35
C HIS A 219 23.00 13.69 -9.89
N GLY A 220 22.30 12.90 -10.70
CA GLY A 220 22.04 11.51 -10.38
C GLY A 220 23.32 10.72 -10.19
N ILE A 221 23.66 10.46 -8.94
CA ILE A 221 24.87 9.71 -8.61
C ILE A 221 24.57 8.22 -8.48
N LYS A 222 25.30 7.40 -9.23
CA LYS A 222 25.12 5.97 -9.19
C LYS A 222 25.98 5.37 -8.10
N PRO A 223 25.41 4.80 -7.05
CA PRO A 223 26.23 4.25 -5.98
C PRO A 223 26.85 2.91 -6.35
N VAL A 224 27.81 2.96 -7.26
CA VAL A 224 28.60 1.76 -7.54
C VAL A 224 29.60 1.57 -6.42
N VAL A 225 30.15 0.37 -6.36
CA VAL A 225 31.14 0.02 -5.36
C VAL A 225 32.23 -0.74 -6.11
N SER A 226 33.42 -0.17 -6.20
CA SER A 226 34.51 -0.85 -6.85
C SER A 226 35.80 -0.34 -6.26
N THR A 227 36.82 -1.17 -6.31
CA THR A 227 38.15 -0.72 -5.98
C THR A 227 38.96 -0.65 -7.27
N GLN A 228 40.12 0.00 -7.18
CA GLN A 228 41.06 0.20 -8.29
C GLN A 228 40.50 0.95 -9.50
N LEU A 229 39.18 0.92 -9.67
CA LEU A 229 38.55 1.59 -10.80
C LEU A 229 37.17 2.14 -10.44
N LEU A 230 36.96 3.43 -10.68
CA LEU A 230 35.69 4.07 -10.42
C LEU A 230 34.82 3.96 -11.67
N LEU A 231 34.07 2.87 -11.76
CA LEU A 231 33.23 2.60 -12.92
C LEU A 231 31.88 3.31 -12.94
N ASN A 232 31.29 3.37 -14.13
CA ASN A 232 29.98 3.98 -14.37
C ASN A 232 29.84 5.39 -13.85
N GLY A 233 30.90 6.04 -13.39
CA GLY A 233 30.80 7.31 -12.73
C GLY A 233 30.62 8.47 -13.69
N SER A 234 30.90 9.67 -13.20
CA SER A 234 30.84 10.88 -14.01
C SER A 234 32.25 11.36 -14.31
N LEU A 235 32.38 12.06 -15.42
CA LEU A 235 33.64 12.28 -16.10
C LEU A 235 33.91 13.76 -16.26
N ALA A 236 35.19 14.12 -16.28
CA ALA A 236 35.62 15.52 -16.27
C ALA A 236 35.38 16.14 -17.65
N GLU A 237 35.80 17.39 -17.82
CA GLU A 237 35.58 18.10 -19.06
C GLU A 237 36.82 18.72 -19.68
N GLU A 238 37.88 18.99 -18.93
CA GLU A 238 39.02 19.62 -19.59
C GLU A 238 40.06 18.62 -20.07
N GLU A 239 40.86 18.03 -19.18
CA GLU A 239 41.60 16.87 -19.68
C GLU A 239 41.50 15.62 -18.78
N VAL A 240 42.05 15.66 -17.57
CA VAL A 240 42.05 14.62 -16.54
C VAL A 240 42.47 15.35 -15.27
N MET A 241 41.74 15.18 -14.18
CA MET A 241 42.02 15.89 -12.95
C MET A 241 42.79 14.99 -11.99
N ILE A 242 43.70 15.57 -11.22
CA ILE A 242 44.57 14.79 -10.34
C ILE A 242 44.26 15.20 -8.91
N ARG A 243 42.98 15.32 -8.61
CA ARG A 243 42.50 15.61 -7.27
C ARG A 243 43.11 14.70 -6.22
N SER A 244 43.60 15.30 -5.13
CA SER A 244 44.04 14.57 -3.98
C SER A 244 43.83 15.46 -2.77
N GLU A 245 44.49 15.15 -1.67
CA GLU A 245 44.50 16.08 -0.55
C GLU A 245 45.80 16.86 -0.52
N ASN A 246 46.93 16.16 -0.59
CA ASN A 246 48.23 16.77 -0.37
C ASN A 246 49.28 15.84 -0.97
N ILE A 247 49.76 16.15 -2.17
CA ILE A 247 50.70 15.22 -2.78
C ILE A 247 52.12 15.54 -2.35
N THR A 248 52.45 15.18 -1.12
CA THR A 248 53.79 14.86 -0.69
C THR A 248 53.76 13.68 0.28
N ASN A 249 52.59 13.12 0.54
CA ASN A 249 52.38 12.35 1.76
C ASN A 249 52.52 10.85 1.58
N ASN A 250 52.29 10.33 0.36
CA ASN A 250 52.25 8.90 0.04
C ASN A 250 51.22 8.15 0.86
N ALA A 251 50.19 8.84 1.33
CA ALA A 251 49.18 8.20 2.15
C ALA A 251 47.79 8.69 1.86
N LYS A 252 47.62 9.59 0.89
CA LYS A 252 46.33 10.03 0.45
C LYS A 252 46.10 9.49 -0.95
N ASN A 253 44.94 8.90 -1.16
CA ASN A 253 44.62 8.30 -2.45
C ASN A 253 44.44 9.39 -3.49
N ILE A 254 45.33 9.39 -4.47
CA ILE A 254 45.21 10.28 -5.62
C ILE A 254 44.02 9.85 -6.46
N LEU A 255 42.91 10.57 -6.35
CA LEU A 255 41.85 10.31 -7.29
C LEU A 255 42.24 10.88 -8.62
N VAL A 256 41.67 10.32 -9.68
CA VAL A 256 41.93 10.73 -11.05
C VAL A 256 40.61 10.59 -11.78
N GLN A 257 40.14 11.65 -12.37
CA GLN A 257 38.96 11.52 -13.22
C GLN A 257 39.41 11.32 -14.65
N PHE A 258 38.46 10.96 -15.50
CA PHE A 258 38.69 10.82 -16.93
C PHE A 258 37.79 11.82 -17.65
N ASN A 259 38.17 12.14 -18.89
CA ASN A 259 37.27 12.81 -19.82
C ASN A 259 36.78 11.88 -20.90
N THR A 260 37.21 10.62 -20.90
CA THR A 260 36.82 9.63 -21.87
C THR A 260 36.41 8.36 -21.14
N PRO A 261 35.24 7.83 -21.40
CA PRO A 261 34.88 6.52 -20.81
C PRO A 261 35.59 5.39 -21.54
N VAL A 262 36.64 4.86 -20.92
CA VAL A 262 37.30 3.64 -21.38
C VAL A 262 36.38 2.48 -21.08
N GLN A 263 35.75 1.92 -22.10
CA GLN A 263 34.78 0.86 -21.87
C GLN A 263 35.45 -0.45 -21.50
N ILE A 264 34.79 -1.22 -20.65
CA ILE A 264 35.27 -2.52 -20.22
C ILE A 264 34.12 -3.50 -20.38
N ASN A 265 34.40 -4.66 -20.97
CA ASN A 265 33.39 -5.66 -21.28
C ASN A 265 33.67 -6.88 -20.41
N CYS A 266 32.87 -7.08 -19.39
CA CYS A 266 33.05 -8.18 -18.45
C CYS A 266 31.97 -9.22 -18.72
N THR A 267 32.40 -10.46 -18.93
CA THR A 267 31.50 -11.54 -19.29
C THR A 267 31.82 -12.79 -18.50
N ARG A 268 30.79 -13.58 -18.20
CA ARG A 268 30.97 -14.98 -17.82
C ARG A 268 30.29 -15.85 -18.87
N PRO A 269 31.03 -16.61 -19.63
CA PRO A 269 30.41 -17.31 -20.76
C PRO A 269 29.94 -18.71 -20.38
N ASN A 270 29.48 -19.46 -21.37
CA ASN A 270 29.25 -20.90 -21.22
C ASN A 270 30.19 -21.67 -22.13
N ASP A 294 34.33 -24.13 -16.01
CA ASP A 294 34.34 -23.49 -14.71
C ASP A 294 33.32 -22.37 -14.65
N ILE A 295 32.45 -22.40 -13.62
CA ILE A 295 31.44 -21.35 -13.48
C ILE A 295 31.97 -20.15 -12.71
N ARG A 296 33.19 -20.23 -12.19
CA ARG A 296 33.81 -19.12 -11.47
C ARG A 296 35.08 -18.73 -12.20
N GLN A 297 34.98 -18.48 -13.50
CA GLN A 297 36.12 -18.09 -14.32
C GLN A 297 35.62 -17.15 -15.40
N ALA A 298 35.96 -15.88 -15.28
CA ALA A 298 35.49 -14.85 -16.18
C ALA A 298 36.69 -14.15 -16.82
N HIS A 299 36.38 -13.14 -17.63
CA HIS A 299 37.42 -12.36 -18.30
C HIS A 299 36.82 -11.01 -18.66
N CYS A 300 37.66 -9.98 -18.69
CA CYS A 300 37.18 -8.64 -19.02
C CYS A 300 38.10 -8.01 -20.05
N ASN A 301 37.55 -7.64 -21.19
CA ASN A 301 38.31 -7.14 -22.32
C ASN A 301 38.26 -5.62 -22.35
N VAL A 302 39.44 -5.01 -22.38
CA VAL A 302 39.56 -3.56 -22.52
C VAL A 302 40.59 -3.27 -23.60
N SER A 303 40.29 -2.28 -24.43
CA SER A 303 41.06 -2.02 -25.66
C SER A 303 42.44 -1.49 -25.34
N LYS A 304 43.43 -1.96 -26.10
CA LYS A 304 44.78 -1.45 -25.91
C LYS A 304 44.94 -0.06 -26.49
N ALA A 305 44.09 0.31 -27.45
CA ALA A 305 44.22 1.64 -28.06
C ALA A 305 43.71 2.72 -27.12
N THR A 306 42.49 2.54 -26.61
CA THR A 306 41.90 3.55 -25.75
C THR A 306 42.59 3.60 -24.39
N TRP A 307 43.16 2.48 -23.95
CA TRP A 307 43.86 2.52 -22.67
C TRP A 307 45.27 3.07 -22.80
N ASN A 308 45.88 3.02 -23.99
CA ASN A 308 47.23 3.56 -24.10
C ASN A 308 47.21 5.07 -24.22
N GLU A 309 46.17 5.63 -24.83
CA GLU A 309 46.11 7.09 -24.91
C GLU A 309 45.55 7.69 -23.64
N THR A 310 44.81 6.91 -22.85
CA THR A 310 44.25 7.43 -21.60
C THR A 310 45.27 7.33 -20.48
N LEU A 311 46.10 6.30 -20.48
CA LEU A 311 47.32 6.38 -19.70
C LEU A 311 48.26 7.43 -20.27
N GLY A 312 48.17 7.71 -21.57
CA GLY A 312 48.94 8.79 -22.14
C GLY A 312 48.49 10.16 -21.66
N LYS A 313 47.20 10.30 -21.37
CA LYS A 313 46.69 11.59 -20.92
C LYS A 313 47.12 11.87 -19.49
N VAL A 314 47.07 10.85 -18.64
CA VAL A 314 47.39 11.02 -17.23
C VAL A 314 48.86 11.34 -17.05
N VAL A 315 49.71 10.69 -17.84
CA VAL A 315 51.15 10.76 -17.58
C VAL A 315 51.75 12.10 -17.98
N LYS A 316 51.04 12.90 -18.79
CA LYS A 316 51.54 14.23 -19.11
C LYS A 316 51.45 15.13 -17.89
N GLN A 317 50.25 15.27 -17.33
CA GLN A 317 50.04 16.12 -16.16
C GLN A 317 50.22 15.34 -14.87
N LEU A 318 51.34 14.67 -14.78
CA LEU A 318 51.92 14.29 -13.51
C LEU A 318 53.33 14.83 -13.37
N ARG A 319 54.05 14.93 -14.48
CA ARG A 319 55.34 15.62 -14.47
C ARG A 319 55.20 17.13 -14.31
N LYS A 320 53.98 17.66 -14.40
CA LYS A 320 53.70 19.02 -13.97
C LYS A 320 53.49 19.12 -12.47
N HIS A 321 53.54 18.00 -11.75
CA HIS A 321 53.56 18.01 -10.30
C HIS A 321 54.87 17.52 -9.71
N PHE A 322 55.59 16.64 -10.40
CA PHE A 322 56.81 16.03 -9.86
C PHE A 322 58.04 16.33 -10.70
N GLY A 323 58.01 17.37 -11.53
CA GLY A 323 59.17 17.70 -12.34
C GLY A 323 59.18 16.99 -13.66
N ASN A 324 59.75 17.61 -14.69
CA ASN A 324 59.71 17.05 -16.03
C ASN A 324 60.75 15.95 -16.26
N ASN A 325 61.60 15.67 -15.28
CA ASN A 325 62.68 14.71 -15.44
C ASN A 325 62.37 13.33 -14.86
N THR A 326 61.29 13.19 -14.11
CA THR A 326 60.95 11.91 -13.51
C THR A 326 60.37 10.97 -14.56
N ILE A 327 61.05 9.85 -14.78
CA ILE A 327 60.59 8.85 -15.76
C ILE A 327 59.64 7.94 -15.00
N ILE A 328 58.39 8.35 -14.92
CA ILE A 328 57.42 7.67 -14.08
C ILE A 328 56.92 6.41 -14.77
N ARG A 329 56.90 5.30 -14.03
CA ARG A 329 56.51 4.01 -14.57
C ARG A 329 55.35 3.46 -13.76
N PHE A 330 54.30 3.03 -14.43
CA PHE A 330 53.20 2.39 -13.72
C PHE A 330 53.62 0.98 -13.28
N ALA A 331 52.86 0.42 -12.35
CA ALA A 331 53.25 -0.88 -11.81
C ALA A 331 52.04 -1.63 -11.29
N ASN A 332 52.28 -2.89 -10.93
CA ASN A 332 51.30 -3.76 -10.32
C ASN A 332 50.96 -3.28 -8.93
N SER A 333 49.86 -3.80 -8.38
CA SER A 333 49.55 -3.52 -6.98
C SER A 333 50.57 -4.17 -6.08
N SER A 334 50.64 -3.69 -4.85
CA SER A 334 51.75 -4.05 -3.99
C SER A 334 51.50 -5.30 -3.16
N GLY A 335 50.25 -5.67 -2.95
CA GLY A 335 49.91 -6.78 -2.07
C GLY A 335 48.87 -6.37 -1.06
N GLY A 336 48.37 -7.36 -0.35
CA GLY A 336 47.41 -7.06 0.68
C GLY A 336 46.13 -7.83 0.53
N ASP A 337 45.02 -7.19 0.88
CA ASP A 337 43.73 -7.85 0.85
C ASP A 337 43.30 -8.07 -0.59
N LEU A 338 42.50 -9.11 -0.80
CA LEU A 338 42.14 -9.48 -2.15
C LEU A 338 41.16 -8.52 -2.80
N GLU A 339 40.37 -7.82 -2.00
CA GLU A 339 39.39 -6.92 -2.61
C GLU A 339 40.01 -5.62 -3.07
N VAL A 340 41.23 -5.30 -2.63
CA VAL A 340 41.89 -4.07 -3.08
C VAL A 340 43.07 -4.34 -4.00
N THR A 341 43.62 -5.54 -4.01
CA THR A 341 44.67 -5.82 -4.97
C THR A 341 44.13 -6.22 -6.33
N THR A 342 42.80 -6.35 -6.45
CA THR A 342 42.16 -6.72 -7.69
C THR A 342 40.90 -5.89 -7.85
N HIS A 343 40.50 -5.67 -9.09
CA HIS A 343 39.40 -4.75 -9.36
C HIS A 343 38.07 -5.39 -8.98
N SER A 344 37.64 -5.16 -7.75
CA SER A 344 36.54 -5.91 -7.15
C SER A 344 35.22 -5.16 -7.28
N PHE A 345 34.57 -5.34 -8.40
CA PHE A 345 33.22 -4.83 -8.56
C PHE A 345 32.24 -5.98 -8.43
N ASN A 346 30.97 -5.73 -8.68
CA ASN A 346 29.99 -6.79 -8.74
C ASN A 346 29.06 -6.51 -9.90
N CYS A 347 28.27 -7.52 -10.27
CA CYS A 347 27.46 -7.41 -11.47
C CYS A 347 26.34 -8.43 -11.40
N GLY A 348 25.11 -7.96 -11.36
CA GLY A 348 23.97 -8.86 -11.26
C GLY A 348 23.89 -9.62 -9.95
N GLY A 349 24.53 -9.13 -8.90
CA GLY A 349 24.55 -9.79 -7.62
C GLY A 349 25.78 -10.63 -7.36
N GLU A 350 26.63 -10.83 -8.37
CA GLU A 350 27.76 -11.73 -8.25
C GLU A 350 29.05 -10.92 -8.21
N PHE A 351 29.95 -11.28 -7.30
CA PHE A 351 31.06 -10.42 -6.89
C PHE A 351 32.33 -10.78 -7.64
N PHE A 352 32.57 -10.10 -8.75
CA PHE A 352 33.73 -10.38 -9.58
C PHE A 352 35.00 -9.87 -8.94
N TYR A 353 36.12 -10.50 -9.29
CA TYR A 353 37.46 -10.08 -8.86
C TYR A 353 38.37 -10.14 -10.07
N CYS A 354 38.65 -9.01 -10.71
CA CYS A 354 39.42 -9.02 -11.95
C CYS A 354 40.92 -9.08 -11.65
N ASN A 355 41.77 -8.76 -12.63
CA ASN A 355 43.20 -8.78 -12.39
C ASN A 355 43.81 -7.72 -13.29
N THR A 356 43.93 -6.51 -12.77
CA THR A 356 44.49 -5.40 -13.54
C THR A 356 46.00 -5.37 -13.33
N SER A 357 46.66 -6.37 -13.90
CA SER A 357 48.11 -6.40 -13.90
C SER A 357 48.71 -6.03 -15.23
N GLY A 358 48.04 -6.35 -16.33
CA GLY A 358 48.44 -5.93 -17.64
C GLY A 358 47.91 -4.58 -18.02
N LEU A 359 47.18 -3.97 -17.11
CA LEU A 359 46.52 -2.69 -17.32
C LEU A 359 47.30 -1.52 -16.77
N PHE A 360 48.00 -1.71 -15.65
CA PHE A 360 48.98 -0.77 -15.14
C PHE A 360 50.36 -1.43 -15.20
N ASN A 361 50.97 -1.41 -16.39
CA ASN A 361 52.35 -1.86 -16.54
C ASN A 361 52.89 -1.17 -17.79
N SER A 362 53.58 -0.04 -17.59
CA SER A 362 54.20 0.72 -18.66
C SER A 362 55.13 1.78 -18.11
N THR A 363 56.40 1.77 -18.53
CA THR A 363 57.27 2.89 -18.22
C THR A 363 57.11 3.96 -19.28
N TRP A 364 57.35 5.20 -18.88
CA TRP A 364 57.04 6.36 -19.73
C TRP A 364 58.22 7.32 -19.74
N ILE A 365 58.98 7.29 -20.83
CA ILE A 365 60.11 8.20 -20.97
C ILE A 365 59.61 9.59 -21.30
N SER A 366 60.38 10.59 -20.87
CA SER A 366 60.02 11.99 -21.06
C SER A 366 60.19 12.43 -22.50
N ASP A 380 45.20 -6.56 -30.04
CA ASP A 380 44.28 -5.48 -29.70
C ASP A 380 43.86 -5.56 -28.23
N SER A 381 42.63 -5.99 -27.98
CA SER A 381 42.00 -5.87 -26.66
C SER A 381 42.72 -6.72 -25.61
N ILE A 382 43.20 -6.06 -24.56
CA ILE A 382 43.79 -6.79 -23.45
C ILE A 382 42.70 -7.51 -22.68
N THR A 383 43.02 -8.69 -22.17
CA THR A 383 42.08 -9.48 -21.39
C THR A 383 42.54 -9.54 -19.95
N LEU A 384 41.59 -9.71 -19.03
CA LEU A 384 41.86 -9.62 -17.60
C LEU A 384 41.35 -10.88 -16.91
N PRO A 385 42.18 -11.61 -16.22
CA PRO A 385 41.76 -12.88 -15.64
C PRO A 385 40.86 -12.79 -14.42
N CYS A 386 39.56 -12.61 -14.61
CA CYS A 386 38.64 -12.37 -13.50
C CYS A 386 38.03 -13.67 -12.97
N ARG A 387 37.88 -13.71 -11.65
CA ARG A 387 37.18 -14.79 -10.95
C ARG A 387 35.80 -14.33 -10.54
N ILE A 388 35.11 -15.18 -9.78
CA ILE A 388 33.92 -14.79 -9.03
C ILE A 388 34.07 -15.43 -7.67
N LYS A 389 34.04 -14.62 -6.63
CA LYS A 389 34.17 -15.16 -5.29
C LYS A 389 32.80 -15.32 -4.66
N GLN A 390 32.68 -16.29 -3.77
CA GLN A 390 31.52 -16.38 -2.90
C GLN A 390 31.85 -16.02 -1.47
N ILE A 391 33.12 -15.95 -1.11
CA ILE A 391 33.56 -15.56 0.21
C ILE A 391 34.27 -14.22 0.12
N ILE A 392 33.54 -13.14 0.30
CA ILE A 392 34.08 -11.80 0.13
C ILE A 392 34.28 -11.18 1.50
N ASN A 393 35.10 -10.13 1.52
CA ASN A 393 35.19 -9.25 2.67
C ASN A 393 34.14 -8.17 2.51
N MET A 394 33.38 -7.90 3.55
CA MET A 394 32.40 -6.84 3.46
C MET A 394 33.13 -5.51 3.44
N TRP A 395 32.63 -4.57 2.65
CA TRP A 395 33.16 -3.23 2.68
C TRP A 395 32.43 -2.36 3.68
N GLN A 396 31.22 -2.76 4.10
CA GLN A 396 30.42 -1.96 5.00
C GLN A 396 31.09 -1.82 6.35
N ARG A 397 31.21 -2.93 7.05
CA ARG A 397 31.86 -3.01 8.33
C ARG A 397 33.04 -3.96 8.17
N ILE A 398 33.66 -4.31 9.27
CA ILE A 398 34.69 -5.34 9.22
C ILE A 398 33.99 -6.67 9.40
N GLY A 399 34.12 -7.53 8.40
CA GLY A 399 33.44 -8.81 8.47
C GLY A 399 33.86 -9.67 7.31
N GLN A 400 33.09 -10.73 7.07
CA GLN A 400 33.21 -11.59 5.91
C GLN A 400 31.84 -12.15 5.63
N ALA A 401 31.48 -12.22 4.37
CA ALA A 401 30.18 -12.78 4.02
C ALA A 401 30.40 -14.02 3.18
N MET A 402 29.36 -14.83 3.06
CA MET A 402 29.40 -16.06 2.29
C MET A 402 28.07 -16.23 1.60
N TYR A 403 28.05 -16.09 0.29
CA TYR A 403 26.81 -16.01 -0.45
C TYR A 403 26.48 -17.35 -1.10
N ALA A 404 25.43 -17.33 -1.91
CA ALA A 404 24.95 -18.50 -2.61
C ALA A 404 25.88 -18.83 -3.78
N PRO A 405 25.73 -20.00 -4.41
CA PRO A 405 26.47 -20.28 -5.64
C PRO A 405 26.06 -19.34 -6.76
N PRO A 406 26.93 -19.12 -7.76
CA PRO A 406 26.63 -18.17 -8.83
C PRO A 406 25.52 -18.65 -9.72
N ILE A 407 24.86 -17.69 -10.36
CA ILE A 407 23.69 -17.99 -11.18
C ILE A 407 24.13 -18.63 -12.49
N GLN A 408 23.18 -19.27 -13.17
CA GLN A 408 23.45 -19.99 -14.41
C GLN A 408 22.94 -19.18 -15.58
N GLY A 409 23.81 -18.92 -16.54
CA GLY A 409 23.53 -18.10 -17.69
C GLY A 409 24.75 -17.27 -18.00
N VAL A 410 24.59 -16.37 -18.94
CA VAL A 410 25.66 -15.44 -19.26
C VAL A 410 25.50 -14.21 -18.37
N ILE A 411 26.62 -13.62 -17.96
CA ILE A 411 26.63 -12.43 -17.11
C ILE A 411 27.52 -11.41 -17.80
N ARG A 412 26.93 -10.57 -18.65
CA ARG A 412 27.67 -9.55 -19.39
C ARG A 412 27.51 -8.22 -18.67
N CYS A 413 28.61 -7.48 -18.53
CA CYS A 413 28.66 -6.39 -17.56
C CYS A 413 29.38 -5.16 -18.11
N VAL A 414 28.96 -4.67 -19.27
CA VAL A 414 29.70 -3.57 -19.91
C VAL A 414 29.52 -2.28 -19.13
N SER A 415 30.63 -1.59 -18.90
CA SER A 415 30.65 -0.43 -18.02
C SER A 415 31.76 0.52 -18.46
N ASN A 416 31.69 1.74 -17.96
CA ASN A 416 32.59 2.83 -18.33
C ASN A 416 33.61 3.02 -17.22
N ILE A 417 34.88 2.83 -17.52
CA ILE A 417 35.87 3.25 -16.51
C ILE A 417 36.00 4.76 -16.60
N THR A 418 35.37 5.48 -15.69
CA THR A 418 35.48 6.93 -15.65
C THR A 418 36.21 7.37 -14.40
N GLY A 419 37.32 6.72 -14.09
CA GLY A 419 38.07 7.17 -12.95
C GLY A 419 39.09 6.18 -12.50
N LEU A 420 40.15 6.66 -11.87
CA LEU A 420 41.12 5.80 -11.24
C LEU A 420 41.30 6.26 -9.81
N ILE A 421 42.02 5.45 -9.05
CA ILE A 421 42.50 5.80 -7.73
C ILE A 421 43.91 5.26 -7.69
N LEU A 422 44.89 6.15 -7.64
CA LEU A 422 46.26 5.68 -7.56
C LEU A 422 46.79 5.87 -6.16
N THR A 423 48.08 5.61 -6.02
CA THR A 423 48.83 5.85 -4.80
C THR A 423 50.30 5.92 -5.19
N ARG A 424 50.94 7.05 -4.90
CA ARG A 424 52.30 7.27 -5.33
C ARG A 424 53.25 6.43 -4.49
N ASP A 425 54.51 6.36 -4.91
CA ASP A 425 55.52 5.61 -4.17
C ASP A 425 56.74 6.51 -3.99
N GLY A 426 56.98 6.93 -2.75
CA GLY A 426 58.08 7.84 -2.48
C GLY A 426 59.44 7.18 -2.54
N GLY A 427 60.18 7.44 -3.62
CA GLY A 427 61.46 6.82 -3.85
C GLY A 427 62.60 7.52 -3.14
N SER A 428 63.81 7.26 -3.62
CA SER A 428 65.03 7.78 -3.01
C SER A 428 65.16 9.29 -3.19
N THR A 432 65.21 10.08 -9.62
CA THR A 432 64.27 9.15 -9.02
C THR A 432 63.00 9.09 -9.85
N THR A 433 62.34 7.93 -9.84
CA THR A 433 61.18 7.66 -10.66
C THR A 433 59.99 7.34 -9.77
N GLU A 434 58.85 7.97 -10.05
CA GLU A 434 57.67 7.88 -9.19
C GLU A 434 56.71 6.85 -9.76
N THR A 435 56.62 5.70 -9.10
CA THR A 435 55.80 4.60 -9.58
C THR A 435 54.42 4.64 -8.93
N PHE A 436 53.39 4.54 -9.75
CA PHE A 436 52.01 4.72 -9.31
C PHE A 436 51.30 3.36 -9.26
N ARG A 437 51.47 2.66 -8.15
CA ARG A 437 50.82 1.37 -7.95
C ARG A 437 49.45 1.57 -7.35
N PRO A 438 48.37 1.20 -8.04
CA PRO A 438 47.03 1.63 -7.64
C PRO A 438 46.49 1.00 -6.36
N GLY A 439 45.28 1.40 -6.00
CA GLY A 439 44.69 0.96 -4.76
C GLY A 439 43.26 1.41 -4.66
N GLY A 440 42.78 1.55 -3.46
CA GLY A 440 41.42 1.95 -3.23
C GLY A 440 40.84 1.11 -2.12
N GLY A 441 39.52 1.16 -1.99
CA GLY A 441 38.89 0.30 -1.02
C GLY A 441 38.11 1.04 0.03
N ASP A 442 38.63 2.17 0.48
CA ASP A 442 37.83 3.09 1.27
C ASP A 442 36.72 3.61 0.37
N MET A 443 35.49 3.18 0.63
CA MET A 443 34.45 3.44 -0.33
C MET A 443 34.01 4.89 -0.35
N ARG A 444 34.42 5.70 0.62
CA ARG A 444 34.17 7.13 0.59
C ARG A 444 34.83 7.82 -0.58
N ASP A 445 35.84 7.22 -1.19
CA ASP A 445 36.45 7.81 -2.36
C ASP A 445 35.63 7.63 -3.62
N ASN A 446 34.72 6.68 -3.67
CA ASN A 446 33.83 6.64 -4.81
C ASN A 446 32.74 7.69 -4.71
N TRP A 447 32.58 8.30 -3.55
CA TRP A 447 31.60 9.34 -3.36
C TRP A 447 32.23 10.67 -3.06
N ARG A 448 33.53 10.71 -2.77
CA ARG A 448 34.25 11.96 -2.85
C ARG A 448 34.50 12.35 -4.30
N SER A 449 34.64 11.38 -5.18
CA SER A 449 34.92 11.69 -6.56
C SER A 449 33.67 11.95 -7.38
N GLU A 450 32.52 12.07 -6.74
CA GLU A 450 31.33 12.50 -7.43
C GLU A 450 30.51 13.51 -6.63
N LEU A 451 30.86 13.75 -5.37
CA LEU A 451 30.32 14.85 -4.60
C LEU A 451 31.42 15.85 -4.25
N TYR A 452 32.38 16.05 -5.14
CA TYR A 452 33.42 17.02 -4.83
C TYR A 452 32.93 18.43 -5.09
N LYS A 453 32.13 18.61 -6.13
CA LYS A 453 31.68 19.95 -6.49
C LYS A 453 30.38 20.31 -5.80
N TYR A 454 30.31 20.11 -4.49
CA TYR A 454 29.08 20.38 -3.76
C TYR A 454 29.42 20.82 -2.36
N LYS A 455 28.46 21.51 -1.75
CA LYS A 455 28.61 22.12 -0.44
C LYS A 455 27.23 22.55 -0.01
N VAL A 456 26.84 22.17 1.20
CA VAL A 456 25.52 22.46 1.72
C VAL A 456 25.65 23.60 2.73
N VAL A 457 24.91 24.68 2.51
CA VAL A 457 24.98 25.87 3.34
C VAL A 457 23.61 26.17 3.92
N LYS A 458 23.60 26.96 4.98
CA LYS A 458 22.36 27.34 5.66
C LYS A 458 22.05 28.79 5.34
N ILE A 459 20.90 29.02 4.75
CA ILE A 459 20.49 30.36 4.38
C ILE A 459 19.94 31.06 5.62
N GLU A 460 20.57 32.16 6.00
CA GLU A 460 20.13 32.98 7.13
C GLU A 460 19.59 34.29 6.60
N PRO A 461 18.33 34.36 6.17
CA PRO A 461 17.87 35.48 5.36
C PRO A 461 17.57 36.75 6.14
N LEU A 462 17.94 36.85 7.41
CA LEU A 462 17.72 38.05 8.20
C LEU A 462 19.03 38.80 8.36
N GLY A 463 18.98 40.11 8.17
CA GLY A 463 20.18 40.91 8.24
C GLY A 463 19.90 42.28 8.81
N VAL A 464 20.91 42.83 9.46
CA VAL A 464 20.87 44.18 10.01
C VAL A 464 21.91 45.02 9.28
N ALA A 465 21.65 46.33 9.22
CA ALA A 465 22.52 47.29 8.58
C ALA A 465 22.09 48.67 9.04
N PRO A 466 23.00 49.63 9.19
CA PRO A 466 22.58 50.98 9.55
C PRO A 466 22.30 51.86 8.37
N THR A 467 21.31 52.74 8.50
CA THR A 467 21.20 53.91 7.64
C THR A 467 20.46 54.99 8.42
N ARG A 468 19.98 56.01 7.71
CA ARG A 468 19.22 57.09 8.31
C ARG A 468 17.77 56.94 7.88
N CYS A 469 16.90 56.58 8.83
CA CYS A 469 15.47 56.54 8.56
C CYS A 469 14.73 57.74 9.10
N ASN B 3 -7.53 58.18 30.81
CA ASN B 3 -6.19 58.25 30.22
C ASN B 3 -5.66 56.86 29.89
N LEU B 4 -6.10 55.87 30.66
CA LEU B 4 -5.68 54.49 30.42
C LEU B 4 -6.29 53.94 29.15
N TRP B 5 -5.47 53.26 28.36
CA TRP B 5 -5.90 52.73 27.08
C TRP B 5 -5.84 51.21 27.11
N VAL B 6 -6.72 50.60 26.32
CA VAL B 6 -6.87 49.15 26.31
C VAL B 6 -5.66 48.52 25.63
N THR B 7 -5.04 47.57 26.30
CA THR B 7 -3.94 46.84 25.72
C THR B 7 -4.48 45.54 25.15
N VAL B 8 -3.67 44.84 24.37
CA VAL B 8 -3.98 43.46 24.02
C VAL B 8 -2.68 42.65 24.02
N TYR B 9 -2.67 41.57 24.77
CA TYR B 9 -1.50 40.72 24.87
C TYR B 9 -1.79 39.40 24.21
N TYR B 10 -0.77 38.85 23.56
CA TYR B 10 -0.85 37.54 22.95
C TYR B 10 0.27 36.69 23.54
N GLY B 11 -0.09 35.63 24.22
CA GLY B 11 0.91 34.88 24.95
C GLY B 11 0.59 34.88 26.42
N VAL B 12 -0.71 34.86 26.72
CA VAL B 12 -1.18 34.87 28.09
C VAL B 12 -1.68 33.50 28.53
N PRO B 13 -1.34 33.09 29.76
CA PRO B 13 -1.75 31.81 30.32
C PRO B 13 -3.15 31.86 30.92
N VAL B 14 -4.17 31.76 30.08
CA VAL B 14 -5.56 31.80 30.54
C VAL B 14 -6.25 30.46 30.32
N TRP B 15 -6.94 29.97 31.35
CA TRP B 15 -7.64 28.71 31.26
C TRP B 15 -9.13 28.91 31.01
N LYS B 16 -9.82 27.85 30.60
CA LYS B 16 -11.24 27.92 30.31
C LYS B 16 -11.87 26.53 30.33
N ASP B 17 -12.60 26.23 31.40
CA ASP B 17 -13.25 24.93 31.54
C ASP B 17 -14.11 24.60 30.33
N ALA B 18 -13.74 23.54 29.61
CA ALA B 18 -14.48 23.12 28.42
C ALA B 18 -14.19 21.67 28.09
N GLU B 19 -15.15 21.01 27.44
CA GLU B 19 -15.00 19.61 27.06
C GLU B 19 -14.63 19.47 25.58
N THR B 20 -13.81 18.48 25.28
CA THR B 20 -13.39 18.23 23.90
C THR B 20 -13.15 16.75 23.64
N THR B 21 -12.76 16.41 22.42
CA THR B 21 -12.49 15.04 22.04
C THR B 21 -11.00 14.73 22.07
N LEU B 22 -10.57 13.99 23.08
CA LEU B 22 -9.17 13.62 23.22
C LEU B 22 -8.80 12.46 22.31
N PHE B 23 -7.67 12.60 21.62
CA PHE B 23 -7.20 11.57 20.71
C PHE B 23 -6.21 10.67 21.43
N CYS B 24 -6.29 9.38 21.13
CA CYS B 24 -5.56 8.34 21.85
C CYS B 24 -4.13 8.27 21.36
N ALA B 25 -3.25 7.75 22.20
CA ALA B 25 -1.88 7.53 21.77
C ALA B 25 -1.31 6.34 22.52
N SER B 26 -0.73 5.40 21.77
CA SER B 26 -0.08 4.26 22.40
C SER B 26 0.93 3.70 21.42
N ASP B 27 1.82 2.85 21.93
CA ASP B 27 2.90 2.28 21.13
C ASP B 27 2.50 0.90 20.62
N ALA B 28 1.57 0.90 19.67
CA ALA B 28 1.22 -0.34 18.99
C ALA B 28 2.30 -0.71 17.99
N LYS B 29 2.27 -1.96 17.55
CA LYS B 29 3.35 -2.50 16.74
C LYS B 29 3.03 -2.57 15.26
N ALA B 30 1.75 -2.58 14.89
CA ALA B 30 1.18 -2.63 13.55
C ALA B 30 1.45 -3.93 12.80
N TYR B 31 1.96 -4.97 13.46
CA TYR B 31 1.99 -6.30 12.87
C TYR B 31 1.36 -7.36 13.76
N GLU B 32 1.37 -7.17 15.08
CA GLU B 32 0.98 -8.23 16.00
C GLU B 32 -0.52 -8.45 15.94
N THR B 33 -0.92 -9.70 15.98
CA THR B 33 -2.33 -10.03 15.94
C THR B 33 -2.91 -10.19 17.34
N GLU B 34 -2.18 -9.74 18.37
CA GLU B 34 -2.81 -9.52 19.65
C GLU B 34 -3.84 -8.43 19.48
N LYS B 35 -4.97 -8.57 20.16
CA LYS B 35 -6.15 -7.87 19.72
C LYS B 35 -6.17 -6.40 20.13
N HIS B 36 -5.32 -5.98 21.06
CA HIS B 36 -5.20 -4.57 21.35
C HIS B 36 -4.26 -3.87 20.39
N ASN B 37 -3.23 -4.57 19.94
CA ASN B 37 -2.32 -3.98 18.96
C ASN B 37 -2.96 -3.88 17.59
N VAL B 38 -4.08 -4.56 17.37
CA VAL B 38 -4.86 -4.34 16.17
C VAL B 38 -5.71 -3.09 16.33
N TRP B 39 -6.38 -2.94 17.47
CA TRP B 39 -7.27 -1.81 17.67
C TRP B 39 -6.50 -0.52 17.85
N ALA B 40 -5.32 -0.57 18.42
CA ALA B 40 -4.49 0.61 18.58
C ALA B 40 -3.68 0.93 17.35
N THR B 41 -4.05 0.41 16.20
CA THR B 41 -3.43 0.82 14.96
C THR B 41 -4.45 1.50 14.06
N HIS B 42 -5.69 1.04 14.10
CA HIS B 42 -6.77 1.66 13.35
C HIS B 42 -7.15 3.00 13.95
N ALA B 43 -7.08 3.13 15.28
CA ALA B 43 -7.67 4.25 15.99
C ALA B 43 -6.75 4.76 17.09
N CYS B 44 -5.47 4.91 16.79
CA CYS B 44 -4.53 5.51 17.72
C CYS B 44 -3.49 6.26 16.89
N VAL B 45 -2.37 6.60 17.53
CA VAL B 45 -1.30 7.35 16.89
C VAL B 45 -0.05 6.90 17.63
N PRO B 46 1.16 7.01 17.07
CA PRO B 46 2.36 6.70 17.84
C PRO B 46 2.52 7.63 19.03
N THR B 47 3.24 7.14 20.04
CA THR B 47 3.39 7.84 21.31
C THR B 47 4.20 9.11 21.14
N ASP B 48 4.20 9.93 22.19
CA ASP B 48 4.97 11.16 22.20
C ASP B 48 6.45 10.83 22.33
N PRO B 49 7.29 11.18 21.34
CA PRO B 49 8.71 10.82 21.46
C PRO B 49 9.45 11.67 22.47
N ASN B 50 9.22 12.98 22.47
CA ASN B 50 9.81 13.90 23.43
C ASN B 50 8.66 14.66 24.08
N PRO B 51 8.12 14.16 25.19
CA PRO B 51 6.94 14.78 25.79
C PRO B 51 7.29 16.09 26.48
N GLN B 52 6.36 17.04 26.39
CA GLN B 52 6.50 18.38 26.94
C GLN B 52 5.77 18.45 28.27
N GLU B 53 6.47 18.82 29.32
CA GLU B 53 5.88 18.90 30.64
C GLU B 53 6.44 20.10 31.37
N ILE B 54 5.55 20.96 31.87
CA ILE B 54 5.92 22.19 32.55
C ILE B 54 5.36 22.11 33.96
N HIS B 55 6.19 22.33 34.96
CA HIS B 55 5.70 22.52 36.31
C HIS B 55 5.29 23.97 36.48
N LEU B 56 4.11 24.18 37.04
CA LEU B 56 3.54 25.52 37.18
C LEU B 56 3.75 25.99 38.60
N GLU B 57 4.31 27.18 38.75
CA GLU B 57 4.62 27.72 40.06
C GLU B 57 3.40 28.43 40.65
N ASN B 58 3.21 28.26 41.96
CA ASN B 58 2.31 29.03 42.82
C ASN B 58 0.82 28.85 42.52
N VAL B 59 0.46 27.99 41.59
CA VAL B 59 -0.93 27.87 41.17
C VAL B 59 -1.66 26.89 42.07
N THR B 60 -2.87 27.26 42.47
CA THR B 60 -3.80 26.32 43.07
C THR B 60 -4.96 26.10 42.10
N GLU B 61 -5.58 24.94 42.19
CA GLU B 61 -6.52 24.51 41.16
C GLU B 61 -7.46 23.48 41.76
N GLU B 62 -8.75 23.69 41.54
CA GLU B 62 -9.74 22.78 42.07
C GLU B 62 -10.05 21.71 41.05
N PHE B 63 -9.84 20.45 41.41
CA PHE B 63 -10.18 19.32 40.58
C PHE B 63 -11.52 18.74 41.02
N ASN B 64 -11.95 17.73 40.30
CA ASN B 64 -13.05 16.87 40.69
C ASN B 64 -12.88 15.55 39.96
N MET B 65 -13.01 14.46 40.69
CA MET B 65 -12.83 13.13 40.11
C MET B 65 -14.15 12.56 39.61
N TRP B 66 -15.22 12.76 40.35
CA TRP B 66 -16.51 12.16 40.05
C TRP B 66 -17.31 12.94 39.04
N LYS B 67 -16.71 13.93 38.38
CA LYS B 67 -17.40 14.65 37.32
C LYS B 67 -16.46 14.91 36.16
N ASN B 68 -15.44 14.08 36.01
CA ASN B 68 -14.53 14.20 34.89
C ASN B 68 -15.22 13.81 33.61
N ASN B 69 -14.86 14.50 32.53
CA ASN B 69 -15.50 14.31 31.24
C ASN B 69 -14.59 13.61 30.25
N MET B 70 -13.46 13.09 30.71
CA MET B 70 -12.61 12.22 29.90
C MET B 70 -12.69 10.78 30.36
N VAL B 71 -13.33 10.53 31.49
CA VAL B 71 -13.62 9.17 31.92
C VAL B 71 -14.73 8.59 31.06
N GLU B 72 -15.67 9.43 30.62
CA GLU B 72 -16.64 8.97 29.63
C GLU B 72 -16.09 8.99 28.22
N GLN B 73 -14.84 9.41 28.05
CA GLN B 73 -14.20 9.24 26.76
C GLN B 73 -13.24 8.07 26.77
N MET B 74 -12.90 7.57 27.96
CA MET B 74 -12.22 6.30 28.05
C MET B 74 -13.22 5.16 27.99
N HIS B 75 -14.41 5.41 28.52
CA HIS B 75 -15.45 4.39 28.51
C HIS B 75 -15.94 4.13 27.11
N THR B 76 -15.93 5.15 26.25
CA THR B 76 -16.39 4.95 24.88
C THR B 76 -15.39 4.14 24.08
N ASP B 77 -14.11 4.43 24.21
CA ASP B 77 -13.11 3.74 23.39
C ASP B 77 -12.74 2.37 23.94
N ILE B 78 -13.40 1.90 24.99
CA ILE B 78 -13.21 0.53 25.42
C ILE B 78 -14.44 -0.31 25.12
N ILE B 79 -15.63 0.29 25.09
CA ILE B 79 -16.74 -0.32 24.37
C ILE B 79 -16.34 -0.59 22.94
N SER B 80 -15.74 0.41 22.30
CA SER B 80 -15.31 0.28 20.92
C SER B 80 -14.13 -0.65 20.76
N LEU B 81 -13.39 -0.92 21.83
CA LEU B 81 -12.33 -1.91 21.70
C LEU B 81 -12.94 -3.31 21.68
N TRP B 82 -13.58 -3.68 22.79
CA TRP B 82 -14.04 -5.04 23.01
C TRP B 82 -15.04 -5.52 21.98
N ASP B 83 -15.80 -4.61 21.37
CA ASP B 83 -16.76 -5.01 20.36
C ASP B 83 -16.07 -5.40 19.07
N GLN B 84 -14.88 -4.89 18.84
CA GLN B 84 -14.08 -5.28 17.69
C GLN B 84 -12.94 -6.21 18.08
N SER B 85 -12.92 -6.66 19.32
CA SER B 85 -11.84 -7.47 19.86
C SER B 85 -12.33 -8.86 20.23
N LEU B 86 -13.28 -8.94 21.14
CA LEU B 86 -13.85 -10.20 21.57
C LEU B 86 -15.22 -10.32 20.90
N LYS B 87 -15.20 -10.78 19.65
CA LYS B 87 -16.43 -11.02 18.92
C LYS B 87 -17.07 -12.30 19.43
N PRO B 88 -18.27 -12.27 19.97
CA PRO B 88 -18.83 -13.45 20.63
C PRO B 88 -19.57 -14.34 19.65
N CYS B 89 -19.88 -15.54 20.11
CA CYS B 89 -20.62 -16.50 19.30
C CYS B 89 -22.11 -16.20 19.32
N VAL B 90 -22.67 -15.90 20.48
CA VAL B 90 -24.09 -15.59 20.62
C VAL B 90 -24.22 -14.40 21.55
N LYS B 91 -24.77 -13.30 21.05
CA LYS B 91 -25.21 -12.19 21.88
C LYS B 91 -26.66 -12.37 22.26
N LEU B 92 -27.08 -11.68 23.31
CA LEU B 92 -28.50 -11.54 23.61
C LEU B 92 -28.73 -10.12 24.08
N THR B 93 -28.94 -9.20 23.14
CA THR B 93 -29.13 -7.81 23.50
C THR B 93 -30.61 -7.48 23.47
N PRO B 94 -31.20 -7.08 24.60
CA PRO B 94 -32.61 -6.68 24.58
C PRO B 94 -32.84 -5.43 23.73
N LEU B 95 -33.84 -5.52 22.87
CA LEU B 95 -34.20 -4.45 21.96
C LEU B 95 -35.23 -3.49 22.54
N CYS B 96 -36.32 -4.02 23.11
CA CYS B 96 -37.34 -3.26 23.84
C CYS B 96 -37.99 -2.19 22.97
N VAL B 97 -38.75 -2.64 21.99
CA VAL B 97 -39.57 -1.75 21.18
C VAL B 97 -40.75 -1.29 22.02
N THR B 98 -41.27 -0.10 21.71
CA THR B 98 -42.41 0.45 22.43
C THR B 98 -43.28 1.31 21.52
N TYR B 161 -47.77 -0.87 27.26
CA TYR B 161 -47.48 0.48 27.71
C TYR B 161 -46.81 0.45 29.08
N ARG B 162 -46.98 -0.66 29.79
CA ARG B 162 -46.27 -0.90 31.04
C ARG B 162 -45.49 -2.21 31.03
N LEU B 163 -46.07 -3.28 30.48
CA LEU B 163 -45.44 -4.58 30.33
C LEU B 163 -45.01 -4.80 28.89
N ILE B 164 -44.41 -3.77 28.29
CA ILE B 164 -44.16 -3.69 26.85
C ILE B 164 -43.28 -4.84 26.39
N ASN B 165 -43.55 -5.34 25.18
CA ASN B 165 -42.80 -6.46 24.64
C ASN B 165 -41.37 -6.05 24.33
N CYS B 166 -40.42 -6.75 24.94
CA CYS B 166 -38.99 -6.54 24.71
C CYS B 166 -38.46 -7.78 24.00
N ASN B 167 -38.23 -7.66 22.70
CA ASN B 167 -37.72 -8.77 21.90
C ASN B 167 -36.23 -8.93 22.19
N THR B 168 -35.89 -9.94 23.00
CA THR B 168 -34.49 -10.23 23.30
C THR B 168 -33.88 -10.90 22.09
N SER B 169 -33.21 -10.11 21.26
CA SER B 169 -32.67 -10.61 20.00
C SER B 169 -31.45 -11.49 20.25
N ALA B 170 -30.88 -12.00 19.17
CA ALA B 170 -29.70 -12.86 19.26
C ALA B 170 -28.94 -12.75 17.95
N ILE B 171 -27.90 -11.94 17.93
CA ILE B 171 -27.03 -11.80 16.77
C ILE B 171 -25.81 -12.68 16.98
N THR B 172 -25.49 -13.49 15.98
CA THR B 172 -24.42 -14.48 16.07
C THR B 172 -23.35 -14.14 15.06
N GLN B 173 -22.19 -13.71 15.53
CA GLN B 173 -21.08 -13.40 14.66
C GLN B 173 -20.24 -14.65 14.45
N ALA B 174 -19.09 -14.50 13.80
CA ALA B 174 -18.15 -15.59 13.62
C ALA B 174 -17.03 -15.43 14.64
N CYS B 175 -16.93 -16.38 15.56
CA CYS B 175 -16.15 -16.21 16.78
C CYS B 175 -14.92 -17.12 16.83
N PRO B 176 -13.72 -16.60 16.58
CA PRO B 176 -12.53 -17.41 16.81
C PRO B 176 -12.07 -17.32 18.25
N LYS B 177 -10.92 -17.89 18.57
CA LYS B 177 -10.34 -17.79 19.89
C LYS B 177 -9.12 -16.87 19.78
N VAL B 178 -9.30 -15.62 20.18
CA VAL B 178 -8.33 -14.57 19.92
C VAL B 178 -7.59 -14.22 21.20
N SER B 179 -6.39 -13.68 21.03
CA SER B 179 -5.54 -13.30 22.15
C SER B 179 -6.00 -11.98 22.75
N PHE B 180 -5.57 -11.73 23.98
CA PHE B 180 -6.05 -10.55 24.70
C PHE B 180 -5.00 -10.16 25.74
N GLU B 181 -4.18 -9.19 25.40
CA GLU B 181 -3.21 -8.64 26.32
C GLU B 181 -3.32 -7.12 26.27
N PRO B 182 -3.89 -6.49 27.29
CA PRO B 182 -4.11 -5.04 27.23
C PRO B 182 -2.81 -4.27 27.35
N ILE B 183 -2.61 -3.34 26.42
CA ILE B 183 -1.41 -2.49 26.38
C ILE B 183 -1.79 -1.14 26.98
N PRO B 184 -0.85 -0.35 27.48
CA PRO B 184 -1.21 0.97 28.01
C PRO B 184 -1.57 1.94 26.90
N ILE B 185 -2.75 2.55 27.03
CA ILE B 185 -3.23 3.55 26.09
C ILE B 185 -3.38 4.86 26.84
N HIS B 186 -2.58 5.86 26.48
CA HIS B 186 -2.61 7.15 27.14
C HIS B 186 -3.21 8.23 26.26
N TYR B 187 -4.08 9.04 26.86
CA TYR B 187 -4.92 9.99 26.14
C TYR B 187 -4.23 11.32 25.98
N CYS B 188 -3.97 11.72 24.75
CA CYS B 188 -3.48 13.06 24.52
C CYS B 188 -4.63 13.99 24.18
N ALA B 189 -4.36 15.29 24.30
CA ALA B 189 -5.14 16.49 24.09
C ALA B 189 -4.77 17.13 22.77
N PRO B 190 -5.72 17.64 22.01
CA PRO B 190 -5.40 18.17 20.69
C PRO B 190 -4.68 19.50 20.76
N ALA B 191 -4.44 20.13 19.61
CA ALA B 191 -3.70 21.38 19.60
C ALA B 191 -4.55 22.52 20.14
N GLY B 192 -3.93 23.36 20.96
CA GLY B 192 -4.63 24.43 21.62
C GLY B 192 -5.23 24.07 22.95
N PHE B 193 -4.95 22.88 23.46
CA PHE B 193 -5.47 22.41 24.74
C PHE B 193 -4.31 21.90 25.56
N ALA B 194 -4.61 21.49 26.79
CA ALA B 194 -3.59 20.98 27.69
C ALA B 194 -4.26 20.11 28.74
N ILE B 195 -3.46 19.33 29.45
CA ILE B 195 -3.93 18.46 30.51
C ILE B 195 -3.16 18.80 31.77
N LEU B 196 -3.87 19.06 32.87
CA LEU B 196 -3.24 19.47 34.11
C LEU B 196 -3.13 18.28 35.06
N LYS B 197 -1.93 17.75 35.18
CA LYS B 197 -1.67 16.73 36.19
C LYS B 197 -1.78 17.35 37.56
N CYS B 198 -2.24 16.57 38.54
CA CYS B 198 -2.27 17.00 39.93
C CYS B 198 -1.19 16.21 40.67
N LYS B 199 -0.04 16.86 40.89
CA LYS B 199 1.13 16.19 41.43
C LYS B 199 1.14 16.11 42.94
N ASP B 200 0.00 16.34 43.58
CA ASP B 200 -0.14 16.15 45.01
C ASP B 200 -0.09 14.67 45.36
N LYS B 201 0.10 14.38 46.64
CA LYS B 201 0.17 13.00 47.09
C LYS B 201 -0.76 12.68 48.25
N LYS B 202 -1.36 13.67 48.88
CA LYS B 202 -2.50 13.45 49.77
C LYS B 202 -3.82 13.71 49.04
N PHE B 203 -3.78 13.70 47.72
CA PHE B 203 -4.90 14.13 46.89
C PHE B 203 -6.02 13.10 46.96
N ASN B 204 -7.13 13.46 47.58
CA ASN B 204 -8.28 12.58 47.66
C ASN B 204 -9.24 12.78 46.50
N GLY B 205 -8.78 13.33 45.39
CA GLY B 205 -9.55 13.38 44.17
C GLY B 205 -10.30 14.67 43.94
N THR B 206 -10.90 15.21 44.98
CA THR B 206 -11.62 16.46 44.88
C THR B 206 -10.79 17.58 45.49
N GLY B 207 -11.40 18.75 45.62
CA GLY B 207 -10.81 19.83 46.35
C GLY B 207 -9.66 20.52 45.62
N PRO B 208 -9.05 21.49 46.27
CA PRO B 208 -8.01 22.30 45.61
C PRO B 208 -6.66 21.59 45.61
N CYS B 209 -6.22 21.17 44.45
CA CYS B 209 -4.93 20.50 44.34
C CYS B 209 -3.82 21.54 44.29
N PRO B 210 -2.94 21.60 45.29
CA PRO B 210 -2.00 22.73 45.38
C PRO B 210 -0.77 22.67 44.50
N SER B 211 -0.41 21.52 43.92
CA SER B 211 0.75 21.44 43.03
C SER B 211 0.29 20.84 41.71
N VAL B 212 0.27 21.67 40.67
CA VAL B 212 -0.34 21.31 39.40
C VAL B 212 0.68 21.51 38.31
N SER B 213 1.06 20.44 37.63
CA SER B 213 1.85 20.56 36.42
C SER B 213 0.94 20.48 35.21
N THR B 214 1.48 20.73 34.02
CA THR B 214 0.69 20.67 32.80
C THR B 214 1.30 19.73 31.77
N VAL B 215 0.58 18.67 31.44
CA VAL B 215 1.05 17.69 30.47
C VAL B 215 0.02 17.45 29.38
N GLN B 216 0.49 17.14 28.19
CA GLN B 216 -0.39 16.89 27.04
C GLN B 216 -0.97 15.49 27.10
N CYS B 217 -0.14 14.51 27.45
CA CYS B 217 -0.57 13.12 27.53
C CYS B 217 -0.32 12.54 28.92
N THR B 218 -1.19 11.64 29.35
CA THR B 218 -1.06 11.01 30.66
C THR B 218 -0.20 9.75 30.57
N HIS B 219 -0.07 9.05 31.70
CA HIS B 219 0.72 7.83 31.74
C HIS B 219 0.00 6.68 31.03
N GLY B 220 0.77 5.68 30.61
CA GLY B 220 0.21 4.53 29.92
C GLY B 220 -0.83 3.79 30.73
N ILE B 221 -2.09 4.23 30.61
CA ILE B 221 -3.19 3.60 31.33
C ILE B 221 -3.56 2.28 30.68
N LYS B 222 -3.65 1.23 31.49
CA LYS B 222 -3.99 -0.10 30.99
C LYS B 222 -5.49 -0.32 31.12
N PRO B 223 -6.22 -0.57 30.04
CA PRO B 223 -7.65 -0.81 30.15
C PRO B 223 -7.98 -2.17 30.72
N VAL B 224 -7.82 -2.36 32.01
CA VAL B 224 -7.95 -3.67 32.63
C VAL B 224 -9.22 -3.67 33.46
N VAL B 225 -10.27 -4.25 32.93
CA VAL B 225 -11.54 -4.32 33.62
C VAL B 225 -11.51 -5.50 34.59
N SER B 226 -12.30 -5.36 35.65
CA SER B 226 -12.49 -6.37 36.69
C SER B 226 -13.58 -5.88 37.60
N THR B 227 -14.14 -6.79 38.37
CA THR B 227 -14.94 -6.39 39.51
C THR B 227 -14.15 -6.73 40.77
N GLN B 228 -14.41 -5.96 41.83
CA GLN B 228 -13.97 -6.21 43.21
C GLN B 228 -12.45 -6.05 43.37
N LEU B 229 -11.72 -5.78 42.31
CA LEU B 229 -10.27 -5.56 42.33
C LEU B 229 -9.94 -4.64 41.17
N LEU B 230 -8.67 -4.26 41.06
CA LEU B 230 -8.20 -3.38 39.98
C LEU B 230 -6.81 -3.86 39.57
N LEU B 231 -6.74 -4.82 38.68
CA LEU B 231 -5.48 -5.44 38.37
C LEU B 231 -4.65 -4.56 37.45
N ASN B 232 -3.34 -4.69 37.57
CA ASN B 232 -2.33 -4.06 36.70
C ASN B 232 -2.43 -2.54 36.64
N GLY B 233 -3.00 -1.91 37.65
CA GLY B 233 -3.18 -0.48 37.65
C GLY B 233 -1.92 0.28 37.99
N SER B 234 -2.09 1.44 38.61
CA SER B 234 -0.97 2.26 39.01
C SER B 234 -1.06 2.55 40.50
N LEU B 235 0.10 2.70 41.11
CA LEU B 235 0.20 2.70 42.56
C LEU B 235 0.21 4.12 43.11
N ALA B 236 0.07 4.23 44.41
CA ALA B 236 0.19 5.50 45.10
C ALA B 236 1.67 5.81 45.32
N GLU B 237 1.95 6.81 46.15
CA GLU B 237 3.33 7.14 46.48
C GLU B 237 3.60 7.34 47.96
N GLU B 238 2.58 7.61 48.77
CA GLU B 238 2.76 7.83 50.20
C GLU B 238 2.08 6.77 51.05
N GLU B 239 0.77 6.61 50.90
CA GLU B 239 0.02 5.67 51.71
C GLU B 239 -1.17 5.16 50.89
N VAL B 240 -1.95 4.28 51.50
CA VAL B 240 -3.15 3.77 50.85
C VAL B 240 -4.21 4.87 50.87
N MET B 241 -4.69 5.25 49.69
CA MET B 241 -5.66 6.32 49.55
C MET B 241 -7.07 5.77 49.50
N ILE B 242 -8.01 6.49 50.12
CA ILE B 242 -9.40 6.07 50.21
C ILE B 242 -10.24 7.19 49.64
N ARG B 243 -10.79 6.98 48.45
CA ARG B 243 -11.52 8.00 47.71
C ARG B 243 -12.98 7.60 47.61
N SER B 244 -13.86 8.59 47.72
CA SER B 244 -15.27 8.36 47.50
C SER B 244 -15.89 9.68 47.08
N GLU B 245 -17.05 9.59 46.45
CA GLU B 245 -17.79 10.80 46.13
C GLU B 245 -18.30 11.45 47.39
N ASN B 246 -19.16 10.77 48.11
CA ASN B 246 -19.70 11.25 49.37
C ASN B 246 -19.54 10.10 50.35
N ILE B 247 -18.53 10.16 51.21
CA ILE B 247 -18.49 9.18 52.27
C ILE B 247 -19.55 9.54 53.31
N THR B 248 -19.89 8.56 54.14
CA THR B 248 -21.11 8.54 54.95
C THR B 248 -22.33 8.80 54.07
N ASN B 249 -22.48 7.95 53.05
CA ASN B 249 -23.68 7.90 52.23
C ASN B 249 -24.19 6.48 52.13
N ASN B 250 -23.26 5.50 52.20
CA ASN B 250 -23.52 4.06 52.11
C ASN B 250 -24.18 3.67 50.80
N ALA B 251 -23.92 4.45 49.74
CA ALA B 251 -24.39 4.12 48.41
C ALA B 251 -23.37 4.53 47.36
N LYS B 252 -22.12 4.71 47.74
CA LYS B 252 -21.08 5.16 46.82
C LYS B 252 -19.89 4.23 46.94
N ASN B 253 -19.34 3.84 45.80
CA ASN B 253 -18.26 2.86 45.76
C ASN B 253 -16.97 3.49 46.27
N ILE B 254 -16.58 3.13 47.48
CA ILE B 254 -15.31 3.54 48.08
C ILE B 254 -14.18 2.94 47.27
N LEU B 255 -13.48 3.76 46.53
CA LEU B 255 -12.29 3.31 45.84
C LEU B 255 -11.15 3.24 46.84
N VAL B 256 -10.16 2.43 46.55
CA VAL B 256 -8.97 2.26 47.38
C VAL B 256 -7.81 2.03 46.43
N GLN B 257 -6.69 2.69 46.67
CA GLN B 257 -5.48 2.42 45.90
C GLN B 257 -4.45 1.74 46.80
N PHE B 258 -3.50 1.03 46.17
CA PHE B 258 -2.40 0.40 46.90
C PHE B 258 -1.09 1.03 46.50
N ASN B 259 -0.24 1.28 47.50
CA ASN B 259 1.13 1.70 47.23
C ASN B 259 2.10 0.53 47.15
N THR B 260 1.59 -0.70 47.20
CA THR B 260 2.38 -1.90 46.99
C THR B 260 1.49 -2.92 46.27
N PRO B 261 2.01 -3.62 45.26
CA PRO B 261 1.16 -4.54 44.50
C PRO B 261 1.10 -5.91 45.16
N VAL B 262 -0.09 -6.26 45.65
CA VAL B 262 -0.34 -7.61 46.13
C VAL B 262 -0.40 -8.53 44.92
N GLN B 263 0.69 -9.21 44.61
CA GLN B 263 0.77 -10.03 43.42
C GLN B 263 -0.14 -11.24 43.54
N ILE B 264 -0.82 -11.58 42.45
CA ILE B 264 -1.71 -12.72 42.41
C ILE B 264 -1.33 -13.60 41.22
N ASN B 265 -0.97 -14.84 41.50
CA ASN B 265 -0.68 -15.84 40.48
C ASN B 265 -1.94 -16.63 40.22
N CYS B 266 -2.33 -16.74 38.95
CA CYS B 266 -3.59 -17.40 38.65
C CYS B 266 -3.44 -18.22 37.38
N THR B 267 -3.65 -19.53 37.49
CA THR B 267 -3.41 -20.46 36.40
C THR B 267 -4.55 -21.47 36.31
N ARG B 268 -4.79 -21.95 35.09
CA ARG B 268 -5.62 -23.14 34.91
C ARG B 268 -4.72 -24.35 34.90
N PRO B 269 -4.85 -25.28 35.82
CA PRO B 269 -3.88 -26.38 35.94
C PRO B 269 -4.15 -27.45 34.90
N ASN B 270 -3.44 -28.57 35.06
CA ASN B 270 -3.60 -29.72 34.17
C ASN B 270 -3.45 -31.04 34.93
N ASP B 294 -11.43 -31.57 34.69
CA ASP B 294 -12.28 -30.42 34.44
C ASP B 294 -11.55 -29.35 33.64
N ILE B 295 -12.21 -28.80 32.62
CA ILE B 295 -11.64 -27.67 31.90
C ILE B 295 -12.04 -26.36 32.57
N ARG B 296 -13.27 -26.27 33.05
CA ARG B 296 -13.79 -25.05 33.65
C ARG B 296 -13.48 -25.02 35.14
N GLN B 297 -12.19 -25.03 35.46
CA GLN B 297 -11.75 -24.80 36.83
C GLN B 297 -10.35 -24.23 36.82
N ALA B 298 -10.13 -23.19 37.62
CA ALA B 298 -8.82 -22.58 37.77
C ALA B 298 -8.68 -22.10 39.20
N HIS B 299 -7.46 -21.70 39.54
CA HIS B 299 -7.13 -21.25 40.89
C HIS B 299 -6.26 -20.01 40.79
N CYS B 300 -6.55 -19.03 41.63
CA CYS B 300 -5.68 -17.88 41.80
C CYS B 300 -4.99 -18.00 43.14
N ASN B 301 -3.68 -17.80 43.16
CA ASN B 301 -2.90 -17.87 44.38
C ASN B 301 -2.42 -16.48 44.75
N VAL B 302 -2.74 -16.05 45.96
CA VAL B 302 -2.30 -14.77 46.48
C VAL B 302 -1.58 -15.05 47.81
N SER B 303 -0.49 -14.34 48.03
CA SER B 303 0.37 -14.60 49.18
C SER B 303 -0.23 -14.03 50.44
N LYS B 304 -0.41 -14.88 51.44
CA LYS B 304 -0.85 -14.43 52.75
C LYS B 304 0.21 -13.55 53.40
N ALA B 305 -0.25 -12.63 54.24
CA ALA B 305 0.49 -11.67 55.06
C ALA B 305 1.14 -10.55 54.24
N THR B 306 1.16 -10.67 52.92
CA THR B 306 1.21 -9.49 52.07
C THR B 306 -0.19 -8.95 51.88
N TRP B 307 -1.17 -9.81 52.11
CA TRP B 307 -2.56 -9.40 52.11
C TRP B 307 -3.01 -8.98 53.50
N ASN B 308 -2.46 -9.61 54.55
CA ASN B 308 -2.89 -9.25 55.90
C ASN B 308 -2.33 -7.89 56.32
N GLU B 309 -1.15 -7.53 55.80
CA GLU B 309 -0.64 -6.20 56.06
C GLU B 309 -1.33 -5.15 55.19
N THR B 310 -1.86 -5.55 54.04
CA THR B 310 -2.51 -4.61 53.14
C THR B 310 -3.97 -4.44 53.47
N LEU B 311 -4.61 -5.47 54.00
CA LEU B 311 -5.82 -5.24 54.78
C LEU B 311 -5.51 -4.50 56.07
N GLY B 312 -4.28 -4.63 56.58
CA GLY B 312 -3.91 -3.89 57.77
C GLY B 312 -3.68 -2.42 57.50
N LYS B 313 -3.15 -2.10 56.32
CA LYS B 313 -2.95 -0.69 55.98
C LYS B 313 -4.29 -0.01 55.74
N VAL B 314 -5.26 -0.74 55.20
CA VAL B 314 -6.54 -0.14 54.85
C VAL B 314 -7.35 0.18 56.11
N VAL B 315 -7.30 -0.71 57.11
CA VAL B 315 -8.00 -0.41 58.35
C VAL B 315 -7.28 0.64 59.19
N LYS B 316 -6.09 1.06 58.78
CA LYS B 316 -5.46 2.22 59.40
C LYS B 316 -6.10 3.51 58.89
N GLN B 317 -6.07 3.72 57.56
CA GLN B 317 -6.64 4.94 56.99
C GLN B 317 -8.17 4.94 56.99
N LEU B 318 -8.82 3.80 57.13
CA LEU B 318 -10.26 3.80 57.26
C LEU B 318 -10.72 4.39 58.58
N ARG B 319 -10.01 4.11 59.66
CA ARG B 319 -10.35 4.63 60.96
C ARG B 319 -10.14 6.13 61.09
N LYS B 320 -9.49 6.77 60.12
CA LYS B 320 -9.42 8.22 60.06
C LYS B 320 -10.79 8.85 59.82
N HIS B 321 -11.60 8.29 58.94
CA HIS B 321 -12.93 8.81 58.69
C HIS B 321 -13.95 8.29 59.69
N PHE B 322 -13.53 7.49 60.66
CA PHE B 322 -14.42 7.03 61.72
C PHE B 322 -13.79 7.34 63.07
N GLY B 323 -14.36 6.82 64.15
CA GLY B 323 -13.91 7.22 65.48
C GLY B 323 -12.83 6.33 66.05
N ASN B 324 -11.98 5.79 65.17
CA ASN B 324 -10.97 4.72 65.42
C ASN B 324 -11.47 3.65 66.40
N ASN B 325 -12.72 3.25 66.17
CA ASN B 325 -13.47 2.29 66.98
C ASN B 325 -14.51 1.64 66.07
N THR B 326 -15.57 1.07 66.68
CA THR B 326 -16.72 0.47 65.98
C THR B 326 -16.28 -0.63 65.03
N ILE B 327 -15.84 -1.75 65.61
CA ILE B 327 -14.91 -2.76 65.09
C ILE B 327 -15.16 -3.13 63.63
N ILE B 328 -14.14 -2.94 62.80
CA ILE B 328 -14.23 -3.12 61.37
C ILE B 328 -14.33 -4.61 61.06
N ARG B 329 -15.35 -5.02 60.32
CA ARG B 329 -15.56 -6.41 59.96
C ARG B 329 -15.68 -6.52 58.46
N PHE B 330 -14.64 -7.06 57.82
CA PHE B 330 -14.77 -7.45 56.44
C PHE B 330 -15.64 -8.69 56.32
N ALA B 331 -16.31 -8.82 55.18
CA ALA B 331 -17.20 -9.95 54.94
C ALA B 331 -17.34 -10.14 53.44
N ASN B 332 -18.19 -11.09 53.04
CA ASN B 332 -18.36 -11.41 51.64
C ASN B 332 -19.31 -10.41 50.99
N SER B 333 -19.67 -10.69 49.74
CA SER B 333 -20.66 -9.90 49.05
C SER B 333 -22.05 -10.24 49.55
N SER B 334 -23.06 -9.61 48.98
CA SER B 334 -24.42 -9.93 49.36
C SER B 334 -25.17 -10.75 48.34
N GLY B 335 -24.89 -10.56 47.07
CA GLY B 335 -25.56 -11.29 46.03
C GLY B 335 -25.51 -10.48 44.75
N GLY B 336 -26.49 -10.74 43.89
CA GLY B 336 -26.61 -10.05 42.62
C GLY B 336 -26.18 -10.96 41.48
N ASP B 337 -25.58 -10.36 40.47
CA ASP B 337 -25.04 -11.16 39.38
C ASP B 337 -23.79 -11.88 39.84
N LEU B 338 -23.43 -12.92 39.08
CA LEU B 338 -22.20 -13.64 39.39
C LEU B 338 -20.97 -12.87 38.99
N GLU B 339 -21.11 -11.82 38.19
CA GLU B 339 -19.96 -11.03 37.79
C GLU B 339 -19.49 -10.09 38.88
N VAL B 340 -20.36 -9.68 39.79
CA VAL B 340 -20.00 -8.74 40.85
C VAL B 340 -20.03 -9.36 42.23
N THR B 341 -20.52 -10.58 42.40
CA THR B 341 -20.32 -11.23 43.68
C THR B 341 -19.02 -12.01 43.73
N THR B 342 -18.33 -12.14 42.60
CA THR B 342 -17.02 -12.75 42.53
C THR B 342 -16.10 -11.86 41.71
N HIS B 343 -14.81 -11.97 41.96
CA HIS B 343 -13.81 -11.18 41.24
C HIS B 343 -13.68 -11.74 39.84
N SER B 344 -14.34 -11.11 38.89
CA SER B 344 -14.28 -11.51 37.50
C SER B 344 -13.18 -10.77 36.77
N PHE B 345 -12.51 -11.46 35.86
CA PHE B 345 -11.57 -10.83 34.95
C PHE B 345 -11.46 -11.73 33.74
N ASN B 346 -10.44 -11.51 32.95
CA ASN B 346 -10.34 -12.18 31.66
C ASN B 346 -8.89 -12.20 31.26
N CYS B 347 -8.25 -13.37 31.34
CA CYS B 347 -6.81 -13.46 31.13
C CYS B 347 -6.56 -14.46 30.02
N GLY B 348 -5.99 -14.00 28.91
CA GLY B 348 -5.73 -14.85 27.78
C GLY B 348 -6.87 -15.01 26.80
N GLY B 349 -8.10 -14.71 27.21
CA GLY B 349 -9.25 -14.87 26.35
C GLY B 349 -10.39 -15.55 27.05
N GLU B 350 -10.12 -16.18 28.18
CA GLU B 350 -11.11 -16.89 28.96
C GLU B 350 -11.52 -16.05 30.16
N PHE B 351 -12.79 -16.18 30.55
CA PHE B 351 -13.45 -15.22 31.43
C PHE B 351 -13.57 -15.78 32.84
N PHE B 352 -12.49 -15.71 33.61
CA PHE B 352 -12.42 -16.31 34.94
C PHE B 352 -13.39 -15.66 35.91
N TYR B 353 -13.84 -16.41 36.89
CA TYR B 353 -14.77 -15.93 37.92
C TYR B 353 -14.32 -16.42 39.30
N CYS B 354 -13.46 -15.65 39.99
CA CYS B 354 -12.80 -16.16 41.17
C CYS B 354 -13.54 -15.79 42.45
N ASN B 355 -13.68 -16.76 43.35
CA ASN B 355 -14.47 -16.65 44.57
C ASN B 355 -13.63 -16.04 45.67
N THR B 356 -13.51 -14.71 45.65
CA THR B 356 -12.77 -14.00 46.70
C THR B 356 -13.63 -13.98 47.95
N SER B 357 -13.58 -15.08 48.68
CA SER B 357 -14.27 -15.18 49.94
C SER B 357 -13.35 -15.38 51.13
N GLY B 358 -12.11 -15.77 50.89
CA GLY B 358 -11.14 -15.86 51.96
C GLY B 358 -10.39 -14.55 52.13
N LEU B 359 -10.48 -13.69 51.10
CA LEU B 359 -9.79 -12.41 51.16
C LEU B 359 -10.50 -11.41 52.06
N PHE B 360 -11.78 -11.60 52.32
CA PHE B 360 -12.53 -10.72 53.22
C PHE B 360 -13.29 -11.58 54.21
N ASN B 361 -12.63 -12.02 55.28
CA ASN B 361 -13.30 -12.80 56.31
C ASN B 361 -12.84 -12.42 57.72
N SER B 362 -11.99 -11.41 57.86
CA SER B 362 -11.43 -11.05 59.14
C SER B 362 -12.29 -9.98 59.82
N THR B 363 -11.88 -9.63 61.04
CA THR B 363 -12.54 -8.59 61.83
C THR B 363 -11.48 -7.95 62.71
N TRP B 364 -11.26 -6.64 62.53
CA TRP B 364 -10.12 -5.95 63.11
C TRP B 364 -10.54 -5.21 64.37
N ILE B 365 -10.20 -5.76 65.53
CA ILE B 365 -10.46 -5.12 66.82
C ILE B 365 -9.50 -3.95 67.01
N SER B 366 -9.78 -3.12 68.01
CA SER B 366 -9.00 -1.91 68.26
C SER B 366 -7.56 -2.21 68.70
N ASP B 380 0.78 -21.86 53.44
CA ASP B 380 1.14 -20.45 53.48
C ASP B 380 0.14 -19.60 52.74
N SER B 381 0.08 -19.77 51.42
CA SER B 381 -0.71 -18.89 50.56
C SER B 381 -2.19 -19.20 50.66
N ILE B 382 -2.98 -18.38 49.98
CA ILE B 382 -4.42 -18.55 49.91
C ILE B 382 -4.75 -18.97 48.48
N THR B 383 -5.63 -19.96 48.33
CA THR B 383 -6.10 -20.43 47.04
C THR B 383 -7.56 -20.03 46.89
N LEU B 384 -7.92 -19.57 45.68
CA LEU B 384 -9.26 -19.11 45.38
C LEU B 384 -9.90 -19.96 44.29
N PRO B 385 -11.10 -20.46 44.49
CA PRO B 385 -11.67 -21.41 43.55
C PRO B 385 -12.31 -20.77 42.32
N CYS B 386 -11.50 -20.45 41.31
CA CYS B 386 -12.03 -19.81 40.12
C CYS B 386 -12.73 -20.82 39.23
N ARG B 387 -13.59 -20.29 38.37
CA ARG B 387 -14.18 -21.01 37.25
C ARG B 387 -13.74 -20.35 35.95
N ILE B 388 -14.24 -20.86 34.85
CA ILE B 388 -14.18 -20.18 33.57
C ILE B 388 -15.58 -20.31 33.00
N LYS B 389 -16.40 -19.30 33.15
CA LYS B 389 -17.74 -19.37 32.62
C LYS B 389 -17.72 -19.10 31.12
N GLN B 390 -18.72 -19.64 30.43
CA GLN B 390 -18.91 -19.36 29.02
C GLN B 390 -20.11 -18.48 28.75
N ILE B 391 -21.05 -18.41 29.68
CA ILE B 391 -22.24 -17.59 29.51
C ILE B 391 -22.18 -16.43 30.50
N ILE B 392 -21.64 -15.30 30.05
CA ILE B 392 -21.38 -14.16 30.92
C ILE B 392 -22.44 -13.09 30.70
N ASN B 393 -22.45 -12.11 31.59
CA ASN B 393 -23.20 -10.88 31.39
C ASN B 393 -22.22 -9.83 30.90
N MET B 394 -22.56 -9.16 29.82
CA MET B 394 -21.66 -8.13 29.31
C MET B 394 -21.67 -6.93 30.25
N TRP B 395 -20.49 -6.36 30.48
CA TRP B 395 -20.41 -5.09 31.17
C TRP B 395 -20.66 -3.93 30.25
N GLN B 396 -20.65 -4.17 28.94
CA GLN B 396 -20.66 -3.08 27.98
C GLN B 396 -22.04 -2.45 27.90
N ARG B 397 -23.03 -3.23 27.52
CA ARG B 397 -24.42 -2.83 27.58
C ARG B 397 -25.14 -3.87 28.37
N ILE B 398 -26.47 -3.82 28.37
CA ILE B 398 -27.24 -4.85 29.05
C ILE B 398 -27.43 -6.00 28.09
N GLY B 399 -27.01 -7.19 28.50
CA GLY B 399 -27.17 -8.36 27.67
C GLY B 399 -26.24 -9.46 28.11
N GLN B 400 -26.51 -10.65 27.61
CA GLN B 400 -25.70 -11.83 27.89
C GLN B 400 -24.87 -12.17 26.67
N ALA B 401 -23.83 -12.96 26.88
CA ALA B 401 -22.98 -13.39 25.79
C ALA B 401 -22.50 -14.80 26.07
N MET B 402 -22.56 -15.66 25.06
CA MET B 402 -22.08 -17.02 25.15
C MET B 402 -20.87 -17.15 24.24
N TYR B 403 -19.78 -17.69 24.77
CA TYR B 403 -18.53 -17.69 24.06
C TYR B 403 -18.12 -19.12 23.71
N ALA B 404 -16.96 -19.23 23.06
CA ALA B 404 -16.40 -20.50 22.67
C ALA B 404 -15.94 -21.28 23.91
N PRO B 405 -15.71 -22.59 23.78
CA PRO B 405 -15.11 -23.34 24.89
C PRO B 405 -13.68 -22.89 25.16
N PRO B 406 -13.16 -23.15 26.36
CA PRO B 406 -11.80 -22.71 26.71
C PRO B 406 -10.73 -23.36 25.84
N ILE B 407 -9.57 -22.70 25.79
CA ILE B 407 -8.46 -23.17 24.99
C ILE B 407 -7.81 -24.38 25.68
N GLN B 408 -7.02 -25.14 24.91
CA GLN B 408 -6.62 -26.47 25.33
C GLN B 408 -5.42 -26.46 26.29
N GLY B 409 -4.44 -25.59 26.07
CA GLY B 409 -3.20 -25.62 26.83
C GLY B 409 -3.30 -25.07 28.23
N VAL B 410 -2.23 -24.44 28.69
CA VAL B 410 -2.21 -23.83 30.01
C VAL B 410 -2.44 -22.33 29.84
N ILE B 411 -3.04 -21.72 30.86
CA ILE B 411 -3.42 -20.31 30.85
C ILE B 411 -2.83 -19.66 32.09
N ARG B 412 -1.85 -18.80 31.90
CA ARG B 412 -1.14 -18.14 32.99
C ARG B 412 -1.68 -16.74 33.17
N CYS B 413 -1.59 -16.22 34.39
CA CYS B 413 -2.00 -14.83 34.60
C CYS B 413 -1.16 -14.25 35.72
N VAL B 414 -0.35 -13.25 35.41
CA VAL B 414 0.52 -12.61 36.38
C VAL B 414 0.12 -11.14 36.48
N SER B 415 -0.78 -10.87 37.41
CA SER B 415 -1.35 -9.54 37.60
C SER B 415 -1.01 -9.04 38.99
N ASN B 416 -0.89 -7.73 39.12
CA ASN B 416 -0.42 -7.09 40.35
C ASN B 416 -1.55 -6.21 40.87
N ILE B 417 -2.21 -6.64 41.93
CA ILE B 417 -3.39 -5.95 42.44
C ILE B 417 -2.99 -4.59 42.99
N THR B 418 -3.45 -3.54 42.36
CA THR B 418 -3.24 -2.20 42.86
C THR B 418 -4.56 -1.50 43.15
N GLY B 419 -5.49 -2.17 43.81
CA GLY B 419 -6.72 -1.47 44.16
C GLY B 419 -7.91 -2.30 44.50
N LEU B 420 -8.72 -1.82 45.42
CA LEU B 420 -9.95 -2.47 45.83
C LEU B 420 -11.10 -1.56 45.50
N ILE B 421 -12.31 -2.06 45.69
CA ILE B 421 -13.54 -1.26 45.68
C ILE B 421 -14.40 -1.87 46.77
N LEU B 422 -14.60 -1.18 47.86
CA LEU B 422 -15.44 -1.69 48.93
C LEU B 422 -16.80 -1.00 48.89
N THR B 423 -17.61 -1.27 49.90
CA THR B 423 -18.92 -0.65 50.10
C THR B 423 -19.36 -0.97 51.53
N ARG B 424 -19.88 0.01 52.25
CA ARG B 424 -20.33 -0.23 53.61
C ARG B 424 -21.80 -0.65 53.62
N ASP B 425 -22.36 -0.72 54.83
CA ASP B 425 -23.76 -1.02 55.06
C ASP B 425 -24.15 -0.38 56.39
N GLY B 426 -24.79 0.78 56.31
CA GLY B 426 -25.04 1.54 57.51
C GLY B 426 -26.21 1.02 58.31
N GLY B 427 -25.92 0.34 59.41
CA GLY B 427 -26.97 -0.15 60.27
C GLY B 427 -27.41 0.87 61.29
N SER B 428 -27.62 0.43 62.53
CA SER B 428 -27.92 1.33 63.63
C SER B 428 -27.44 0.73 64.94
N THR B 432 -22.46 -0.42 66.62
CA THR B 432 -22.22 -0.45 65.18
C THR B 432 -20.85 -1.00 64.87
N THR B 433 -20.69 -1.53 63.66
CA THR B 433 -19.42 -2.13 63.27
C THR B 433 -18.93 -1.70 61.89
N GLU B 434 -19.82 -1.23 61.01
CA GLU B 434 -19.49 -0.68 59.68
C GLU B 434 -18.78 -1.73 58.81
N THR B 435 -19.57 -2.73 58.40
CA THR B 435 -19.05 -3.85 57.60
C THR B 435 -18.85 -3.44 56.14
N PHE B 436 -17.67 -3.76 55.60
CA PHE B 436 -17.24 -3.31 54.26
C PHE B 436 -17.37 -4.45 53.26
N ARG B 437 -18.57 -4.62 52.71
CA ARG B 437 -18.81 -5.70 51.76
C ARG B 437 -18.35 -5.31 50.36
N PRO B 438 -17.33 -5.95 49.82
CA PRO B 438 -16.72 -5.48 48.58
C PRO B 438 -17.59 -5.72 47.36
N GLY B 439 -17.37 -4.91 46.35
CA GLY B 439 -18.16 -4.95 45.15
C GLY B 439 -17.49 -4.19 44.04
N GLY B 440 -18.30 -3.66 43.14
CA GLY B 440 -17.81 -3.00 41.96
C GLY B 440 -18.55 -3.54 40.77
N GLY B 441 -18.25 -3.00 39.59
CA GLY B 441 -18.91 -3.49 38.41
C GLY B 441 -19.29 -2.45 37.39
N ASP B 442 -19.59 -1.23 37.83
CA ASP B 442 -19.63 -0.09 36.93
C ASP B 442 -18.21 0.14 36.46
N MET B 443 -17.98 0.02 35.16
CA MET B 443 -16.60 0.03 34.73
C MET B 443 -16.00 1.42 34.72
N ARG B 444 -16.82 2.48 34.88
CA ARG B 444 -16.31 3.84 35.02
C ARG B 444 -15.36 3.95 36.21
N ASP B 445 -15.64 3.22 37.28
CA ASP B 445 -14.81 3.27 38.46
C ASP B 445 -13.48 2.59 38.28
N ASN B 446 -13.28 1.80 37.23
CA ASN B 446 -11.95 1.31 36.97
C ASN B 446 -11.06 2.35 36.34
N TRP B 447 -11.65 3.42 35.79
CA TRP B 447 -10.87 4.48 35.18
C TRP B 447 -11.09 5.82 35.86
N ARG B 448 -11.88 5.88 36.91
CA ARG B 448 -11.78 6.92 37.91
C ARG B 448 -10.77 6.58 38.98
N SER B 449 -9.88 5.63 38.70
CA SER B 449 -8.75 5.34 39.55
C SER B 449 -7.48 5.22 38.72
N GLU B 450 -7.48 5.78 37.52
CA GLU B 450 -6.23 6.13 36.87
C GLU B 450 -6.36 7.43 36.10
N LEU B 451 -7.52 8.08 36.16
CA LEU B 451 -7.73 9.41 35.61
C LEU B 451 -8.29 10.32 36.69
N TYR B 452 -7.85 10.14 37.91
CA TYR B 452 -8.26 11.01 38.99
C TYR B 452 -7.41 12.26 39.08
N LYS B 453 -6.18 12.20 38.60
CA LYS B 453 -5.24 13.32 38.69
C LYS B 453 -5.13 14.08 37.38
N TYR B 454 -6.21 14.21 36.62
CA TYR B 454 -6.11 14.87 35.34
C TYR B 454 -7.31 15.76 35.11
N LYS B 455 -7.15 16.71 34.18
CA LYS B 455 -8.14 17.73 33.88
C LYS B 455 -7.79 18.35 32.55
N VAL B 456 -8.76 18.46 31.66
CA VAL B 456 -8.53 19.02 30.33
C VAL B 456 -9.00 20.46 30.34
N VAL B 457 -8.09 21.38 30.00
CA VAL B 457 -8.40 22.80 29.99
C VAL B 457 -8.24 23.33 28.59
N LYS B 458 -8.67 24.57 28.39
CA LYS B 458 -8.57 25.23 27.10
C LYS B 458 -7.71 26.47 27.23
N ILE B 459 -6.75 26.60 26.33
CA ILE B 459 -5.79 27.70 26.38
C ILE B 459 -6.35 28.88 25.59
N GLU B 460 -6.45 30.04 26.24
CA GLU B 460 -6.99 31.26 25.62
C GLU B 460 -5.93 32.35 25.61
N PRO B 461 -5.04 32.34 24.68
CA PRO B 461 -3.87 33.22 24.74
C PRO B 461 -4.08 34.61 24.16
N LEU B 462 -5.18 35.27 24.51
CA LEU B 462 -5.37 36.68 24.16
C LEU B 462 -6.03 37.38 25.33
N GLY B 463 -5.31 38.31 25.96
CA GLY B 463 -5.85 39.04 27.07
C GLY B 463 -5.84 40.53 26.81
N VAL B 464 -6.69 41.23 27.53
CA VAL B 464 -6.77 42.68 27.46
C VAL B 464 -6.65 43.23 28.88
N ALA B 465 -6.06 44.42 28.98
CA ALA B 465 -5.83 45.04 30.28
C ALA B 465 -5.67 46.54 30.05
N PRO B 466 -5.95 47.37 31.06
CA PRO B 466 -5.67 48.80 30.92
C PRO B 466 -4.21 49.11 31.17
N THR B 467 -3.64 49.95 30.31
CA THR B 467 -2.29 50.45 30.52
C THR B 467 -2.30 51.94 30.24
N ARG B 468 -1.26 52.64 30.73
CA ARG B 468 -1.09 54.07 30.54
C ARG B 468 -0.27 54.42 29.31
N CYS B 469 -0.32 53.60 28.27
CA CYS B 469 0.50 53.81 27.09
C CYS B 469 -0.12 54.88 26.20
N LYS B 470 0.41 55.01 24.99
CA LYS B 470 -0.12 55.96 24.00
C LYS B 470 0.07 55.43 22.59
N TRP C 5 -11.98 56.49 -3.95
CA TRP C 5 -10.98 55.80 -3.16
C TRP C 5 -11.20 54.30 -3.15
N VAL C 6 -10.23 53.55 -3.68
CA VAL C 6 -10.33 52.09 -3.68
C VAL C 6 -10.12 51.57 -2.27
N THR C 7 -10.68 50.40 -1.99
CA THR C 7 -10.57 49.77 -0.69
C THR C 7 -10.37 48.28 -0.94
N VAL C 8 -9.22 47.75 -0.57
CA VAL C 8 -8.96 46.35 -0.84
C VAL C 8 -9.59 45.50 0.25
N TYR C 9 -10.32 44.48 -0.15
CA TYR C 9 -10.94 43.55 0.77
C TYR C 9 -10.28 42.20 0.62
N TYR C 10 -10.13 41.49 1.73
CA TYR C 10 -9.71 40.10 1.68
C TYR C 10 -10.89 39.23 2.04
N GLY C 11 -10.88 37.98 1.60
CA GLY C 11 -11.92 37.05 1.94
C GLY C 11 -13.23 37.26 1.24
N VAL C 12 -13.24 37.91 0.08
CA VAL C 12 -14.48 38.12 -0.65
C VAL C 12 -14.92 36.77 -1.22
N PRO C 13 -16.22 36.54 -1.37
CA PRO C 13 -16.70 35.30 -2.02
C PRO C 13 -16.74 35.37 -3.54
N VAL C 14 -15.58 35.30 -4.17
CA VAL C 14 -15.45 35.46 -5.61
C VAL C 14 -14.59 34.33 -6.15
N TRP C 15 -15.14 33.56 -7.09
CA TRP C 15 -14.37 32.65 -7.92
C TRP C 15 -14.46 33.09 -9.37
N LYS C 16 -13.38 32.93 -10.13
CA LYS C 16 -13.50 33.40 -11.49
C LYS C 16 -13.84 32.27 -12.44
N ASP C 17 -12.84 31.46 -12.76
CA ASP C 17 -12.86 30.28 -13.61
C ASP C 17 -11.42 29.81 -13.75
N ALA C 18 -11.24 28.55 -14.10
CA ALA C 18 -9.90 28.02 -14.36
C ALA C 18 -10.00 26.72 -15.14
N GLU C 19 -8.85 26.06 -15.25
CA GLU C 19 -8.72 24.76 -15.88
C GLU C 19 -7.54 24.04 -15.26
N THR C 20 -7.58 22.71 -15.27
CA THR C 20 -6.60 21.93 -14.56
C THR C 20 -6.52 20.55 -15.20
N THR C 21 -5.86 19.63 -14.53
CA THR C 21 -5.70 18.30 -15.08
C THR C 21 -6.78 17.32 -14.63
N LEU C 22 -7.32 17.50 -13.41
CA LEU C 22 -8.57 16.89 -12.97
C LEU C 22 -8.49 15.36 -12.96
N PHE C 23 -7.82 14.84 -11.94
CA PHE C 23 -7.70 13.41 -11.70
C PHE C 23 -9.07 12.71 -11.62
N CYS C 24 -9.07 11.41 -11.94
CA CYS C 24 -10.27 10.61 -12.10
C CYS C 24 -10.48 9.70 -10.90
N ALA C 25 -11.74 9.48 -10.53
CA ALA C 25 -12.09 8.53 -9.48
C ALA C 25 -12.96 7.43 -10.05
N SER C 26 -12.61 6.17 -9.75
CA SER C 26 -13.33 5.05 -10.30
C SER C 26 -13.37 3.92 -9.29
N ASP C 27 -14.56 3.38 -9.09
CA ASP C 27 -14.72 2.25 -8.17
C ASP C 27 -14.35 0.94 -8.88
N ALA C 28 -13.05 0.73 -9.01
CA ALA C 28 -12.52 -0.43 -9.71
C ALA C 28 -12.54 -1.64 -8.78
N LYS C 29 -11.85 -2.72 -9.17
CA LYS C 29 -11.94 -3.96 -8.40
C LYS C 29 -10.58 -4.58 -8.09
N ALA C 30 -9.60 -4.34 -8.95
CA ALA C 30 -8.18 -4.65 -8.79
C ALA C 30 -7.85 -6.13 -8.78
N TYR C 31 -8.80 -7.01 -9.06
CA TYR C 31 -8.50 -8.39 -9.40
C TYR C 31 -9.04 -8.78 -10.76
N GLU C 32 -10.10 -8.13 -11.23
CA GLU C 32 -10.74 -8.48 -12.47
C GLU C 32 -9.88 -8.05 -13.65
N THR C 33 -9.83 -8.90 -14.66
CA THR C 33 -9.10 -8.59 -15.88
C THR C 33 -9.98 -8.03 -16.95
N GLU C 34 -11.20 -7.61 -16.59
CA GLU C 34 -12.01 -6.76 -17.47
C GLU C 34 -11.24 -5.48 -17.75
N LYS C 35 -11.20 -5.10 -19.02
CA LYS C 35 -10.18 -4.14 -19.44
C LYS C 35 -10.50 -2.72 -19.04
N HIS C 36 -11.62 -2.48 -18.37
CA HIS C 36 -11.81 -1.19 -17.73
C HIS C 36 -11.28 -1.21 -16.32
N ASN C 37 -11.53 -2.30 -15.59
CA ASN C 37 -11.01 -2.43 -14.24
C ASN C 37 -9.52 -2.68 -14.22
N VAL C 38 -8.93 -2.99 -15.37
CA VAL C 38 -7.48 -3.02 -15.45
C VAL C 38 -6.95 -1.60 -15.54
N TRP C 39 -7.56 -0.79 -16.39
CA TRP C 39 -7.09 0.58 -16.59
C TRP C 39 -7.45 1.48 -15.43
N ALA C 40 -8.58 1.23 -14.77
CA ALA C 40 -9.00 2.06 -13.66
C ALA C 40 -8.30 1.75 -12.36
N THR C 41 -7.25 0.94 -12.38
CA THR C 41 -6.50 0.70 -11.16
C THR C 41 -5.13 1.34 -11.23
N HIS C 42 -4.68 1.68 -12.42
CA HIS C 42 -3.41 2.35 -12.53
C HIS C 42 -3.54 3.82 -12.86
N ALA C 43 -4.72 4.27 -13.24
CA ALA C 43 -4.88 5.68 -13.56
C ALA C 43 -6.18 6.23 -12.99
N CYS C 44 -6.64 5.68 -11.88
CA CYS C 44 -7.79 6.20 -11.19
C CYS C 44 -7.58 6.08 -9.69
N VAL C 45 -8.40 6.79 -8.93
CA VAL C 45 -8.37 6.71 -7.48
C VAL C 45 -9.70 6.10 -7.05
N PRO C 46 -9.82 5.57 -5.84
CA PRO C 46 -11.13 5.16 -5.34
C PRO C 46 -12.06 6.35 -5.13
N THR C 47 -13.33 6.06 -4.92
CA THR C 47 -14.29 7.11 -4.69
C THR C 47 -14.05 7.74 -3.33
N ASP C 48 -14.50 8.98 -3.17
CA ASP C 48 -14.21 9.56 -1.86
C ASP C 48 -15.24 9.09 -0.85
N PRO C 49 -14.82 8.75 0.35
CA PRO C 49 -15.72 8.10 1.31
C PRO C 49 -16.70 9.04 1.97
N ASN C 50 -16.36 10.30 2.08
CA ASN C 50 -17.24 11.30 2.68
C ASN C 50 -17.45 12.45 1.70
N PRO C 51 -18.34 12.27 0.73
CA PRO C 51 -18.56 13.30 -0.30
C PRO C 51 -19.65 14.28 0.13
N GLN C 52 -19.27 15.55 0.28
CA GLN C 52 -20.20 16.58 0.70
C GLN C 52 -20.72 17.35 -0.51
N GLU C 53 -21.74 18.17 -0.26
CA GLU C 53 -22.39 18.95 -1.30
C GLU C 53 -23.00 20.19 -0.65
N ILE C 54 -22.28 21.29 -0.71
CA ILE C 54 -22.67 22.52 -0.03
C ILE C 54 -23.51 23.33 -1.01
N HIS C 55 -24.81 23.36 -0.80
CA HIS C 55 -25.71 24.08 -1.70
C HIS C 55 -25.56 25.58 -1.51
N LEU C 56 -25.37 26.30 -2.60
CA LEU C 56 -25.28 27.75 -2.51
C LEU C 56 -26.68 28.36 -2.44
N GLU C 57 -26.72 29.67 -2.18
CA GLU C 57 -27.97 30.30 -1.79
C GLU C 57 -28.67 30.96 -2.97
N ASN C 58 -28.04 31.97 -3.57
CA ASN C 58 -28.69 32.78 -4.59
C ASN C 58 -27.83 32.93 -5.85
N VAL C 59 -26.85 32.07 -6.03
CA VAL C 59 -25.90 32.22 -7.12
C VAL C 59 -26.58 31.81 -8.42
N THR C 60 -26.47 32.67 -9.44
CA THR C 60 -26.89 32.32 -10.78
C THR C 60 -25.67 32.47 -11.67
N GLU C 61 -25.28 31.39 -12.33
CA GLU C 61 -23.99 31.34 -12.97
C GLU C 61 -24.12 30.96 -14.44
N GLU C 62 -23.31 31.63 -15.26
CA GLU C 62 -23.31 31.43 -16.71
C GLU C 62 -22.54 30.15 -17.03
N PHE C 63 -23.25 29.04 -17.04
CA PHE C 63 -22.67 27.77 -17.47
C PHE C 63 -22.57 27.73 -18.98
N ASN C 64 -21.66 26.94 -19.48
CA ASN C 64 -21.60 26.63 -20.90
C ASN C 64 -21.19 25.18 -21.04
N MET C 65 -21.88 24.46 -21.91
CA MET C 65 -21.58 23.07 -22.23
C MET C 65 -20.77 22.94 -23.51
N TRP C 66 -21.05 23.74 -24.50
CA TRP C 66 -20.39 23.59 -25.79
C TRP C 66 -18.98 24.12 -25.83
N LYS C 67 -18.48 24.72 -24.74
CA LYS C 67 -17.09 25.15 -24.68
C LYS C 67 -16.46 24.72 -23.37
N ASN C 68 -16.91 23.58 -22.84
CA ASN C 68 -16.42 23.11 -21.57
C ASN C 68 -15.01 22.60 -21.72
N ASN C 69 -14.29 22.62 -20.62
CA ASN C 69 -12.92 22.13 -20.64
C ASN C 69 -12.80 20.68 -20.29
N MET C 70 -13.56 20.21 -19.30
CA MET C 70 -13.37 18.87 -18.77
C MET C 70 -13.78 17.78 -19.76
N VAL C 71 -14.48 18.15 -20.81
CA VAL C 71 -14.76 17.22 -21.89
C VAL C 71 -13.50 16.87 -22.63
N GLU C 72 -12.64 17.86 -22.89
CA GLU C 72 -11.35 17.58 -23.52
C GLU C 72 -10.41 16.84 -22.60
N GLN C 73 -10.66 16.89 -21.29
CA GLN C 73 -9.92 16.04 -20.36
C GLN C 73 -10.49 14.63 -20.38
N MET C 74 -11.77 14.49 -20.70
CA MET C 74 -12.37 13.16 -20.80
C MET C 74 -11.97 12.48 -22.10
N HIS C 75 -11.79 13.26 -23.16
CA HIS C 75 -11.47 12.66 -24.44
C HIS C 75 -10.05 12.14 -24.46
N THR C 76 -9.19 12.67 -23.62
CA THR C 76 -7.84 12.17 -23.57
C THR C 76 -7.77 10.91 -22.74
N ASP C 77 -8.53 10.83 -21.67
CA ASP C 77 -8.44 9.67 -20.79
C ASP C 77 -9.10 8.44 -21.37
N ILE C 78 -9.91 8.59 -22.41
CA ILE C 78 -10.56 7.44 -23.03
C ILE C 78 -9.86 7.05 -24.34
N ILE C 79 -9.21 7.99 -25.01
CA ILE C 79 -8.24 7.63 -26.03
C ILE C 79 -7.14 6.78 -25.42
N SER C 80 -6.67 7.16 -24.24
CA SER C 80 -5.66 6.39 -23.54
C SER C 80 -6.22 5.18 -22.83
N LEU C 81 -7.53 4.94 -22.92
CA LEU C 81 -8.07 3.72 -22.33
C LEU C 81 -8.20 2.64 -23.38
N TRP C 82 -8.61 3.00 -24.58
CA TRP C 82 -8.77 2.01 -25.62
C TRP C 82 -7.44 1.62 -26.23
N ASP C 83 -6.44 2.49 -26.20
CA ASP C 83 -5.12 2.15 -26.73
C ASP C 83 -4.35 1.19 -25.84
N GLN C 84 -4.83 0.92 -24.64
CA GLN C 84 -4.27 -0.13 -23.83
C GLN C 84 -5.21 -1.30 -23.63
N SER C 85 -6.49 -1.16 -23.95
CA SER C 85 -7.43 -2.26 -23.79
C SER C 85 -7.63 -3.03 -25.08
N LEU C 86 -8.16 -2.37 -26.10
CA LEU C 86 -8.51 -3.04 -27.34
C LEU C 86 -7.36 -2.86 -28.32
N LYS C 87 -6.33 -3.63 -28.11
CA LYS C 87 -5.17 -3.61 -28.99
C LYS C 87 -5.52 -4.28 -30.31
N PRO C 88 -5.19 -3.68 -31.44
CA PRO C 88 -5.51 -4.29 -32.72
C PRO C 88 -4.45 -5.32 -33.08
N CYS C 89 -4.63 -5.93 -34.24
CA CYS C 89 -3.61 -6.79 -34.80
C CYS C 89 -2.83 -6.06 -35.88
N VAL C 90 -3.53 -5.32 -36.72
CA VAL C 90 -2.93 -4.44 -37.71
C VAL C 90 -3.50 -3.05 -37.45
N LYS C 91 -2.66 -2.03 -37.45
CA LYS C 91 -3.11 -0.67 -37.18
C LYS C 91 -2.54 0.26 -38.23
N LEU C 92 -3.33 0.59 -39.23
CA LEU C 92 -2.88 1.41 -40.35
C LEU C 92 -3.06 2.88 -40.04
N THR C 93 -2.00 3.54 -39.59
CA THR C 93 -2.06 4.95 -39.23
C THR C 93 -1.44 5.79 -40.34
N PRO C 94 -2.20 6.71 -40.94
CA PRO C 94 -1.67 7.55 -42.02
C PRO C 94 -0.63 8.58 -41.59
N LEU C 95 0.61 8.11 -41.48
CA LEU C 95 1.74 9.00 -41.24
C LEU C 95 1.96 9.90 -42.44
N CYS C 96 2.22 11.17 -42.17
CA CYS C 96 2.47 12.10 -43.25
C CYS C 96 3.42 13.19 -42.77
N ILE C 164 1.24 14.32 -52.09
CA ILE C 164 1.27 12.88 -51.88
C ILE C 164 2.41 12.48 -50.96
N ASN C 165 2.70 13.32 -49.97
CA ASN C 165 3.78 13.05 -49.03
C ASN C 165 3.36 12.19 -47.85
N CYS C 166 2.24 11.47 -47.95
CA CYS C 166 1.71 10.69 -46.85
C CYS C 166 1.86 9.19 -47.15
N ASN C 167 2.12 8.41 -46.11
CA ASN C 167 2.31 6.98 -46.25
C ASN C 167 1.71 6.24 -45.06
N THR C 168 0.99 5.17 -45.34
CA THR C 168 0.22 4.45 -44.34
C THR C 168 1.10 3.42 -43.65
N SER C 169 1.59 3.76 -42.47
CA SER C 169 2.44 2.86 -41.72
C SER C 169 1.62 1.81 -41.00
N ALA C 170 1.85 0.55 -41.34
CA ALA C 170 1.20 -0.57 -40.68
C ALA C 170 2.00 -0.95 -39.44
N ILE C 171 1.31 -1.07 -38.32
CA ILE C 171 1.94 -1.44 -37.05
C ILE C 171 1.24 -2.68 -36.54
N THR C 172 2.01 -3.73 -36.30
CA THR C 172 1.47 -5.00 -35.87
C THR C 172 1.79 -5.20 -34.40
N GLN C 173 0.95 -5.93 -33.70
CA GLN C 173 1.19 -6.25 -32.30
C GLN C 173 0.41 -7.50 -31.94
N ALA C 174 0.60 -7.97 -30.73
CA ALA C 174 -0.23 -9.02 -30.19
C ALA C 174 -1.65 -8.50 -30.01
N CYS C 175 -2.62 -9.40 -30.05
CA CYS C 175 -4.03 -9.02 -29.97
C CYS C 175 -4.86 -10.17 -29.44
N PRO C 176 -4.96 -10.30 -28.14
CA PRO C 176 -5.80 -11.33 -27.53
C PRO C 176 -7.26 -10.90 -27.54
N LYS C 177 -8.09 -11.71 -26.91
CA LYS C 177 -9.50 -11.40 -26.75
C LYS C 177 -9.75 -10.93 -25.34
N VAL C 178 -10.53 -9.86 -25.22
CA VAL C 178 -10.69 -9.15 -23.96
C VAL C 178 -12.16 -9.06 -23.62
N SER C 179 -12.44 -8.81 -22.35
CA SER C 179 -13.77 -8.44 -21.91
C SER C 179 -13.84 -6.92 -21.82
N PHE C 180 -14.99 -6.38 -22.19
CA PHE C 180 -15.05 -4.93 -22.34
C PHE C 180 -16.46 -4.45 -21.97
N GLU C 181 -16.63 -4.11 -20.71
CA GLU C 181 -17.77 -3.33 -20.28
C GLU C 181 -17.22 -2.16 -19.48
N PRO C 182 -17.78 -0.96 -19.64
CA PRO C 182 -17.29 0.19 -18.89
C PRO C 182 -17.95 0.34 -17.53
N ILE C 183 -17.15 0.84 -16.59
CA ILE C 183 -17.61 1.18 -15.24
C ILE C 183 -17.78 2.68 -15.15
N PRO C 184 -18.62 3.21 -14.26
CA PRO C 184 -18.71 4.66 -14.10
C PRO C 184 -17.43 5.24 -13.54
N ILE C 185 -17.05 6.42 -14.02
CA ILE C 185 -15.85 7.10 -13.56
C ILE C 185 -16.18 8.53 -13.15
N HIS C 186 -15.81 8.89 -11.93
CA HIS C 186 -16.06 10.23 -11.42
C HIS C 186 -14.87 11.16 -11.60
N TYR C 187 -15.11 12.31 -12.23
CA TYR C 187 -14.08 13.30 -12.46
C TYR C 187 -14.02 14.28 -11.29
N CYS C 188 -12.89 14.31 -10.61
CA CYS C 188 -12.70 15.19 -9.46
C CYS C 188 -11.70 16.30 -9.75
N ALA C 189 -11.77 17.37 -8.96
CA ALA C 189 -10.87 18.50 -9.11
C ALA C 189 -9.76 18.44 -8.07
N PRO C 190 -8.59 19.01 -8.41
CA PRO C 190 -7.43 19.02 -7.50
C PRO C 190 -7.55 20.11 -6.43
N ALA C 191 -6.64 20.09 -5.47
CA ALA C 191 -6.64 21.07 -4.39
C ALA C 191 -6.49 22.48 -4.93
N GLY C 192 -7.39 23.37 -4.50
CA GLY C 192 -7.35 24.76 -4.95
C GLY C 192 -8.44 25.07 -5.96
N PHE C 193 -9.22 24.05 -6.30
CA PHE C 193 -10.31 24.21 -7.26
C PHE C 193 -11.58 23.63 -6.67
N ALA C 194 -12.69 23.93 -7.32
CA ALA C 194 -13.98 23.41 -6.91
C ALA C 194 -14.74 23.02 -8.15
N ILE C 195 -15.51 21.95 -8.08
CA ILE C 195 -16.48 21.63 -9.11
C ILE C 195 -17.80 22.23 -8.66
N LEU C 196 -18.42 23.02 -9.51
CA LEU C 196 -19.75 23.53 -9.18
C LEU C 196 -20.78 22.44 -9.50
N LYS C 197 -22.05 22.80 -9.57
CA LYS C 197 -23.05 21.95 -10.19
C LYS C 197 -24.07 22.84 -10.84
N CYS C 198 -25.09 22.23 -11.43
CA CYS C 198 -26.16 22.95 -12.09
C CYS C 198 -27.51 22.33 -11.74
N LYS C 199 -27.82 22.22 -10.45
CA LYS C 199 -28.97 21.43 -10.03
C LYS C 199 -30.32 22.05 -10.37
N ASP C 200 -30.55 22.35 -11.63
CA ASP C 200 -31.84 22.72 -12.16
C ASP C 200 -32.33 21.55 -12.99
N LYS C 201 -33.48 21.73 -13.64
CA LYS C 201 -34.02 20.67 -14.49
C LYS C 201 -34.08 21.11 -15.94
N LYS C 202 -34.79 22.19 -16.25
CA LYS C 202 -35.03 22.58 -17.64
C LYS C 202 -33.88 23.48 -18.11
N PHE C 203 -32.71 22.89 -18.19
CA PHE C 203 -31.47 23.63 -18.38
C PHE C 203 -30.94 23.37 -19.78
N ASN C 204 -30.87 24.42 -20.59
CA ASN C 204 -30.52 24.29 -21.99
C ASN C 204 -29.04 24.06 -22.24
N GLY C 205 -28.25 23.87 -21.19
CA GLY C 205 -26.82 23.70 -21.31
C GLY C 205 -26.05 24.98 -21.22
N THR C 206 -26.53 26.04 -21.85
CA THR C 206 -25.90 27.35 -21.80
C THR C 206 -26.87 28.34 -21.19
N GLY C 207 -26.37 29.21 -20.34
CA GLY C 207 -27.18 30.25 -19.76
C GLY C 207 -27.05 30.31 -18.25
N PRO C 208 -27.79 31.19 -17.63
CA PRO C 208 -27.74 31.33 -16.17
C PRO C 208 -28.39 30.15 -15.46
N CYS C 209 -27.55 29.36 -14.79
CA CYS C 209 -28.05 28.23 -14.01
C CYS C 209 -28.43 28.71 -12.62
N PRO C 210 -29.71 28.62 -12.24
CA PRO C 210 -30.16 29.30 -11.02
C PRO C 210 -29.89 28.63 -9.68
N SER C 211 -29.50 27.36 -9.62
CA SER C 211 -29.42 26.65 -8.35
C SER C 211 -28.08 25.95 -8.18
N VAL C 212 -27.00 26.68 -8.42
CA VAL C 212 -25.65 26.11 -8.50
C VAL C 212 -25.23 25.60 -7.12
N SER C 213 -24.92 24.31 -7.04
CA SER C 213 -24.41 23.73 -5.81
C SER C 213 -22.89 23.70 -5.88
N THR C 214 -22.25 23.07 -4.90
CA THR C 214 -20.82 22.85 -4.93
C THR C 214 -20.55 21.41 -4.53
N VAL C 215 -19.57 20.78 -5.16
CA VAL C 215 -19.32 19.35 -4.98
C VAL C 215 -17.83 19.15 -5.22
N GLN C 216 -17.33 17.96 -4.88
CA GLN C 216 -15.93 17.67 -5.13
C GLN C 216 -15.72 16.91 -6.44
N CYS C 217 -16.44 15.80 -6.62
CA CYS C 217 -16.34 14.95 -7.79
C CYS C 217 -17.66 15.00 -8.56
N THR C 218 -17.61 14.62 -9.84
CA THR C 218 -18.84 14.54 -10.59
C THR C 218 -19.56 13.24 -10.27
N HIS C 219 -20.73 13.05 -10.86
CA HIS C 219 -21.49 11.83 -10.59
C HIS C 219 -20.91 10.66 -11.36
N GLY C 220 -21.59 9.52 -11.31
CA GLY C 220 -21.07 8.37 -12.00
C GLY C 220 -21.33 8.44 -13.50
N ILE C 221 -20.28 8.61 -14.28
CA ILE C 221 -20.37 8.64 -15.73
C ILE C 221 -19.51 7.54 -16.31
N LYS C 222 -20.11 6.73 -17.27
CA LYS C 222 -19.60 5.54 -17.94
C LYS C 222 -19.06 5.90 -19.30
N PRO C 223 -17.85 5.52 -19.64
CA PRO C 223 -17.34 5.80 -20.98
C PRO C 223 -17.95 4.91 -22.04
N VAL C 224 -19.23 5.10 -22.34
CA VAL C 224 -19.93 4.25 -23.29
C VAL C 224 -19.79 4.89 -24.66
N VAL C 225 -18.84 4.37 -25.43
CA VAL C 225 -18.58 4.89 -26.77
C VAL C 225 -19.39 4.13 -27.80
N SER C 226 -20.30 4.83 -28.49
CA SER C 226 -21.14 4.22 -29.50
C SER C 226 -21.70 5.28 -30.46
N THR C 227 -21.63 5.00 -31.75
CA THR C 227 -22.14 5.91 -32.77
C THR C 227 -23.66 5.83 -32.88
N GLN C 228 -24.28 7.00 -33.10
CA GLN C 228 -25.73 7.18 -33.26
C GLN C 228 -26.66 6.88 -32.06
N LEU C 229 -26.07 6.64 -30.89
CA LEU C 229 -26.82 6.34 -29.67
C LEU C 229 -25.88 6.44 -28.47
N LEU C 230 -26.31 7.13 -27.41
CA LEU C 230 -25.49 7.26 -26.23
C LEU C 230 -26.13 6.38 -25.17
N LEU C 231 -25.59 5.18 -24.99
CA LEU C 231 -26.16 4.22 -24.05
C LEU C 231 -25.66 4.26 -22.61
N ASN C 232 -26.46 3.63 -21.75
CA ASN C 232 -26.21 3.49 -20.32
C ASN C 232 -25.98 4.83 -19.64
N GLY C 233 -26.68 5.85 -20.14
CA GLY C 233 -26.46 7.21 -19.70
C GLY C 233 -27.27 7.50 -18.45
N SER C 234 -27.25 8.76 -18.05
CA SER C 234 -28.07 9.21 -16.94
C SER C 234 -29.21 10.08 -17.45
N LEU C 235 -30.33 10.02 -16.74
CA LEU C 235 -31.62 10.46 -17.24
C LEU C 235 -31.99 11.84 -16.71
N ALA C 236 -32.86 12.52 -17.46
CA ALA C 236 -33.41 13.79 -17.01
C ALA C 236 -34.53 13.54 -16.02
N GLU C 237 -34.71 14.47 -15.08
CA GLU C 237 -35.81 14.35 -14.13
C GLU C 237 -37.11 14.90 -14.72
N GLU C 238 -37.05 16.05 -15.35
CA GLU C 238 -38.19 16.62 -16.03
C GLU C 238 -38.38 15.98 -17.40
N GLU C 239 -39.13 16.65 -18.28
CA GLU C 239 -39.39 16.14 -19.61
C GLU C 239 -38.12 16.15 -20.47
N VAL C 240 -38.27 15.68 -21.71
CA VAL C 240 -37.13 15.44 -22.60
C VAL C 240 -36.47 16.76 -22.98
N MET C 241 -35.15 16.82 -22.78
CA MET C 241 -34.34 18.00 -23.03
C MET C 241 -33.72 17.97 -24.41
N ILE C 242 -33.41 19.14 -24.94
CA ILE C 242 -32.85 19.28 -26.27
C ILE C 242 -31.79 20.36 -26.21
N ARG C 243 -30.55 20.00 -26.55
CA ARG C 243 -29.40 20.87 -26.38
C ARG C 243 -28.67 21.02 -27.70
N SER C 244 -28.69 22.23 -28.26
CA SER C 244 -27.82 22.52 -29.38
C SER C 244 -27.13 23.84 -29.13
N GLU C 245 -25.93 23.98 -29.68
CA GLU C 245 -25.15 25.19 -29.43
C GLU C 245 -25.77 26.38 -30.12
N ASN C 246 -25.81 26.35 -31.43
CA ASN C 246 -26.63 27.29 -32.19
C ASN C 246 -27.68 26.42 -32.87
N ILE C 247 -28.89 26.39 -32.33
CA ILE C 247 -29.92 25.72 -33.08
C ILE C 247 -30.33 26.64 -34.24
N THR C 248 -30.97 26.05 -35.24
CA THR C 248 -31.10 26.59 -36.60
C THR C 248 -29.73 26.95 -37.16
N ASN C 249 -28.87 25.93 -37.24
CA ASN C 249 -27.60 26.05 -37.94
C ASN C 249 -27.28 24.91 -38.89
N ASN C 250 -27.91 23.73 -38.71
CA ASN C 250 -27.68 22.53 -39.53
C ASN C 250 -26.22 22.09 -39.52
N ALA C 251 -25.49 22.37 -38.46
CA ALA C 251 -24.15 21.82 -38.33
C ALA C 251 -23.83 21.39 -36.92
N LYS C 252 -24.63 21.76 -35.94
CA LYS C 252 -24.45 21.30 -34.58
C LYS C 252 -25.44 20.19 -34.31
N ASN C 253 -24.95 19.09 -33.76
CA ASN C 253 -25.78 17.93 -33.52
C ASN C 253 -26.66 18.16 -32.32
N ILE C 254 -27.97 18.06 -32.50
CA ILE C 254 -28.92 18.12 -31.40
C ILE C 254 -28.69 16.94 -30.48
N LEU C 255 -28.52 17.22 -29.19
CA LEU C 255 -28.44 16.19 -28.17
C LEU C 255 -29.79 16.08 -27.49
N VAL C 256 -30.39 14.93 -27.58
CA VAL C 256 -31.65 14.64 -26.93
C VAL C 256 -31.33 13.81 -25.69
N GLN C 257 -32.16 13.90 -24.67
CA GLN C 257 -31.99 13.09 -23.48
C GLN C 257 -33.35 12.64 -22.99
N PHE C 258 -33.49 11.35 -22.75
CA PHE C 258 -34.80 10.84 -22.38
C PHE C 258 -35.06 11.09 -20.90
N ASN C 259 -36.33 11.02 -20.54
CA ASN C 259 -36.69 10.93 -19.13
C ASN C 259 -36.92 9.50 -18.67
N THR C 260 -37.35 8.62 -19.58
CA THR C 260 -37.48 7.21 -19.28
C THR C 260 -36.52 6.39 -20.14
N PRO C 261 -35.87 5.39 -19.57
CA PRO C 261 -34.89 4.64 -20.36
C PRO C 261 -35.51 3.55 -21.21
N VAL C 262 -35.36 3.68 -22.53
CA VAL C 262 -35.70 2.59 -23.44
C VAL C 262 -34.73 1.44 -23.22
N GLN C 263 -35.15 0.22 -23.55
CA GLN C 263 -34.26 -0.93 -23.47
C GLN C 263 -34.14 -1.57 -24.84
N ILE C 264 -32.90 -1.85 -25.24
CA ILE C 264 -32.57 -2.55 -26.46
C ILE C 264 -31.69 -3.74 -26.10
N ASN C 265 -32.05 -4.93 -26.57
CA ASN C 265 -31.19 -6.10 -26.42
C ASN C 265 -30.63 -6.48 -27.78
N CYS C 266 -29.46 -7.10 -27.77
CA CYS C 266 -28.66 -7.29 -28.98
C CYS C 266 -27.93 -8.61 -28.87
N THR C 267 -28.28 -9.57 -29.74
CA THR C 267 -27.88 -10.96 -29.56
C THR C 267 -27.19 -11.48 -30.80
N ARG C 268 -25.94 -11.93 -30.65
CA ARG C 268 -25.34 -12.86 -31.59
C ARG C 268 -25.70 -14.25 -31.07
N PRO C 269 -26.62 -14.96 -31.71
CA PRO C 269 -27.07 -16.24 -31.16
C PRO C 269 -26.05 -17.35 -31.41
N ASN C 270 -26.24 -18.46 -30.72
CA ASN C 270 -25.29 -19.55 -30.71
C ASN C 270 -25.45 -20.54 -31.86
N ASN C 271 -26.08 -20.14 -32.95
CA ASN C 271 -26.18 -21.02 -34.11
C ASN C 271 -24.84 -21.09 -34.84
N ASN C 272 -24.40 -22.30 -35.16
CA ASN C 272 -23.10 -22.52 -35.79
C ASN C 272 -23.15 -22.45 -37.31
N THR C 273 -24.25 -21.95 -37.87
CA THR C 273 -24.52 -21.60 -39.29
C THR C 273 -24.21 -22.73 -40.29
N ARG C 274 -24.06 -23.96 -39.81
CA ARG C 274 -23.77 -25.17 -40.60
C ARG C 274 -22.57 -25.03 -41.54
N ASP C 294 -24.61 -17.00 -39.93
CA ASP C 294 -23.21 -16.61 -39.93
C ASP C 294 -22.69 -16.48 -38.50
N ILE C 295 -21.37 -16.42 -38.35
CA ILE C 295 -20.80 -16.08 -37.06
C ILE C 295 -20.96 -14.59 -36.79
N ARG C 296 -20.67 -13.77 -37.79
CA ARG C 296 -20.76 -12.33 -37.65
C ARG C 296 -22.11 -11.84 -38.17
N GLN C 297 -23.17 -12.23 -37.47
CA GLN C 297 -24.49 -11.70 -37.79
C GLN C 297 -25.35 -11.78 -36.55
N ALA C 298 -25.80 -10.62 -36.07
CA ALA C 298 -26.63 -10.51 -34.89
C ALA C 298 -27.94 -9.85 -35.28
N HIS C 299 -28.80 -9.63 -34.31
CA HIS C 299 -30.03 -8.89 -34.52
C HIS C 299 -30.47 -8.30 -33.18
N CYS C 300 -31.19 -7.18 -33.23
CA CYS C 300 -31.52 -6.45 -32.02
C CYS C 300 -33.00 -6.10 -31.95
N ASN C 301 -33.60 -6.40 -30.81
CA ASN C 301 -35.03 -6.22 -30.57
C ASN C 301 -35.25 -5.04 -29.66
N VAL C 302 -35.93 -4.02 -30.16
CA VAL C 302 -36.34 -2.90 -29.34
C VAL C 302 -37.84 -3.01 -29.13
N SER C 303 -38.33 -2.55 -27.99
CA SER C 303 -39.75 -2.64 -27.68
C SER C 303 -40.53 -1.57 -28.41
N LYS C 304 -41.52 -1.98 -29.19
CA LYS C 304 -42.31 -1.04 -29.95
C LYS C 304 -43.21 -0.19 -29.05
N ALA C 305 -43.54 -0.70 -27.87
CA ALA C 305 -44.37 0.07 -26.94
C ALA C 305 -43.59 1.21 -26.32
N THR C 306 -42.37 0.93 -25.87
CA THR C 306 -41.56 1.96 -25.23
C THR C 306 -41.00 2.94 -26.26
N TRP C 307 -40.76 2.48 -27.48
CA TRP C 307 -40.16 3.36 -28.47
C TRP C 307 -41.19 4.31 -29.08
N ASN C 308 -42.45 3.93 -29.11
CA ASN C 308 -43.42 4.79 -29.77
C ASN C 308 -43.76 6.00 -28.91
N GLU C 309 -43.64 5.85 -27.59
CA GLU C 309 -43.90 6.99 -26.73
C GLU C 309 -42.66 7.86 -26.56
N THR C 310 -41.46 7.27 -26.62
CA THR C 310 -40.24 8.06 -26.43
C THR C 310 -39.86 8.80 -27.71
N LEU C 311 -40.21 8.25 -28.86
CA LEU C 311 -40.25 9.04 -30.07
C LEU C 311 -41.56 9.79 -30.24
N GLY C 312 -42.46 9.67 -29.28
CA GLY C 312 -43.64 10.51 -29.24
C GLY C 312 -43.45 11.61 -28.22
N LYS C 313 -42.57 11.38 -27.25
CA LYS C 313 -42.26 12.43 -26.30
C LYS C 313 -41.42 13.52 -26.93
N VAL C 314 -40.56 13.15 -27.88
CA VAL C 314 -39.57 14.08 -28.40
C VAL C 314 -40.22 15.08 -29.34
N VAL C 315 -41.29 14.69 -30.02
CA VAL C 315 -41.87 15.57 -31.03
C VAL C 315 -42.56 16.79 -30.44
N LYS C 316 -42.89 16.78 -29.15
CA LYS C 316 -43.44 17.98 -28.54
C LYS C 316 -42.35 19.00 -28.28
N GLN C 317 -41.23 18.57 -27.70
CA GLN C 317 -40.10 19.50 -27.51
C GLN C 317 -39.38 19.81 -28.80
N LEU C 318 -39.56 19.00 -29.84
CA LEU C 318 -39.20 19.47 -31.18
C LEU C 318 -40.16 20.54 -31.67
N ARG C 319 -41.43 20.45 -31.28
CA ARG C 319 -42.37 21.50 -31.63
C ARG C 319 -42.23 22.72 -30.75
N LYS C 320 -41.41 22.64 -29.69
CA LYS C 320 -41.20 23.79 -28.81
C LYS C 320 -40.31 24.81 -29.47
N HIS C 321 -39.10 24.40 -29.87
CA HIS C 321 -38.17 25.29 -30.54
C HIS C 321 -38.62 25.63 -31.96
N PHE C 322 -39.50 24.83 -32.53
CA PHE C 322 -40.07 25.08 -33.82
C PHE C 322 -41.47 25.64 -33.67
N GLY C 323 -42.18 25.79 -34.76
CA GLY C 323 -43.50 26.39 -34.72
C GLY C 323 -44.58 25.43 -34.27
N ASN C 324 -45.74 25.50 -34.92
CA ASN C 324 -46.79 24.53 -34.68
C ASN C 324 -47.26 23.88 -35.97
N ASN C 325 -46.59 24.15 -37.08
CA ASN C 325 -46.71 23.40 -38.31
C ASN C 325 -45.61 22.36 -38.44
N THR C 326 -45.23 21.76 -37.31
CA THR C 326 -44.14 20.79 -37.24
C THR C 326 -44.62 19.46 -37.78
N ILE C 327 -44.67 19.37 -39.10
CA ILE C 327 -44.76 18.07 -39.77
C ILE C 327 -43.32 17.60 -39.92
N ILE C 328 -42.79 17.04 -38.85
CA ILE C 328 -41.38 16.68 -38.80
C ILE C 328 -41.21 15.28 -39.39
N ARG C 329 -40.20 15.14 -40.22
CA ARG C 329 -39.99 13.92 -41.01
C ARG C 329 -38.73 13.26 -40.47
N PHE C 330 -38.91 12.33 -39.54
CA PHE C 330 -37.81 11.46 -39.15
C PHE C 330 -37.38 10.61 -40.33
N ALA C 331 -36.09 10.32 -40.41
CA ALA C 331 -35.57 9.74 -41.63
C ALA C 331 -34.44 8.79 -41.32
N ASN C 332 -33.96 8.14 -42.37
CA ASN C 332 -32.77 7.32 -42.25
C ASN C 332 -31.54 8.21 -42.35
N SER C 333 -30.38 7.63 -42.05
CA SER C 333 -29.14 8.37 -42.11
C SER C 333 -28.79 8.70 -43.56
N SER C 334 -27.97 9.73 -43.74
CA SER C 334 -27.56 10.09 -45.08
C SER C 334 -26.45 9.23 -45.60
N GLY C 335 -25.69 8.61 -44.71
CA GLY C 335 -24.66 7.70 -45.15
C GLY C 335 -23.28 8.19 -44.82
N GLY C 336 -22.31 7.79 -45.62
CA GLY C 336 -20.95 8.22 -45.39
C GLY C 336 -20.11 7.12 -44.82
N ASP C 337 -19.39 7.43 -43.75
CA ASP C 337 -18.59 6.42 -43.09
C ASP C 337 -19.52 5.44 -42.41
N LEU C 338 -19.04 4.21 -42.24
CA LEU C 338 -19.94 3.16 -41.79
C LEU C 338 -20.25 3.25 -40.31
N GLU C 339 -19.31 3.68 -39.49
CA GLU C 339 -19.56 3.70 -38.05
C GLU C 339 -20.43 4.86 -37.59
N VAL C 340 -20.91 5.71 -38.49
CA VAL C 340 -21.82 6.79 -38.14
C VAL C 340 -23.13 6.73 -38.89
N THR C 341 -23.24 5.94 -39.94
CA THR C 341 -24.54 5.72 -40.53
C THR C 341 -25.31 4.64 -39.82
N THR C 342 -24.69 3.96 -38.88
CA THR C 342 -25.27 2.82 -38.20
C THR C 342 -24.90 2.88 -36.74
N HIS C 343 -25.76 2.32 -35.89
CA HIS C 343 -25.54 2.38 -34.44
C HIS C 343 -24.36 1.49 -34.09
N SER C 344 -23.17 2.02 -34.22
CA SER C 344 -21.96 1.28 -33.95
C SER C 344 -21.63 1.39 -32.49
N PHE C 345 -21.34 0.27 -31.86
CA PHE C 345 -20.95 0.27 -30.47
C PHE C 345 -20.07 -0.93 -30.22
N ASN C 346 -19.87 -1.24 -28.97
CA ASN C 346 -19.06 -2.34 -28.53
C ASN C 346 -19.86 -3.11 -27.52
N CYS C 347 -19.75 -4.43 -27.53
CA CYS C 347 -20.55 -5.27 -26.65
C CYS C 347 -19.77 -6.56 -26.39
N GLY C 348 -19.06 -6.58 -25.28
CA GLY C 348 -18.23 -7.74 -24.97
C GLY C 348 -17.02 -7.87 -25.85
N GLY C 349 -16.56 -6.78 -26.46
CA GLY C 349 -15.35 -6.78 -27.24
C GLY C 349 -15.58 -6.71 -28.73
N GLU C 350 -16.63 -7.36 -29.23
CA GLU C 350 -16.89 -7.39 -30.65
C GLU C 350 -17.67 -6.15 -31.06
N PHE C 351 -17.22 -5.51 -32.13
CA PHE C 351 -17.71 -4.19 -32.53
C PHE C 351 -18.96 -4.34 -33.39
N PHE C 352 -20.12 -4.22 -32.77
CA PHE C 352 -21.38 -4.39 -33.48
C PHE C 352 -21.62 -3.21 -34.40
N TYR C 353 -22.42 -3.43 -35.44
CA TYR C 353 -22.83 -2.36 -36.34
C TYR C 353 -24.30 -2.57 -36.68
N CYS C 354 -25.20 -1.96 -35.93
CA CYS C 354 -26.61 -2.27 -36.06
C CYS C 354 -27.22 -1.55 -37.25
N ASN C 355 -28.53 -1.48 -37.33
CA ASN C 355 -29.15 -0.97 -38.55
C ASN C 355 -30.49 -0.36 -38.18
N THR C 356 -30.50 0.95 -37.97
CA THR C 356 -31.58 1.62 -37.26
C THR C 356 -32.64 2.20 -38.18
N SER C 357 -32.93 1.56 -39.31
CA SER C 357 -33.93 2.12 -40.21
C SER C 357 -35.34 1.98 -39.68
N GLY C 358 -35.58 0.95 -38.86
CA GLY C 358 -36.88 0.82 -38.23
C GLY C 358 -37.12 1.77 -37.10
N LEU C 359 -36.05 2.27 -36.47
CA LEU C 359 -36.17 3.20 -35.37
C LEU C 359 -36.61 4.58 -35.83
N PHE C 360 -35.80 5.17 -36.72
CA PHE C 360 -36.03 6.55 -37.22
C PHE C 360 -36.80 6.53 -38.55
N ASN C 361 -38.13 6.50 -38.46
CA ASN C 361 -39.01 6.51 -39.67
C ASN C 361 -40.44 6.85 -39.23
N SER C 362 -40.75 8.15 -39.10
CA SER C 362 -42.10 8.60 -38.67
C SER C 362 -42.31 10.09 -38.99
N THR C 363 -43.36 10.38 -39.77
CA THR C 363 -43.73 11.75 -40.12
C THR C 363 -44.96 12.11 -39.30
N TRP C 364 -44.88 13.20 -38.54
CA TRP C 364 -45.84 13.49 -37.49
C TRP C 364 -46.76 14.65 -37.86
N ILE C 365 -47.85 14.78 -37.12
CA ILE C 365 -48.93 15.69 -37.48
C ILE C 365 -49.62 16.17 -36.21
N SER C 366 -49.88 17.48 -36.16
CA SER C 366 -50.70 18.15 -35.14
C SER C 366 -50.18 17.97 -33.73
N ASP C 380 -45.29 -5.96 -29.24
CA ASP C 380 -44.58 -6.03 -30.51
C ASP C 380 -43.08 -5.88 -30.30
N SER C 381 -42.34 -5.84 -31.40
CA SER C 381 -40.90 -5.57 -31.39
C SER C 381 -40.47 -5.18 -32.80
N ILE C 382 -39.36 -4.47 -32.87
CA ILE C 382 -38.69 -4.13 -34.12
C ILE C 382 -37.38 -4.90 -34.15
N THR C 383 -36.90 -5.24 -35.34
CA THR C 383 -35.64 -5.95 -35.46
C THR C 383 -34.62 -5.10 -36.17
N LEU C 384 -33.44 -4.98 -35.57
CA LEU C 384 -32.31 -4.27 -36.15
C LEU C 384 -31.29 -5.29 -36.64
N PRO C 385 -31.09 -5.43 -37.91
CA PRO C 385 -30.18 -6.46 -38.41
C PRO C 385 -28.73 -6.03 -38.25
N CYS C 386 -28.06 -6.59 -37.26
CA CYS C 386 -26.73 -6.13 -36.89
C CYS C 386 -25.64 -7.07 -37.36
N ARG C 387 -24.70 -6.52 -38.12
CA ARG C 387 -23.44 -7.15 -38.47
C ARG C 387 -22.48 -7.03 -37.27
N ILE C 388 -21.43 -7.82 -37.27
CA ILE C 388 -20.32 -7.67 -36.35
C ILE C 388 -19.07 -7.53 -37.21
N LYS C 389 -18.63 -6.31 -37.42
CA LYS C 389 -17.52 -6.09 -38.34
C LYS C 389 -16.20 -6.34 -37.65
N GLN C 390 -15.17 -6.50 -38.46
CA GLN C 390 -13.84 -6.85 -37.98
C GLN C 390 -12.77 -5.90 -38.43
N ILE C 391 -13.01 -5.16 -39.50
CA ILE C 391 -12.10 -4.14 -39.99
C ILE C 391 -12.77 -2.79 -39.78
N ILE C 392 -12.40 -2.10 -38.71
CA ILE C 392 -13.11 -0.90 -38.29
C ILE C 392 -12.24 0.31 -38.54
N ASN C 393 -12.88 1.47 -38.53
CA ASN C 393 -12.20 2.75 -38.54
C ASN C 393 -12.20 3.30 -37.12
N MET C 394 -11.04 3.62 -36.60
CA MET C 394 -10.94 4.01 -35.21
C MET C 394 -11.55 5.40 -35.01
N TRP C 395 -12.05 5.62 -33.79
CA TRP C 395 -12.58 6.92 -33.40
C TRP C 395 -11.57 7.79 -32.71
N GLN C 396 -10.46 7.21 -32.22
CA GLN C 396 -9.40 8.01 -31.62
C GLN C 396 -8.77 8.94 -32.63
N ARG C 397 -8.11 8.37 -33.62
CA ARG C 397 -7.40 9.13 -34.62
C ARG C 397 -7.92 8.72 -35.97
N ILE C 398 -7.29 9.18 -37.04
CA ILE C 398 -7.62 8.71 -38.36
C ILE C 398 -6.80 7.45 -38.58
N GLY C 399 -7.45 6.36 -38.91
CA GLY C 399 -6.77 5.10 -39.05
C GLY C 399 -7.77 3.98 -39.18
N GLN C 400 -7.24 2.78 -39.45
CA GLN C 400 -8.03 1.56 -39.56
C GLN C 400 -7.38 0.47 -38.72
N ALA C 401 -8.19 -0.37 -38.13
CA ALA C 401 -7.68 -1.41 -37.26
C ALA C 401 -8.45 -2.69 -37.49
N MET C 402 -7.74 -3.81 -37.49
CA MET C 402 -8.30 -5.11 -37.80
C MET C 402 -8.15 -6.03 -36.61
N TYR C 403 -9.22 -6.67 -36.21
CA TYR C 403 -9.23 -7.46 -34.99
C TYR C 403 -9.39 -8.94 -35.31
N ALA C 404 -9.37 -9.74 -34.25
CA ALA C 404 -9.58 -11.17 -34.36
C ALA C 404 -11.05 -11.47 -34.68
N PRO C 405 -11.36 -12.68 -35.16
CA PRO C 405 -12.76 -13.06 -35.34
C PRO C 405 -13.49 -13.18 -34.01
N PRO C 406 -14.81 -13.14 -34.00
CA PRO C 406 -15.55 -13.15 -32.74
C PRO C 406 -15.44 -14.47 -31.98
N ILE C 407 -15.82 -14.41 -30.71
CA ILE C 407 -15.78 -15.54 -29.79
C ILE C 407 -16.92 -16.51 -30.12
N GLN C 408 -16.91 -17.66 -29.45
CA GLN C 408 -17.73 -18.79 -29.88
C GLN C 408 -19.17 -18.69 -29.41
N GLY C 409 -19.40 -18.44 -28.13
CA GLY C 409 -20.72 -18.59 -27.54
C GLY C 409 -21.70 -17.50 -27.93
N VAL C 410 -22.79 -17.41 -27.17
CA VAL C 410 -23.75 -16.34 -27.38
C VAL C 410 -23.14 -15.02 -26.95
N ILE C 411 -23.48 -13.96 -27.67
CA ILE C 411 -23.02 -12.61 -27.37
C ILE C 411 -24.24 -11.74 -27.20
N ARG C 412 -24.46 -11.24 -26.00
CA ARG C 412 -25.71 -10.58 -25.66
C ARG C 412 -25.44 -9.45 -24.69
N CYS C 413 -26.06 -8.30 -24.94
CA CYS C 413 -26.00 -7.18 -24.01
C CYS C 413 -27.31 -6.41 -24.06
N VAL C 414 -28.01 -6.35 -22.93
CA VAL C 414 -29.19 -5.50 -22.79
C VAL C 414 -28.68 -4.09 -22.51
N SER C 415 -28.92 -3.19 -23.43
CA SER C 415 -28.51 -1.82 -23.22
C SER C 415 -29.60 -1.06 -22.51
N ASN C 416 -29.32 0.19 -22.18
CA ASN C 416 -30.24 1.02 -21.43
C ASN C 416 -30.30 2.40 -22.05
N ILE C 417 -30.53 2.46 -23.36
CA ILE C 417 -30.40 3.65 -24.21
C ILE C 417 -31.08 4.89 -23.65
N THR C 418 -30.28 5.91 -23.43
CA THR C 418 -30.64 7.10 -22.67
C THR C 418 -30.76 8.34 -23.53
N GLY C 419 -29.86 8.54 -24.50
CA GLY C 419 -29.90 9.72 -25.32
C GLY C 419 -29.92 9.36 -26.79
N LEU C 420 -30.30 10.33 -27.60
CA LEU C 420 -30.16 10.29 -29.05
C LEU C 420 -29.24 11.41 -29.45
N ILE C 421 -28.86 11.43 -30.72
CA ILE C 421 -28.12 12.53 -31.32
C ILE C 421 -28.68 12.69 -32.70
N LEU C 422 -29.20 13.86 -33.01
CA LEU C 422 -29.80 14.06 -34.32
C LEU C 422 -28.99 15.08 -35.11
N THR C 423 -29.42 15.33 -36.34
CA THR C 423 -28.87 16.40 -37.14
C THR C 423 -30.09 16.95 -37.87
N ARG C 424 -29.96 17.89 -38.81
CA ARG C 424 -31.11 18.50 -39.45
C ARG C 424 -30.69 19.07 -40.79
N ASP C 425 -31.68 19.48 -41.59
CA ASP C 425 -31.48 19.97 -42.94
C ASP C 425 -31.93 21.43 -43.06
N GLY C 426 -31.97 21.91 -44.30
CA GLY C 426 -32.45 23.25 -44.57
C GLY C 426 -33.96 23.36 -44.56
N THR C 429 -34.41 27.61 -49.65
CA THR C 429 -35.61 28.34 -50.03
C THR C 429 -36.77 27.93 -49.13
N ASN C 430 -37.41 26.82 -49.47
CA ASN C 430 -38.54 26.32 -48.70
C ASN C 430 -38.24 24.90 -48.23
N SER C 431 -38.62 24.61 -47.00
CA SER C 431 -38.80 23.24 -46.57
C SER C 431 -40.19 22.99 -46.03
N THR C 432 -40.61 23.77 -45.02
CA THR C 432 -41.90 23.72 -44.28
C THR C 432 -42.17 22.40 -43.56
N THR C 433 -41.23 21.46 -43.62
CA THR C 433 -41.32 20.16 -42.95
C THR C 433 -39.90 19.82 -42.52
N GLU C 434 -39.63 19.89 -41.21
CA GLU C 434 -38.29 19.63 -40.73
C GLU C 434 -37.96 18.15 -40.84
N THR C 435 -36.67 17.85 -41.05
CA THR C 435 -36.18 16.48 -41.17
C THR C 435 -35.04 16.25 -40.19
N PHE C 436 -35.18 15.24 -39.35
CA PHE C 436 -34.25 14.96 -38.26
C PHE C 436 -33.67 13.56 -38.45
N ARG C 437 -32.54 13.47 -39.10
CA ARG C 437 -31.86 12.18 -39.19
C ARG C 437 -30.83 12.03 -38.08
N PRO C 438 -30.53 10.82 -37.63
CA PRO C 438 -29.57 10.66 -36.54
C PRO C 438 -28.15 10.93 -37.00
N GLY C 439 -27.25 10.93 -36.04
CA GLY C 439 -25.86 11.19 -36.30
C GLY C 439 -25.11 11.03 -35.02
N GLY C 440 -23.90 11.54 -34.99
CA GLY C 440 -23.02 11.35 -33.86
C GLY C 440 -21.73 10.69 -34.30
N GLY C 441 -20.78 10.64 -33.39
CA GLY C 441 -19.55 9.99 -33.75
C GLY C 441 -18.30 10.73 -33.32
N ASP C 442 -18.37 12.05 -33.31
CA ASP C 442 -17.45 12.83 -32.50
C ASP C 442 -17.69 12.43 -31.07
N MET C 443 -16.68 11.86 -30.44
CA MET C 443 -16.98 11.34 -29.13
C MET C 443 -17.01 12.41 -28.05
N ARG C 444 -16.57 13.64 -28.35
CA ARG C 444 -16.78 14.74 -27.42
C ARG C 444 -18.26 15.03 -27.21
N ASP C 445 -19.09 14.73 -28.20
CA ASP C 445 -20.52 14.88 -28.02
C ASP C 445 -21.09 13.79 -27.14
N ASN C 446 -20.43 12.65 -27.07
CA ASN C 446 -20.94 11.58 -26.23
C ASN C 446 -20.70 11.86 -24.76
N TRP C 447 -19.83 12.80 -24.44
CA TRP C 447 -19.47 13.05 -23.06
C TRP C 447 -19.71 14.47 -22.60
N ARG C 448 -19.95 15.40 -23.51
CA ARG C 448 -20.57 16.66 -23.12
C ARG C 448 -22.06 16.51 -22.95
N SER C 449 -22.62 15.37 -23.29
CA SER C 449 -24.00 15.13 -22.94
C SER C 449 -24.16 14.58 -21.54
N GLU C 450 -23.08 14.30 -20.84
CA GLU C 450 -23.18 13.78 -19.48
C GLU C 450 -22.26 14.49 -18.50
N LEU C 451 -21.66 15.60 -18.88
CA LEU C 451 -20.94 16.51 -18.01
C LEU C 451 -21.40 17.93 -18.24
N TYR C 452 -22.65 18.10 -18.61
CA TYR C 452 -23.15 19.41 -18.97
C TYR C 452 -23.49 20.27 -17.77
N LYS C 453 -23.71 19.66 -16.61
CA LYS C 453 -24.05 20.38 -15.39
C LYS C 453 -22.83 20.66 -14.54
N TYR C 454 -21.63 20.76 -15.12
CA TYR C 454 -20.43 20.87 -14.31
C TYR C 454 -19.53 21.98 -14.82
N LYS C 455 -18.67 22.44 -13.92
CA LYS C 455 -17.77 23.57 -14.16
C LYS C 455 -16.71 23.51 -13.09
N VAL C 456 -15.46 23.67 -13.49
CA VAL C 456 -14.37 23.74 -12.54
C VAL C 456 -13.91 25.20 -12.44
N VAL C 457 -13.85 25.72 -11.21
CA VAL C 457 -13.49 27.10 -10.95
C VAL C 457 -12.40 27.12 -9.89
N LYS C 458 -11.81 28.30 -9.70
CA LYS C 458 -10.89 28.53 -8.61
C LYS C 458 -11.25 29.84 -7.94
N ILE C 459 -11.07 29.90 -6.65
CA ILE C 459 -11.60 30.97 -5.84
C ILE C 459 -10.51 31.99 -5.59
N GLU C 460 -10.76 33.23 -5.99
CA GLU C 460 -9.81 34.34 -5.87
C GLU C 460 -10.28 35.27 -4.76
N PRO C 461 -9.74 35.15 -3.56
CA PRO C 461 -10.31 35.81 -2.39
C PRO C 461 -9.72 37.20 -2.13
N LEU C 462 -9.58 38.01 -3.16
CA LEU C 462 -8.90 39.29 -2.99
C LEU C 462 -9.43 40.26 -4.03
N GLY C 463 -10.17 41.26 -3.57
CA GLY C 463 -10.82 42.18 -4.49
C GLY C 463 -10.68 43.62 -4.03
N VAL C 464 -11.12 44.51 -4.91
CA VAL C 464 -11.18 45.93 -4.65
C VAL C 464 -12.65 46.35 -4.76
N ALA C 465 -12.94 47.57 -4.32
CA ALA C 465 -14.29 48.11 -4.35
C ALA C 465 -14.27 49.63 -4.23
N PRO C 466 -15.38 50.29 -4.59
CA PRO C 466 -15.51 51.74 -4.50
C PRO C 466 -16.05 52.17 -3.15
N THR C 467 -15.31 51.84 -2.08
CA THR C 467 -15.73 52.19 -0.73
C THR C 467 -15.50 53.67 -0.42
N ARG C 468 -14.57 54.29 -1.17
CA ARG C 468 -14.25 55.74 -1.02
C ARG C 468 -13.99 56.08 0.46
N CYS C 469 -12.92 55.51 1.03
CA CYS C 469 -12.55 55.78 2.41
C CYS C 469 -11.75 57.07 2.53
N LYS C 470 -10.52 56.95 3.01
CA LYS C 470 -9.64 58.10 3.18
C LYS C 470 -8.17 57.69 3.19
N LYS D 1 59.14 8.00 20.52
CA LYS D 1 60.46 7.36 20.59
C LYS D 1 60.42 6.12 21.47
N LYS D 2 59.63 5.13 21.07
CA LYS D 2 59.50 3.89 21.83
C LYS D 2 60.63 2.92 21.48
N VAL D 3 60.81 1.91 22.31
CA VAL D 3 61.85 0.91 22.10
C VAL D 3 61.29 -0.51 22.12
N VAL D 4 61.55 -1.26 21.04
CA VAL D 4 61.06 -2.62 20.92
C VAL D 4 62.23 -3.49 20.46
N LEU D 5 62.45 -4.60 21.17
CA LEU D 5 63.52 -5.54 20.88
C LEU D 5 62.93 -6.90 20.50
N GLY D 6 63.52 -7.53 19.50
CA GLY D 6 63.17 -8.89 19.13
C GLY D 6 64.43 -9.75 19.11
N LYS D 7 64.24 -11.06 18.95
CA LYS D 7 65.39 -11.93 18.76
C LYS D 7 65.65 -12.24 17.28
N LYS D 8 64.78 -13.06 16.70
CA LYS D 8 64.79 -13.48 15.31
C LYS D 8 63.53 -14.29 15.06
N GLY D 9 62.85 -14.04 13.95
CA GLY D 9 61.72 -14.86 13.56
C GLY D 9 60.41 -14.56 14.26
N ASP D 10 60.47 -14.08 15.50
CA ASP D 10 59.30 -13.97 16.36
C ASP D 10 58.36 -12.87 15.89
N THR D 11 57.15 -12.89 16.42
CA THR D 11 56.17 -11.88 16.08
C THR D 11 56.21 -10.75 17.09
N VAL D 12 56.54 -9.55 16.62
CA VAL D 12 56.48 -8.35 17.45
C VAL D 12 55.17 -7.65 17.15
N GLU D 13 54.60 -7.01 18.16
CA GLU D 13 53.36 -6.30 17.98
C GLU D 13 53.61 -4.84 18.32
N LEU D 14 54.08 -4.07 17.36
CA LEU D 14 54.11 -2.63 17.52
C LEU D 14 52.68 -2.12 17.53
N THR D 15 52.46 -0.98 18.18
CA THR D 15 51.09 -0.54 18.38
C THR D 15 51.00 0.97 18.37
N CYS D 16 50.14 1.50 17.52
CA CYS D 16 49.60 2.84 17.70
C CYS D 16 48.13 2.70 18.04
N THR D 17 47.58 3.74 18.69
CA THR D 17 46.22 3.65 19.22
C THR D 17 45.60 5.04 19.22
N ALA D 18 44.36 5.13 18.74
CA ALA D 18 43.60 6.37 18.81
C ALA D 18 42.59 6.29 19.95
N SER D 19 41.73 7.29 20.05
CA SER D 19 40.78 7.38 21.16
C SER D 19 39.34 7.43 20.68
N GLN D 20 39.00 6.71 19.62
CA GLN D 20 37.73 6.96 18.95
C GLN D 20 36.80 5.75 18.91
N LYS D 21 37.34 4.53 18.84
CA LYS D 21 36.60 3.26 18.73
C LYS D 21 35.68 3.25 17.49
N LYS D 22 36.21 3.67 16.34
CA LYS D 22 35.34 3.76 15.16
C LYS D 22 36.06 3.48 13.85
N SER D 23 37.21 2.80 13.91
CA SER D 23 37.94 2.29 12.74
C SER D 23 38.33 3.41 11.77
N ILE D 24 39.17 4.30 12.25
CA ILE D 24 39.64 5.41 11.43
C ILE D 24 40.91 5.02 10.70
N GLN D 25 41.16 5.69 9.59
CA GLN D 25 42.21 5.27 8.67
C GLN D 25 43.58 5.59 9.24
N PHE D 26 44.49 4.63 9.19
CA PHE D 26 45.87 4.82 9.60
C PHE D 26 46.79 4.41 8.47
N HIS D 27 48.09 4.44 8.75
CA HIS D 27 49.11 3.84 7.91
C HIS D 27 50.28 3.42 8.78
N TRP D 28 51.34 2.97 8.12
CA TRP D 28 52.58 2.59 8.77
C TRP D 28 53.68 2.78 7.74
N LYS D 29 54.64 3.64 8.04
CA LYS D 29 55.73 3.90 7.13
C LYS D 29 57.05 3.69 7.86
N ASN D 30 58.15 3.79 7.11
CA ASN D 30 59.46 3.59 7.69
C ASN D 30 60.29 4.87 7.53
N SER D 31 61.58 4.76 7.84
CA SER D 31 62.47 5.92 7.88
C SER D 31 62.69 6.55 6.52
N ASN D 32 62.60 5.77 5.45
CA ASN D 32 62.70 6.31 4.10
C ASN D 32 61.36 6.70 3.53
N GLN D 33 60.31 6.67 4.36
CA GLN D 33 58.93 7.00 3.99
C GLN D 33 58.44 6.12 2.84
N ILE D 34 58.55 4.81 3.03
CA ILE D 34 57.91 3.82 2.16
C ILE D 34 56.80 3.16 2.96
N LYS D 35 55.69 2.85 2.31
CA LYS D 35 54.56 2.30 3.04
C LYS D 35 54.83 0.85 3.44
N ILE D 36 54.60 0.55 4.70
CA ILE D 36 54.72 -0.80 5.23
C ILE D 36 53.39 -1.53 5.19
N LEU D 37 52.35 -0.88 5.70
CA LEU D 37 51.05 -1.50 5.89
C LEU D 37 50.05 -0.36 6.03
N GLY D 38 48.86 -0.54 5.48
CA GLY D 38 47.90 0.53 5.47
C GLY D 38 46.49 0.01 5.60
N ASN D 39 45.61 0.88 6.05
CA ASN D 39 44.19 0.61 6.08
C ASN D 39 43.52 1.39 4.97
N GLN D 40 42.58 0.76 4.28
CA GLN D 40 41.81 1.44 3.23
C GLN D 40 40.34 1.13 3.48
N GLY D 41 39.73 1.90 4.36
CA GLY D 41 38.33 1.66 4.66
C GLY D 41 38.16 0.49 5.59
N SER D 42 37.73 -0.63 5.05
CA SER D 42 37.54 -1.85 5.82
C SER D 42 38.47 -2.96 5.39
N PHE D 43 39.33 -2.71 4.43
CA PHE D 43 40.27 -3.69 3.95
C PHE D 43 41.68 -3.31 4.35
N LEU D 44 42.56 -4.29 4.36
CA LEU D 44 43.97 -4.07 4.58
C LEU D 44 44.64 -3.79 3.25
N THR D 45 45.82 -3.18 3.30
CA THR D 45 46.66 -3.06 2.11
C THR D 45 48.11 -3.04 2.52
N LYS D 46 48.98 -3.52 1.65
CA LYS D 46 50.41 -3.44 1.90
C LYS D 46 50.98 -2.26 1.12
N GLY D 47 52.30 -2.16 1.14
CA GLY D 47 53.01 -1.21 0.33
C GLY D 47 54.24 -1.89 -0.21
N PRO D 48 54.89 -1.32 -1.18
CA PRO D 48 55.96 -2.02 -1.89
C PRO D 48 57.31 -1.95 -1.16
N SER D 49 57.30 -2.19 0.12
CA SER D 49 58.50 -2.19 0.93
C SER D 49 59.14 -3.56 0.86
N LYS D 50 60.17 -3.76 1.68
CA LYS D 50 60.77 -5.08 1.79
C LYS D 50 60.19 -5.89 2.95
N LEU D 51 59.12 -5.41 3.55
CA LEU D 51 58.35 -6.18 4.52
C LEU D 51 56.97 -6.52 3.99
N ASN D 52 56.84 -6.50 2.66
CA ASN D 52 55.53 -6.59 2.02
C ASN D 52 54.92 -7.98 2.13
N ASP D 53 55.75 -9.02 2.14
CA ASP D 53 55.28 -10.37 2.36
C ASP D 53 55.21 -10.78 3.83
N ARG D 54 55.88 -10.06 4.73
CA ARG D 54 56.00 -10.51 6.11
C ARG D 54 55.10 -9.75 7.07
N ALA D 55 54.73 -8.52 6.76
CA ALA D 55 53.96 -7.72 7.69
C ALA D 55 52.52 -8.19 7.75
N ASP D 56 51.84 -7.84 8.83
CA ASP D 56 50.46 -8.26 9.04
C ASP D 56 49.83 -7.34 10.07
N SER D 57 48.54 -7.56 10.31
CA SER D 57 47.83 -6.80 11.33
C SER D 57 46.65 -7.62 11.80
N ARG D 58 46.08 -7.20 12.92
CA ARG D 58 44.94 -7.88 13.49
C ARG D 58 43.68 -7.12 13.11
N ARG D 59 42.83 -7.75 12.31
CA ARG D 59 41.73 -7.05 11.68
C ARG D 59 40.64 -6.70 12.67
N SER D 60 40.45 -7.52 13.70
CA SER D 60 39.31 -7.30 14.59
C SER D 60 39.53 -6.16 15.56
N LEU D 61 40.76 -5.70 15.74
CA LEU D 61 41.06 -4.67 16.70
C LEU D 61 40.88 -3.26 16.16
N TRP D 62 40.71 -3.11 14.85
CA TRP D 62 40.53 -1.79 14.26
C TRP D 62 39.24 -1.15 14.73
N ASP D 63 38.23 -1.96 15.03
CA ASP D 63 36.96 -1.43 15.48
C ASP D 63 37.00 -0.90 16.90
N GLN D 64 38.09 -1.09 17.63
CA GLN D 64 38.25 -0.52 18.96
C GLN D 64 39.39 0.48 19.03
N GLY D 65 39.90 0.90 17.89
CA GLY D 65 40.93 1.91 17.86
C GLY D 65 42.33 1.36 17.73
N ASN D 66 42.56 0.15 18.23
CA ASN D 66 43.92 -0.39 18.28
C ASN D 66 44.35 -0.84 16.89
N PHE D 67 45.43 -0.26 16.37
CA PHE D 67 45.92 -0.55 15.03
C PHE D 67 47.32 -1.13 15.08
N PRO D 68 47.50 -2.41 15.38
CA PRO D 68 48.84 -2.95 15.53
C PRO D 68 49.55 -3.17 14.20
N LEU D 69 50.76 -3.70 14.30
CA LEU D 69 51.53 -4.16 13.16
C LEU D 69 52.31 -5.36 13.63
N ILE D 70 52.09 -6.50 12.99
CA ILE D 70 52.64 -7.78 13.43
C ILE D 70 53.59 -8.28 12.35
N ILE D 71 54.86 -8.41 12.69
CA ILE D 71 55.89 -8.75 11.72
C ILE D 71 56.37 -10.17 11.99
N LYS D 72 56.45 -10.98 10.93
CA LYS D 72 56.97 -12.33 11.03
C LYS D 72 58.35 -12.39 10.38
N ASN D 73 59.14 -13.38 10.83
CA ASN D 73 60.46 -13.71 10.28
C ASN D 73 61.41 -12.51 10.36
N LEU D 74 61.72 -12.14 11.59
CA LEU D 74 62.59 -11.00 11.88
C LEU D 74 64.02 -11.24 11.38
N LYS D 75 64.40 -10.51 10.34
CA LYS D 75 65.78 -10.49 9.89
C LYS D 75 66.53 -9.41 10.65
N ILE D 76 67.74 -9.09 10.18
CA ILE D 76 68.54 -8.04 10.79
C ILE D 76 68.33 -6.69 10.12
N GLU D 77 67.86 -6.69 8.87
CA GLU D 77 67.79 -5.48 8.07
C GLU D 77 66.53 -4.67 8.33
N ASP D 78 65.59 -5.20 9.10
CA ASP D 78 64.41 -4.43 9.45
C ASP D 78 64.61 -3.63 10.72
N SER D 79 65.81 -3.62 11.28
CA SER D 79 66.12 -2.81 12.44
C SER D 79 66.17 -1.35 12.01
N ASP D 80 65.02 -0.69 12.13
CA ASP D 80 64.81 0.65 11.60
C ASP D 80 63.89 1.41 12.55
N THR D 81 63.29 2.46 12.03
CA THR D 81 62.26 3.18 12.76
C THR D 81 60.98 3.14 11.95
N TYR D 82 59.85 3.02 12.65
CA TYR D 82 58.56 2.85 12.01
C TYR D 82 57.62 3.91 12.55
N ILE D 83 56.72 4.40 11.69
CA ILE D 83 55.94 5.58 11.96
C ILE D 83 54.47 5.25 11.73
N CYS D 84 53.64 5.42 12.74
CA CYS D 84 52.21 5.23 12.56
C CYS D 84 51.52 6.58 12.51
N GLU D 85 50.71 6.79 11.48
CA GLU D 85 50.08 8.09 11.22
C GLU D 85 48.58 7.92 11.29
N VAL D 86 47.98 8.15 12.45
CA VAL D 86 46.55 7.88 12.58
C VAL D 86 45.76 9.04 12.00
N GLU D 87 45.80 10.20 12.64
CA GLU D 87 45.38 11.39 11.91
C GLU D 87 46.41 12.50 12.02
N ASP D 88 47.04 12.64 13.17
CA ASP D 88 48.17 13.53 13.37
C ASP D 88 49.28 12.90 14.18
N GLN D 89 48.97 11.92 15.03
CA GLN D 89 49.90 11.41 16.04
C GLN D 89 50.92 10.51 15.36
N LYS D 90 51.90 11.15 14.71
CA LYS D 90 52.95 10.45 13.99
C LYS D 90 53.96 9.89 14.99
N GLU D 91 53.55 8.83 15.67
CA GLU D 91 54.39 8.19 16.67
C GLU D 91 55.46 7.33 16.01
N GLU D 92 56.67 7.41 16.55
CA GLU D 92 57.80 6.66 16.01
C GLU D 92 58.20 5.57 17.00
N VAL D 93 58.25 4.34 16.51
CA VAL D 93 58.74 3.21 17.27
C VAL D 93 59.92 2.63 16.51
N GLN D 94 61.03 2.41 17.20
CA GLN D 94 62.22 1.84 16.59
C GLN D 94 62.35 0.39 17.04
N LEU D 95 63.02 -0.41 16.22
CA LEU D 95 63.04 -1.87 16.37
C LEU D 95 64.46 -2.36 16.24
N LEU D 96 64.82 -3.37 17.03
CA LEU D 96 66.09 -4.05 16.88
C LEU D 96 65.93 -5.53 17.16
N VAL D 97 66.77 -6.34 16.52
CA VAL D 97 66.74 -7.78 16.71
C VAL D 97 68.03 -8.24 17.37
N LYS E 1 -44.34 9.85 48.81
CA LYS E 1 -45.17 9.19 49.80
C LYS E 1 -46.26 8.34 49.13
N LYS E 2 -45.83 7.34 48.38
CA LYS E 2 -46.75 6.45 47.69
C LYS E 2 -47.28 5.36 48.62
N VAL E 3 -48.33 4.67 48.19
CA VAL E 3 -48.93 3.61 48.98
C VAL E 3 -49.04 2.31 48.18
N VAL E 4 -48.47 1.24 48.71
CA VAL E 4 -48.52 -0.06 48.06
C VAL E 4 -48.98 -1.14 49.03
N LEU E 5 -50.01 -1.87 48.65
CA LEU E 5 -50.54 -2.93 49.50
C LEU E 5 -50.33 -4.28 48.84
N GLY E 6 -49.96 -5.28 49.65
CA GLY E 6 -49.88 -6.65 49.18
C GLY E 6 -50.70 -7.54 50.10
N LYS E 7 -50.85 -8.80 49.71
CA LYS E 7 -51.48 -9.76 50.61
C LYS E 7 -50.45 -10.60 51.38
N LYS E 8 -49.78 -11.51 50.67
CA LYS E 8 -48.75 -12.40 51.18
C LYS E 8 -48.18 -13.16 49.99
N GLY E 9 -46.86 -13.27 49.91
CA GLY E 9 -46.25 -14.10 48.89
C GLY E 9 -46.13 -13.48 47.52
N ASP E 10 -47.05 -12.58 47.16
CA ASP E 10 -47.19 -12.11 45.79
C ASP E 10 -46.04 -11.18 45.41
N THR E 11 -45.93 -10.93 44.12
CA THR E 11 -44.88 -10.04 43.62
C THR E 11 -45.43 -8.63 43.49
N VAL E 12 -44.85 -7.70 44.25
CA VAL E 12 -45.16 -6.29 44.12
C VAL E 12 -44.11 -5.65 43.25
N GLU E 13 -44.50 -4.66 42.46
CA GLU E 13 -43.56 -3.98 41.60
C GLU E 13 -43.56 -2.51 42.01
N LEU E 14 -42.75 -2.17 43.00
CA LEU E 14 -42.48 -0.77 43.28
C LEU E 14 -41.67 -0.20 42.14
N THR E 15 -41.80 1.11 41.93
CA THR E 15 -41.20 1.68 40.73
C THR E 15 -40.72 3.10 40.99
N CYS E 16 -39.44 3.34 40.71
CA CYS E 16 -38.96 4.69 40.46
C CYS E 16 -38.59 4.80 38.99
N THR E 17 -38.57 6.02 38.48
CA THR E 17 -38.41 6.23 37.04
C THR E 17 -37.72 7.56 36.80
N ALA E 18 -36.72 7.56 35.94
CA ALA E 18 -36.06 8.78 35.52
C ALA E 18 -36.57 9.19 34.14
N SER E 19 -35.96 10.22 33.55
CA SER E 19 -36.41 10.76 32.27
C SER E 19 -35.31 10.74 31.21
N GLN E 20 -34.48 9.71 31.20
CA GLN E 20 -33.25 9.78 30.42
C GLN E 20 -33.12 8.71 29.34
N LYS E 21 -33.67 7.51 29.58
CA LYS E 21 -33.58 6.35 28.69
C LYS E 21 -32.13 5.95 28.39
N LYS E 22 -31.29 5.90 29.44
CA LYS E 22 -29.89 5.63 29.17
C LYS E 22 -29.19 4.84 30.29
N SER E 23 -29.98 4.15 31.13
CA SER E 23 -29.50 3.22 32.15
C SER E 23 -28.56 3.88 33.16
N ILE E 24 -29.09 4.82 33.89
CA ILE E 24 -28.31 5.54 34.89
C ILE E 24 -28.40 4.82 36.22
N GLN E 25 -27.40 5.04 37.07
CA GLN E 25 -27.24 4.25 38.27
C GLN E 25 -28.28 4.66 39.32
N PHE E 26 -28.93 3.68 39.92
CA PHE E 26 -29.87 3.91 41.00
C PHE E 26 -29.48 3.05 42.20
N HIS E 27 -30.31 3.10 43.22
CA HIS E 27 -30.26 2.18 44.35
C HIS E 27 -31.66 2.02 44.92
N TRP E 28 -31.73 1.28 46.02
CA TRP E 28 -32.97 1.07 46.76
C TRP E 28 -32.58 0.81 48.20
N LYS E 29 -33.02 1.66 49.11
CA LYS E 29 -32.71 1.49 50.52
C LYS E 29 -33.99 1.47 51.33
N ASN E 30 -33.86 1.23 52.62
CA ASN E 30 -35.00 1.16 53.50
C ASN E 30 -34.90 2.23 54.57
N SER E 31 -35.80 2.16 55.56
CA SER E 31 -35.92 3.18 56.59
C SER E 31 -34.71 3.27 57.50
N ASN E 32 -34.00 2.17 57.69
CA ASN E 32 -32.77 2.19 58.47
C ASN E 32 -31.54 2.45 57.60
N GLN E 33 -31.74 2.78 56.33
CA GLN E 33 -30.70 3.04 55.34
C GLN E 33 -29.75 1.85 55.19
N ILE E 34 -30.34 0.69 54.92
CA ILE E 34 -29.59 -0.48 54.49
C ILE E 34 -29.94 -0.75 53.04
N LYS E 35 -28.95 -1.19 52.25
CA LYS E 35 -29.19 -1.37 50.84
C LYS E 35 -30.06 -2.59 50.58
N ILE E 36 -31.10 -2.41 49.78
CA ILE E 36 -31.99 -3.48 49.36
C ILE E 36 -31.53 -4.09 48.05
N LEU E 37 -31.29 -3.24 47.06
CA LEU E 37 -31.01 -3.65 45.70
C LEU E 37 -30.33 -2.48 45.03
N GLY E 38 -29.37 -2.77 44.17
CA GLY E 38 -28.59 -1.70 43.56
C GLY E 38 -28.20 -2.04 42.14
N ASN E 39 -27.91 -1.01 41.39
CA ASN E 39 -27.34 -1.16 40.05
C ASN E 39 -25.88 -0.78 40.11
N GLN E 40 -25.04 -1.54 39.42
CA GLN E 40 -23.62 -1.24 39.34
C GLN E 40 -23.22 -1.33 37.88
N GLY E 41 -23.44 -0.26 37.13
CA GLY E 41 -23.11 -0.28 35.74
C GLY E 41 -24.14 -1.03 34.92
N SER E 42 -23.80 -2.24 34.52
CA SER E 42 -24.71 -3.08 33.76
C SER E 42 -25.10 -4.34 34.51
N PHE E 43 -24.63 -4.51 35.73
CA PHE E 43 -24.95 -5.66 36.54
C PHE E 43 -25.83 -5.24 37.70
N LEU E 44 -26.54 -6.23 38.24
CA LEU E 44 -27.33 -6.05 39.44
C LEU E 44 -26.44 -6.29 40.66
N THR E 45 -26.87 -5.78 41.81
CA THR E 45 -26.23 -6.16 43.07
C THR E 45 -27.26 -6.10 44.17
N LYS E 46 -27.07 -6.91 45.21
CA LYS E 46 -27.93 -6.85 46.37
C LYS E 46 -27.21 -6.07 47.47
N GLY E 47 -27.82 -6.05 48.64
CA GLY E 47 -27.20 -5.51 49.82
C GLY E 47 -27.53 -6.41 50.98
N PRO E 48 -26.85 -6.27 52.07
CA PRO E 48 -26.97 -7.25 53.16
C PRO E 48 -28.18 -7.02 54.07
N SER E 49 -29.33 -6.78 53.45
CA SER E 49 -30.56 -6.58 54.18
C SER E 49 -31.20 -7.92 54.48
N LYS E 50 -32.43 -7.89 54.98
CA LYS E 50 -33.18 -9.12 55.17
C LYS E 50 -34.10 -9.42 54.00
N LEU E 51 -33.96 -8.69 52.90
CA LEU E 51 -34.63 -9.00 51.64
C LEU E 51 -33.63 -9.41 50.58
N ASN E 52 -32.46 -9.86 51.03
CA ASN E 52 -31.33 -10.09 50.12
C ASN E 52 -31.53 -11.30 49.22
N ASP E 53 -32.24 -12.31 49.72
CA ASP E 53 -32.58 -13.46 48.92
C ASP E 53 -33.88 -13.32 48.14
N ARG E 54 -34.76 -12.38 48.53
CA ARG E 54 -36.09 -12.31 47.95
C ARG E 54 -36.25 -11.20 46.93
N ALA E 55 -35.47 -10.14 47.01
CA ALA E 55 -35.66 -9.01 46.12
C ALA E 55 -35.16 -9.33 44.72
N ASP E 56 -35.65 -8.57 43.75
CA ASP E 56 -35.30 -8.79 42.35
C ASP E 56 -35.60 -7.53 41.57
N SER E 57 -35.26 -7.56 40.29
CA SER E 57 -35.56 -6.44 39.41
C SER E 57 -35.62 -6.94 37.98
N ARG E 58 -36.18 -6.12 37.11
CA ARG E 58 -36.31 -6.47 35.70
C ARG E 58 -35.19 -5.81 34.94
N ARG E 59 -34.30 -6.63 34.39
CA ARG E 59 -33.06 -6.13 33.83
C ARG E 59 -33.27 -5.37 32.53
N SER E 60 -34.28 -5.75 31.75
CA SER E 60 -34.42 -5.16 30.43
C SER E 60 -35.00 -3.77 30.47
N LEU E 61 -35.60 -3.36 31.60
CA LEU E 61 -36.25 -2.06 31.68
C LEU E 61 -35.31 -0.94 32.07
N TRP E 62 -34.09 -1.26 32.50
CA TRP E 62 -33.15 -0.23 32.88
C TRP E 62 -32.74 0.62 31.69
N ASP E 63 -32.76 0.05 30.50
CA ASP E 63 -32.37 0.79 29.31
C ASP E 63 -33.44 1.79 28.86
N GLN E 64 -34.61 1.79 29.48
CA GLN E 64 -35.65 2.78 29.18
C GLN E 64 -35.95 3.67 30.39
N GLY E 65 -35.11 3.62 31.41
CA GLY E 65 -35.28 4.48 32.56
C GLY E 65 -36.00 3.82 33.73
N ASN E 66 -36.86 2.86 33.44
CA ASN E 66 -37.70 2.28 34.50
C ASN E 66 -36.87 1.32 35.36
N PHE E 67 -36.78 1.62 36.65
CA PHE E 67 -35.97 0.83 37.58
C PHE E 67 -36.83 0.22 38.66
N PRO E 68 -37.53 -0.87 38.40
CA PRO E 68 -38.44 -1.42 39.41
C PRO E 68 -37.73 -2.15 40.52
N LEU E 69 -38.53 -2.68 41.44
CA LEU E 69 -38.06 -3.57 42.49
C LEU E 69 -39.18 -4.58 42.71
N ILE E 70 -38.86 -5.85 42.54
CA ILE E 70 -39.85 -6.92 42.54
C ILE E 70 -39.53 -7.84 43.72
N ILE E 71 -40.45 -7.94 44.66
CA ILE E 71 -40.22 -8.67 45.90
C ILE E 71 -41.08 -9.93 45.90
N LYS E 72 -40.47 -11.06 46.23
CA LYS E 72 -41.17 -12.32 46.34
C LYS E 72 -41.29 -12.70 47.81
N ASN E 73 -42.32 -13.51 48.10
CA ASN E 73 -42.58 -14.12 49.41
C ASN E 73 -42.75 -13.03 50.48
N LEU E 74 -43.83 -12.27 50.33
CA LEU E 74 -44.14 -11.16 51.23
C LEU E 74 -44.47 -11.65 52.63
N LYS E 75 -43.56 -11.38 53.57
CA LYS E 75 -43.84 -11.61 54.98
C LYS E 75 -44.52 -10.38 55.57
N ILE E 76 -44.59 -10.34 56.89
CA ILE E 76 -45.19 -9.20 57.58
C ILE E 76 -44.14 -8.17 57.98
N GLU E 77 -42.88 -8.57 58.09
CA GLU E 77 -41.82 -7.73 58.63
C GLU E 77 -41.22 -6.80 57.60
N ASP E 78 -41.57 -6.94 56.32
CA ASP E 78 -41.10 -6.03 55.31
C ASP E 78 -42.02 -4.84 55.15
N SER E 79 -43.05 -4.72 55.97
CA SER E 79 -43.93 -3.56 55.94
C SER E 79 -43.18 -2.37 56.49
N ASP E 80 -42.57 -1.62 55.58
CA ASP E 80 -41.63 -0.55 55.91
C ASP E 80 -41.78 0.55 54.89
N THR E 81 -40.75 1.38 54.81
CA THR E 81 -40.68 2.39 53.76
C THR E 81 -39.41 2.14 52.95
N TYR E 82 -39.51 2.36 51.65
CA TYR E 82 -38.41 2.07 50.74
C TYR E 82 -38.11 3.31 49.91
N ILE E 83 -36.84 3.52 49.60
CA ILE E 83 -36.36 4.78 49.05
C ILE E 83 -35.56 4.48 47.79
N CYS E 84 -35.98 5.05 46.67
CA CYS E 84 -35.21 4.92 45.45
C CYS E 84 -34.45 6.20 45.17
N GLU E 85 -33.15 6.09 44.93
CA GLU E 85 -32.28 7.24 44.77
C GLU E 85 -31.67 7.21 43.38
N VAL E 86 -32.29 7.88 42.42
CA VAL E 86 -31.81 7.78 41.06
C VAL E 86 -30.62 8.71 40.86
N GLU E 87 -30.84 10.01 40.90
CA GLU E 87 -29.70 10.89 41.10
C GLU E 87 -29.95 11.89 42.20
N ASP E 88 -31.17 12.39 42.29
CA ASP E 88 -31.62 13.20 43.42
C ASP E 88 -33.00 12.84 43.91
N GLN E 89 -33.84 12.24 43.06
CA GLN E 89 -35.26 12.07 43.35
C GLN E 89 -35.43 10.92 44.34
N LYS E 90 -35.17 11.22 45.60
CA LYS E 90 -35.26 10.23 46.68
C LYS E 90 -36.74 10.01 47.01
N GLU E 91 -37.41 9.28 46.13
CA GLU E 91 -38.83 8.99 46.32
C GLU E 91 -39.02 7.87 47.33
N GLU E 92 -40.01 8.05 48.19
CA GLU E 92 -40.31 7.10 49.25
C GLU E 92 -41.62 6.41 48.93
N VAL E 93 -41.60 5.08 48.91
CA VAL E 93 -42.80 4.26 48.78
C VAL E 93 -42.88 3.38 50.00
N GLN E 94 -44.04 3.34 50.64
CA GLN E 94 -44.24 2.50 51.81
C GLN E 94 -45.10 1.30 51.42
N LEU E 95 -44.96 0.21 52.16
CA LEU E 95 -45.49 -1.08 51.79
C LEU E 95 -46.21 -1.68 52.99
N LEU E 96 -47.32 -2.36 52.75
CA LEU E 96 -47.98 -3.14 53.78
C LEU E 96 -48.57 -4.41 53.18
N VAL E 97 -48.65 -5.44 54.01
CA VAL E 97 -49.21 -6.71 53.59
C VAL E 97 -50.50 -7.00 54.34
N LYS F 1 -14.60 34.11 -52.42
CA LYS F 1 -15.14 34.13 -53.77
C LYS F 1 -14.17 33.54 -54.78
N LYS F 2 -13.85 32.26 -54.61
CA LYS F 2 -12.93 31.57 -55.50
C LYS F 2 -13.65 31.10 -56.77
N VAL F 3 -12.86 30.70 -57.77
CA VAL F 3 -13.41 30.23 -59.04
C VAL F 3 -12.83 28.89 -59.43
N VAL F 4 -13.72 27.91 -59.65
CA VAL F 4 -13.30 26.56 -60.03
C VAL F 4 -14.08 26.10 -61.26
N LEU F 5 -13.35 25.68 -62.29
CA LEU F 5 -13.99 25.22 -63.52
C LEU F 5 -13.70 23.73 -63.72
N GLY F 6 -14.71 22.99 -64.17
CA GLY F 6 -14.53 21.61 -64.55
C GLY F 6 -15.06 21.41 -65.96
N LYS F 7 -14.83 20.22 -66.51
CA LYS F 7 -15.44 19.88 -67.79
C LYS F 7 -16.71 19.05 -67.63
N LYS F 8 -16.54 17.79 -67.24
CA LYS F 8 -17.59 16.81 -66.99
C LYS F 8 -16.94 15.56 -66.44
N GLY F 9 -17.52 14.98 -65.39
CA GLY F 9 -17.04 13.71 -64.89
C GLY F 9 -15.81 13.76 -64.00
N ASP F 10 -14.94 14.74 -64.21
CA ASP F 10 -13.62 14.77 -63.60
C ASP F 10 -13.72 15.06 -62.11
N THR F 11 -12.61 14.82 -61.41
CA THR F 11 -12.55 15.08 -59.98
C THR F 11 -11.99 16.47 -59.73
N VAL F 12 -12.79 17.33 -59.12
CA VAL F 12 -12.35 18.65 -58.69
C VAL F 12 -12.00 18.55 -57.22
N GLU F 13 -11.01 19.30 -56.79
CA GLU F 13 -10.61 19.30 -55.40
C GLU F 13 -10.76 20.72 -54.88
N LEU F 14 -11.96 21.07 -54.44
CA LEU F 14 -12.14 22.30 -53.69
C LEU F 14 -11.45 22.16 -52.35
N THR F 15 -11.03 23.28 -51.78
CA THR F 15 -10.21 23.18 -50.59
C THR F 15 -10.47 24.35 -49.65
N CYS F 16 -10.80 24.04 -48.41
CA CYS F 16 -10.63 24.97 -47.31
C CYS F 16 -9.52 24.46 -46.42
N THR F 17 -8.91 25.36 -45.65
CA THR F 17 -7.71 25.01 -44.89
C THR F 17 -7.65 25.87 -43.64
N ALA F 18 -7.38 25.24 -42.50
CA ALA F 18 -7.15 25.95 -41.25
C ALA F 18 -5.66 26.04 -40.97
N SER F 19 -5.30 26.54 -39.79
CA SER F 19 -3.90 26.75 -39.44
C SER F 19 -3.51 26.01 -38.16
N GLN F 20 -4.03 24.81 -37.95
CA GLN F 20 -3.94 24.20 -36.63
C GLN F 20 -3.20 22.86 -36.62
N LYS F 21 -3.32 22.07 -37.70
CA LYS F 21 -2.74 20.71 -37.82
C LYS F 21 -3.24 19.78 -36.71
N LYS F 22 -4.55 19.79 -36.45
CA LYS F 22 -5.04 18.97 -35.34
C LYS F 22 -6.44 18.42 -35.56
N SER F 23 -6.89 18.35 -36.82
CA SER F 23 -8.14 17.69 -37.23
C SER F 23 -9.36 18.29 -36.54
N ILE F 24 -9.62 19.55 -36.82
CA ILE F 24 -10.75 20.23 -36.23
C ILE F 24 -11.97 20.07 -37.14
N GLN F 25 -13.15 20.20 -36.54
CA GLN F 25 -14.38 19.84 -37.22
C GLN F 25 -14.74 20.89 -38.25
N PHE F 26 -15.08 20.46 -39.47
CA PHE F 26 -15.55 21.33 -40.52
C PHE F 26 -16.89 20.85 -41.04
N HIS F 27 -17.37 21.51 -42.08
CA HIS F 27 -18.49 21.04 -42.87
C HIS F 27 -18.35 21.57 -44.28
N TRP F 28 -19.37 21.31 -45.09
CA TRP F 28 -19.45 21.80 -46.46
C TRP F 28 -20.93 21.91 -46.80
N LYS F 29 -21.39 23.10 -47.12
CA LYS F 29 -22.78 23.30 -47.45
C LYS F 29 -22.87 23.99 -48.81
N ASN F 30 -24.09 24.16 -49.30
CA ASN F 30 -24.31 24.78 -50.59
C ASN F 30 -25.15 26.04 -50.41
N SER F 31 -25.59 26.60 -51.54
CA SER F 31 -26.28 27.89 -51.55
C SER F 31 -27.64 27.85 -50.87
N ASN F 32 -28.30 26.69 -50.87
CA ASN F 32 -29.55 26.55 -50.16
C ASN F 32 -29.35 26.07 -48.72
N GLN F 33 -28.10 26.01 -48.27
CA GLN F 33 -27.71 25.56 -46.93
C GLN F 33 -28.20 24.14 -46.65
N ILE F 34 -27.83 23.22 -47.54
CA ILE F 34 -27.99 21.79 -47.33
C ILE F 34 -26.59 21.21 -47.18
N LYS F 35 -26.44 20.23 -46.29
CA LYS F 35 -25.12 19.68 -46.04
C LYS F 35 -24.65 18.82 -47.21
N ILE F 36 -23.44 19.07 -47.66
CA ILE F 36 -22.80 18.29 -48.71
C ILE F 36 -21.97 17.19 -48.12
N LEU F 37 -21.11 17.52 -47.18
CA LEU F 37 -20.11 16.62 -46.63
C LEU F 37 -19.69 17.19 -45.30
N GLY F 38 -19.45 16.33 -44.32
CA GLY F 38 -19.14 16.80 -42.99
C GLY F 38 -18.14 15.90 -42.31
N ASN F 39 -17.48 16.45 -41.30
CA ASN F 39 -16.61 15.70 -40.43
C ASN F 39 -17.31 15.55 -39.09
N GLN F 40 -17.23 14.36 -38.50
CA GLN F 40 -17.79 14.12 -37.18
C GLN F 40 -16.72 13.41 -36.36
N GLY F 41 -15.82 14.19 -35.77
CA GLY F 41 -14.77 13.60 -34.99
C GLY F 41 -13.68 13.03 -35.86
N SER F 42 -13.66 11.72 -36.00
CA SER F 42 -12.68 11.03 -36.82
C SER F 42 -13.31 10.31 -37.99
N PHE F 43 -14.62 10.41 -38.14
CA PHE F 43 -15.32 9.76 -39.22
C PHE F 43 -15.86 10.81 -40.19
N LEU F 44 -16.12 10.37 -41.40
CA LEU F 44 -16.77 11.19 -42.41
C LEU F 44 -18.27 11.07 -42.26
N THR F 45 -19.00 12.03 -42.80
CA THR F 45 -20.45 11.90 -42.92
C THR F 45 -20.92 12.68 -44.14
N LYS F 46 -22.00 12.23 -44.74
CA LYS F 46 -22.60 12.97 -45.84
C LYS F 46 -23.79 13.76 -45.32
N GLY F 47 -24.51 14.38 -46.24
CA GLY F 47 -25.75 15.03 -45.93
C GLY F 47 -26.73 14.73 -47.04
N PRO F 48 -27.99 14.98 -46.83
CA PRO F 48 -29.01 14.51 -47.78
C PRO F 48 -29.18 15.43 -49.00
N SER F 49 -28.08 15.83 -49.58
CA SER F 49 -28.09 16.67 -50.75
C SER F 49 -28.21 15.80 -52.00
N LYS F 50 -28.07 16.42 -53.16
CA LYS F 50 -28.04 15.66 -54.41
C LYS F 50 -26.63 15.32 -54.85
N LEU F 51 -25.64 15.57 -53.99
CA LEU F 51 -24.28 15.11 -54.22
C LEU F 51 -23.89 14.05 -53.19
N ASN F 52 -24.89 13.39 -52.62
CA ASN F 52 -24.67 12.52 -51.47
C ASN F 52 -23.97 11.22 -51.84
N ASP F 53 -24.20 10.74 -53.06
CA ASP F 53 -23.49 9.57 -53.56
C ASP F 53 -22.18 9.90 -54.28
N ARG F 54 -21.97 11.14 -54.68
CA ARG F 54 -20.82 11.48 -55.52
C ARG F 54 -19.70 12.17 -54.76
N ALA F 55 -20.01 12.87 -53.68
CA ALA F 55 -18.98 13.64 -52.99
C ALA F 55 -18.05 12.73 -52.20
N ASP F 56 -16.88 13.24 -51.89
CA ASP F 56 -15.86 12.47 -51.19
C ASP F 56 -14.87 13.43 -50.56
N SER F 57 -13.92 12.87 -49.82
CA SER F 57 -12.86 13.67 -49.23
C SER F 57 -11.66 12.77 -48.98
N ARG F 58 -10.53 13.40 -48.73
CA ARG F 58 -9.29 12.67 -48.48
C ARG F 58 -9.07 12.62 -46.98
N ARG F 59 -9.12 11.41 -46.43
CA ARG F 59 -9.17 11.25 -44.98
C ARG F 59 -7.84 11.56 -44.33
N SER F 60 -6.73 11.32 -45.03
CA SER F 60 -5.44 11.45 -44.38
C SER F 60 -4.99 12.90 -44.24
N LEU F 61 -5.63 13.82 -44.95
CA LEU F 61 -5.22 15.22 -44.93
C LEU F 61 -5.85 16.01 -43.79
N TRP F 62 -6.85 15.45 -43.10
CA TRP F 62 -7.49 16.16 -42.02
C TRP F 62 -6.54 16.38 -40.86
N ASP F 63 -5.57 15.49 -40.70
CA ASP F 63 -4.63 15.62 -39.61
C ASP F 63 -3.59 16.71 -39.85
N GLN F 64 -3.57 17.33 -41.02
CA GLN F 64 -2.68 18.45 -41.29
C GLN F 64 -3.46 19.73 -41.59
N GLY F 65 -4.75 19.74 -41.31
CA GLY F 65 -5.55 20.93 -41.49
C GLY F 65 -6.31 20.98 -42.79
N ASN F 66 -5.79 20.34 -43.83
CA ASN F 66 -6.38 20.46 -45.16
C ASN F 66 -7.65 19.62 -45.24
N PHE F 67 -8.78 20.27 -45.52
CA PHE F 67 -10.07 19.60 -45.57
C PHE F 67 -10.70 19.72 -46.95
N PRO F 68 -10.29 18.90 -47.91
CA PRO F 68 -10.79 19.06 -49.28
C PRO F 68 -12.21 18.55 -49.45
N LEU F 69 -12.68 18.66 -50.68
CA LEU F 69 -13.95 18.06 -51.10
C LEU F 69 -13.74 17.62 -52.54
N ILE F 70 -13.92 16.34 -52.80
CA ILE F 70 -13.60 15.74 -54.09
C ILE F 70 -14.89 15.21 -54.69
N ILE F 71 -15.29 15.76 -55.82
CA ILE F 71 -16.57 15.43 -56.44
C ILE F 71 -16.33 14.61 -57.70
N LYS F 72 -17.07 13.52 -57.85
CA LYS F 72 -17.00 12.70 -59.03
C LYS F 72 -18.27 12.88 -59.85
N ASN F 73 -18.15 12.61 -61.16
CA ASN F 73 -19.24 12.60 -62.13
C ASN F 73 -19.94 13.96 -62.17
N LEU F 74 -19.19 14.97 -62.64
CA LEU F 74 -19.67 16.33 -62.72
C LEU F 74 -20.80 16.48 -63.74
N LYS F 75 -22.00 16.71 -63.23
CA LYS F 75 -23.13 17.06 -64.09
C LYS F 75 -23.16 18.57 -64.29
N ILE F 76 -24.26 19.07 -64.84
CA ILE F 76 -24.41 20.50 -65.05
C ILE F 76 -25.11 21.18 -63.88
N GLU F 77 -25.87 20.42 -63.08
CA GLU F 77 -26.73 20.98 -62.05
C GLU F 77 -26.00 21.26 -60.75
N ASP F 78 -24.74 20.83 -60.64
CA ASP F 78 -23.96 21.14 -59.46
C ASP F 78 -23.21 22.46 -59.59
N SER F 79 -23.42 23.18 -60.68
CA SER F 79 -22.81 24.49 -60.87
C SER F 79 -23.49 25.47 -59.91
N ASP F 80 -22.89 25.61 -58.73
CA ASP F 80 -23.47 26.34 -57.63
C ASP F 80 -22.36 27.02 -56.85
N THR F 81 -22.67 27.39 -55.62
CA THR F 81 -21.66 27.90 -54.71
C THR F 81 -21.60 26.97 -53.49
N TYR F 82 -20.39 26.78 -52.98
CA TYR F 82 -20.16 25.84 -51.89
C TYR F 82 -19.42 26.57 -50.77
N ILE F 83 -19.73 26.21 -49.53
CA ILE F 83 -19.32 26.97 -48.37
C ILE F 83 -18.64 26.02 -47.39
N CYS F 84 -17.39 26.30 -47.06
CA CYS F 84 -16.72 25.51 -46.04
C CYS F 84 -16.65 26.30 -44.73
N GLU F 85 -17.08 25.67 -43.65
CA GLU F 85 -17.21 26.34 -42.35
C GLU F 85 -16.30 25.65 -41.36
N VAL F 86 -15.07 26.13 -41.20
CA VAL F 86 -14.13 25.43 -40.35
C VAL F 86 -14.40 25.76 -38.89
N GLU F 87 -14.15 27.00 -38.49
CA GLU F 87 -14.74 27.45 -37.24
C GLU F 87 -15.45 28.78 -37.40
N ASP F 88 -14.88 29.67 -38.20
CA ASP F 88 -15.53 30.91 -38.60
C ASP F 88 -15.35 31.21 -40.07
N GLN F 89 -14.29 30.71 -40.71
CA GLN F 89 -13.88 31.13 -42.04
C GLN F 89 -14.81 30.51 -43.07
N LYS F 90 -16.00 31.10 -43.19
CA LYS F 90 -17.02 30.62 -44.12
C LYS F 90 -16.65 31.03 -45.53
N GLU F 91 -15.66 30.34 -46.09
CA GLU F 91 -15.18 30.63 -47.43
C GLU F 91 -16.13 30.05 -48.47
N GLU F 92 -16.37 30.83 -49.52
CA GLU F 92 -17.27 30.43 -50.59
C GLU F 92 -16.46 30.17 -51.84
N VAL F 93 -16.65 28.99 -52.41
CA VAL F 93 -16.07 28.65 -53.71
C VAL F 93 -17.22 28.28 -54.63
N GLN F 94 -17.23 28.86 -55.83
CA GLN F 94 -18.25 28.59 -56.81
C GLN F 94 -17.67 27.68 -57.90
N LEU F 95 -18.53 26.93 -58.56
CA LEU F 95 -18.12 25.86 -59.45
C LEU F 95 -18.91 25.96 -60.74
N LEU F 96 -18.26 25.67 -61.86
CA LEU F 96 -18.95 25.55 -63.14
C LEU F 96 -18.33 24.43 -63.96
N VAL F 97 -19.15 23.83 -64.81
CA VAL F 97 -18.69 22.76 -65.68
C VAL F 97 -18.76 23.20 -67.15
N VAL G 2 19.13 -25.85 17.36
CA VAL G 2 18.76 -26.18 15.98
C VAL G 2 18.28 -27.63 15.92
N GLN G 3 17.07 -27.83 15.41
CA GLN G 3 16.44 -29.15 15.41
C GLN G 3 16.32 -29.70 14.00
N LEU G 4 16.54 -31.01 13.88
CA LEU G 4 16.40 -31.72 12.61
C LEU G 4 15.36 -32.81 12.81
N VAL G 5 14.15 -32.56 12.32
CA VAL G 5 13.08 -33.55 12.36
C VAL G 5 13.06 -34.27 11.02
N GLN G 6 12.52 -35.49 11.03
CA GLN G 6 12.58 -36.34 9.85
C GLN G 6 11.18 -36.82 9.46
N SER G 7 11.12 -37.79 8.55
CA SER G 7 9.87 -38.42 8.17
C SER G 7 9.56 -39.56 9.15
N GLY G 8 8.63 -40.43 8.80
CA GLY G 8 8.32 -41.58 9.60
C GLY G 8 9.05 -42.84 9.14
N ALA G 9 8.77 -43.94 9.83
CA ALA G 9 9.32 -45.23 9.42
C ALA G 9 8.63 -45.73 8.16
N GLU G 10 9.34 -46.56 7.41
CA GLU G 10 8.85 -46.98 6.10
C GLU G 10 8.92 -48.48 5.93
N VAL G 11 7.96 -49.02 5.18
CA VAL G 11 7.93 -50.43 4.79
C VAL G 11 7.92 -50.49 3.26
N ASN G 12 8.88 -51.22 2.69
CA ASN G 12 9.06 -51.25 1.25
C ASN G 12 9.30 -52.69 0.80
N LYS G 13 9.49 -52.84 -0.51
CA LYS G 13 9.68 -54.12 -1.18
C LYS G 13 11.07 -54.19 -1.79
N PRO G 14 11.62 -55.39 -1.99
CA PRO G 14 12.91 -55.51 -2.69
C PRO G 14 12.79 -55.10 -4.14
N GLY G 15 13.69 -54.20 -4.56
CA GLY G 15 13.67 -53.64 -5.88
C GLY G 15 12.93 -52.32 -6.00
N SER G 16 12.27 -51.87 -4.95
CA SER G 16 11.51 -50.62 -4.99
C SER G 16 12.43 -49.45 -4.64
N SER G 17 11.84 -48.28 -4.42
CA SER G 17 12.58 -47.08 -4.08
C SER G 17 12.02 -46.47 -2.80
N VAL G 18 12.91 -45.97 -1.95
CA VAL G 18 12.51 -45.38 -0.68
C VAL G 18 12.82 -43.90 -0.72
N LYS G 19 12.08 -43.13 0.08
CA LYS G 19 12.28 -41.69 0.18
C LYS G 19 12.09 -41.26 1.62
N VAL G 20 13.10 -40.63 2.19
CA VAL G 20 13.04 -40.14 3.57
C VAL G 20 13.40 -38.66 3.56
N SER G 21 12.70 -37.88 4.36
CA SER G 21 12.91 -36.44 4.43
C SER G 21 13.83 -36.10 5.60
N CYS G 22 14.22 -34.83 5.64
CA CYS G 22 14.91 -34.28 6.81
C CYS G 22 14.66 -32.78 6.81
N GLN G 23 13.73 -32.33 7.64
CA GLN G 23 13.38 -30.92 7.72
C GLN G 23 14.18 -30.24 8.82
N ALA G 24 14.50 -28.98 8.62
CA ALA G 24 15.33 -28.23 9.54
C ALA G 24 14.52 -27.17 10.28
N SER G 25 15.04 -26.81 11.45
CA SER G 25 14.46 -25.74 12.25
C SER G 25 15.02 -24.37 11.91
N GLY G 26 16.10 -24.31 11.13
CA GLY G 26 16.75 -23.06 10.82
C GLY G 26 15.97 -22.24 9.81
N ALA G 27 16.62 -21.17 9.34
CA ALA G 27 16.02 -20.29 8.35
C ALA G 27 16.39 -20.65 6.94
N THR G 28 17.59 -21.21 6.74
CA THR G 28 17.96 -21.77 5.45
C THR G 28 18.87 -22.96 5.68
N LEU G 29 18.97 -23.81 4.67
CA LEU G 29 19.88 -24.94 4.74
C LEU G 29 21.32 -24.55 4.44
N ASN G 30 21.53 -23.36 3.88
CA ASN G 30 22.79 -23.01 3.24
C ASN G 30 23.92 -22.82 4.24
N SER G 31 23.65 -22.77 5.52
CA SER G 31 24.70 -22.67 6.51
C SER G 31 25.09 -24.03 7.08
N HIS G 32 24.46 -25.11 6.64
CA HIS G 32 24.66 -26.42 7.26
C HIS G 32 25.02 -27.44 6.20
N ALA G 33 26.16 -28.10 6.40
CA ALA G 33 26.58 -29.19 5.53
C ALA G 33 25.92 -30.48 5.98
N PHE G 34 24.83 -30.84 5.32
CA PHE G 34 24.02 -31.98 5.73
C PHE G 34 24.68 -33.29 5.38
N SER G 35 24.14 -34.37 5.93
CA SER G 35 24.71 -35.70 5.78
C SER G 35 23.60 -36.72 5.96
N TRP G 36 23.85 -37.95 5.52
CA TRP G 36 22.94 -39.06 5.73
C TRP G 36 23.76 -40.27 6.16
N VAL G 37 23.51 -40.76 7.36
CA VAL G 37 24.29 -41.86 7.89
C VAL G 37 23.37 -43.02 8.27
N ARG G 38 23.91 -44.22 8.10
CA ARG G 38 23.15 -45.45 8.21
C ARG G 38 23.69 -46.30 9.34
N GLN G 39 22.86 -47.23 9.79
CA GLN G 39 23.23 -48.13 10.86
C GLN G 39 22.40 -49.40 10.73
N ALA G 40 23.03 -50.45 10.22
CA ALA G 40 22.42 -51.77 10.29
C ALA G 40 22.36 -52.21 11.74
N PRO G 41 21.26 -52.83 12.17
CA PRO G 41 21.03 -53.05 13.61
C PRO G 41 22.01 -54.06 14.18
N GLY G 42 22.78 -53.61 15.17
CA GLY G 42 23.87 -54.40 15.71
C GLY G 42 25.19 -53.86 15.25
N GLN G 43 25.27 -53.49 13.99
CA GLN G 43 26.46 -52.85 13.45
C GLN G 43 26.44 -51.36 13.79
N GLY G 44 27.59 -50.73 13.63
CA GLY G 44 27.75 -49.32 13.96
C GLY G 44 27.20 -48.39 12.91
N LEU G 45 27.77 -47.20 12.86
CA LEU G 45 27.35 -46.17 11.92
C LEU G 45 28.21 -46.21 10.67
N GLU G 46 27.63 -45.82 9.54
CA GLU G 46 28.38 -45.66 8.30
C GLU G 46 27.83 -44.46 7.54
N TRP G 47 28.73 -43.75 6.86
CA TRP G 47 28.39 -42.52 6.15
C TRP G 47 27.93 -42.89 4.74
N MET G 48 26.66 -42.66 4.45
CA MET G 48 26.15 -42.99 3.12
C MET G 48 26.56 -41.96 2.09
N ALA G 49 26.07 -40.73 2.24
CA ALA G 49 26.27 -39.68 1.26
C ALA G 49 26.24 -38.34 1.98
N GLY G 50 26.30 -37.28 1.20
CA GLY G 50 26.27 -35.96 1.80
C GLY G 50 25.95 -34.91 0.76
N ILE G 51 25.72 -33.70 1.25
CA ILE G 51 25.44 -32.56 0.39
C ILE G 51 25.91 -31.31 1.12
N ILE G 52 26.33 -30.32 0.34
CA ILE G 52 26.61 -28.98 0.86
C ILE G 52 25.92 -28.00 -0.06
N PRO G 53 24.77 -27.42 0.31
CA PRO G 53 24.06 -26.56 -0.63
C PRO G 53 24.69 -25.19 -0.82
N ILE G 54 25.67 -24.80 -0.01
CA ILE G 54 26.30 -23.50 -0.20
C ILE G 54 27.31 -23.52 -1.33
N PHE G 55 27.78 -24.70 -1.74
CA PHE G 55 28.68 -24.80 -2.88
C PHE G 55 28.06 -25.57 -4.02
N GLY G 56 26.84 -26.07 -3.85
CA GLY G 56 26.21 -26.93 -4.83
C GLY G 56 26.74 -28.35 -4.87
N SER G 57 27.80 -28.65 -4.14
CA SER G 57 28.48 -29.93 -4.21
C SER G 57 27.68 -31.01 -3.53
N SER G 58 27.99 -32.25 -3.87
CA SER G 58 27.48 -33.42 -3.17
C SER G 58 28.58 -34.47 -3.18
N HIS G 59 28.53 -35.37 -2.22
CA HIS G 59 29.60 -36.34 -2.07
C HIS G 59 29.01 -37.70 -1.77
N TYR G 60 29.40 -38.70 -2.55
CA TYR G 60 28.99 -40.06 -2.32
C TYR G 60 30.19 -40.92 -1.99
N ALA G 61 29.97 -41.93 -1.16
CA ALA G 61 31.00 -42.91 -0.88
C ALA G 61 31.15 -43.87 -2.06
N GLN G 62 32.19 -44.69 -2.00
CA GLN G 62 32.40 -45.68 -3.05
C GLN G 62 31.35 -46.79 -3.04
N LYS G 63 30.71 -47.00 -1.90
CA LYS G 63 29.72 -48.07 -1.80
C LYS G 63 28.42 -47.71 -2.51
N PHE G 64 27.92 -46.49 -2.30
CA PHE G 64 26.59 -46.12 -2.74
C PHE G 64 26.57 -45.29 -4.00
N ARG G 65 27.51 -45.52 -4.92
CA ARG G 65 27.54 -44.76 -6.17
C ARG G 65 26.39 -45.21 -7.08
N GLY G 66 25.69 -44.23 -7.65
CA GLY G 66 24.64 -44.50 -8.60
C GLY G 66 23.34 -45.00 -8.03
N ARG G 67 23.27 -45.25 -6.72
CA ARG G 67 22.05 -45.76 -6.11
C ARG G 67 21.26 -44.71 -5.34
N VAL G 68 21.92 -43.67 -4.85
CA VAL G 68 21.29 -42.66 -4.01
C VAL G 68 21.30 -41.32 -4.74
N THR G 69 20.12 -40.70 -4.85
CA THR G 69 20.00 -39.36 -5.40
C THR G 69 19.58 -38.42 -4.28
N ILE G 70 20.53 -37.65 -3.78
CA ILE G 70 20.33 -36.74 -2.66
C ILE G 70 20.07 -35.34 -3.20
N SER G 71 19.01 -34.70 -2.72
CA SER G 71 18.64 -33.37 -3.17
C SER G 71 18.01 -32.61 -2.01
N ALA G 72 18.07 -31.29 -2.07
CA ALA G 72 17.52 -30.46 -1.01
C ALA G 72 16.53 -29.42 -1.54
N ASP G 73 15.44 -29.23 -0.82
CA ASP G 73 14.42 -28.26 -1.21
C ASP G 73 14.49 -27.03 -0.31
N GLU G 74 15.17 -26.00 -0.79
CA GLU G 74 15.33 -24.76 -0.03
C GLU G 74 13.99 -24.13 0.34
N SER G 75 13.06 -24.14 -0.61
CA SER G 75 11.73 -23.56 -0.38
C SER G 75 11.07 -24.10 0.89
N THR G 76 11.35 -25.36 1.22
CA THR G 76 10.76 -25.96 2.41
C THR G 76 11.81 -26.40 3.41
N ARG G 77 13.09 -26.11 3.16
CA ARG G 77 14.22 -26.42 4.04
C ARG G 77 14.30 -27.91 4.35
N THR G 78 14.15 -28.74 3.31
CA THR G 78 14.11 -30.18 3.48
C THR G 78 15.21 -30.82 2.65
N VAL G 79 16.03 -31.62 3.30
CA VAL G 79 16.95 -32.52 2.59
C VAL G 79 16.20 -33.81 2.28
N TYR G 80 16.35 -34.30 1.07
CA TYR G 80 15.68 -35.52 0.66
C TYR G 80 16.70 -36.62 0.45
N LEU G 81 16.21 -37.85 0.32
CA LEU G 81 17.01 -38.99 -0.10
C LEU G 81 16.12 -39.87 -0.96
N HIS G 82 16.70 -40.47 -2.00
CA HIS G 82 16.02 -41.49 -2.78
C HIS G 82 16.99 -42.62 -3.03
N LEU G 83 16.64 -43.82 -2.56
CA LEU G 83 17.51 -44.98 -2.65
C LEU G 83 16.80 -46.08 -3.42
N ARG G 84 17.45 -46.60 -4.44
CA ARG G 84 16.88 -47.64 -5.29
C ARG G 84 17.71 -48.92 -5.15
N GLY G 85 17.13 -50.02 -5.64
CA GLY G 85 17.78 -51.31 -5.53
C GLY G 85 17.75 -51.83 -4.11
N LEU G 86 16.54 -51.97 -3.56
CA LEU G 86 16.38 -52.33 -2.16
C LEU G 86 16.65 -53.81 -1.93
N ARG G 87 17.43 -54.11 -0.89
CA ARG G 87 17.78 -55.49 -0.57
C ARG G 87 17.46 -55.80 0.89
N SER G 88 17.93 -56.95 1.37
CA SER G 88 17.70 -57.34 2.75
C SER G 88 18.57 -56.56 3.72
N ASP G 89 19.76 -56.13 3.29
CA ASP G 89 20.64 -55.41 4.18
C ASP G 89 20.25 -53.95 4.37
N ASP G 90 19.30 -53.45 3.60
CA ASP G 90 18.79 -52.09 3.79
C ASP G 90 17.76 -52.00 4.91
N THR G 91 17.45 -53.11 5.59
CA THR G 91 16.61 -53.07 6.79
C THR G 91 17.47 -52.50 7.91
N ALA G 92 17.49 -51.17 7.98
CA ALA G 92 18.39 -50.47 8.87
C ALA G 92 17.76 -49.14 9.26
N VAL G 93 18.44 -48.44 10.15
CA VAL G 93 18.02 -47.11 10.58
C VAL G 93 18.93 -46.07 9.92
N TYR G 94 18.32 -44.98 9.48
CA TYR G 94 19.03 -43.88 8.85
C TYR G 94 18.93 -42.64 9.74
N TYR G 95 19.91 -41.77 9.60
CA TYR G 95 19.96 -40.54 10.36
C TYR G 95 20.44 -39.42 9.45
N CYS G 96 19.86 -38.23 9.62
N CYS G 96 19.94 -38.21 9.71
CA CYS G 96 20.35 -37.05 8.90
CA CYS G 96 20.29 -37.02 8.95
C CYS G 96 21.07 -36.16 9.91
C CYS G 96 21.04 -36.07 9.87
N ALA G 97 22.33 -35.88 9.62
CA ALA G 97 23.17 -35.06 10.47
C ALA G 97 23.59 -33.80 9.72
N SER G 98 24.13 -32.84 10.46
CA SER G 98 24.61 -31.60 9.86
C SER G 98 25.62 -30.95 10.77
N ASN G 99 26.38 -30.02 10.22
CA ASN G 99 27.28 -29.19 10.97
C ASN G 99 27.34 -27.83 10.29
N SER G 100 27.74 -26.81 11.04
CA SER G 100 27.80 -25.46 10.50
C SER G 100 28.93 -25.33 9.50
N ILE G 101 28.66 -24.63 8.40
CA ILE G 101 29.63 -24.50 7.32
C ILE G 101 30.51 -23.27 7.47
N ALA G 102 30.29 -22.45 8.50
CA ALA G 102 30.91 -21.14 8.61
C ALA G 102 32.42 -21.17 8.87
N GLY G 103 33.01 -22.33 9.08
CA GLY G 103 34.43 -22.36 9.31
C GLY G 103 35.29 -22.40 8.07
N VAL G 104 34.70 -22.45 6.88
CA VAL G 104 35.51 -22.53 5.66
C VAL G 104 36.08 -21.16 5.29
N ALA G 105 35.41 -20.07 5.69
CA ALA G 105 35.75 -18.74 5.20
C ALA G 105 37.10 -18.27 5.70
N ALA G 106 37.31 -18.32 7.02
CA ALA G 106 38.57 -17.88 7.60
C ALA G 106 39.73 -18.84 7.34
N ALA G 107 39.47 -20.01 6.76
CA ALA G 107 40.53 -20.98 6.52
C ALA G 107 41.46 -20.51 5.41
N GLY G 108 40.93 -19.80 4.43
CA GLY G 108 41.77 -19.29 3.36
C GLY G 108 40.97 -18.44 2.41
N ASP G 109 41.67 -17.94 1.39
CA ASP G 109 41.03 -17.18 0.34
C ASP G 109 40.27 -18.11 -0.57
N TYS G 110 40.97 -18.68 -1.55
CA TYS G 110 40.34 -19.56 -2.50
CB TYS G 110 41.20 -19.70 -3.74
CG TYS G 110 41.17 -18.42 -4.52
CD1 TYS G 110 40.10 -18.13 -5.35
CD2 TYS G 110 42.23 -17.53 -4.38
CE1 TYS G 110 40.09 -16.95 -6.06
CE2 TYS G 110 42.21 -16.34 -5.10
CZ TYS G 110 41.15 -16.05 -5.93
OH TYS G 110 41.14 -14.87 -6.64
S TYS G 110 42.33 -14.52 -7.55
O1 TYS G 110 43.32 -13.84 -6.78
O2 TYS G 110 42.90 -15.71 -8.11
O3 TYS G 110 41.81 -13.57 -8.77
C TYS G 110 40.10 -20.91 -1.92
O TYS G 110 40.98 -21.79 -2.02
N ALA G 111 38.93 -21.11 -1.34
CA ALA G 111 38.56 -22.41 -0.82
C ALA G 111 38.23 -23.34 -1.96
N ASP G 112 38.27 -24.64 -1.72
CA ASP G 112 37.99 -25.62 -2.76
C ASP G 112 36.50 -25.90 -2.82
N TYS G 113 35.91 -25.69 -3.99
CA TYS G 113 34.48 -25.88 -4.14
CB TYS G 113 33.90 -24.85 -5.07
CG TYS G 113 34.21 -23.52 -4.47
CD1 TYS G 113 35.15 -22.70 -5.05
CD2 TYS G 113 33.57 -23.12 -3.31
CE1 TYS G 113 35.44 -21.47 -4.48
CE2 TYS G 113 33.85 -21.90 -2.73
CZ TYS G 113 34.79 -21.07 -3.32
OH TYS G 113 35.09 -19.88 -2.74
S TYS G 113 35.08 -18.59 -3.55
O1 TYS G 113 34.96 -17.51 -2.65
O2 TYS G 113 36.31 -18.46 -4.27
O3 TYS G 113 33.79 -18.59 -4.54
C TYS G 113 34.19 -27.25 -4.67
O TYS G 113 33.09 -27.49 -5.18
N ASP G 114 35.16 -28.14 -4.56
CA ASP G 114 34.98 -29.51 -4.97
C ASP G 114 35.03 -30.38 -3.74
N GLY G 115 35.95 -30.04 -2.84
CA GLY G 115 36.15 -30.83 -1.64
C GLY G 115 34.99 -30.76 -0.68
N GLY G 116 34.99 -31.68 0.26
CA GLY G 116 33.91 -31.80 1.22
C GLY G 116 34.29 -31.15 2.54
N TYR G 117 33.30 -30.56 3.18
CA TYR G 117 33.49 -29.92 4.47
C TYR G 117 32.56 -30.54 5.50
N TYR G 118 32.47 -31.87 5.49
CA TYR G 118 31.75 -32.63 6.49
C TYR G 118 32.74 -32.98 7.57
N TYR G 119 32.54 -32.41 8.75
CA TYR G 119 33.28 -32.78 9.94
C TYR G 119 32.42 -32.45 11.15
N ASP G 120 32.67 -33.16 12.24
CA ASP G 120 32.11 -33.02 13.60
C ASP G 120 30.64 -32.62 13.68
N MET G 121 29.78 -33.36 13.01
CA MET G 121 28.37 -33.05 12.89
C MET G 121 27.68 -33.38 14.21
N ASP G 122 26.77 -32.50 14.64
CA ASP G 122 26.13 -32.67 15.94
C ASP G 122 24.66 -32.25 15.96
N VAL G 123 23.96 -32.26 14.83
CA VAL G 123 22.55 -31.86 14.83
C VAL G 123 21.84 -33.11 14.29
N TRP G 124 22.27 -34.28 14.78
CA TRP G 124 21.72 -35.56 14.34
C TRP G 124 20.21 -35.61 14.56
N GLY G 125 19.48 -36.02 13.53
CA GLY G 125 18.03 -36.10 13.60
C GLY G 125 17.55 -37.28 14.42
N GLN G 126 16.23 -37.44 14.55
CA GLN G 126 15.70 -38.49 15.42
C GLN G 126 15.82 -39.88 14.81
N GLY G 127 16.03 -39.98 13.51
CA GLY G 127 16.20 -41.30 12.95
C GLY G 127 14.93 -41.83 12.30
N THR G 128 15.12 -42.63 11.26
CA THR G 128 14.04 -43.32 10.58
C THR G 128 14.48 -44.75 10.28
N THR G 129 13.58 -45.69 10.53
CA THR G 129 13.82 -47.10 10.25
C THR G 129 13.08 -47.51 8.99
N VAL G 130 13.81 -48.10 8.05
CA VAL G 130 13.24 -48.62 6.82
C VAL G 130 13.39 -50.13 6.83
N THR G 131 12.35 -50.84 6.40
CA THR G 131 12.33 -52.29 6.36
C THR G 131 11.96 -52.74 4.96
N VAL G 132 12.78 -53.61 4.38
CA VAL G 132 12.59 -54.12 3.03
C VAL G 132 12.50 -55.63 3.11
N SER G 133 11.35 -56.18 2.71
CA SER G 133 11.12 -57.62 2.76
C SER G 133 10.15 -58.06 1.68
N VAL H 2 -32.36 -19.65 6.98
CA VAL H 2 -31.27 -20.61 7.12
C VAL H 2 -31.67 -21.98 6.55
N GLN H 3 -30.80 -22.57 5.75
CA GLN H 3 -31.05 -23.86 5.14
C GLN H 3 -29.78 -24.70 5.21
N LEU H 4 -29.96 -26.02 5.16
CA LEU H 4 -28.83 -26.95 5.18
C LEU H 4 -28.84 -27.80 3.93
N VAL H 5 -27.66 -27.92 3.31
CA VAL H 5 -27.46 -28.80 2.17
C VAL H 5 -26.64 -30.00 2.63
N GLN H 6 -27.04 -31.19 2.20
CA GLN H 6 -26.35 -32.40 2.56
C GLN H 6 -25.40 -32.81 1.43
N SER H 7 -24.89 -34.04 1.51
CA SER H 7 -24.07 -34.60 0.44
C SER H 7 -24.96 -35.40 -0.50
N GLY H 8 -24.34 -35.95 -1.54
CA GLY H 8 -25.08 -36.74 -2.51
C GLY H 8 -25.39 -38.13 -1.99
N ALA H 9 -26.36 -38.77 -2.65
CA ALA H 9 -26.82 -40.09 -2.25
C ALA H 9 -25.73 -41.13 -2.50
N GLU H 10 -25.76 -42.20 -1.70
CA GLU H 10 -24.69 -43.18 -1.68
C GLU H 10 -25.25 -44.59 -1.78
N VAL H 11 -24.62 -45.40 -2.62
CA VAL H 11 -24.86 -46.83 -2.68
C VAL H 11 -23.60 -47.52 -2.16
N ASN H 12 -23.78 -48.68 -1.53
CA ASN H 12 -22.63 -49.35 -0.92
C ASN H 12 -22.93 -50.83 -0.72
N LYS H 13 -21.88 -51.56 -0.36
CA LYS H 13 -21.89 -52.92 0.09
C LYS H 13 -21.67 -52.94 1.61
N PRO H 14 -22.15 -53.97 2.30
CA PRO H 14 -21.97 -54.02 3.77
C PRO H 14 -20.51 -54.20 4.17
N GLY H 15 -20.22 -53.79 5.39
CA GLY H 15 -18.90 -53.86 5.96
C GLY H 15 -18.08 -52.59 5.83
N SER H 16 -18.45 -51.70 4.93
CA SER H 16 -17.67 -50.49 4.67
C SER H 16 -18.14 -49.37 5.61
N SER H 17 -17.62 -48.16 5.38
CA SER H 17 -17.98 -46.99 6.16
C SER H 17 -18.48 -45.90 5.22
N VAL H 18 -19.55 -45.22 5.63
CA VAL H 18 -20.22 -44.22 4.81
C VAL H 18 -19.94 -42.85 5.39
N LYS H 19 -19.96 -41.82 4.53
CA LYS H 19 -19.81 -40.44 4.94
C LYS H 19 -20.94 -39.62 4.33
N VAL H 20 -21.62 -38.83 5.15
CA VAL H 20 -22.58 -37.85 4.68
C VAL H 20 -22.22 -36.49 5.28
N SER H 21 -22.24 -35.46 4.45
CA SER H 21 -21.95 -34.11 4.88
C SER H 21 -23.25 -33.37 5.16
N CYS H 22 -23.11 -32.21 5.80
CA CYS H 22 -24.25 -31.33 6.06
C CYS H 22 -23.69 -29.93 6.23
N GLN H 23 -23.80 -29.11 5.19
CA GLN H 23 -23.26 -27.77 5.22
C GLN H 23 -24.32 -26.79 5.68
N ALA H 24 -23.93 -25.85 6.53
CA ALA H 24 -24.82 -24.84 7.05
C ALA H 24 -24.67 -23.54 6.28
N SER H 25 -25.77 -22.80 6.19
CA SER H 25 -25.77 -21.51 5.51
C SER H 25 -25.48 -20.34 6.45
N GLY H 26 -25.36 -20.60 7.74
CA GLY H 26 -25.14 -19.55 8.72
C GLY H 26 -23.69 -19.07 8.73
N ALA H 27 -23.37 -18.32 9.78
CA ALA H 27 -22.04 -17.77 9.93
C ALA H 27 -21.14 -18.63 10.81
N THR H 28 -21.71 -19.34 11.78
CA THR H 28 -20.92 -20.26 12.58
C THR H 28 -21.81 -21.42 13.00
N LEU H 29 -21.17 -22.52 13.38
CA LEU H 29 -21.88 -23.68 13.85
C LEU H 29 -22.14 -23.65 15.34
N ASN H 30 -21.51 -22.72 16.06
CA ASN H 30 -21.60 -22.70 17.51
C ASN H 30 -22.95 -22.21 18.02
N SER H 31 -23.77 -21.62 17.16
CA SER H 31 -25.08 -21.17 17.57
C SER H 31 -26.16 -22.24 17.41
N HIS H 32 -25.79 -23.46 16.98
CA HIS H 32 -26.79 -24.46 16.65
C HIS H 32 -26.37 -25.83 17.15
N ALA H 33 -27.32 -26.54 17.76
CA ALA H 33 -27.07 -27.88 18.28
C ALA H 33 -27.52 -28.91 17.25
N PHE H 34 -26.56 -29.45 16.51
CA PHE H 34 -26.86 -30.32 15.38
C PHE H 34 -27.28 -31.71 15.83
N SER H 35 -27.97 -32.42 14.94
CA SER H 35 -28.58 -33.70 15.26
C SER H 35 -28.76 -34.52 13.99
N TRP H 36 -28.60 -35.83 14.11
CA TRP H 36 -28.69 -36.75 12.99
C TRP H 36 -29.80 -37.77 13.23
N VAL H 37 -30.84 -37.72 12.41
CA VAL H 37 -31.93 -38.67 12.49
C VAL H 37 -32.08 -39.38 11.15
N ARG H 38 -32.62 -40.59 11.21
CA ARG H 38 -32.77 -41.42 10.03
C ARG H 38 -34.20 -41.94 9.95
N GLN H 39 -34.53 -42.47 8.78
CA GLN H 39 -35.86 -43.01 8.51
C GLN H 39 -35.72 -44.17 7.54
N ALA H 40 -35.83 -45.39 8.05
CA ALA H 40 -36.02 -46.54 7.18
C ALA H 40 -37.35 -46.40 6.45
N PRO H 41 -37.42 -46.80 5.18
CA PRO H 41 -38.58 -46.48 4.34
C PRO H 41 -39.85 -47.16 4.82
N GLY H 42 -40.83 -46.36 5.20
CA GLY H 42 -42.09 -46.86 5.70
C GLY H 42 -42.16 -47.00 7.21
N GLN H 43 -41.04 -46.85 7.90
CA GLN H 43 -40.98 -47.05 9.33
C GLN H 43 -40.86 -45.71 10.05
N GLY H 44 -40.70 -45.78 11.37
CA GLY H 44 -40.69 -44.58 12.20
C GLY H 44 -39.37 -43.83 12.12
N LEU H 45 -39.25 -42.86 13.02
CA LEU H 45 -38.07 -42.03 13.15
C LEU H 45 -37.32 -42.38 14.42
N GLU H 46 -36.01 -42.17 14.39
CA GLU H 46 -35.19 -42.40 15.57
C GLU H 46 -33.99 -41.46 15.52
N TRP H 47 -33.38 -41.27 16.67
CA TRP H 47 -32.29 -40.33 16.82
C TRP H 47 -30.98 -41.09 16.92
N MET H 48 -30.08 -40.84 15.97
CA MET H 48 -28.79 -41.52 15.99
C MET H 48 -27.82 -40.85 16.96
N ALA H 49 -27.45 -39.61 16.67
CA ALA H 49 -26.40 -38.93 17.40
C ALA H 49 -26.62 -37.43 17.27
N GLY H 50 -25.69 -36.67 17.82
CA GLY H 50 -25.80 -35.23 17.76
C GLY H 50 -24.61 -34.58 18.42
N ILE H 51 -24.27 -33.40 17.92
CA ILE H 51 -23.10 -32.68 18.39
C ILE H 51 -23.54 -31.27 18.75
N ILE H 52 -22.91 -30.71 19.77
CA ILE H 52 -23.08 -29.31 20.13
C ILE H 52 -21.70 -28.69 20.18
N PRO H 53 -21.33 -27.80 19.26
CA PRO H 53 -19.98 -27.27 19.26
C PRO H 53 -19.74 -26.09 20.20
N ILE H 54 -20.78 -25.49 20.77
CA ILE H 54 -20.55 -24.42 21.74
C ILE H 54 -20.03 -24.98 23.05
N PHE H 55 -20.22 -26.26 23.31
CA PHE H 55 -19.65 -26.90 24.47
C PHE H 55 -18.67 -27.97 24.11
N GLY H 56 -18.49 -28.25 22.82
CA GLY H 56 -17.64 -29.33 22.40
C GLY H 56 -18.17 -30.71 22.72
N SER H 57 -19.42 -30.82 23.15
CA SER H 57 -19.98 -32.07 23.62
C SER H 57 -20.68 -32.79 22.47
N SER H 58 -20.62 -34.11 22.52
CA SER H 58 -21.31 -34.96 21.58
C SER H 58 -22.21 -35.90 22.35
N HIS H 59 -23.14 -36.52 21.64
CA HIS H 59 -24.07 -37.43 22.29
C HIS H 59 -24.37 -38.58 21.36
N TYR H 60 -24.48 -39.76 21.93
CA TYR H 60 -24.77 -40.95 21.15
C TYR H 60 -25.93 -41.70 21.78
N ALA H 61 -26.81 -42.21 20.94
CA ALA H 61 -27.82 -43.14 21.42
C ALA H 61 -27.15 -44.44 21.86
N GLN H 62 -27.76 -45.11 22.82
CA GLN H 62 -27.16 -46.31 23.40
C GLN H 62 -27.17 -47.49 22.43
N LYS H 63 -27.99 -47.46 21.40
CA LYS H 63 -28.01 -48.49 20.38
C LYS H 63 -26.98 -48.25 19.28
N PHE H 64 -26.24 -47.14 19.36
CA PHE H 64 -25.39 -46.74 18.24
C PHE H 64 -23.99 -46.37 18.70
N ARG H 65 -23.62 -46.72 19.92
CA ARG H 65 -22.28 -46.42 20.40
C ARG H 65 -21.25 -47.26 19.68
N GLY H 66 -20.12 -46.64 19.35
CA GLY H 66 -19.03 -47.31 18.66
C GLY H 66 -19.16 -47.33 17.15
N ARG H 67 -20.35 -47.60 16.64
CA ARG H 67 -20.56 -47.64 15.20
C ARG H 67 -20.59 -46.24 14.59
N VAL H 68 -20.91 -45.24 15.38
CA VAL H 68 -21.19 -43.89 14.90
C VAL H 68 -20.19 -42.92 15.50
N THR H 69 -19.65 -42.03 14.67
CA THR H 69 -18.89 -40.90 15.16
C THR H 69 -19.33 -39.65 14.41
N ILE H 70 -19.24 -38.51 15.10
CA ILE H 70 -19.65 -37.22 14.57
C ILE H 70 -18.46 -36.27 14.64
N SER H 71 -18.18 -35.61 13.54
CA SER H 71 -17.18 -34.56 13.51
C SER H 71 -17.77 -33.34 12.83
N ALA H 72 -17.37 -32.17 13.32
CA ALA H 72 -17.86 -30.90 12.76
C ALA H 72 -16.66 -30.03 12.47
N ASP H 73 -16.61 -29.45 11.28
CA ASP H 73 -15.53 -28.57 10.88
C ASP H 73 -16.06 -27.15 10.86
N GLU H 74 -15.53 -26.32 11.77
CA GLU H 74 -15.99 -24.94 11.88
C GLU H 74 -15.53 -24.08 10.72
N SER H 75 -14.36 -24.38 10.16
CA SER H 75 -13.80 -23.54 9.11
C SER H 75 -14.57 -23.67 7.80
N THR H 76 -15.21 -24.81 7.57
CA THR H 76 -16.03 -25.00 6.38
C THR H 76 -17.51 -25.00 6.67
N ARG H 77 -17.89 -25.00 7.96
CA ARG H 77 -19.28 -25.05 8.43
C ARG H 77 -20.01 -26.26 7.85
N THR H 78 -19.44 -27.43 8.07
CA THR H 78 -19.98 -28.69 7.60
C THR H 78 -20.02 -29.67 8.75
N VAL H 79 -21.18 -30.25 9.00
CA VAL H 79 -21.29 -31.34 9.97
C VAL H 79 -21.07 -32.65 9.23
N TYR H 80 -20.16 -33.47 9.75
CA TYR H 80 -19.84 -34.74 9.13
C TYR H 80 -20.40 -35.89 9.96
N LEU H 81 -20.79 -36.96 9.30
CA LEU H 81 -21.18 -38.19 9.95
C LEU H 81 -20.45 -39.35 9.27
N HIS H 82 -19.74 -40.14 10.07
CA HIS H 82 -19.16 -41.39 9.62
C HIS H 82 -19.82 -42.52 10.38
N LEU H 83 -20.32 -43.51 9.65
CA LEU H 83 -20.95 -44.68 10.24
C LEU H 83 -20.12 -45.90 9.87
N ARG H 84 -19.59 -46.58 10.88
CA ARG H 84 -18.78 -47.76 10.69
C ARG H 84 -19.58 -49.00 11.05
N GLY H 85 -19.31 -50.08 10.33
CA GLY H 85 -20.08 -51.30 10.49
C GLY H 85 -21.39 -51.28 9.72
N LEU H 86 -21.28 -51.17 8.40
CA LEU H 86 -22.47 -51.17 7.56
C LEU H 86 -23.10 -52.56 7.50
N ARG H 87 -24.39 -52.63 7.85
CA ARG H 87 -25.13 -53.89 7.76
C ARG H 87 -26.41 -53.68 6.96
N SER H 88 -27.31 -54.65 7.04
CA SER H 88 -28.43 -54.74 6.09
C SER H 88 -29.48 -53.65 6.31
N ASP H 89 -29.84 -53.39 7.57
CA ASP H 89 -30.97 -52.51 7.87
C ASP H 89 -30.64 -51.04 7.74
N ASP H 90 -29.43 -50.68 7.34
CA ASP H 90 -29.03 -49.28 7.21
C ASP H 90 -29.46 -48.67 5.88
N THR H 91 -30.27 -49.38 5.09
CA THR H 91 -30.87 -48.82 3.89
C THR H 91 -31.93 -47.83 4.32
N ALA H 92 -31.55 -46.55 4.42
CA ALA H 92 -32.46 -45.54 4.91
C ALA H 92 -32.02 -44.18 4.37
N VAL H 93 -32.84 -43.19 4.63
CA VAL H 93 -32.51 -41.80 4.36
C VAL H 93 -32.09 -41.14 5.66
N TYR H 94 -31.04 -40.32 5.61
CA TYR H 94 -30.53 -39.63 6.76
C TYR H 94 -30.95 -38.17 6.74
N TYR H 95 -30.92 -37.52 7.90
CA TYR H 95 -31.29 -36.12 8.01
C TYR H 95 -30.42 -35.43 9.04
N CYS H 96 -29.97 -34.22 8.72
N CYS H 96 -30.08 -34.17 8.78
CA CYS H 96 -29.25 -33.39 9.68
CA CYS H 96 -29.25 -33.36 9.63
C CYS H 96 -30.17 -32.25 10.11
C CYS H 96 -30.06 -32.17 10.13
N ALA H 97 -30.41 -32.17 11.41
CA ALA H 97 -31.31 -31.17 11.97
C ALA H 97 -30.63 -30.44 13.12
N SER H 98 -31.13 -29.25 13.42
CA SER H 98 -30.48 -28.40 14.40
C SER H 98 -31.47 -27.38 14.93
N ASN H 99 -31.20 -26.92 16.14
CA ASN H 99 -32.01 -25.90 16.79
C ASN H 99 -31.10 -24.83 17.36
N SER H 100 -31.70 -23.70 17.72
CA SER H 100 -30.94 -22.61 18.30
C SER H 100 -30.48 -22.96 19.70
N ILE H 101 -29.18 -22.80 19.94
CA ILE H 101 -28.60 -23.14 21.24
C ILE H 101 -28.83 -22.06 22.26
N ALA H 102 -29.25 -20.86 21.85
CA ALA H 102 -29.29 -19.67 22.69
C ALA H 102 -30.32 -19.72 23.80
N GLY H 103 -31.06 -20.80 23.96
CA GLY H 103 -32.06 -20.84 25.01
C GLY H 103 -31.54 -21.15 26.38
N VAL H 104 -30.24 -21.38 26.53
CA VAL H 104 -29.67 -21.68 27.84
C VAL H 104 -28.94 -20.49 28.44
N ALA H 105 -29.03 -19.33 27.80
CA ALA H 105 -28.51 -18.13 28.42
C ALA H 105 -29.34 -17.72 29.63
N ALA H 106 -30.62 -18.10 29.66
CA ALA H 106 -31.48 -17.82 30.79
C ALA H 106 -31.46 -18.94 31.82
N ALA H 107 -30.38 -19.70 31.91
CA ALA H 107 -30.28 -20.78 32.87
C ALA H 107 -29.68 -20.29 34.18
N GLY H 108 -29.63 -21.17 35.17
CA GLY H 108 -29.16 -20.82 36.48
C GLY H 108 -27.65 -20.79 36.59
N ASP H 109 -27.05 -19.71 36.08
CA ASP H 109 -25.61 -19.45 36.10
C ASP H 109 -24.80 -20.58 35.44
N TYS H 110 -24.40 -21.55 36.25
CA TYS H 110 -23.68 -22.70 35.76
CB TYS H 110 -22.95 -23.43 36.88
CG TYS H 110 -21.97 -22.54 37.59
CD1 TYS H 110 -20.66 -22.44 37.13
CD2 TYS H 110 -22.36 -21.84 38.73
CE1 TYS H 110 -19.75 -21.63 37.80
CE2 TYS H 110 -21.45 -21.02 39.38
CZ TYS H 110 -20.14 -20.91 38.92
OH TYS H 110 -19.22 -20.12 39.56
S TYS H 110 -19.20 -19.92 41.09
O1 TYS H 110 -17.70 -19.44 41.56
O2 TYS H 110 -19.49 -21.14 41.80
O3 TYS H 110 -20.16 -18.93 41.45
C TYS H 110 -24.66 -23.62 35.10
O TYS H 110 -25.56 -24.13 35.80
N ALA H 111 -24.52 -23.84 33.80
CA ALA H 111 -25.43 -24.72 33.09
C ALA H 111 -25.04 -26.18 33.31
N ASP H 112 -24.98 -26.95 32.23
CA ASP H 112 -24.50 -28.32 32.31
C ASP H 112 -23.77 -28.60 31.03
N TYS H 113 -22.48 -28.88 31.14
CA TYS H 113 -21.62 -28.87 29.99
CB TYS H 113 -20.29 -28.22 30.33
CG TYS H 113 -20.54 -26.74 30.48
CD1 TYS H 113 -20.83 -26.20 31.72
CD2 TYS H 113 -20.49 -25.93 29.35
CE1 TYS H 113 -21.07 -24.84 31.83
CE2 TYS H 113 -20.73 -24.58 29.47
CZ TYS H 113 -21.02 -24.04 30.71
OH TYS H 113 -21.24 -22.70 30.79
S TYS H 113 -20.77 -21.87 31.96
O1 TYS H 113 -19.27 -22.34 32.40
O2 TYS H 113 -21.67 -21.99 33.06
O3 TYS H 113 -20.72 -20.51 31.53
C TYS H 113 -21.40 -30.25 29.51
O TYS H 113 -20.39 -30.52 28.82
N ASP H 114 -22.31 -31.14 29.86
CA ASP H 114 -22.30 -32.50 29.36
C ASP H 114 -23.73 -32.87 29.06
N GLY H 115 -24.65 -32.01 29.48
CA GLY H 115 -26.06 -32.28 29.36
C GLY H 115 -26.55 -32.18 27.92
N GLY H 116 -27.85 -32.39 27.78
CA GLY H 116 -28.44 -32.44 26.47
C GLY H 116 -29.35 -31.28 26.17
N TYR H 117 -29.01 -30.51 25.15
CA TYR H 117 -29.79 -29.36 24.74
C TYR H 117 -30.34 -29.53 23.33
N TYR H 118 -30.70 -30.77 22.98
CA TYR H 118 -31.40 -31.04 21.73
C TYR H 118 -32.89 -30.99 22.02
N TYR H 119 -33.59 -30.05 21.38
CA TYR H 119 -35.02 -29.95 21.51
C TYR H 119 -35.54 -29.23 20.27
N ASP H 120 -36.71 -29.67 19.81
CA ASP H 120 -37.64 -29.01 18.87
C ASP H 120 -36.96 -28.26 17.71
N MET H 121 -36.13 -28.99 16.99
CA MET H 121 -35.42 -28.45 15.84
C MET H 121 -36.38 -28.18 14.69
N ASP H 122 -35.98 -27.27 13.80
CA ASP H 122 -36.73 -27.09 12.57
C ASP H 122 -35.86 -26.75 11.36
N VAL H 123 -34.61 -27.19 11.33
CA VAL H 123 -33.71 -26.75 10.25
C VAL H 123 -33.29 -28.06 9.59
N TRP H 124 -34.26 -28.95 9.38
CA TRP H 124 -34.00 -30.22 8.70
C TRP H 124 -33.50 -29.99 7.29
N GLY H 125 -32.38 -30.62 6.95
CA GLY H 125 -31.85 -30.57 5.61
C GLY H 125 -32.67 -31.43 4.67
N GLN H 126 -32.26 -31.42 3.40
CA GLN H 126 -33.06 -32.08 2.37
C GLN H 126 -32.98 -33.60 2.44
N GLY H 127 -31.97 -34.15 3.11
CA GLY H 127 -31.88 -35.58 3.27
C GLY H 127 -30.88 -36.22 2.31
N THR H 128 -30.45 -37.41 2.69
CA THR H 128 -29.55 -38.22 1.86
C THR H 128 -29.93 -39.68 1.99
N THR H 129 -30.21 -40.31 0.86
CA THR H 129 -30.56 -41.72 0.82
C THR H 129 -29.29 -42.56 0.75
N VAL H 130 -29.11 -43.43 1.73
CA VAL H 130 -27.99 -44.35 1.77
C VAL H 130 -28.54 -45.77 1.65
N THR H 131 -28.12 -46.48 0.61
CA THR H 131 -28.59 -47.82 0.31
C THR H 131 -27.41 -48.78 0.41
N VAL H 132 -27.58 -49.85 1.16
CA VAL H 132 -26.58 -50.90 1.27
C VAL H 132 -27.03 -52.05 0.38
N SER H 133 -26.09 -52.90 -0.03
CA SER H 133 -26.42 -54.03 -0.89
C SER H 133 -25.82 -55.33 -0.39
N GLN I 1 -39.33 -50.93 19.14
CA GLN I 1 -38.31 -49.92 19.35
C GLN I 1 -38.93 -48.58 19.72
N SER I 2 -40.26 -48.56 19.77
CA SER I 2 -40.99 -47.35 20.15
C SER I 2 -41.03 -47.26 21.67
N ILE I 3 -40.15 -46.43 22.24
CA ILE I 3 -40.18 -46.20 23.67
C ILE I 3 -41.40 -45.37 24.05
N LEU I 4 -41.75 -44.40 23.20
CA LEU I 4 -42.99 -43.68 23.38
C LEU I 4 -44.12 -44.48 22.74
N THR I 5 -45.24 -44.58 23.45
CA THR I 5 -46.37 -45.37 22.98
C THR I 5 -47.35 -44.47 22.23
N GLN I 6 -46.91 -44.02 21.09
CA GLN I 6 -47.82 -43.32 20.19
C GLN I 6 -48.72 -44.33 19.49
N PRO I 7 -50.02 -44.07 19.40
CA PRO I 7 -50.90 -44.90 18.58
C PRO I 7 -50.54 -44.74 17.11
N PRO I 8 -50.65 -45.82 16.32
CA PRO I 8 -50.12 -45.77 14.94
C PRO I 8 -50.94 -44.92 14.00
N SER I 9 -52.24 -44.78 14.25
CA SER I 9 -53.08 -43.95 13.39
C SER I 9 -54.27 -43.45 14.19
N VAL I 10 -54.64 -42.19 13.96
CA VAL I 10 -55.90 -41.64 14.45
C VAL I 10 -56.71 -41.22 13.23
N SER I 11 -58.03 -41.19 13.38
CA SER I 11 -58.92 -40.96 12.26
C SER I 11 -60.16 -40.20 12.73
N ALA I 12 -60.58 -39.23 11.93
CA ALA I 12 -61.82 -38.51 12.14
C ALA I 12 -62.26 -37.89 10.82
N ALA I 13 -63.53 -37.50 10.77
CA ALA I 13 -64.06 -36.83 9.59
C ALA I 13 -63.47 -35.43 9.49
N PRO I 14 -63.37 -34.87 8.28
CA PRO I 14 -62.84 -33.50 8.13
C PRO I 14 -63.72 -32.46 8.80
N GLY I 15 -63.11 -31.67 9.68
CA GLY I 15 -63.84 -30.68 10.44
C GLY I 15 -64.11 -31.04 11.89
N GLN I 16 -63.31 -31.92 12.49
CA GLN I 16 -63.54 -32.40 13.84
C GLN I 16 -62.25 -32.30 14.65
N LYS I 17 -62.30 -32.85 15.86
CA LYS I 17 -61.17 -32.84 16.79
C LYS I 17 -60.54 -34.22 16.81
N VAL I 18 -59.21 -34.26 16.78
CA VAL I 18 -58.47 -35.49 16.99
C VAL I 18 -57.57 -35.31 18.21
N THR I 19 -57.18 -36.44 18.80
CA THR I 19 -56.18 -36.46 19.85
C THR I 19 -55.09 -37.44 19.46
N ILE I 20 -53.86 -37.12 19.83
CA ILE I 20 -52.70 -37.98 19.59
C ILE I 20 -51.92 -38.07 20.89
N SER I 21 -51.83 -39.26 21.44
CA SER I 21 -51.18 -39.46 22.72
C SER I 21 -49.70 -39.77 22.53
N CYS I 22 -48.90 -39.31 23.49
CA CYS I 22 -47.46 -39.55 23.50
C CYS I 22 -47.11 -39.89 24.94
N SER I 23 -47.16 -41.18 25.27
CA SER I 23 -47.05 -41.64 26.65
C SER I 23 -45.65 -42.19 26.90
N GLY I 24 -44.99 -41.67 27.94
CA GLY I 24 -43.66 -42.11 28.26
C GLY I 24 -43.38 -42.21 29.75
N SER I 25 -42.12 -42.44 30.10
CA SER I 25 -41.73 -42.64 31.49
C SER I 25 -41.58 -41.29 32.18
N SER I 26 -41.08 -41.31 33.41
CA SER I 26 -40.80 -40.10 34.16
C SER I 26 -39.37 -39.62 33.97
N SER I 27 -38.75 -39.97 32.85
CA SER I 27 -37.42 -39.48 32.52
C SER I 27 -37.35 -38.95 31.09
N ASN I 28 -38.47 -38.85 30.41
CA ASN I 28 -38.45 -38.27 29.07
C ASN I 28 -39.52 -37.19 28.93
N ILE I 29 -40.64 -37.36 29.63
CA ILE I 29 -41.75 -36.42 29.57
C ILE I 29 -42.06 -35.82 30.94
N GLY I 30 -42.05 -36.63 31.99
CA GLY I 30 -42.31 -36.15 33.33
C GLY I 30 -41.29 -35.16 33.86
N ASN I 31 -40.09 -35.13 33.29
CA ASN I 31 -39.09 -34.12 33.64
C ASN I 31 -38.78 -33.16 32.50
N ASN I 32 -39.04 -33.52 31.26
CA ASN I 32 -38.62 -32.73 30.12
C ASN I 32 -39.84 -32.21 29.36
N ASP I 33 -39.58 -31.62 28.20
CA ASP I 33 -40.61 -31.06 27.35
C ASP I 33 -40.96 -32.02 26.21
N VAL I 34 -42.04 -31.71 25.50
CA VAL I 34 -42.41 -32.49 24.33
C VAL I 34 -42.43 -31.57 23.12
N SER I 35 -42.37 -32.17 21.94
CA SER I 35 -42.52 -31.47 20.69
C SER I 35 -43.26 -32.38 19.72
N TRP I 36 -43.67 -31.83 18.58
CA TRP I 36 -44.38 -32.61 17.58
C TRP I 36 -43.89 -32.21 16.20
N TYR I 37 -43.77 -33.18 15.31
CA TYR I 37 -43.23 -32.95 13.98
C TYR I 37 -44.15 -33.56 12.94
N GLN I 38 -44.27 -32.89 11.80
CA GLN I 38 -45.14 -33.31 10.72
C GLN I 38 -44.30 -33.65 9.50
N GLN I 39 -44.60 -34.77 8.87
CA GLN I 39 -43.87 -35.22 7.69
C GLN I 39 -44.82 -35.78 6.65
N PHE I 40 -44.90 -35.14 5.50
CA PHE I 40 -45.55 -35.78 4.37
C PHE I 40 -44.66 -36.91 3.87
N PRO I 41 -45.27 -38.02 3.40
CA PRO I 41 -44.47 -39.16 2.94
C PRO I 41 -43.63 -38.85 1.70
N GLY I 42 -42.31 -38.89 1.87
CA GLY I 42 -41.39 -38.54 0.81
C GLY I 42 -40.67 -37.24 1.07
N THR I 43 -41.40 -36.24 1.57
CA THR I 43 -40.81 -34.94 1.83
C THR I 43 -40.13 -34.93 3.20
N VAL I 44 -39.38 -33.86 3.45
CA VAL I 44 -38.63 -33.71 4.71
C VAL I 44 -39.61 -33.39 5.82
N PRO I 45 -39.35 -33.80 7.05
CA PRO I 45 -40.28 -33.50 8.14
C PRO I 45 -40.26 -32.03 8.51
N LYS I 46 -41.26 -31.62 9.28
CA LYS I 46 -41.37 -30.22 9.68
C LYS I 46 -41.88 -30.13 11.11
N LEU I 47 -41.24 -29.29 11.90
CA LEU I 47 -41.69 -29.03 13.26
C LEU I 47 -43.02 -28.30 13.23
N VAL I 48 -43.96 -28.74 14.07
CA VAL I 48 -45.28 -28.10 14.10
C VAL I 48 -45.60 -27.55 15.49
N ILE I 49 -45.08 -28.17 16.54
CA ILE I 49 -45.35 -27.75 17.91
C ILE I 49 -44.04 -27.78 18.68
N TYR I 50 -43.61 -26.62 19.19
CA TYR I 50 -42.42 -26.53 20.02
C TYR I 50 -42.79 -25.93 21.37
N GLU I 51 -42.04 -26.36 22.40
CA GLU I 51 -42.21 -25.92 23.79
C GLU I 51 -43.63 -26.26 24.28
N ASN I 52 -44.13 -27.41 23.85
CA ASN I 52 -45.33 -28.12 24.32
C ASN I 52 -46.65 -27.44 24.00
N ASN I 53 -46.66 -26.17 23.62
CA ASN I 53 -47.93 -25.53 23.27
C ASN I 53 -47.83 -24.46 22.20
N GLU I 54 -46.66 -24.19 21.63
CA GLU I 54 -46.50 -23.06 20.74
C GLU I 54 -46.32 -23.55 19.30
N ARG I 55 -46.56 -22.63 18.37
CA ARG I 55 -46.43 -22.95 16.97
C ARG I 55 -45.46 -21.96 16.32
N PRO I 56 -44.66 -22.42 15.36
CA PRO I 56 -43.83 -21.49 14.60
C PRO I 56 -44.66 -20.65 13.64
N SER I 57 -43.98 -19.69 13.02
CA SER I 57 -44.64 -18.84 12.04
C SER I 57 -44.87 -19.62 10.75
N GLY I 58 -46.13 -19.75 10.37
CA GLY I 58 -46.52 -20.57 9.26
C GLY I 58 -47.32 -21.79 9.64
N ILE I 59 -47.84 -21.86 10.86
CA ILE I 59 -48.58 -23.01 11.36
C ILE I 59 -49.96 -22.52 11.79
N PRO I 60 -51.05 -23.15 11.36
CA PRO I 60 -52.38 -22.76 11.83
C PRO I 60 -52.56 -23.07 13.31
N ASP I 61 -53.44 -22.30 13.94
CA ASP I 61 -53.65 -22.40 15.38
C ASP I 61 -54.65 -23.50 15.75
N ARG I 62 -54.91 -24.44 14.84
CA ARG I 62 -55.73 -25.59 15.18
C ARG I 62 -54.94 -26.64 15.95
N PHE I 63 -53.62 -26.61 15.88
CA PHE I 63 -52.78 -27.57 16.58
C PHE I 63 -52.53 -27.08 17.99
N SER I 64 -52.97 -27.86 18.97
CA SER I 64 -52.78 -27.53 20.37
C SER I 64 -52.09 -28.68 21.08
N GLY I 65 -51.37 -28.36 22.14
CA GLY I 65 -50.63 -29.35 22.88
C GLY I 65 -50.81 -29.17 24.37
N SER I 66 -50.56 -30.25 25.10
CA SER I 66 -50.59 -30.23 26.56
C SER I 66 -49.66 -31.32 27.07
N LYS I 67 -49.14 -31.12 28.26
CA LYS I 67 -48.28 -32.09 28.93
C LYS I 67 -48.90 -32.42 30.26
N SER I 68 -49.48 -33.62 30.37
CA SER I 68 -50.24 -34.01 31.55
C SER I 68 -49.58 -35.22 32.19
N GLY I 69 -49.04 -35.03 33.39
CA GLY I 69 -48.42 -36.11 34.13
C GLY I 69 -47.14 -36.60 33.49
N THR I 70 -47.21 -37.78 32.89
CA THR I 70 -46.08 -38.35 32.16
C THR I 70 -46.36 -38.51 30.68
N SER I 71 -47.51 -38.02 30.20
N SER I 71 -47.51 -38.02 30.20
CA SER I 71 -47.88 -38.16 28.79
CA SER I 71 -47.88 -38.16 28.79
C SER I 71 -48.23 -36.79 28.23
C SER I 71 -48.24 -36.79 28.23
N ALA I 72 -48.38 -36.74 26.90
CA ALA I 72 -48.68 -35.51 26.20
C ALA I 72 -49.74 -35.76 25.15
N THR I 73 -50.60 -34.76 24.95
CA THR I 73 -51.70 -34.84 24.00
C THR I 73 -51.53 -33.74 22.95
N LEU I 74 -51.61 -34.12 21.68
CA LEU I 74 -51.70 -33.17 20.59
C LEU I 74 -53.12 -33.15 20.07
N GLY I 75 -53.70 -31.95 19.96
CA GLY I 75 -55.05 -31.82 19.47
C GLY I 75 -55.18 -30.94 18.24
N ILE I 76 -55.83 -31.46 17.21
CA ILE I 76 -56.10 -30.72 15.98
C ILE I 76 -57.60 -30.49 15.91
N THR I 77 -58.05 -29.30 16.27
CA THR I 77 -59.46 -28.95 16.26
C THR I 77 -59.85 -28.46 14.88
N GLY I 78 -60.85 -29.08 14.27
CA GLY I 78 -61.23 -28.68 12.93
C GLY I 78 -60.28 -29.24 11.89
N LEU I 79 -60.31 -30.57 11.74
CA LEU I 79 -59.41 -31.24 10.82
C LEU I 79 -59.74 -30.88 9.38
N GLN I 80 -58.71 -30.51 8.62
CA GLN I 80 -58.86 -30.20 7.21
C GLN I 80 -58.35 -31.37 6.37
N THR I 81 -58.50 -31.23 5.05
CA THR I 81 -58.06 -32.29 4.15
C THR I 81 -56.59 -32.23 3.82
N GLY I 82 -55.94 -31.09 4.04
CA GLY I 82 -54.54 -30.93 3.68
C GLY I 82 -53.56 -31.35 4.75
N ASP I 83 -54.03 -32.14 5.72
CA ASP I 83 -53.19 -32.65 6.79
C ASP I 83 -52.77 -34.10 6.56
N GLU I 84 -52.73 -34.55 5.30
CA GLU I 84 -52.43 -35.94 4.98
C GLU I 84 -50.94 -36.20 5.14
N ALA I 85 -50.53 -36.40 6.39
CA ALA I 85 -49.15 -36.66 6.74
C ALA I 85 -49.12 -37.58 7.95
N ASP I 86 -47.98 -37.68 8.62
CA ASP I 86 -47.90 -38.41 9.87
C ASP I 86 -47.09 -37.61 10.89
N TYR I 87 -47.37 -37.88 12.17
CA TYR I 87 -46.83 -37.09 13.26
C TYR I 87 -45.91 -37.92 14.14
N TYR I 88 -44.94 -37.25 14.74
CA TYR I 88 -44.01 -37.86 15.67
C TYR I 88 -43.81 -36.94 16.86
N CYS I 89 -43.79 -37.52 18.05
N CYS I 89 -43.67 -37.53 18.05
CA CYS I 89 -43.47 -36.76 19.26
CA CYS I 89 -43.48 -36.82 19.29
C CYS I 89 -42.02 -37.05 19.63
C CYS I 89 -42.06 -37.06 19.79
N GLY I 90 -41.26 -36.00 19.89
CA GLY I 90 -39.85 -36.14 20.20
C GLY I 90 -39.36 -35.38 21.41
N THR I 91 -38.92 -36.12 22.44
CA THR I 91 -38.42 -35.56 23.69
C THR I 91 -36.99 -36.03 23.90
N TRP I 92 -36.40 -35.53 24.98
CA TRP I 92 -35.09 -35.96 25.44
C TRP I 92 -35.30 -36.94 26.58
N ASP I 93 -34.80 -38.17 26.43
CA ASP I 93 -34.83 -39.14 27.52
C ASP I 93 -33.56 -38.97 28.34
N SER I 94 -33.71 -38.55 29.59
CA SER I 94 -32.57 -38.27 30.45
C SER I 94 -31.86 -39.55 30.86
N SER I 95 -32.62 -40.60 31.18
CA SER I 95 -32.02 -41.84 31.64
C SER I 95 -31.28 -42.54 30.52
N LEU I 96 -31.83 -42.52 29.31
CA LEU I 96 -31.17 -43.13 28.18
C LEU I 96 -30.12 -42.23 27.55
N SER I 97 -30.11 -40.95 27.93
CA SER I 97 -29.16 -39.94 27.44
C SER I 97 -29.19 -39.81 25.92
N ALA I 98 -30.40 -39.72 25.38
CA ALA I 98 -30.58 -39.59 23.94
C ALA I 98 -31.95 -38.99 23.67
N VAL I 99 -32.07 -38.33 22.52
CA VAL I 99 -33.38 -37.91 22.04
C VAL I 99 -34.18 -39.15 21.68
N VAL I 100 -35.44 -39.18 22.08
CA VAL I 100 -36.28 -40.34 21.88
C VAL I 100 -37.54 -39.88 21.14
N PHE I 101 -37.98 -40.70 20.20
CA PHE I 101 -39.11 -40.38 19.37
C PHE I 101 -40.27 -41.30 19.72
N GLY I 102 -41.35 -41.19 18.95
CA GLY I 102 -42.45 -42.13 19.01
C GLY I 102 -42.51 -42.98 17.75
N GLY I 103 -43.42 -43.95 17.78
CA GLY I 103 -43.58 -44.82 16.63
C GLY I 103 -44.20 -44.16 15.42
N GLY I 104 -44.93 -43.07 15.62
CA GLY I 104 -45.59 -42.41 14.52
C GLY I 104 -47.09 -42.40 14.66
N SER I 105 -47.74 -41.39 14.10
CA SER I 105 -49.20 -41.29 14.14
C SER I 105 -49.67 -40.71 12.82
N LYS I 106 -50.19 -41.57 11.95
CA LYS I 106 -50.67 -41.18 10.63
C LYS I 106 -52.14 -40.83 10.73
N VAL I 107 -52.45 -39.55 10.63
CA VAL I 107 -53.85 -39.13 10.61
C VAL I 107 -54.42 -39.41 9.23
N THR I 108 -55.72 -39.71 9.20
CA THR I 108 -56.40 -40.07 7.96
C THR I 108 -57.71 -39.30 7.86
N VAL I 109 -57.98 -38.75 6.68
CA VAL I 109 -59.22 -38.03 6.44
C VAL I 109 -60.32 -39.03 6.10
N LEU I 110 -61.54 -38.73 6.53
CA LEU I 110 -62.68 -39.58 6.20
C LEU I 110 -63.75 -38.79 5.45
N GLN J 1 32.61 -53.65 8.28
CA GLN J 1 33.98 -53.30 7.93
C GLN J 1 34.11 -51.79 8.05
N SER J 2 35.22 -51.36 8.65
CA SER J 2 35.57 -49.96 8.74
C SER J 2 37.03 -49.79 8.34
N ILE J 3 37.32 -48.66 7.70
CA ILE J 3 38.70 -48.33 7.37
C ILE J 3 39.46 -47.92 8.61
N LEU J 4 38.79 -47.20 9.51
CA LEU J 4 39.37 -46.89 10.82
C LEU J 4 39.24 -48.10 11.72
N THR J 5 40.32 -48.85 11.86
CA THR J 5 40.31 -50.06 12.68
C THR J 5 40.41 -49.69 14.15
N GLN J 6 39.51 -50.24 14.94
CA GLN J 6 39.43 -50.02 16.39
C GLN J 6 39.26 -51.35 17.10
N PRO J 7 39.62 -51.41 18.37
CA PRO J 7 39.12 -52.50 19.21
C PRO J 7 37.62 -52.36 19.39
N PRO J 8 36.86 -53.46 19.26
CA PRO J 8 35.39 -53.34 19.28
C PRO J 8 34.83 -53.00 20.64
N SER J 9 35.54 -53.28 21.73
CA SER J 9 35.09 -52.93 23.06
C SER J 9 36.28 -52.82 23.99
N VAL J 10 36.29 -51.76 24.79
CA VAL J 10 37.27 -51.59 25.87
C VAL J 10 36.51 -51.15 27.11
N SER J 11 36.98 -51.58 28.27
CA SER J 11 36.23 -51.39 29.51
C SER J 11 37.18 -51.45 30.70
N ALA J 12 36.73 -50.85 31.80
CA ALA J 12 37.47 -50.86 33.05
C ALA J 12 36.50 -50.63 34.19
N ALA J 13 37.03 -50.59 35.41
CA ALA J 13 36.24 -50.31 36.59
C ALA J 13 35.81 -48.84 36.60
N PRO J 14 34.75 -48.52 37.35
CA PRO J 14 34.40 -47.10 37.53
C PRO J 14 35.43 -46.40 38.41
N GLY J 15 35.97 -45.28 37.91
CA GLY J 15 36.92 -44.47 38.65
C GLY J 15 38.32 -44.41 38.08
N GLN J 16 38.52 -44.78 36.82
CA GLN J 16 39.85 -44.87 36.21
C GLN J 16 39.88 -44.07 34.91
N LYS J 17 40.92 -44.31 34.12
CA LYS J 17 41.13 -43.66 32.83
C LYS J 17 41.27 -44.74 31.75
N VAL J 18 40.52 -44.61 30.66
CA VAL J 18 40.57 -45.56 29.57
C VAL J 18 40.85 -44.79 28.28
N THR J 19 41.56 -45.44 27.36
CA THR J 19 41.96 -44.81 26.10
C THR J 19 41.45 -45.65 24.93
N ILE J 20 40.79 -44.98 23.98
CA ILE J 20 40.29 -45.60 22.76
C ILE J 20 41.14 -45.12 21.59
N SER J 21 41.54 -46.05 20.72
CA SER J 21 42.41 -45.73 19.60
C SER J 21 41.65 -45.80 18.27
N CYS J 22 41.92 -44.81 17.42
CA CYS J 22 41.39 -44.74 16.06
C CYS J 22 42.57 -44.82 15.11
N SER J 23 42.71 -45.94 14.40
CA SER J 23 43.84 -46.20 13.55
C SER J 23 43.38 -46.23 12.10
N GLY J 24 43.90 -45.32 11.30
CA GLY J 24 43.59 -45.28 9.89
C GLY J 24 44.84 -45.26 9.04
N SER J 25 44.99 -44.22 8.23
CA SER J 25 46.19 -44.01 7.43
C SER J 25 46.67 -42.58 7.63
N SER J 26 47.60 -42.13 6.79
CA SER J 26 47.94 -40.72 6.78
C SER J 26 46.90 -39.88 6.06
N SER J 27 46.17 -40.48 5.13
CA SER J 27 45.22 -39.75 4.28
C SER J 27 43.85 -39.59 4.91
N ASN J 28 43.66 -40.02 6.15
CA ASN J 28 42.38 -39.81 6.80
C ASN J 28 42.55 -39.28 8.21
N ILE J 29 43.71 -39.53 8.81
CA ILE J 29 44.00 -39.06 10.16
C ILE J 29 45.12 -38.02 10.16
N GLY J 30 46.19 -38.28 9.43
CA GLY J 30 47.32 -37.37 9.43
C GLY J 30 47.10 -36.12 8.60
N ASN J 31 46.16 -36.16 7.66
CA ASN J 31 45.86 -35.01 6.81
C ASN J 31 44.47 -34.46 7.06
N ASN J 32 43.75 -34.96 8.06
CA ASN J 32 42.43 -34.49 8.37
C ASN J 32 42.26 -34.48 9.88
N ASP J 33 41.04 -34.23 10.35
CA ASP J 33 40.72 -34.19 11.76
C ASP J 33 39.67 -35.24 12.07
N VAL J 34 39.65 -35.70 13.33
CA VAL J 34 38.73 -36.74 13.73
C VAL J 34 37.68 -36.12 14.64
N SER J 35 36.60 -36.87 14.83
CA SER J 35 35.49 -36.45 15.69
C SER J 35 34.90 -37.67 16.37
N TRP J 36 34.80 -37.63 17.69
CA TRP J 36 34.32 -38.76 18.46
C TRP J 36 32.87 -38.53 18.87
N TYR J 37 32.03 -39.53 18.64
CA TYR J 37 30.60 -39.43 18.89
C TYR J 37 30.18 -40.47 19.90
N GLN J 38 29.29 -40.06 20.81
CA GLN J 38 28.76 -40.94 21.84
C GLN J 38 27.35 -41.33 21.45
N GLN J 39 27.07 -42.64 21.44
CA GLN J 39 25.75 -43.16 21.11
C GLN J 39 25.25 -44.04 22.23
N PHE J 40 24.20 -43.59 22.91
CA PHE J 40 23.49 -44.47 23.81
C PHE J 40 22.72 -45.50 22.99
N PRO J 41 22.67 -46.76 23.43
CA PRO J 41 22.15 -47.84 22.59
C PRO J 41 20.64 -47.72 22.37
N GLY J 42 20.24 -47.71 21.10
CA GLY J 42 18.85 -47.61 20.72
C GLY J 42 18.40 -46.22 20.33
N THR J 43 19.20 -45.19 20.60
CA THR J 43 18.75 -43.83 20.34
C THR J 43 19.79 -43.04 19.55
N VAL J 44 19.57 -41.72 19.46
CA VAL J 44 20.33 -40.85 18.55
C VAL J 44 21.71 -40.60 19.16
N PRO J 45 22.78 -40.71 18.38
CA PRO J 45 24.12 -40.44 18.91
C PRO J 45 24.33 -38.96 19.20
N LYS J 46 25.48 -38.67 19.80
CA LYS J 46 25.82 -37.30 20.20
C LYS J 46 27.32 -37.10 20.08
N LEU J 47 27.72 -35.90 19.67
CA LEU J 47 29.13 -35.57 19.50
C LEU J 47 29.72 -35.13 20.82
N VAL J 48 30.92 -35.62 21.14
CA VAL J 48 31.57 -35.25 22.40
C VAL J 48 32.96 -34.67 22.20
N ILE J 49 33.62 -34.99 21.10
CA ILE J 49 34.98 -34.53 20.85
C ILE J 49 35.09 -34.06 19.41
N TYR J 50 35.50 -32.80 19.23
CA TYR J 50 35.75 -32.28 17.90
C TYR J 50 37.13 -31.63 17.89
N GLU J 51 37.68 -31.45 16.68
CA GLU J 51 38.94 -30.74 16.38
C GLU J 51 40.13 -31.47 17.03
N ASN J 52 39.93 -32.74 17.39
CA ASN J 52 40.80 -33.75 17.98
C ASN J 52 41.11 -33.50 19.45
N ASN J 53 40.84 -32.31 20.00
CA ASN J 53 41.08 -32.09 21.41
C ASN J 53 40.08 -31.13 22.04
N GLU J 54 38.94 -30.90 21.41
CA GLU J 54 38.00 -29.89 21.90
C GLU J 54 36.66 -30.53 22.18
N ARG J 55 35.96 -29.99 23.17
CA ARG J 55 34.66 -30.51 23.56
C ARG J 55 33.60 -29.42 23.37
N PRO J 56 32.39 -29.79 22.99
CA PRO J 56 31.31 -28.82 22.89
C PRO J 56 30.84 -28.38 24.28
N SER J 57 30.09 -27.28 24.29
CA SER J 57 29.49 -26.76 25.51
C SER J 57 28.30 -27.65 25.86
N GLY J 58 28.50 -28.53 26.84
CA GLY J 58 27.48 -29.48 27.20
C GLY J 58 28.07 -30.85 27.43
N ILE J 59 29.37 -30.96 27.23
CA ILE J 59 30.13 -32.18 27.47
C ILE J 59 31.26 -31.84 28.44
N PRO J 60 31.35 -32.50 29.59
CA PRO J 60 32.36 -32.13 30.58
C PRO J 60 33.76 -32.51 30.16
N ASP J 61 34.72 -32.06 30.96
CA ASP J 61 36.15 -32.21 30.67
C ASP J 61 36.72 -33.57 31.05
N ARG J 62 35.89 -34.57 31.30
CA ARG J 62 36.39 -35.92 31.60
C ARG J 62 36.65 -36.74 30.35
N PHE J 63 36.60 -36.12 29.17
CA PHE J 63 36.97 -36.75 27.92
C PHE J 63 38.05 -35.91 27.25
N SER J 64 39.19 -36.53 26.97
CA SER J 64 40.32 -35.86 26.36
C SER J 64 40.75 -36.61 25.11
N GLY J 65 41.42 -35.91 24.20
CA GLY J 65 41.81 -36.51 22.95
C GLY J 65 43.17 -36.05 22.49
N SER J 66 43.69 -36.78 21.50
CA SER J 66 44.97 -36.45 20.86
C SER J 66 44.99 -37.13 19.50
N LYS J 67 45.82 -36.58 18.61
CA LYS J 67 45.94 -37.10 17.25
C LYS J 67 47.40 -37.03 16.85
N SER J 68 48.06 -38.18 16.84
CA SER J 68 49.48 -38.27 16.51
C SER J 68 49.61 -39.08 15.22
N GLY J 69 49.59 -38.37 14.08
CA GLY J 69 49.75 -38.99 12.78
C GLY J 69 48.58 -39.86 12.36
N THR J 70 48.80 -41.18 12.34
CA THR J 70 47.74 -42.13 12.06
C THR J 70 46.91 -42.43 13.31
N SER J 71 47.57 -42.44 14.48
N SER J 71 47.57 -42.44 14.48
CA SER J 71 46.87 -42.72 15.73
CA SER J 71 46.88 -42.70 15.73
C SER J 71 46.03 -41.54 16.16
C SER J 71 46.03 -41.52 16.15
N ALA J 72 44.77 -41.81 16.48
CA ALA J 72 43.83 -40.79 16.97
C ALA J 72 43.22 -41.32 18.26
N THR J 73 43.59 -40.72 19.37
CA THR J 73 43.26 -41.25 20.69
C THR J 73 42.14 -40.44 21.33
N LEU J 74 41.37 -41.11 22.19
CA LEU J 74 40.37 -40.49 23.03
C LEU J 74 40.55 -41.01 24.44
N GLY J 75 40.79 -40.11 25.38
CA GLY J 75 40.99 -40.51 26.76
C GLY J 75 39.82 -40.15 27.66
N ILE J 76 39.18 -41.17 28.22
CA ILE J 76 38.01 -40.97 29.07
C ILE J 76 38.46 -41.11 30.52
N THR J 77 38.61 -39.98 31.20
CA THR J 77 39.01 -39.97 32.60
C THR J 77 37.79 -40.09 33.49
N GLY J 78 37.95 -40.79 34.62
CA GLY J 78 36.87 -40.91 35.57
C GLY J 78 35.69 -41.72 35.08
N LEU J 79 35.85 -43.03 34.98
CA LEU J 79 34.77 -43.90 34.50
C LEU J 79 33.60 -43.88 35.47
N GLN J 80 32.40 -43.76 34.91
CA GLN J 80 31.16 -43.75 35.66
C GLN J 80 30.17 -44.69 34.98
N THR J 81 29.00 -44.83 35.59
CA THR J 81 27.93 -45.63 35.01
C THR J 81 27.04 -44.85 34.06
N GLY J 82 27.15 -43.52 34.05
CA GLY J 82 26.40 -42.72 33.10
C GLY J 82 27.03 -42.60 31.74
N ASP J 83 28.22 -43.15 31.56
CA ASP J 83 28.93 -43.13 30.29
C ASP J 83 28.70 -44.40 29.49
N GLU J 84 27.67 -45.17 29.81
CA GLU J 84 27.41 -46.47 29.18
C GLU J 84 26.86 -46.24 27.77
N ALA J 85 27.78 -45.99 26.84
CA ALA J 85 27.39 -45.67 25.47
C ALA J 85 28.43 -46.24 24.53
N ASP J 86 28.32 -45.89 23.25
CA ASP J 86 29.20 -46.39 22.21
C ASP J 86 29.94 -45.23 21.56
N TYR J 87 31.21 -45.44 21.24
CA TYR J 87 32.10 -44.36 20.83
C TYR J 87 32.68 -44.65 19.45
N TYR J 88 32.44 -43.74 18.51
CA TYR J 88 32.87 -43.91 17.12
C TYR J 88 33.81 -42.78 16.71
N CYS J 89 34.86 -43.14 16.00
CA CYS J 89 35.77 -42.19 15.37
C CYS J 89 35.32 -41.92 13.94
N GLY J 90 35.27 -40.65 13.57
CA GLY J 90 34.85 -40.27 12.24
C GLY J 90 35.72 -39.17 11.67
N THR J 91 36.09 -39.34 10.40
CA THR J 91 37.00 -38.41 9.75
C THR J 91 36.78 -38.44 8.24
N TRP J 92 37.49 -37.57 7.55
CA TRP J 92 37.42 -37.44 6.11
C TRP J 92 38.59 -38.20 5.50
N ASP J 93 38.27 -39.13 4.61
CA ASP J 93 39.30 -39.85 3.88
C ASP J 93 39.37 -39.30 2.47
N SER J 94 40.49 -38.66 2.14
CA SER J 94 40.62 -37.94 0.88
C SER J 94 40.76 -38.88 -0.31
N SER J 95 41.31 -40.08 -0.09
CA SER J 95 41.47 -41.02 -1.19
C SER J 95 40.12 -41.56 -1.65
N LEU J 96 39.28 -41.97 -0.70
CA LEU J 96 37.95 -42.47 -1.05
C LEU J 96 36.97 -41.35 -1.32
N SER J 97 37.32 -40.10 -0.98
CA SER J 97 36.48 -38.91 -1.14
C SER J 97 35.14 -39.06 -0.41
N ALA J 98 35.21 -39.49 0.85
CA ALA J 98 34.01 -39.65 1.66
C ALA J 98 34.41 -39.63 3.12
N VAL J 99 33.42 -39.45 3.98
CA VAL J 99 33.59 -39.60 5.41
C VAL J 99 33.61 -41.07 5.75
N VAL J 100 34.58 -41.50 6.52
CA VAL J 100 34.65 -42.87 7.01
C VAL J 100 34.42 -42.85 8.51
N PHE J 101 33.75 -43.86 9.01
CA PHE J 101 33.52 -44.00 10.43
C PHE J 101 34.38 -45.15 10.97
N GLY J 102 34.17 -45.49 12.23
CA GLY J 102 34.89 -46.57 12.87
C GLY J 102 33.99 -47.74 13.24
N GLY J 103 34.62 -48.79 13.73
CA GLY J 103 33.93 -49.96 14.21
C GLY J 103 33.32 -49.83 15.58
N GLY J 104 33.47 -48.67 16.22
CA GLY J 104 32.88 -48.44 17.52
C GLY J 104 33.72 -49.00 18.65
N SER J 105 33.36 -48.58 19.86
CA SER J 105 33.99 -49.10 21.07
C SER J 105 32.95 -49.06 22.18
N LYS J 106 32.70 -50.21 22.79
CA LYS J 106 31.65 -50.36 23.78
C LYS J 106 32.27 -50.43 25.16
N VAL J 107 31.78 -49.62 26.08
CA VAL J 107 32.28 -49.59 27.45
C VAL J 107 31.27 -50.24 28.37
N THR J 108 31.79 -50.90 29.41
CA THR J 108 30.98 -51.56 30.44
C THR J 108 31.66 -51.36 31.78
N VAL J 109 30.87 -51.05 32.81
CA VAL J 109 31.41 -50.90 34.16
C VAL J 109 31.57 -52.27 34.81
N LEU J 110 32.56 -52.38 35.69
CA LEU J 110 32.76 -53.59 36.48
C LEU J 110 32.97 -53.24 37.96
N VAL K 2 12.29 -9.66 -40.16
CA VAL K 2 11.40 -10.80 -40.01
C VAL K 2 11.91 -11.98 -40.87
N GLN K 3 11.92 -13.17 -40.28
CA GLN K 3 12.42 -14.34 -40.98
C GLN K 3 11.74 -15.58 -40.42
N LEU K 4 11.17 -16.39 -41.30
CA LEU K 4 10.50 -17.62 -40.88
C LEU K 4 11.49 -18.77 -40.92
N VAL K 5 11.78 -19.33 -39.76
CA VAL K 5 12.62 -20.53 -39.71
C VAL K 5 11.72 -21.74 -39.75
N GLN K 6 12.26 -22.86 -40.23
CA GLN K 6 11.52 -24.10 -40.38
C GLN K 6 12.20 -25.18 -39.55
N SER K 7 11.76 -26.41 -39.76
CA SER K 7 12.33 -27.56 -39.05
C SER K 7 13.60 -28.02 -39.74
N GLY K 8 14.08 -29.20 -39.36
CA GLY K 8 15.24 -29.80 -39.98
C GLY K 8 14.88 -30.67 -41.15
N ALA K 9 15.78 -31.58 -41.48
CA ALA K 9 15.53 -32.53 -42.56
C ALA K 9 14.51 -33.57 -42.11
N GLU K 10 13.93 -34.26 -43.09
CA GLU K 10 12.83 -35.18 -42.82
C GLU K 10 12.97 -36.42 -43.70
N VAL K 11 12.99 -37.59 -43.07
CA VAL K 11 12.91 -38.87 -43.77
C VAL K 11 11.69 -39.62 -43.27
N ASN K 12 11.16 -40.49 -44.11
CA ASN K 12 9.95 -41.21 -43.74
C ASN K 12 9.81 -42.47 -44.59
N LYS K 13 8.82 -43.28 -44.22
CA LYS K 13 8.34 -44.47 -44.90
C LYS K 13 6.86 -44.30 -45.21
N PRO K 14 6.37 -44.89 -46.30
CA PRO K 14 4.97 -44.66 -46.70
C PRO K 14 3.98 -45.29 -45.73
N GLY K 15 2.78 -44.72 -45.73
CA GLY K 15 1.75 -45.10 -44.78
C GLY K 15 1.81 -44.35 -43.46
N SER K 16 2.65 -43.33 -43.35
CA SER K 16 2.83 -42.58 -42.12
C SER K 16 2.41 -41.13 -42.34
N SER K 17 2.46 -40.35 -41.25
CA SER K 17 2.05 -38.96 -41.24
C SER K 17 3.21 -38.09 -40.83
N VAL K 18 3.44 -37.01 -41.56
CA VAL K 18 4.53 -36.07 -41.32
C VAL K 18 3.94 -34.76 -40.81
N LYS K 19 4.64 -34.14 -39.86
CA LYS K 19 4.23 -32.84 -39.32
C LYS K 19 5.46 -31.92 -39.32
N VAL K 20 5.59 -31.12 -40.36
CA VAL K 20 6.69 -30.18 -40.48
C VAL K 20 6.20 -28.82 -40.01
N SER K 21 7.13 -28.00 -39.52
CA SER K 21 6.78 -26.75 -38.85
C SER K 21 7.49 -25.58 -39.51
N CYS K 22 6.95 -24.39 -39.26
CA CYS K 22 7.56 -23.14 -39.71
C CYS K 22 7.26 -22.09 -38.68
N GLN K 23 8.28 -21.68 -37.92
CA GLN K 23 8.12 -20.70 -36.86
C GLN K 23 8.34 -19.30 -37.42
N ALA K 24 7.45 -18.38 -37.09
CA ALA K 24 7.59 -17.00 -37.51
C ALA K 24 8.51 -16.26 -36.55
N SER K 25 8.77 -14.99 -36.87
CA SER K 25 9.61 -14.17 -36.00
C SER K 25 9.03 -12.79 -35.80
N GLY K 26 7.72 -12.63 -35.95
CA GLY K 26 7.07 -11.38 -35.69
C GLY K 26 6.42 -11.36 -34.33
N ALA K 27 5.47 -10.44 -34.17
CA ALA K 27 4.73 -10.39 -32.91
C ALA K 27 3.60 -11.40 -32.88
N THR K 28 2.81 -11.46 -33.96
CA THR K 28 1.70 -12.37 -34.03
C THR K 28 1.59 -12.95 -35.43
N LEU K 29 0.70 -13.93 -35.57
CA LEU K 29 0.45 -14.53 -36.87
C LEU K 29 -0.51 -13.71 -37.69
N ASN K 30 -1.43 -13.00 -37.04
CA ASN K 30 -2.61 -12.44 -37.69
C ASN K 30 -2.27 -11.33 -38.66
N SER K 31 -1.08 -10.77 -38.62
CA SER K 31 -0.68 -9.81 -39.62
C SER K 31 -0.35 -10.46 -40.96
N HIS K 32 -0.19 -11.77 -41.01
CA HIS K 32 0.36 -12.42 -42.18
C HIS K 32 -0.53 -13.56 -42.62
N ALA K 33 -0.37 -13.95 -43.88
CA ALA K 33 -1.08 -15.08 -44.46
C ALA K 33 -0.08 -16.11 -44.95
N PHE K 34 -0.10 -17.28 -44.35
CA PHE K 34 0.91 -18.29 -44.62
C PHE K 34 0.43 -19.23 -45.71
N SER K 35 1.39 -19.89 -46.36
CA SER K 35 1.10 -20.87 -47.38
C SER K 35 2.28 -21.83 -47.50
N TRP K 36 1.97 -23.10 -47.75
CA TRP K 36 2.97 -24.15 -47.87
C TRP K 36 3.07 -24.55 -49.33
N VAL K 37 4.24 -24.37 -49.93
CA VAL K 37 4.46 -24.79 -51.29
C VAL K 37 5.48 -25.91 -51.29
N ARG K 38 5.67 -26.51 -52.46
CA ARG K 38 6.62 -27.61 -52.61
C ARG K 38 7.25 -27.56 -53.99
N GLN K 39 8.45 -28.14 -54.08
CA GLN K 39 9.18 -28.25 -55.32
C GLN K 39 9.77 -29.65 -55.41
N ALA K 40 9.19 -30.49 -56.25
CA ALA K 40 9.83 -31.75 -56.57
C ALA K 40 11.10 -31.49 -57.37
N PRO K 41 12.19 -32.23 -57.10
CA PRO K 41 13.49 -31.87 -57.69
C PRO K 41 13.54 -32.10 -59.19
N GLY K 42 13.56 -31.01 -59.94
CA GLY K 42 13.44 -31.06 -61.38
C GLY K 42 12.06 -30.74 -61.91
N GLN K 43 11.10 -30.45 -61.03
CA GLN K 43 9.75 -30.11 -61.42
C GLN K 43 9.40 -28.71 -60.96
N GLY K 44 8.25 -28.22 -61.42
CA GLY K 44 7.79 -26.91 -61.05
C GLY K 44 7.21 -26.86 -59.65
N LEU K 45 7.01 -25.65 -59.15
CA LEU K 45 6.45 -25.46 -57.84
C LEU K 45 4.94 -25.69 -57.86
N GLU K 46 4.35 -25.81 -56.67
CA GLU K 46 2.92 -26.05 -56.54
C GLU K 46 2.46 -25.55 -55.19
N TRP K 47 1.45 -24.69 -55.17
CA TRP K 47 0.87 -24.24 -53.92
C TRP K 47 0.08 -25.40 -53.32
N MET K 48 0.53 -25.89 -52.17
CA MET K 48 -0.15 -27.03 -51.57
C MET K 48 -1.30 -26.60 -50.67
N ALA K 49 -1.01 -25.87 -49.61
CA ALA K 49 -2.02 -25.39 -48.69
C ALA K 49 -1.80 -23.91 -48.42
N GLY K 50 -2.66 -23.35 -47.59
CA GLY K 50 -2.54 -21.95 -47.23
C GLY K 50 -3.51 -21.61 -46.13
N ILE K 51 -3.09 -20.70 -45.26
CA ILE K 51 -3.87 -20.37 -44.09
C ILE K 51 -3.74 -18.87 -43.86
N ILE K 52 -4.85 -18.26 -43.47
CA ILE K 52 -4.86 -16.88 -42.97
C ILE K 52 -5.52 -16.93 -41.60
N PRO K 53 -4.79 -16.65 -40.52
CA PRO K 53 -5.38 -16.82 -39.19
C PRO K 53 -6.33 -15.70 -38.79
N ILE K 54 -6.19 -14.50 -39.35
CA ILE K 54 -6.97 -13.37 -38.86
C ILE K 54 -8.42 -13.48 -39.32
N PHE K 55 -8.70 -14.27 -40.33
CA PHE K 55 -10.07 -14.51 -40.73
C PHE K 55 -10.56 -15.88 -40.33
N GLY K 56 -9.70 -16.70 -39.74
CA GLY K 56 -10.06 -18.06 -39.42
C GLY K 56 -10.28 -18.93 -40.63
N SER K 57 -9.64 -18.61 -41.75
CA SER K 57 -9.83 -19.34 -42.99
C SER K 57 -8.56 -20.08 -43.33
N SER K 58 -8.72 -21.20 -44.03
CA SER K 58 -7.60 -21.98 -44.54
C SER K 58 -7.98 -22.48 -45.91
N HIS K 59 -6.98 -22.84 -46.71
CA HIS K 59 -7.28 -23.19 -48.09
C HIS K 59 -6.37 -24.29 -48.59
N TYR K 60 -6.91 -25.13 -49.46
CA TYR K 60 -6.18 -26.22 -50.08
C TYR K 60 -6.49 -26.26 -51.57
N ALA K 61 -5.61 -26.90 -52.31
CA ALA K 61 -5.92 -27.24 -53.68
C ALA K 61 -6.89 -28.42 -53.71
N GLN K 62 -7.49 -28.64 -54.88
CA GLN K 62 -8.37 -29.81 -55.03
C GLN K 62 -7.54 -31.10 -55.05
N LYS K 63 -6.30 -31.02 -55.53
CA LYS K 63 -5.43 -32.20 -55.62
C LYS K 63 -5.08 -32.75 -54.24
N PHE K 64 -5.14 -31.92 -53.21
CA PHE K 64 -4.70 -32.30 -51.88
C PHE K 64 -5.82 -32.20 -50.85
N ARG K 65 -7.06 -32.03 -51.33
CA ARG K 65 -8.19 -31.79 -50.44
C ARG K 65 -8.53 -33.04 -49.65
N GLY K 66 -8.54 -32.91 -48.32
CA GLY K 66 -8.76 -34.03 -47.43
C GLY K 66 -7.48 -34.78 -47.07
N ARG K 67 -6.51 -34.82 -47.99
CA ARG K 67 -5.25 -35.47 -47.72
C ARG K 67 -4.38 -34.63 -46.78
N VAL K 68 -4.50 -33.31 -46.86
CA VAL K 68 -3.67 -32.38 -46.10
C VAL K 68 -4.54 -31.60 -45.14
N THR K 69 -4.07 -31.42 -43.91
CA THR K 69 -4.62 -30.43 -43.00
C THR K 69 -3.48 -29.60 -42.43
N ILE K 70 -3.82 -28.38 -42.03
CA ILE K 70 -2.83 -27.39 -41.63
C ILE K 70 -3.34 -26.65 -40.41
N SER K 71 -2.47 -26.44 -39.43
CA SER K 71 -2.85 -25.73 -38.21
C SER K 71 -1.77 -24.72 -37.86
N ALA K 72 -2.15 -23.73 -37.06
CA ALA K 72 -1.24 -22.64 -36.72
C ALA K 72 -1.31 -22.37 -35.23
N ASP K 73 -0.15 -22.24 -34.61
CA ASP K 73 -0.03 -21.94 -33.19
C ASP K 73 0.27 -20.46 -33.06
N GLU K 74 -0.72 -19.70 -32.58
CA GLU K 74 -0.55 -18.25 -32.42
C GLU K 74 0.21 -17.89 -31.16
N SER K 75 0.35 -18.83 -30.22
CA SER K 75 1.09 -18.53 -29.00
C SER K 75 2.59 -18.64 -29.20
N THR K 76 3.02 -19.59 -30.02
CA THR K 76 4.43 -19.77 -30.32
C THR K 76 4.80 -19.29 -31.72
N ARG K 77 3.84 -18.68 -32.44
CA ARG K 77 4.05 -18.10 -33.77
C ARG K 77 4.51 -19.14 -34.80
N THR K 78 3.97 -20.34 -34.72
CA THR K 78 4.31 -21.40 -35.65
C THR K 78 3.09 -21.85 -36.42
N VAL K 79 3.33 -22.28 -37.66
CA VAL K 79 2.33 -23.01 -38.42
C VAL K 79 2.78 -24.46 -38.50
N TYR K 80 1.81 -25.35 -38.66
CA TYR K 80 2.07 -26.78 -38.71
C TYR K 80 1.43 -27.36 -39.96
N LEU K 81 2.12 -28.29 -40.60
CA LEU K 81 1.68 -28.90 -41.84
C LEU K 81 1.60 -30.40 -41.67
N HIS K 82 0.38 -30.93 -41.59
CA HIS K 82 0.14 -32.36 -41.50
C HIS K 82 -0.14 -32.91 -42.89
N LEU K 83 0.54 -34.01 -43.23
CA LEU K 83 0.28 -34.72 -44.47
C LEU K 83 0.16 -36.20 -44.14
N ARG K 84 -1.05 -36.72 -44.23
CA ARG K 84 -1.33 -38.14 -44.10
C ARG K 84 -1.54 -38.72 -45.49
N GLY K 85 -1.65 -40.05 -45.55
CA GLY K 85 -1.76 -40.73 -46.84
C GLY K 85 -0.51 -40.60 -47.67
N LEU K 86 0.65 -40.66 -47.03
CA LEU K 86 1.92 -40.32 -47.66
C LEU K 86 2.37 -41.46 -48.56
N ARG K 87 2.25 -41.26 -49.87
CA ARG K 87 2.86 -42.16 -50.84
C ARG K 87 4.24 -41.65 -51.22
N SER K 88 4.96 -42.47 -51.98
CA SER K 88 6.41 -42.30 -52.10
C SER K 88 6.82 -41.13 -52.98
N ASP K 89 5.94 -40.66 -53.87
CA ASP K 89 6.31 -39.63 -54.84
C ASP K 89 6.18 -38.21 -54.29
N ASP K 90 6.16 -38.04 -52.98
CA ASP K 90 6.20 -36.71 -52.38
C ASP K 90 7.59 -36.35 -51.88
N THR K 91 8.62 -36.95 -52.47
CA THR K 91 10.00 -36.61 -52.14
C THR K 91 10.30 -35.25 -52.75
N ALA K 92 10.25 -34.21 -51.92
CA ALA K 92 10.42 -32.85 -52.39
C ALA K 92 10.92 -32.00 -51.23
N VAL K 93 11.04 -30.69 -51.48
CA VAL K 93 11.40 -29.71 -50.46
C VAL K 93 10.18 -28.86 -50.18
N TYR K 94 9.93 -28.57 -48.91
CA TYR K 94 8.75 -27.83 -48.49
C TYR K 94 9.16 -26.44 -48.00
N TYR K 95 8.45 -25.43 -48.47
CA TYR K 95 8.68 -24.05 -48.06
C TYR K 95 7.40 -23.49 -47.46
N CYS K 96 7.53 -22.77 -46.34
CA CYS K 96 6.44 -21.95 -45.84
C CYS K 96 6.59 -20.56 -46.45
N ALA K 97 5.47 -19.99 -46.89
CA ALA K 97 5.49 -18.75 -47.64
C ALA K 97 4.45 -17.80 -47.06
N SER K 98 4.89 -16.59 -46.71
CA SER K 98 4.06 -15.64 -46.01
C SER K 98 4.06 -14.29 -46.72
N ASN K 99 2.89 -13.70 -46.84
CA ASN K 99 2.73 -12.33 -47.27
C ASN K 99 2.00 -11.58 -46.18
N SER K 100 1.81 -10.28 -46.37
CA SER K 100 1.17 -9.43 -45.38
C SER K 100 -0.28 -9.19 -45.73
N ILE K 101 -1.15 -9.29 -44.72
CA ILE K 101 -2.58 -9.14 -44.93
C ILE K 101 -3.04 -7.71 -44.70
N ALA K 102 -2.12 -6.78 -44.47
CA ALA K 102 -2.50 -5.41 -44.17
C ALA K 102 -3.07 -4.66 -45.35
N GLY K 103 -3.06 -5.23 -46.55
CA GLY K 103 -3.64 -4.59 -47.70
C GLY K 103 -5.10 -4.89 -47.94
N VAL K 104 -5.74 -5.72 -47.12
CA VAL K 104 -7.14 -6.03 -47.31
C VAL K 104 -8.03 -5.07 -46.53
N ALA K 105 -7.46 -4.28 -45.61
CA ALA K 105 -8.25 -3.31 -44.87
C ALA K 105 -8.75 -2.17 -45.75
N ALA K 106 -8.09 -1.91 -46.88
CA ALA K 106 -8.52 -0.88 -47.80
C ALA K 106 -9.52 -1.38 -48.84
N ALA K 107 -10.26 -2.44 -48.53
CA ALA K 107 -11.23 -2.99 -49.46
C ALA K 107 -12.57 -2.25 -49.32
N GLY K 108 -13.59 -2.73 -50.01
CA GLY K 108 -14.88 -2.07 -50.02
C GLY K 108 -15.72 -2.36 -48.79
N ASP K 109 -15.32 -1.77 -47.66
CA ASP K 109 -15.95 -1.93 -46.34
C ASP K 109 -16.09 -3.39 -45.93
N TYS K 110 -17.12 -4.05 -46.46
CA TYS K 110 -17.38 -5.45 -46.18
CB TYS K 110 -18.78 -5.83 -46.59
CG TYS K 110 -19.81 -5.31 -45.62
CD1 TYS K 110 -20.24 -6.12 -44.58
CD2 TYS K 110 -20.33 -4.02 -45.75
CE1 TYS K 110 -21.19 -5.66 -43.67
CE2 TYS K 110 -21.27 -3.56 -44.85
CZ TYS K 110 -21.70 -4.37 -43.81
OH TYS K 110 -22.63 -3.92 -42.93
S TYS K 110 -24.05 -3.56 -43.38
O1 TYS K 110 -25.13 -3.94 -42.22
O2 TYS K 110 -24.36 -4.30 -44.56
O3 TYS K 110 -24.13 -2.16 -43.65
C TYS K 110 -16.39 -6.32 -46.89
O TYS K 110 -16.45 -6.43 -48.12
N ALA K 111 -15.47 -6.94 -46.15
CA ALA K 111 -14.49 -7.82 -46.75
C ALA K 111 -15.10 -9.16 -47.05
N ASP K 112 -14.30 -10.07 -47.61
CA ASP K 112 -14.76 -11.42 -47.88
C ASP K 112 -13.97 -12.39 -47.02
N TYS K 113 -14.57 -12.83 -45.92
CA TYS K 113 -13.89 -13.66 -44.96
CB TYS K 113 -14.65 -13.71 -43.65
CG TYS K 113 -14.71 -12.33 -43.04
CD1 TYS K 113 -15.84 -11.55 -43.24
CD2 TYS K 113 -13.66 -11.87 -42.29
CE1 TYS K 113 -15.90 -10.29 -42.67
CE2 TYS K 113 -13.73 -10.62 -41.72
CZ TYS K 113 -14.85 -9.82 -41.92
OH TYS K 113 -14.89 -8.58 -41.36
S TYS K 113 -15.62 -7.38 -41.93
O1 TYS K 113 -15.20 -6.27 -41.15
O2 TYS K 113 -17.23 -7.56 -41.81
O3 TYS K 113 -15.22 -7.15 -43.29
C TYS K 113 -13.74 -15.06 -45.48
O TYS K 113 -12.83 -15.78 -45.04
N ASP K 114 -14.61 -15.46 -46.39
CA ASP K 114 -14.50 -16.77 -47.00
C ASP K 114 -13.86 -16.64 -48.37
N GLY K 115 -12.85 -15.77 -48.47
CA GLY K 115 -12.11 -15.57 -49.68
C GLY K 115 -10.64 -15.92 -49.51
N GLY K 116 -9.88 -15.62 -50.56
CA GLY K 116 -8.46 -15.94 -50.55
C GLY K 116 -7.59 -14.73 -50.82
N TYR K 117 -6.58 -14.53 -50.00
CA TYR K 117 -5.71 -13.36 -50.12
C TYR K 117 -4.24 -13.77 -50.02
N TYR K 118 -3.85 -14.81 -50.76
CA TYR K 118 -2.44 -15.23 -50.84
C TYR K 118 -1.87 -14.66 -52.12
N TYR K 119 -1.00 -13.65 -51.99
CA TYR K 119 -0.38 -13.02 -53.14
C TYR K 119 0.84 -12.26 -52.67
N ASP K 120 1.88 -12.29 -53.52
CA ASP K 120 3.25 -11.78 -53.28
C ASP K 120 3.79 -12.06 -51.89
N MET K 121 3.96 -13.34 -51.58
CA MET K 121 4.77 -13.71 -50.43
C MET K 121 6.24 -13.37 -50.70
N ASP K 122 6.94 -12.90 -49.68
CA ASP K 122 8.38 -12.71 -49.83
C ASP K 122 9.17 -13.00 -48.57
N VAL K 123 8.64 -13.78 -47.64
CA VAL K 123 9.36 -14.08 -46.41
C VAL K 123 9.55 -15.60 -46.42
N TRP K 124 9.91 -16.13 -47.58
CA TRP K 124 10.22 -17.54 -47.76
C TRP K 124 11.17 -18.07 -46.69
N GLY K 125 10.83 -19.22 -46.13
CA GLY K 125 11.67 -19.86 -45.13
C GLY K 125 12.89 -20.51 -45.77
N GLN K 126 13.67 -21.17 -44.92
CA GLN K 126 14.94 -21.73 -45.38
C GLN K 126 14.78 -23.07 -46.08
N GLY K 127 13.68 -23.79 -45.85
CA GLY K 127 13.45 -25.04 -46.55
C GLY K 127 13.51 -26.28 -45.68
N THR K 128 12.59 -27.21 -45.95
CA THR K 128 12.60 -28.53 -45.31
C THR K 128 12.33 -29.57 -46.38
N THR K 129 13.32 -30.41 -46.65
CA THR K 129 13.12 -31.51 -47.58
C THR K 129 12.53 -32.71 -46.86
N VAL K 130 11.68 -33.44 -47.56
CA VAL K 130 11.09 -34.66 -47.04
C VAL K 130 11.38 -35.78 -48.03
N THR K 131 11.67 -36.97 -47.52
CA THR K 131 12.03 -38.14 -48.32
C THR K 131 11.26 -39.33 -47.78
N VAL K 132 10.33 -39.83 -48.58
CA VAL K 132 9.55 -41.01 -48.25
C VAL K 132 9.81 -42.08 -49.29
N SER K 133 10.06 -43.30 -48.83
CA SER K 133 10.46 -44.41 -49.69
C SER K 133 10.18 -45.75 -49.03
N GLN L 1 0.97 -30.07 -66.44
CA GLN L 1 -0.37 -30.28 -65.87
C GLN L 1 -0.87 -29.02 -65.17
N SER L 2 0.04 -28.05 -65.01
CA SER L 2 -0.32 -26.81 -64.34
C SER L 2 -1.25 -25.97 -65.19
N ILE L 3 -1.95 -25.04 -64.54
CA ILE L 3 -2.92 -24.23 -65.25
C ILE L 3 -2.22 -23.12 -66.02
N LEU L 4 -1.10 -22.63 -65.52
CA LEU L 4 -0.31 -21.63 -66.22
C LEU L 4 0.74 -22.32 -67.09
N THR L 5 0.85 -21.86 -68.33
CA THR L 5 1.82 -22.39 -69.28
C THR L 5 2.84 -21.31 -69.59
N GLN L 6 4.11 -21.67 -69.51
CA GLN L 6 5.23 -20.80 -69.87
C GLN L 6 6.10 -21.51 -70.88
N PRO L 7 6.89 -20.77 -71.65
CA PRO L 7 8.04 -21.38 -72.31
C PRO L 7 9.07 -21.81 -71.28
N PRO L 8 9.36 -23.11 -71.16
CA PRO L 8 10.21 -23.58 -70.06
C PRO L 8 11.68 -23.27 -70.21
N SER L 9 12.13 -22.80 -71.36
CA SER L 9 13.54 -22.49 -71.57
C SER L 9 13.64 -21.39 -72.62
N VAL L 10 13.97 -20.19 -72.18
CA VAL L 10 14.15 -19.07 -73.10
C VAL L 10 15.64 -18.87 -73.33
N SER L 11 15.95 -18.19 -74.44
CA SER L 11 17.34 -17.99 -74.84
C SER L 11 17.54 -16.53 -75.24
N ALA L 12 18.57 -15.90 -74.68
CA ALA L 12 18.82 -14.50 -74.98
C ALA L 12 20.29 -14.19 -74.75
N ALA L 13 20.85 -13.39 -75.65
CA ALA L 13 22.15 -12.77 -75.48
C ALA L 13 22.06 -11.65 -74.43
N PRO L 14 23.19 -11.23 -73.85
CA PRO L 14 23.15 -10.09 -72.94
C PRO L 14 22.86 -8.79 -73.67
N GLY L 15 21.90 -8.03 -73.15
CA GLY L 15 21.70 -6.65 -73.55
C GLY L 15 20.47 -6.34 -74.37
N GLN L 16 19.40 -7.14 -74.29
CA GLN L 16 18.17 -6.83 -75.02
C GLN L 16 16.98 -7.41 -74.25
N LYS L 17 15.80 -7.39 -74.88
CA LYS L 17 14.57 -7.80 -74.22
C LYS L 17 14.35 -9.31 -74.31
N VAL L 18 13.94 -9.91 -73.20
CA VAL L 18 13.38 -11.26 -73.19
C VAL L 18 11.98 -11.16 -72.58
N THR L 19 11.01 -11.78 -73.24
CA THR L 19 9.61 -11.70 -72.82
C THR L 19 9.16 -13.09 -72.41
N ILE L 20 9.21 -13.37 -71.12
CA ILE L 20 8.76 -14.64 -70.59
C ILE L 20 7.24 -14.59 -70.43
N SER L 21 6.54 -15.44 -71.18
CA SER L 21 5.09 -15.42 -71.19
C SER L 21 4.53 -16.32 -70.10
N CYS L 22 3.31 -16.01 -69.68
CA CYS L 22 2.58 -16.83 -68.71
C CYS L 22 1.11 -16.69 -69.07
N SER L 23 0.59 -17.64 -69.86
CA SER L 23 -0.79 -17.57 -70.30
C SER L 23 -1.71 -18.27 -69.31
N GLY L 24 -2.92 -17.76 -69.19
CA GLY L 24 -3.89 -18.29 -68.25
C GLY L 24 -5.27 -18.20 -68.83
N SER L 25 -6.25 -18.01 -67.96
CA SER L 25 -7.65 -17.95 -68.34
C SER L 25 -8.30 -16.78 -67.60
N SER L 26 -9.63 -16.75 -67.62
CA SER L 26 -10.34 -15.69 -66.91
C SER L 26 -10.28 -15.89 -65.41
N SER L 27 -10.42 -17.14 -64.94
CA SER L 27 -10.57 -17.40 -63.52
C SER L 27 -9.28 -17.25 -62.73
N ASN L 28 -8.13 -17.24 -63.39
CA ASN L 28 -6.86 -17.15 -62.67
C ASN L 28 -6.12 -15.85 -62.93
N ILE L 29 -6.13 -15.34 -64.15
CA ILE L 29 -5.44 -14.10 -64.48
C ILE L 29 -6.42 -12.99 -64.84
N GLY L 30 -7.47 -13.31 -65.60
CA GLY L 30 -8.38 -12.30 -66.12
C GLY L 30 -9.17 -11.55 -65.07
N ASN L 31 -9.32 -12.11 -63.87
CA ASN L 31 -10.02 -11.44 -62.78
C ASN L 31 -9.14 -11.27 -61.54
N ASN L 32 -7.85 -11.56 -61.64
CA ASN L 32 -6.96 -11.48 -60.50
C ASN L 32 -5.67 -10.81 -60.94
N ASP L 33 -4.67 -10.86 -60.07
CA ASP L 33 -3.34 -10.32 -60.36
C ASP L 33 -2.38 -11.47 -60.64
N VAL L 34 -1.16 -11.12 -61.04
CA VAL L 34 -0.09 -12.10 -61.23
C VAL L 34 1.10 -11.68 -60.39
N SER L 35 2.08 -12.57 -60.31
CA SER L 35 3.31 -12.29 -59.59
C SER L 35 4.41 -13.19 -60.12
N TRP L 36 5.65 -12.72 -60.03
CA TRP L 36 6.79 -13.42 -60.62
C TRP L 36 7.88 -13.59 -59.57
N TYR L 37 8.37 -14.81 -59.42
CA TYR L 37 9.40 -15.15 -58.46
C TYR L 37 10.62 -15.69 -59.19
N GLN L 38 11.78 -15.57 -58.53
CA GLN L 38 13.05 -16.00 -59.09
C GLN L 38 13.74 -16.94 -58.12
N GLN L 39 14.04 -18.15 -58.58
CA GLN L 39 14.68 -19.17 -57.74
C GLN L 39 15.98 -19.60 -58.41
N PHE L 40 17.09 -19.35 -57.75
CA PHE L 40 18.31 -20.00 -58.21
C PHE L 40 18.30 -21.46 -57.76
N PRO L 41 18.84 -22.36 -58.59
CA PRO L 41 18.77 -23.79 -58.25
C PRO L 41 19.63 -24.14 -57.04
N GLY L 42 19.01 -24.85 -56.09
CA GLY L 42 19.64 -25.15 -54.82
C GLY L 42 19.25 -24.23 -53.69
N THR L 43 18.59 -23.10 -53.99
CA THR L 43 18.22 -22.11 -52.99
C THR L 43 16.72 -21.88 -53.02
N VAL L 44 16.25 -21.12 -52.03
CA VAL L 44 14.84 -20.79 -51.87
C VAL L 44 14.50 -19.68 -52.86
N PRO L 45 13.26 -19.59 -53.33
CA PRO L 45 12.93 -18.59 -54.36
C PRO L 45 12.90 -17.18 -53.80
N LYS L 46 12.74 -16.23 -54.71
CA LYS L 46 12.75 -14.81 -54.37
C LYS L 46 11.79 -14.06 -55.27
N LEU L 47 10.87 -13.33 -54.66
CA LEU L 47 9.88 -12.56 -55.41
C LEU L 47 10.54 -11.33 -56.04
N VAL L 48 10.26 -11.10 -57.32
CA VAL L 48 10.85 -9.96 -58.01
C VAL L 48 9.82 -9.07 -58.71
N ILE L 49 8.64 -9.56 -59.06
CA ILE L 49 7.62 -8.76 -59.74
C ILE L 49 6.27 -9.12 -59.15
N TYR L 50 5.51 -8.11 -58.73
CA TYR L 50 4.21 -8.37 -58.14
C TYR L 50 3.23 -7.28 -58.52
N GLU L 51 1.95 -7.55 -58.22
CA GLU L 51 0.82 -6.64 -58.49
C GLU L 51 0.72 -6.27 -59.97
N ASN L 52 1.19 -7.19 -60.82
CA ASN L 52 1.32 -7.15 -62.28
C ASN L 52 2.36 -6.16 -62.79
N ASN L 53 2.87 -5.27 -61.94
CA ASN L 53 3.90 -4.34 -62.36
C ASN L 53 4.97 -4.04 -61.31
N GLU L 54 4.69 -4.20 -60.03
CA GLU L 54 5.50 -3.55 -59.00
C GLU L 54 6.79 -4.33 -58.76
N ARG L 55 7.68 -3.72 -57.98
CA ARG L 55 8.98 -4.27 -57.68
C ARG L 55 9.27 -4.06 -56.21
N PRO L 56 9.85 -5.05 -55.54
CA PRO L 56 10.24 -4.87 -54.14
C PRO L 56 11.51 -4.05 -53.99
N SER L 57 12.00 -3.95 -52.76
CA SER L 57 13.29 -3.31 -52.55
C SER L 57 14.41 -4.27 -52.94
N GLY L 58 15.51 -3.69 -53.42
CA GLY L 58 16.68 -4.49 -53.75
C GLY L 58 16.62 -5.20 -55.08
N ILE L 59 15.95 -4.61 -56.07
CA ILE L 59 15.94 -5.17 -57.42
C ILE L 59 16.11 -4.02 -58.40
N PRO L 60 16.97 -4.17 -59.42
CA PRO L 60 17.03 -3.15 -60.47
C PRO L 60 15.75 -3.13 -61.28
N ASP L 61 15.46 -1.97 -61.87
CA ASP L 61 14.25 -1.78 -62.66
C ASP L 61 14.37 -2.33 -64.07
N ARG L 62 15.38 -3.17 -64.35
CA ARG L 62 15.36 -3.97 -65.55
C ARG L 62 14.24 -5.00 -65.51
N PHE L 63 13.89 -5.47 -64.32
CA PHE L 63 12.78 -6.40 -64.17
C PHE L 63 11.46 -5.66 -64.38
N SER L 64 10.69 -6.10 -65.36
CA SER L 64 9.45 -5.42 -65.69
C SER L 64 8.36 -6.44 -65.97
N GLY L 65 7.17 -6.17 -65.45
CA GLY L 65 6.04 -7.05 -65.63
C GLY L 65 4.88 -6.32 -66.28
N SER L 66 4.01 -7.10 -66.94
CA SER L 66 2.82 -6.58 -67.58
C SER L 66 1.73 -7.64 -67.54
N LYS L 67 0.50 -7.22 -67.33
CA LYS L 67 -0.65 -8.11 -67.39
C LYS L 67 -1.42 -7.77 -68.65
N SER L 68 -1.07 -8.42 -69.75
CA SER L 68 -1.65 -8.15 -71.05
C SER L 68 -2.78 -9.16 -71.27
N GLY L 69 -3.98 -8.79 -70.84
CA GLY L 69 -5.12 -9.68 -71.00
C GLY L 69 -4.99 -10.89 -70.09
N THR L 70 -5.18 -12.08 -70.65
CA THR L 70 -5.02 -13.32 -69.91
C THR L 70 -3.61 -13.87 -69.99
N SER L 71 -2.63 -13.00 -70.25
CA SER L 71 -1.23 -13.39 -70.30
C SER L 71 -0.41 -12.42 -69.48
N ALA L 72 0.67 -12.94 -68.89
CA ALA L 72 1.59 -12.14 -68.12
C ALA L 72 2.97 -12.23 -68.76
N THR L 73 3.56 -11.07 -69.03
CA THR L 73 4.88 -10.99 -69.66
C THR L 73 5.85 -10.37 -68.68
N LEU L 74 6.97 -11.07 -68.44
CA LEU L 74 8.06 -10.55 -67.64
C LEU L 74 9.19 -10.12 -68.57
N GLY L 75 9.55 -8.84 -68.51
CA GLY L 75 10.56 -8.27 -69.40
C GLY L 75 11.82 -7.89 -68.64
N ILE L 76 12.97 -8.30 -69.19
CA ILE L 76 14.27 -7.98 -68.63
C ILE L 76 15.07 -7.21 -69.68
N THR L 77 15.72 -6.12 -69.26
CA THR L 77 16.70 -5.43 -70.08
C THR L 77 18.09 -5.77 -69.56
N GLY L 78 19.03 -6.00 -70.48
CA GLY L 78 20.40 -6.23 -70.08
C GLY L 78 20.62 -7.55 -69.37
N LEU L 79 20.53 -8.65 -70.11
CA LEU L 79 20.70 -9.98 -69.53
C LEU L 79 22.10 -10.17 -68.99
N GLN L 80 22.23 -11.11 -68.06
CA GLN L 80 23.49 -11.27 -67.35
C GLN L 80 23.63 -12.72 -66.90
N THR L 81 24.87 -13.12 -66.63
CA THR L 81 25.13 -14.41 -66.01
C THR L 81 24.58 -14.45 -64.59
N GLY L 82 24.65 -13.32 -63.89
CA GLY L 82 24.10 -13.21 -62.54
C GLY L 82 22.59 -13.27 -62.46
N ASP L 83 21.88 -13.24 -63.59
CA ASP L 83 20.44 -13.41 -63.63
C ASP L 83 20.02 -14.77 -64.15
N GLU L 84 20.97 -15.72 -64.26
CA GLU L 84 20.68 -17.04 -64.80
C GLU L 84 20.06 -17.91 -63.72
N ALA L 85 18.74 -17.82 -63.57
CA ALA L 85 18.01 -18.64 -62.63
C ALA L 85 16.71 -19.08 -63.29
N ASP L 86 15.81 -19.65 -62.51
CA ASP L 86 14.50 -20.03 -62.99
C ASP L 86 13.46 -19.03 -62.52
N TYR L 87 12.36 -18.93 -63.27
CA TYR L 87 11.30 -17.99 -62.98
C TYR L 87 9.98 -18.71 -62.86
N TYR L 88 9.06 -18.10 -62.12
CA TYR L 88 7.79 -18.76 -61.80
C TYR L 88 6.68 -17.71 -61.75
N CYS L 89 5.68 -17.90 -62.59
CA CYS L 89 4.50 -17.05 -62.63
C CYS L 89 3.41 -17.65 -61.74
N GLY L 90 2.78 -16.79 -60.95
CA GLY L 90 1.82 -17.24 -59.96
C GLY L 90 0.65 -16.30 -59.85
N THR L 91 -0.52 -16.88 -59.54
CA THR L 91 -1.76 -16.14 -59.44
C THR L 91 -2.73 -16.92 -58.58
N TRP L 92 -3.97 -16.46 -58.51
CA TRP L 92 -5.03 -17.10 -57.75
C TRP L 92 -6.15 -17.48 -58.70
N ASP L 93 -6.51 -18.77 -58.74
CA ASP L 93 -7.63 -19.22 -59.55
C ASP L 93 -8.88 -19.27 -58.69
N SER L 94 -9.87 -18.47 -59.06
CA SER L 94 -11.09 -18.38 -58.25
C SER L 94 -11.97 -19.60 -58.39
N SER L 95 -11.95 -20.27 -59.53
CA SER L 95 -12.80 -21.44 -59.72
C SER L 95 -12.27 -22.64 -58.94
N LEU L 96 -10.96 -22.82 -58.92
CA LEU L 96 -10.37 -23.90 -58.14
C LEU L 96 -10.21 -23.54 -56.68
N SER L 97 -10.32 -22.25 -56.34
CA SER L 97 -10.04 -21.70 -55.02
C SER L 97 -8.64 -22.11 -54.55
N ALA L 98 -7.66 -21.77 -55.38
CA ALA L 98 -6.30 -22.20 -55.11
C ALA L 98 -5.33 -21.26 -55.82
N VAL L 99 -4.19 -21.02 -55.19
CA VAL L 99 -3.06 -20.40 -55.87
C VAL L 99 -2.51 -21.41 -56.85
N VAL L 100 -2.34 -21.01 -58.09
CA VAL L 100 -1.69 -21.88 -59.07
C VAL L 100 -0.35 -21.28 -59.42
N PHE L 101 0.53 -22.12 -59.92
CA PHE L 101 1.86 -21.69 -60.33
C PHE L 101 2.06 -21.97 -61.81
N GLY L 102 3.23 -21.59 -62.30
CA GLY L 102 3.58 -21.84 -63.68
C GLY L 102 4.45 -23.07 -63.84
N GLY L 103 4.77 -23.37 -65.09
CA GLY L 103 5.63 -24.48 -65.40
C GLY L 103 7.11 -24.20 -65.33
N GLY L 104 7.50 -23.05 -64.82
CA GLY L 104 8.90 -22.71 -64.73
C GLY L 104 9.47 -22.19 -66.05
N SER L 105 10.56 -21.45 -65.94
CA SER L 105 11.24 -20.91 -67.12
C SER L 105 12.70 -20.68 -66.77
N LYS L 106 13.59 -21.46 -67.36
CA LYS L 106 15.02 -21.31 -67.14
C LYS L 106 15.60 -20.42 -68.24
N VAL L 107 16.13 -19.27 -67.86
CA VAL L 107 16.74 -18.37 -68.82
C VAL L 107 18.15 -18.86 -69.13
N THR L 108 18.55 -18.74 -70.39
CA THR L 108 19.89 -19.12 -70.83
C THR L 108 20.57 -17.91 -71.47
N VAL L 109 21.83 -17.72 -71.14
CA VAL L 109 22.61 -16.58 -71.62
C VAL L 109 23.49 -17.03 -72.77
N LEU L 110 23.74 -16.12 -73.71
CA LEU L 110 24.61 -16.39 -74.84
C LEU L 110 25.87 -15.53 -74.79
N ALA M 1 8.97 22.62 -0.43
CA ALA M 1 9.14 21.88 -1.67
C ALA M 1 8.51 22.63 -2.84
N VAL M 2 7.24 22.33 -3.12
CA VAL M 2 6.52 23.02 -4.18
C VAL M 2 5.80 24.26 -3.66
N GLY M 3 6.08 24.68 -2.43
CA GLY M 3 5.45 25.83 -1.82
C GLY M 3 6.40 26.96 -1.52
N ILE M 4 6.82 27.06 -0.26
CA ILE M 4 7.64 28.17 0.20
C ILE M 4 9.03 27.62 0.43
N GLY M 5 9.43 26.65 -0.36
CA GLY M 5 10.80 26.19 -0.32
C GLY M 5 11.62 26.86 -1.40
N ALA M 6 10.93 27.36 -2.43
CA ALA M 6 11.60 28.09 -3.49
C ALA M 6 11.84 29.52 -3.09
N VAL M 7 11.11 30.01 -2.08
CA VAL M 7 11.27 31.39 -1.64
C VAL M 7 12.54 31.52 -0.81
N PHE M 8 12.85 30.52 -0.01
CA PHE M 8 14.06 30.57 0.79
C PHE M 8 15.30 30.42 -0.06
N LEU M 9 15.17 29.80 -1.23
CA LEU M 9 16.32 29.66 -2.12
C LEU M 9 16.41 30.85 -3.07
N GLY M 10 15.26 31.43 -3.43
CA GLY M 10 15.24 32.62 -4.25
C GLY M 10 15.75 33.86 -3.58
N PHE M 11 15.86 33.85 -2.24
CA PHE M 11 16.55 34.93 -1.54
C PHE M 11 18.01 34.97 -1.90
N LEU M 12 18.59 33.82 -2.22
CA LEU M 12 20.03 33.69 -2.38
C LEU M 12 20.52 34.15 -3.75
N GLY M 13 19.61 34.51 -4.65
CA GLY M 13 20.01 35.17 -5.86
C GLY M 13 20.54 36.57 -5.57
N ALA M 14 21.44 37.02 -6.44
CA ALA M 14 22.17 38.28 -6.31
C ALA M 14 22.92 38.38 -4.98
N ALA M 15 23.54 37.29 -4.58
CA ALA M 15 24.68 37.37 -3.68
C ALA M 15 25.89 37.80 -4.47
N GLY M 16 26.83 38.45 -3.81
CA GLY M 16 27.94 39.03 -4.51
C GLY M 16 27.67 40.35 -5.18
N SER M 17 26.41 40.80 -5.24
CA SER M 17 26.10 42.15 -5.68
C SER M 17 26.26 43.10 -4.51
N THR M 18 26.15 44.39 -4.77
CA THR M 18 26.23 45.37 -3.71
C THR M 18 24.93 45.41 -2.92
N MET M 19 25.02 45.91 -1.69
CA MET M 19 23.90 45.84 -0.78
C MET M 19 22.75 46.74 -1.20
N GLY M 20 23.03 47.76 -2.01
CA GLY M 20 21.94 48.50 -2.64
C GLY M 20 21.24 47.68 -3.71
N ALA M 21 21.99 46.79 -4.37
CA ALA M 21 21.39 46.02 -5.46
C ALA M 21 20.52 44.90 -4.95
N ALA M 22 20.84 44.34 -3.78
CA ALA M 22 19.96 43.33 -3.19
C ALA M 22 18.68 43.97 -2.66
N SER M 23 18.78 45.19 -2.17
CA SER M 23 17.63 45.87 -1.59
C SER M 23 16.62 46.26 -2.66
N MET M 24 17.09 46.52 -3.88
CA MET M 24 16.17 46.80 -4.97
C MET M 24 15.41 45.55 -5.39
N THR M 25 15.99 44.37 -5.14
CA THR M 25 15.35 43.14 -5.56
C THR M 25 14.46 42.57 -4.47
N LEU M 26 14.46 43.18 -3.28
CA LEU M 26 13.79 42.59 -2.12
C LEU M 26 12.28 42.61 -2.26
N THR M 27 11.73 43.78 -2.61
CA THR M 27 10.28 43.91 -2.65
C THR M 27 9.70 43.41 -3.96
N VAL M 28 10.56 43.16 -4.96
CA VAL M 28 10.01 42.84 -6.27
C VAL M 28 10.02 41.34 -6.53
N GLN M 29 10.86 40.59 -5.82
CA GLN M 29 10.86 39.15 -5.99
C GLN M 29 9.77 38.49 -5.14
N ALA M 30 9.36 39.17 -4.09
CA ALA M 30 8.33 38.67 -3.24
C ALA M 30 7.00 39.23 -3.71
N ARG M 31 6.92 39.60 -4.98
CA ARG M 31 5.70 40.10 -5.61
C ARG M 31 5.42 39.14 -6.75
N ASN M 32 6.50 38.76 -7.44
CA ASN M 32 6.53 37.84 -8.58
C ASN M 32 6.51 36.36 -8.23
N LEU M 33 6.86 36.00 -7.01
CA LEU M 33 6.89 34.59 -6.66
C LEU M 33 6.71 34.22 -5.19
N LEU M 34 6.09 33.06 -4.99
CA LEU M 34 5.88 32.39 -3.70
C LEU M 34 5.33 30.95 -3.84
N ALA M 47 2.61 5.86 -16.65
CA ALA M 47 3.11 4.64 -16.04
C ALA M 47 1.96 3.67 -15.78
N PRO M 48 1.83 2.64 -16.62
CA PRO M 48 0.65 1.77 -16.57
C PRO M 48 0.78 0.63 -15.56
N GLU M 49 1.14 0.97 -14.33
CA GLU M 49 1.27 -0.04 -13.29
C GLU M 49 0.51 0.42 -12.05
N ALA M 50 -0.37 -0.44 -11.56
CA ALA M 50 -1.24 -0.06 -10.44
C ALA M 50 -0.49 0.01 -9.13
N GLN M 51 0.69 -0.61 -9.05
CA GLN M 51 1.45 -0.57 -7.82
C GLN M 51 2.17 0.75 -7.65
N GLN M 52 2.68 1.32 -8.75
CA GLN M 52 3.32 2.63 -8.65
C GLN M 52 2.29 3.72 -8.47
N HIS M 53 1.09 3.53 -9.01
CA HIS M 53 0.03 4.50 -8.81
C HIS M 53 -0.45 4.51 -7.36
N LEU M 54 -0.15 3.45 -6.61
CA LEU M 54 -0.50 3.45 -5.19
C LEU M 54 0.52 4.23 -4.37
N LEU M 55 1.81 3.97 -4.57
CA LEU M 55 2.84 4.62 -3.76
C LEU M 55 2.98 6.09 -4.14
N LYS M 56 2.64 6.43 -5.38
CA LYS M 56 2.69 7.82 -5.82
C LYS M 56 1.56 8.62 -5.20
N LEU M 57 0.58 7.92 -4.64
CA LEU M 57 -0.57 8.57 -4.04
C LEU M 57 -0.52 8.53 -2.53
N THR M 58 0.26 7.61 -1.96
CA THR M 58 0.07 7.33 -0.55
C THR M 58 1.29 7.59 0.32
N VAL M 59 2.48 7.10 -0.04
CA VAL M 59 3.63 7.35 0.82
C VAL M 59 4.57 8.35 0.18
N TRP M 60 4.63 8.42 -1.15
CA TRP M 60 5.28 9.56 -1.76
C TRP M 60 4.41 10.80 -1.72
N GLY M 61 3.14 10.66 -1.36
CA GLY M 61 2.31 11.83 -1.16
C GLY M 61 2.49 12.42 0.22
N ILE M 62 2.66 11.56 1.22
CA ILE M 62 2.86 12.05 2.58
C ILE M 62 4.22 12.71 2.70
N LYS M 63 5.24 12.10 2.13
CA LYS M 63 6.60 12.58 2.31
C LYS M 63 6.87 13.90 1.61
N GLN M 64 6.05 14.28 0.65
CA GLN M 64 6.13 15.63 0.11
C GLN M 64 5.25 16.60 0.85
N LEU M 65 4.35 16.11 1.70
CA LEU M 65 3.59 17.01 2.55
C LEU M 65 4.22 17.15 3.91
N GLN M 66 5.24 16.34 4.20
CA GLN M 66 6.02 16.59 5.38
C GLN M 66 7.11 17.58 5.11
N ALA M 67 7.31 17.94 3.85
CA ALA M 67 8.29 18.93 3.48
C ALA M 67 7.66 20.24 3.06
N ARG M 68 6.35 20.24 2.84
CA ARG M 68 5.70 21.51 2.56
C ARG M 68 5.24 22.18 3.84
N VAL M 69 5.02 21.40 4.90
CA VAL M 69 4.68 21.98 6.18
C VAL M 69 5.94 22.26 6.97
N LEU M 70 7.06 21.69 6.55
CA LEU M 70 8.33 22.10 7.12
C LEU M 70 8.73 23.47 6.63
N ALA M 71 8.43 23.79 5.38
CA ALA M 71 8.78 25.10 4.84
C ALA M 71 7.80 26.16 5.31
N VAL M 72 6.60 25.76 5.73
CA VAL M 72 5.69 26.73 6.32
C VAL M 72 6.17 27.10 7.71
N GLU M 73 6.48 26.11 8.53
CA GLU M 73 6.89 26.40 9.89
C GLU M 73 8.33 26.88 9.97
N ARG M 74 9.08 26.81 8.88
CA ARG M 74 10.34 27.53 8.86
C ARG M 74 10.10 29.00 8.55
N TYR M 75 9.05 29.30 7.80
CA TYR M 75 8.75 30.66 7.42
C TYR M 75 8.09 31.42 8.55
N LEU M 76 7.11 30.81 9.21
CA LEU M 76 6.43 31.47 10.31
C LEU M 76 7.33 31.64 11.52
N ARG M 77 8.38 30.83 11.64
CA ARG M 77 9.36 31.07 12.68
C ARG M 77 10.28 32.22 12.33
N ASP M 78 10.25 32.70 11.09
CA ASP M 78 10.99 33.91 10.76
C ASP M 78 10.13 35.15 10.93
N GLN M 79 8.89 35.09 10.48
CA GLN M 79 8.04 36.27 10.60
C GLN M 79 7.53 36.45 12.01
N GLN M 80 7.67 35.44 12.87
CA GLN M 80 7.41 35.68 14.28
C GLN M 80 8.57 36.42 14.92
N LEU M 81 9.80 36.12 14.50
CA LEU M 81 10.97 36.78 15.07
C LEU M 81 11.02 38.25 14.66
N LEU M 82 10.52 38.57 13.47
CA LEU M 82 10.39 39.97 13.11
C LEU M 82 9.24 40.64 13.83
N GLY M 83 8.34 39.85 14.41
CA GLY M 83 7.25 40.41 15.19
C GLY M 83 7.65 40.86 16.56
N ILE M 84 8.67 40.24 17.16
CA ILE M 84 9.17 40.73 18.43
C ILE M 84 9.85 42.07 18.23
N TRP M 85 10.55 42.22 17.11
CA TRP M 85 11.30 43.44 16.87
C TRP M 85 10.37 44.56 16.45
N GLY M 86 9.19 44.22 15.94
CA GLY M 86 8.19 45.20 15.62
C GLY M 86 7.79 45.26 14.17
N CYS M 87 8.54 44.64 13.25
CA CYS M 87 8.22 44.82 11.84
C CYS M 87 7.08 43.92 11.40
N SER M 88 7.32 42.60 11.38
CA SER M 88 6.32 41.56 11.13
C SER M 88 5.60 41.74 9.79
N GLY M 89 6.34 41.57 8.71
CA GLY M 89 5.76 41.57 7.38
C GLY M 89 6.29 42.63 6.46
N LYS M 90 6.99 43.64 6.96
CA LYS M 90 7.67 44.59 6.11
C LYS M 90 9.06 44.05 5.81
N LEU M 91 9.39 43.94 4.53
CA LEU M 91 10.67 43.36 4.15
C LEU M 91 11.81 44.31 4.48
N ILE M 92 11.60 45.60 4.27
CA ILE M 92 12.53 46.64 4.69
C ILE M 92 11.90 47.37 5.86
N CYS M 93 12.62 47.46 6.96
CA CYS M 93 12.07 47.94 8.22
C CYS M 93 13.21 48.52 9.05
N CYS M 94 13.01 49.73 9.57
CA CYS M 94 14.02 50.35 10.41
C CYS M 94 13.43 50.76 11.74
N THR M 95 14.27 50.71 12.76
CA THR M 95 13.84 50.76 14.16
C THR M 95 14.42 51.98 14.85
N ASN M 96 14.20 52.04 16.16
CA ASN M 96 14.61 53.19 16.97
C ASN M 96 15.91 52.95 17.70
N VAL M 97 16.52 51.78 17.56
CA VAL M 97 17.80 51.53 18.21
C VAL M 97 18.89 52.35 17.51
N PRO M 98 19.66 53.14 18.24
CA PRO M 98 20.74 53.89 17.59
C PRO M 98 21.94 53.01 17.33
N TRP M 99 22.56 53.22 16.19
CA TRP M 99 23.71 52.43 15.76
C TRP M 99 24.92 52.83 16.60
N ASN M 100 25.43 51.88 17.38
CA ASN M 100 26.65 52.12 18.13
C ASN M 100 27.81 52.21 17.16
N SER M 101 28.69 53.19 17.38
CA SER M 101 29.78 53.42 16.45
C SER M 101 30.96 52.48 16.68
N SER M 102 30.92 51.65 17.71
CA SER M 102 31.90 50.59 17.89
C SER M 102 31.49 49.30 17.19
N TRP M 103 30.60 49.40 16.22
CA TRP M 103 30.17 48.27 15.40
C TRP M 103 30.83 48.44 14.04
N SER M 104 32.07 47.95 13.95
CA SER M 104 33.00 47.89 12.80
C SER M 104 33.59 49.23 12.40
N ASN M 105 33.07 50.34 12.95
CA ASN M 105 33.61 51.70 12.81
C ASN M 105 33.81 52.12 11.35
N ARG M 106 32.97 51.64 10.46
CA ARG M 106 33.20 51.81 9.03
C ARG M 106 32.39 52.96 8.46
N ASN M 107 32.86 53.47 7.33
CA ASN M 107 32.20 54.57 6.65
C ASN M 107 30.91 54.09 5.98
N LEU M 108 29.86 54.90 6.08
CA LEU M 108 28.57 54.53 5.50
C LEU M 108 28.60 54.52 3.98
N SER M 109 29.48 55.27 3.35
CA SER M 109 29.64 55.12 1.92
C SER M 109 30.49 53.91 1.58
N GLU M 110 31.44 53.58 2.45
CA GLU M 110 32.26 52.40 2.24
C GLU M 110 31.48 51.10 2.38
N ILE M 111 30.31 51.15 3.03
CA ILE M 111 29.52 49.96 3.27
C ILE M 111 28.52 49.73 2.15
N TRP M 112 27.72 50.72 1.83
CA TRP M 112 26.62 50.48 0.91
C TRP M 112 27.03 50.56 -0.55
N ASP M 113 28.20 51.09 -0.87
CA ASP M 113 28.59 51.19 -2.27
C ASP M 113 29.40 49.98 -2.71
N ASN M 114 30.46 49.64 -1.97
CA ASN M 114 31.34 48.53 -2.34
C ASN M 114 31.52 47.60 -1.14
N MET M 115 30.55 46.72 -0.96
CA MET M 115 30.61 45.62 0.00
C MET M 115 29.46 44.69 -0.32
N THR M 116 29.73 43.40 -0.29
CA THR M 116 28.69 42.41 -0.47
C THR M 116 28.21 41.94 0.90
N TRP M 117 26.99 41.40 0.92
CA TRP M 117 26.34 41.00 2.16
C TRP M 117 27.14 39.94 2.90
N LEU M 118 27.71 38.98 2.16
CA LEU M 118 28.59 37.99 2.74
C LEU M 118 29.84 38.63 3.33
N GLN M 119 30.41 39.62 2.62
CA GLN M 119 31.53 40.36 3.17
C GLN M 119 31.08 41.23 4.33
N TRP M 120 29.85 41.72 4.26
CA TRP M 120 29.33 42.54 5.34
C TRP M 120 29.04 41.71 6.58
N ASP M 121 28.41 40.55 6.39
CA ASP M 121 27.98 39.77 7.54
C ASP M 121 29.14 39.12 8.26
N LYS M 122 30.25 38.88 7.57
CA LYS M 122 31.45 38.41 8.23
C LYS M 122 32.02 39.47 9.17
N GLU M 123 31.77 40.74 8.88
CA GLU M 123 32.27 41.80 9.74
C GLU M 123 31.45 41.91 11.01
N ILE M 124 30.14 41.70 10.90
CA ILE M 124 29.23 42.11 11.98
C ILE M 124 28.98 40.96 12.94
N SER M 125 29.21 39.71 12.51
CA SER M 125 28.77 38.52 13.21
C SER M 125 29.43 38.27 14.57
N ASN M 126 30.33 39.15 14.98
CA ASN M 126 30.90 39.08 16.32
C ASN M 126 29.87 39.34 17.39
N TYR M 127 28.83 40.11 17.08
CA TYR M 127 27.99 40.70 18.11
C TYR M 127 26.53 40.80 17.67
N THR M 128 26.09 39.95 16.73
CA THR M 128 24.71 40.04 16.27
C THR M 128 23.74 39.49 17.30
N GLN M 129 24.22 38.78 18.33
CA GLN M 129 23.38 38.51 19.47
C GLN M 129 23.09 39.78 20.25
N ILE M 130 24.05 40.71 20.29
CA ILE M 130 23.88 41.93 21.08
C ILE M 130 22.93 42.89 20.39
N ILE M 131 22.91 42.90 19.07
CA ILE M 131 21.93 43.72 18.35
C ILE M 131 20.53 43.14 18.54
N TYR M 132 20.43 41.81 18.59
CA TYR M 132 19.12 41.18 18.62
C TYR M 132 18.46 41.33 19.97
N GLY M 133 19.26 41.58 21.01
CA GLY M 133 18.68 41.87 22.31
C GLY M 133 18.14 43.28 22.40
N LEU M 134 18.76 44.22 21.71
CA LEU M 134 18.32 45.61 21.79
C LEU M 134 17.02 45.84 21.06
N LEU M 135 16.83 45.17 19.93
CA LEU M 135 15.64 45.39 19.14
C LEU M 135 14.42 44.76 19.80
N GLU M 136 14.63 43.74 20.63
CA GLU M 136 13.53 43.20 21.42
C GLU M 136 13.19 44.13 22.57
N GLU M 137 14.21 44.67 23.23
CA GLU M 137 14.00 45.55 24.38
C GLU M 137 13.39 46.88 23.96
N SER M 138 13.85 47.42 22.83
CA SER M 138 13.31 48.69 22.34
C SER M 138 11.86 48.53 21.90
N GLN M 139 11.47 47.35 21.45
CA GLN M 139 10.06 47.12 21.15
C GLN M 139 9.32 46.62 22.38
N ASN M 140 10.05 46.38 23.48
CA ASN M 140 9.38 46.15 24.76
C ASN M 140 9.17 47.46 25.49
N GLN M 141 10.00 48.46 25.22
CA GLN M 141 9.90 49.75 25.89
C GLN M 141 9.23 50.82 25.04
N GLN M 142 8.91 50.54 23.79
CA GLN M 142 8.08 51.46 23.01
C GLN M 142 6.61 51.11 23.11
N GLU M 143 6.28 49.93 23.63
CA GLU M 143 4.90 49.55 23.92
C GLU M 143 4.62 49.56 25.42
N LYS M 144 5.64 49.78 26.25
CA LYS M 144 5.45 49.89 27.69
C LYS M 144 4.89 51.26 28.06
N ASN M 145 5.62 52.32 27.73
CA ASN M 145 5.15 53.67 28.02
C ASN M 145 4.05 54.10 27.06
N GLY N 3 5.27 20.80 15.57
CA GLY N 3 6.19 21.91 15.79
C GLY N 3 5.60 23.07 16.57
N ILE N 4 4.62 23.75 15.98
CA ILE N 4 4.02 24.92 16.60
C ILE N 4 3.24 24.58 17.86
N GLY N 5 2.63 23.38 17.94
CA GLY N 5 1.91 22.96 19.13
C GLY N 5 2.76 22.85 20.38
N ALA N 6 4.08 22.86 20.24
CA ALA N 6 4.97 22.96 21.39
C ALA N 6 4.88 24.35 22.03
N VAL N 7 4.72 25.39 21.21
CA VAL N 7 4.74 26.73 21.80
C VAL N 7 3.36 27.11 22.31
N PHE N 8 2.31 26.41 21.87
CA PHE N 8 0.96 26.73 22.29
C PHE N 8 0.73 26.39 23.75
N LEU N 9 1.56 25.52 24.31
CA LEU N 9 1.44 25.13 25.70
C LEU N 9 2.49 25.80 26.56
N GLY N 10 3.57 26.28 25.93
CA GLY N 10 4.62 26.99 26.65
C GLY N 10 4.21 28.35 27.18
N PHE N 11 3.07 28.87 26.73
CA PHE N 11 2.52 30.09 27.30
C PHE N 11 2.19 29.91 28.77
N LEU N 12 1.80 28.70 29.18
CA LEU N 12 1.29 28.48 30.53
C LEU N 12 2.38 28.43 31.59
N GLY N 13 3.64 28.65 31.23
CA GLY N 13 4.70 28.65 32.22
C GLY N 13 4.68 29.84 33.15
N ALA N 14 3.91 30.87 32.82
CA ALA N 14 3.86 32.09 33.62
C ALA N 14 2.58 32.22 34.42
N ALA N 15 1.73 31.21 34.44
CA ALA N 15 0.54 31.25 35.27
C ALA N 15 0.93 31.14 36.73
N GLY N 16 0.08 31.66 37.61
CA GLY N 16 0.36 31.71 39.02
C GLY N 16 1.18 32.90 39.46
N SER N 17 1.98 33.49 38.57
CA SER N 17 2.73 34.69 38.89
C SER N 17 1.83 35.91 38.72
N THR N 18 2.38 37.08 39.00
CA THR N 18 1.65 38.33 38.85
C THR N 18 1.80 38.89 37.44
N MET N 19 0.81 39.69 37.05
CA MET N 19 0.69 40.10 35.65
C MET N 19 1.79 41.05 35.22
N GLY N 20 2.40 41.76 36.15
CA GLY N 20 3.58 42.54 35.81
C GLY N 20 4.78 41.64 35.54
N ALA N 21 4.89 40.56 36.31
CA ALA N 21 6.00 39.63 36.11
C ALA N 21 5.77 38.70 34.93
N ALA N 22 4.52 38.31 34.68
CA ALA N 22 4.23 37.38 33.59
C ALA N 22 4.39 38.05 32.23
N SER N 23 4.13 39.35 32.14
CA SER N 23 4.39 40.07 30.90
C SER N 23 5.89 40.23 30.66
N MET N 24 6.67 40.28 31.74
CA MET N 24 8.12 40.35 31.58
C MET N 24 8.71 38.99 31.24
N THR N 25 8.14 37.92 31.80
CA THR N 25 8.54 36.56 31.45
C THR N 25 8.18 36.24 30.01
N LEU N 26 7.09 36.83 29.52
CA LEU N 26 6.66 36.67 28.13
C LEU N 26 7.70 37.18 27.13
N THR N 27 8.50 38.17 27.52
CA THR N 27 9.59 38.64 26.67
C THR N 27 10.68 37.58 26.55
N VAL N 28 10.99 36.91 27.65
CA VAL N 28 11.89 35.75 27.60
C VAL N 28 11.22 34.59 26.90
N GLN N 29 9.92 34.43 27.14
CA GLN N 29 9.14 33.37 26.49
C GLN N 29 8.99 33.63 25.00
N ALA N 30 9.13 34.89 24.59
CA ALA N 30 9.10 35.28 23.19
C ALA N 30 10.23 34.61 22.42
N ARG N 31 11.41 34.54 23.04
CA ARG N 31 12.51 33.80 22.42
C ARG N 31 12.34 32.30 22.63
N ASN N 32 11.63 31.91 23.68
CA ASN N 32 11.42 30.49 23.94
C ASN N 32 10.26 29.95 23.11
N LEU N 33 9.47 30.83 22.51
CA LEU N 33 8.51 30.39 21.52
C LEU N 33 9.10 30.43 20.11
N LEU N 34 10.36 30.84 19.97
CA LEU N 34 11.10 30.59 18.74
C LEU N 34 11.58 29.15 18.64
N SER N 35 11.35 28.33 19.66
CA SER N 35 11.69 26.91 19.61
C SER N 35 10.48 26.11 19.14
N LEU N 44 9.66 10.12 11.92
CA LEU N 44 10.69 9.53 11.08
C LEU N 44 10.56 8.01 11.02
N LEU N 45 9.77 7.53 10.07
CA LEU N 45 9.49 6.09 9.91
C LEU N 45 10.20 5.61 8.64
N ARG N 46 11.42 5.10 8.81
CA ARG N 46 12.27 4.62 7.73
C ARG N 46 12.70 3.18 7.98
N ALA N 47 11.73 2.33 8.29
CA ALA N 47 11.93 0.90 8.50
C ALA N 47 11.53 0.12 7.25
N PRO N 48 11.96 -1.15 7.12
CA PRO N 48 11.38 -2.02 6.10
C PRO N 48 9.90 -2.29 6.33
N GLU N 49 9.06 -1.75 5.45
CA GLU N 49 7.61 -1.77 5.62
C GLU N 49 7.00 -2.75 4.63
N ALA N 50 6.33 -3.78 5.14
CA ALA N 50 5.64 -4.73 4.30
C ALA N 50 4.39 -4.08 3.72
N GLN N 51 3.76 -4.78 2.77
CA GLN N 51 2.53 -4.27 2.15
C GLN N 51 1.35 -4.26 3.13
N GLN N 52 1.45 -5.01 4.23
CA GLN N 52 0.53 -4.85 5.34
C GLN N 52 0.90 -3.67 6.22
N HIS N 53 2.19 -3.32 6.28
CA HIS N 53 2.63 -2.17 7.06
C HIS N 53 2.50 -0.89 6.27
N LEU N 54 2.25 -0.98 4.96
CA LEU N 54 2.29 0.20 4.11
C LEU N 54 1.10 1.10 4.36
N LEU N 55 -0.10 0.53 4.36
CA LEU N 55 -1.29 1.34 4.58
C LEU N 55 -1.60 1.48 6.07
N LYS N 56 -0.81 0.86 6.92
CA LYS N 56 -1.02 1.05 8.35
C LYS N 56 -0.08 2.12 8.90
N LEU N 57 1.14 2.19 8.38
CA LEU N 57 2.05 3.25 8.80
C LEU N 57 1.78 4.55 8.07
N THR N 58 0.82 4.55 7.15
CA THR N 58 0.45 5.78 6.48
C THR N 58 -0.77 6.42 7.15
N VAL N 59 -1.63 5.63 7.79
CA VAL N 59 -2.62 6.25 8.65
C VAL N 59 -1.98 6.72 9.95
N TRP N 60 -0.76 6.27 10.24
CA TRP N 60 0.02 6.89 11.29
C TRP N 60 0.73 8.13 10.79
N GLY N 61 0.82 8.28 9.48
CA GLY N 61 1.46 9.47 8.94
C GLY N 61 0.49 10.61 8.81
N ILE N 62 -0.72 10.32 8.32
CA ILE N 62 -1.71 11.37 8.10
C ILE N 62 -2.22 11.88 9.43
N LYS N 63 -2.33 11.00 10.43
CA LYS N 63 -2.90 11.42 11.70
C LYS N 63 -1.97 12.37 12.45
N GLN N 64 -0.66 12.19 12.31
CA GLN N 64 0.26 13.17 12.86
C GLN N 64 0.30 14.43 12.02
N LEU N 65 0.07 14.31 10.72
CA LEU N 65 0.12 15.48 9.86
C LEU N 65 -1.22 16.19 9.80
N GLN N 66 -2.26 15.65 10.45
CA GLN N 66 -3.46 16.42 10.65
C GLN N 66 -3.35 17.23 11.92
N ALA N 67 -2.27 17.04 12.67
CA ALA N 67 -2.04 17.81 13.87
C ALA N 67 -1.11 18.97 13.59
N ARG N 68 -0.08 18.73 12.78
CA ARG N 68 0.89 19.77 12.48
C ARG N 68 0.28 20.87 11.63
N VAL N 69 -0.76 20.56 10.88
CA VAL N 69 -1.42 21.62 10.11
C VAL N 69 -2.49 22.28 10.94
N LEU N 70 -3.04 21.59 11.93
CA LEU N 70 -3.97 22.25 12.84
C LEU N 70 -3.24 23.20 13.77
N ALA N 71 -1.99 22.88 14.13
CA ALA N 71 -1.20 23.80 14.94
C ALA N 71 -0.77 25.01 14.13
N VAL N 72 -0.70 24.87 12.80
CA VAL N 72 -0.45 26.04 11.97
C VAL N 72 -1.74 26.80 11.76
N GLU N 73 -2.83 26.09 11.54
CA GLU N 73 -4.07 26.79 11.20
C GLU N 73 -4.71 27.42 12.42
N ARG N 74 -4.36 26.98 13.62
CA ARG N 74 -4.86 27.69 14.79
C ARG N 74 -4.08 28.98 14.99
N TYR N 75 -2.79 28.93 14.68
CA TYR N 75 -1.92 30.10 14.85
C TYR N 75 -2.27 31.19 13.88
N LEU N 76 -2.68 30.83 12.67
CA LEU N 76 -3.07 31.85 11.71
C LEU N 76 -4.47 32.36 11.98
N ARG N 77 -5.28 31.59 12.71
CA ARG N 77 -6.59 32.08 13.11
C ARG N 77 -6.49 32.94 14.35
N ASP N 78 -5.38 32.84 15.09
CA ASP N 78 -5.10 33.82 16.12
C ASP N 78 -4.72 35.15 15.50
N GLN N 79 -3.66 35.15 14.70
CA GLN N 79 -3.10 36.38 14.19
C GLN N 79 -3.87 36.95 13.03
N GLN N 80 -4.99 36.35 12.66
CA GLN N 80 -5.97 37.06 11.84
C GLN N 80 -6.86 37.91 12.71
N LEU N 81 -7.10 37.45 13.94
CA LEU N 81 -7.94 38.19 14.87
C LEU N 81 -7.18 39.35 15.50
N LEU N 82 -5.88 39.17 15.74
CA LEU N 82 -5.05 40.27 16.20
C LEU N 82 -4.93 41.34 15.12
N GLY N 83 -4.72 40.92 13.88
CA GLY N 83 -4.54 41.84 12.79
C GLY N 83 -5.77 42.66 12.46
N ILE N 84 -6.94 42.22 12.90
CA ILE N 84 -8.12 43.08 12.88
C ILE N 84 -7.94 44.23 13.86
N TRP N 85 -7.45 43.92 15.06
CA TRP N 85 -7.25 44.92 16.10
C TRP N 85 -5.89 45.61 15.92
N GLY N 86 -5.67 46.15 14.74
CA GLY N 86 -4.49 46.96 14.49
C GLY N 86 -3.18 46.23 14.35
N CYS N 87 -2.82 45.42 15.34
CA CYS N 87 -1.48 44.87 15.46
C CYS N 87 -1.42 43.41 15.06
N SER N 88 -0.55 43.09 14.12
CA SER N 88 -0.31 41.73 13.66
C SER N 88 1.13 41.37 13.95
N GLY N 89 1.33 40.36 14.78
CA GLY N 89 2.66 39.94 15.13
C GLY N 89 3.22 40.60 16.36
N LYS N 90 2.58 41.62 16.88
CA LYS N 90 3.00 42.21 18.14
C LYS N 90 2.61 41.28 19.27
N LEU N 91 3.50 41.10 20.24
CA LEU N 91 3.05 40.42 21.45
C LEU N 91 2.37 41.40 22.38
N ILE N 92 3.12 42.38 22.87
CA ILE N 92 2.57 43.45 23.68
C ILE N 92 2.10 44.53 22.72
N CYS N 93 0.80 44.75 22.66
CA CYS N 93 0.21 45.69 21.73
C CYS N 93 -0.82 46.51 22.48
N CYS N 94 -0.62 47.81 22.53
CA CYS N 94 -1.63 48.69 23.10
C CYS N 94 -2.18 49.58 22.00
N THR N 95 -3.46 49.86 22.08
CA THR N 95 -4.16 50.52 20.99
C THR N 95 -4.82 51.79 21.51
N ASN N 96 -5.59 52.42 20.61
CA ASN N 96 -6.11 53.77 20.82
C ASN N 96 -7.58 53.77 21.22
N VAL N 97 -7.98 52.84 22.08
CA VAL N 97 -9.30 52.85 22.68
C VAL N 97 -9.14 53.24 24.15
N PRO N 98 -9.92 54.18 24.66
CA PRO N 98 -9.81 54.51 26.09
C PRO N 98 -10.49 53.45 26.95
N TRP N 99 -9.90 53.18 28.11
CA TRP N 99 -10.44 52.19 29.02
C TRP N 99 -11.67 52.75 29.73
N ASN N 100 -12.82 52.09 29.55
CA ASN N 100 -14.04 52.50 30.22
C ASN N 100 -13.96 52.14 31.70
N SER N 101 -14.58 52.98 32.52
CA SER N 101 -14.52 52.81 33.97
C SER N 101 -15.39 51.66 34.46
N SER N 102 -16.44 51.30 33.73
CA SER N 102 -17.38 50.29 34.22
C SER N 102 -16.88 48.86 34.05
N TRP N 103 -15.66 48.66 33.56
CA TRP N 103 -15.12 47.33 33.33
C TRP N 103 -14.29 46.89 34.53
N SER N 104 -15.00 46.71 35.66
CA SER N 104 -14.44 46.26 36.93
C SER N 104 -13.32 47.18 37.40
N ASN N 105 -13.74 48.40 37.76
CA ASN N 105 -12.83 49.48 38.14
C ASN N 105 -11.98 49.12 39.35
N ARG N 106 -10.69 49.39 39.23
CA ARG N 106 -9.71 49.03 40.25
C ARG N 106 -8.48 49.89 40.04
N ASN N 107 -7.71 50.05 41.11
CA ASN N 107 -6.45 50.76 41.06
C ASN N 107 -5.46 50.00 40.19
N LEU N 108 -4.63 50.73 39.45
CA LEU N 108 -3.67 50.09 38.58
C LEU N 108 -2.53 49.44 39.36
N SER N 109 -2.25 49.91 40.57
CA SER N 109 -1.38 49.13 41.43
C SER N 109 -2.09 47.94 42.04
N GLU N 110 -3.43 47.97 42.09
CA GLU N 110 -4.22 46.85 42.59
C GLU N 110 -4.52 45.83 41.50
N ILE N 111 -3.79 45.86 40.39
CA ILE N 111 -4.00 44.95 39.28
C ILE N 111 -2.69 44.28 38.86
N TRP N 112 -1.65 45.07 38.63
CA TRP N 112 -0.39 44.53 38.15
C TRP N 112 0.54 44.08 39.26
N ASP N 113 0.10 44.14 40.51
CA ASP N 113 0.96 43.80 41.62
C ASP N 113 0.39 42.73 42.53
N ASN N 114 -0.92 42.53 42.56
CA ASN N 114 -1.51 41.58 43.51
C ASN N 114 -2.59 40.75 42.84
N MET N 115 -2.43 40.47 41.55
CA MET N 115 -3.35 39.57 40.87
C MET N 115 -2.57 38.69 39.91
N THR N 116 -3.01 37.44 39.80
CA THR N 116 -2.53 36.52 38.78
C THR N 116 -3.42 36.67 37.55
N TRP N 117 -2.96 36.15 36.41
CA TRP N 117 -3.68 36.35 35.16
C TRP N 117 -5.02 35.62 35.11
N LEU N 118 -5.12 34.49 35.81
CA LEU N 118 -6.35 33.72 35.86
C LEU N 118 -7.46 34.46 36.56
N GLN N 119 -7.10 35.42 37.41
CA GLN N 119 -8.09 36.26 38.07
C GLN N 119 -8.84 37.10 37.07
N TRP N 120 -8.17 37.53 36.00
CA TRP N 120 -8.83 38.40 35.03
C TRP N 120 -9.84 37.64 34.18
N ASP N 121 -9.67 36.33 34.03
CA ASP N 121 -10.74 35.51 33.47
C ASP N 121 -11.99 35.62 34.33
N LYS N 122 -11.83 35.56 35.65
CA LYS N 122 -12.97 35.70 36.53
C LYS N 122 -13.45 37.14 36.60
N GLU N 123 -12.61 38.09 36.21
CA GLU N 123 -12.97 39.49 36.37
C GLU N 123 -13.87 39.98 35.26
N ILE N 124 -13.36 40.01 34.04
CA ILE N 124 -13.97 40.80 32.99
C ILE N 124 -14.56 39.94 31.88
N SER N 125 -14.79 38.65 32.14
CA SER N 125 -15.37 37.79 31.11
C SER N 125 -16.81 38.17 30.78
N ASN N 126 -17.50 38.87 31.67
CA ASN N 126 -18.78 39.47 31.33
C ASN N 126 -18.64 40.64 30.37
N TYR N 127 -17.44 41.21 30.25
CA TYR N 127 -17.22 42.36 29.38
C TYR N 127 -16.27 42.07 28.22
N THR N 128 -15.74 40.84 28.11
CA THR N 128 -14.72 40.54 27.12
C THR N 128 -15.24 40.60 25.70
N GLN N 129 -16.52 40.36 25.48
CA GLN N 129 -17.04 40.46 24.12
C GLN N 129 -17.24 41.90 23.73
N ILE N 130 -17.51 42.78 24.70
CA ILE N 130 -17.79 44.17 24.40
C ILE N 130 -16.52 44.90 23.98
N ILE N 131 -15.38 44.55 24.60
CA ILE N 131 -14.12 45.17 24.21
C ILE N 131 -13.73 44.75 22.81
N TYR N 132 -14.10 43.53 22.41
CA TYR N 132 -13.67 43.02 21.12
C TYR N 132 -14.36 43.74 19.98
N GLY N 133 -15.62 44.13 20.19
CA GLY N 133 -16.31 44.93 19.18
C GLY N 133 -15.78 46.34 19.12
N LEU N 134 -15.35 46.87 20.27
CA LEU N 134 -14.75 48.19 20.28
C LEU N 134 -13.39 48.19 19.61
N LEU N 135 -12.65 47.09 19.73
CA LEU N 135 -11.35 47.03 19.08
C LEU N 135 -11.49 46.88 17.58
N GLU N 136 -12.61 46.33 17.13
CA GLU N 136 -12.90 46.29 15.70
C GLU N 136 -13.29 47.67 15.19
N GLU N 137 -14.18 48.35 15.91
CA GLU N 137 -14.76 49.59 15.44
C GLU N 137 -13.72 50.71 15.40
N SER N 138 -12.93 50.84 16.46
CA SER N 138 -11.93 51.90 16.50
C SER N 138 -10.80 51.64 15.51
N GLN N 139 -10.53 50.38 15.19
CA GLN N 139 -9.61 50.10 14.10
C GLN N 139 -10.29 50.24 12.75
N ASN N 140 -11.62 50.26 12.71
CA ASN N 140 -12.32 50.58 11.48
C ASN N 140 -12.64 52.06 11.35
N GLN N 141 -12.89 52.74 12.46
CA GLN N 141 -13.11 54.17 12.45
C GLN N 141 -11.83 54.94 12.15
N GLN N 142 -10.67 54.41 12.58
CA GLN N 142 -9.40 55.05 12.24
C GLN N 142 -8.95 54.75 10.82
N GLU N 143 -9.67 53.91 10.09
CA GLU N 143 -9.36 53.63 8.70
C GLU N 143 -10.58 53.88 7.82
N PHE O 8 -6.64 31.00 8.07
CA PHE O 8 -6.19 30.22 6.92
C PHE O 8 -7.37 29.77 6.12
N LEU O 9 -7.78 30.58 5.16
CA LEU O 9 -8.98 30.34 4.38
C LEU O 9 -8.61 30.25 2.91
N GLY O 10 -9.23 29.28 2.22
CA GLY O 10 -9.13 29.20 0.78
C GLY O 10 -10.50 29.36 0.18
N PHE O 11 -11.53 28.99 0.94
CA PHE O 11 -12.92 29.13 0.52
C PHE O 11 -13.57 30.38 1.09
N LEU O 12 -13.71 30.44 2.42
CA LEU O 12 -14.40 31.51 3.16
C LEU O 12 -15.75 31.89 2.55
N GLY O 13 -16.49 30.90 2.06
CA GLY O 13 -17.64 31.18 1.23
C GLY O 13 -18.81 31.75 1.98
N ALA O 14 -19.46 30.91 2.79
CA ALA O 14 -20.70 31.21 3.51
C ALA O 14 -21.80 31.75 2.58
N ALA O 15 -21.80 31.29 1.33
CA ALA O 15 -22.79 31.61 0.30
C ALA O 15 -22.97 33.12 0.14
N GLY O 16 -21.88 33.78 -0.22
CA GLY O 16 -21.91 35.23 -0.38
C GLY O 16 -22.67 35.67 -1.61
N SER O 17 -23.81 36.34 -1.39
CA SER O 17 -24.58 36.90 -2.50
C SER O 17 -24.70 38.42 -2.43
N THR O 18 -25.30 38.99 -1.40
CA THR O 18 -25.54 40.43 -1.37
C THR O 18 -24.38 41.11 -0.64
N MET O 19 -23.91 42.24 -1.17
CA MET O 19 -22.58 42.72 -0.84
C MET O 19 -22.51 43.29 0.56
N GLY O 20 -23.55 44.01 0.99
CA GLY O 20 -23.60 44.47 2.38
C GLY O 20 -23.70 43.33 3.36
N ALA O 21 -24.38 42.25 2.98
CA ALA O 21 -24.33 41.04 3.78
C ALA O 21 -23.02 40.30 3.57
N ALA O 22 -22.36 40.50 2.43
CA ALA O 22 -21.07 39.86 2.21
C ALA O 22 -19.97 40.55 3.00
N SER O 23 -20.00 41.89 3.07
CA SER O 23 -18.98 42.61 3.82
C SER O 23 -19.11 42.35 5.31
N MET O 24 -20.33 42.34 5.83
CA MET O 24 -20.54 42.21 7.27
C MET O 24 -20.20 40.80 7.76
N THR O 25 -20.67 39.78 7.04
CA THR O 25 -20.44 38.41 7.47
C THR O 25 -18.98 38.02 7.31
N LEU O 26 -18.27 38.70 6.39
CA LEU O 26 -16.83 38.49 6.23
C LEU O 26 -16.06 38.87 7.49
N THR O 27 -16.49 39.94 8.15
CA THR O 27 -15.88 40.30 9.43
C THR O 27 -16.33 39.37 10.53
N VAL O 28 -17.49 38.73 10.37
CA VAL O 28 -18.06 37.91 11.44
C VAL O 28 -17.59 36.47 11.32
N GLN O 29 -17.63 35.89 10.13
CA GLN O 29 -17.33 34.47 9.98
C GLN O 29 -15.84 34.18 10.07
N ALA O 30 -15.04 34.81 9.21
CA ALA O 30 -13.63 34.49 9.07
C ALA O 30 -12.74 35.32 9.99
N ARG O 31 -13.26 35.74 11.14
CA ARG O 31 -12.48 36.56 12.08
C ARG O 31 -11.44 35.72 12.80
N GLN O 52 -7.19 -2.74 1.55
CA GLN O 52 -8.53 -3.00 2.07
C GLN O 52 -9.35 -1.71 2.09
N HIS O 53 -10.07 -1.48 3.19
CA HIS O 53 -10.80 -0.24 3.38
C HIS O 53 -9.92 0.88 3.93
N LEU O 54 -8.66 0.58 4.22
CA LEU O 54 -7.71 1.63 4.55
C LEU O 54 -7.17 2.32 3.31
N LEU O 55 -7.43 1.79 2.11
CA LEU O 55 -6.95 2.46 0.91
C LEU O 55 -7.92 3.56 0.50
N LYS O 56 -9.18 3.43 0.86
CA LYS O 56 -10.13 4.49 0.56
C LYS O 56 -9.86 5.71 1.41
N LEU O 57 -9.43 5.49 2.65
CA LEU O 57 -9.36 6.60 3.60
C LEU O 57 -7.96 7.18 3.73
N THR O 58 -6.94 6.50 3.19
CA THR O 58 -5.59 7.09 3.22
C THR O 58 -5.29 7.86 1.94
N VAL O 59 -5.82 7.41 0.80
CA VAL O 59 -5.69 8.19 -0.42
C VAL O 59 -6.54 9.45 -0.33
N TRP O 60 -7.74 9.34 0.18
CA TRP O 60 -8.60 10.50 0.34
C TRP O 60 -8.45 11.18 1.67
N GLY O 61 -7.33 10.99 2.33
CA GLY O 61 -7.04 11.80 3.50
C GLY O 61 -5.90 12.71 3.14
N ILE O 62 -5.02 12.20 2.30
CA ILE O 62 -3.93 13.01 1.77
C ILE O 62 -4.49 14.08 0.84
N LYS O 63 -5.57 13.76 0.12
CA LYS O 63 -6.20 14.77 -0.73
C LYS O 63 -6.80 15.89 0.09
N GLN O 64 -7.27 15.60 1.29
CA GLN O 64 -7.78 16.65 2.16
C GLN O 64 -6.70 17.26 3.03
N LEU O 65 -5.45 16.81 2.92
CA LEU O 65 -4.35 17.57 3.50
C LEU O 65 -3.67 18.43 2.45
N GLN O 66 -3.77 18.05 1.18
CA GLN O 66 -3.26 18.93 0.15
C GLN O 66 -4.20 20.10 -0.07
N ALA O 67 -5.45 19.96 0.36
CA ALA O 67 -6.36 21.08 0.32
C ALA O 67 -5.97 22.11 1.37
N ARG O 68 -5.69 21.67 2.59
CA ARG O 68 -5.44 22.61 3.66
C ARG O 68 -4.06 23.23 3.54
N VAL O 69 -3.04 22.43 3.23
CA VAL O 69 -1.67 22.92 3.22
C VAL O 69 -1.45 23.89 2.07
N LEU O 70 -2.14 23.68 0.96
CA LEU O 70 -2.15 24.70 -0.08
C LEU O 70 -2.92 25.93 0.37
N ALA O 71 -4.03 25.75 1.09
CA ALA O 71 -4.83 26.89 1.51
C ALA O 71 -4.15 27.67 2.63
N VAL O 72 -3.09 27.13 3.21
CA VAL O 72 -2.22 27.91 4.08
C VAL O 72 -1.21 28.67 3.25
N GLU O 73 -0.61 28.01 2.27
CA GLU O 73 0.41 28.67 1.46
C GLU O 73 -0.20 29.64 0.48
N ARG O 74 -1.50 29.58 0.28
CA ARG O 74 -2.13 30.59 -0.55
C ARG O 74 -2.40 31.84 0.27
N TYR O 75 -2.59 31.67 1.57
CA TYR O 75 -2.77 32.79 2.49
C TYR O 75 -1.48 33.54 2.68
N LEU O 76 -0.39 32.83 2.96
CA LEU O 76 0.92 33.44 3.17
C LEU O 76 1.49 34.09 1.93
N ARG O 77 1.13 33.59 0.75
CA ARG O 77 1.48 34.31 -0.46
C ARG O 77 0.64 35.56 -0.60
N ASP O 78 -0.62 35.51 -0.17
CA ASP O 78 -1.49 36.66 -0.31
C ASP O 78 -1.17 37.74 0.70
N GLN O 79 -0.84 37.36 1.93
CA GLN O 79 -0.58 38.37 2.94
C GLN O 79 0.78 39.03 2.75
N GLN O 80 1.61 38.51 1.86
CA GLN O 80 2.77 39.28 1.43
C GLN O 80 2.41 40.28 0.36
N LEU O 81 1.36 40.01 -0.40
CA LEU O 81 0.96 40.96 -1.43
C LEU O 81 0.23 42.14 -0.82
N LEU O 82 -0.59 41.90 0.19
CA LEU O 82 -1.20 43.01 0.91
C LEU O 82 -0.18 43.74 1.76
N GLY O 83 0.88 43.06 2.18
CA GLY O 83 1.92 43.72 2.94
C GLY O 83 2.74 44.67 2.12
N ILE O 84 2.88 44.40 0.83
CA ILE O 84 3.58 45.33 -0.05
C ILE O 84 2.71 46.55 -0.31
N TRP O 85 1.38 46.36 -0.39
CA TRP O 85 0.51 47.52 -0.52
C TRP O 85 0.32 48.23 0.81
N GLY O 86 0.68 47.62 1.92
CA GLY O 86 0.53 48.20 3.23
C GLY O 86 -0.65 47.68 4.02
N CYS O 87 -1.48 46.83 3.42
CA CYS O 87 -2.72 46.37 4.04
C CYS O 87 -2.59 44.96 4.59
N SER O 88 -1.45 44.60 5.18
CA SER O 88 -1.28 43.26 5.72
C SER O 88 -2.12 43.06 6.96
N GLY O 89 -2.77 41.90 7.06
CA GLY O 89 -3.54 41.56 8.25
C GLY O 89 -4.95 42.08 8.33
N LYS O 90 -5.14 43.35 8.00
CA LYS O 90 -6.48 43.92 8.02
C LYS O 90 -7.31 43.32 6.90
N LEU O 91 -8.50 42.84 7.24
CA LEU O 91 -9.37 42.27 6.22
C LEU O 91 -9.90 43.35 5.30
N ILE O 92 -10.69 44.26 5.85
CA ILE O 92 -11.07 45.49 5.16
C ILE O 92 -9.96 46.49 5.34
N CYS O 93 -9.45 47.04 4.25
CA CYS O 93 -8.51 48.14 4.39
C CYS O 93 -8.90 49.21 3.39
N CYS O 94 -8.67 50.45 3.79
CA CYS O 94 -8.93 51.61 2.96
C CYS O 94 -7.59 52.21 2.55
N THR O 95 -7.53 52.77 1.36
CA THR O 95 -6.25 53.24 0.84
C THR O 95 -6.43 54.44 -0.08
N ASN O 96 -5.31 55.08 -0.38
CA ASN O 96 -5.30 56.41 -1.01
C ASN O 96 -5.05 56.30 -2.50
N VAL O 97 -5.97 55.62 -3.19
CA VAL O 97 -6.00 55.62 -4.65
C VAL O 97 -7.46 55.80 -5.07
N PRO O 98 -7.82 56.89 -5.72
CA PRO O 98 -9.21 57.09 -6.15
C PRO O 98 -9.45 56.42 -7.51
N TRP O 99 -10.72 56.38 -7.90
CA TRP O 99 -11.06 55.81 -9.20
C TRP O 99 -10.56 56.69 -10.34
N ASN O 100 -10.27 56.06 -11.45
CA ASN O 100 -10.12 56.78 -12.70
C ASN O 100 -11.49 56.86 -13.37
N SER O 101 -11.55 57.48 -14.54
CA SER O 101 -12.82 57.63 -15.21
C SER O 101 -13.25 56.34 -15.88
N SER O 102 -12.29 55.55 -16.38
CA SER O 102 -12.58 54.33 -17.12
C SER O 102 -12.56 53.09 -16.22
N TRP O 103 -12.95 53.25 -14.96
CA TRP O 103 -12.97 52.12 -14.03
C TRP O 103 -14.40 51.82 -13.61
N SER O 104 -15.30 51.76 -14.61
CA SER O 104 -16.70 51.36 -14.47
C SER O 104 -17.46 52.29 -13.54
N ASN O 105 -17.63 53.54 -14.02
CA ASN O 105 -18.27 54.56 -13.21
C ASN O 105 -19.78 54.35 -13.09
N ARG O 106 -20.19 53.60 -12.07
CA ARG O 106 -21.58 53.48 -11.67
C ARG O 106 -21.78 54.19 -10.34
N ASN O 107 -23.04 54.38 -9.96
CA ASN O 107 -23.32 55.06 -8.70
C ASN O 107 -23.00 54.18 -7.49
N LEU O 108 -22.31 54.75 -6.52
CA LEU O 108 -21.75 53.98 -5.43
C LEU O 108 -22.76 53.62 -4.37
N SER O 109 -23.99 54.09 -4.49
CA SER O 109 -25.02 53.74 -3.53
C SER O 109 -25.83 52.54 -3.97
N GLU O 110 -26.07 52.40 -5.27
CA GLU O 110 -26.70 51.20 -5.80
C GLU O 110 -25.72 50.06 -5.98
N ILE O 111 -24.42 50.36 -5.99
CA ILE O 111 -23.40 49.34 -6.15
C ILE O 111 -23.38 48.38 -4.97
N TRP O 112 -23.63 48.88 -3.76
CA TRP O 112 -23.74 48.00 -2.61
C TRP O 112 -25.16 47.51 -2.39
N ASP O 113 -26.12 48.01 -3.16
CA ASP O 113 -27.51 47.64 -2.96
C ASP O 113 -27.82 46.32 -3.65
N ASN O 114 -27.72 46.29 -4.97
CA ASN O 114 -28.11 45.14 -5.78
C ASN O 114 -26.97 44.79 -6.73
N MET O 115 -26.02 44.03 -6.22
CA MET O 115 -24.92 43.45 -6.99
C MET O 115 -24.28 42.36 -6.15
N THR O 116 -23.85 41.29 -6.80
CA THR O 116 -23.08 40.29 -6.09
C THR O 116 -21.61 40.60 -6.24
N TRP O 117 -20.79 39.99 -5.38
CA TRP O 117 -19.36 40.16 -5.50
C TRP O 117 -18.83 39.48 -6.76
N LEU O 118 -19.55 38.45 -7.25
CA LEU O 118 -19.19 37.81 -8.51
C LEU O 118 -19.32 38.77 -9.67
N GLN O 119 -20.25 39.73 -9.59
CA GLN O 119 -20.48 40.62 -10.71
C GLN O 119 -19.45 41.73 -10.78
N TRP O 120 -18.53 41.79 -9.82
CA TRP O 120 -17.44 42.75 -9.94
C TRP O 120 -16.42 42.32 -10.96
N ASP O 121 -15.94 41.08 -10.86
CA ASP O 121 -14.85 40.67 -11.74
C ASP O 121 -15.30 40.54 -13.18
N LYS O 122 -16.60 40.38 -13.39
CA LYS O 122 -17.17 40.66 -14.69
C LYS O 122 -17.08 42.15 -15.00
N GLU O 123 -17.41 43.01 -14.02
CA GLU O 123 -17.51 44.43 -14.33
C GLU O 123 -16.16 45.13 -14.40
N ILE O 124 -15.18 44.73 -13.59
CA ILE O 124 -13.82 45.19 -13.80
C ILE O 124 -13.02 44.04 -14.39
N SER O 125 -12.54 44.24 -15.62
CA SER O 125 -11.88 43.18 -16.38
C SER O 125 -10.37 43.35 -16.39
N ASN O 126 -9.88 44.43 -17.00
CA ASN O 126 -8.46 44.65 -17.17
C ASN O 126 -7.95 45.76 -16.26
N TYR O 127 -8.81 46.31 -15.42
CA TYR O 127 -8.41 47.38 -14.52
C TYR O 127 -7.78 46.86 -13.25
N THR O 128 -7.96 45.58 -12.95
CA THR O 128 -7.42 45.03 -11.72
C THR O 128 -5.91 44.88 -11.78
N GLN O 129 -5.34 44.87 -12.97
CA GLN O 129 -3.89 44.77 -13.02
C GLN O 129 -3.23 46.13 -12.81
N ILE O 130 -3.90 47.21 -13.20
CA ILE O 130 -3.28 48.51 -13.00
C ILE O 130 -3.67 49.09 -11.64
N ILE O 131 -4.77 48.63 -11.06
CA ILE O 131 -5.09 48.98 -9.68
C ILE O 131 -4.04 48.39 -8.75
N TYR O 132 -3.58 47.18 -9.06
CA TYR O 132 -2.55 46.54 -8.26
C TYR O 132 -1.21 47.23 -8.46
N GLY O 133 -1.02 47.86 -9.61
CA GLY O 133 0.20 48.61 -9.84
C GLY O 133 0.17 49.98 -9.18
N LEU O 134 -1.00 50.62 -9.15
CA LEU O 134 -1.10 51.92 -8.50
C LEU O 134 -1.05 51.78 -7.00
N LEU O 135 -1.51 50.65 -6.46
CA LEU O 135 -1.46 50.45 -5.02
C LEU O 135 -0.06 50.06 -4.58
N GLU O 136 0.78 49.69 -5.53
CA GLU O 136 2.20 49.54 -5.24
C GLU O 136 2.84 50.90 -4.96
N GLU O 137 2.66 51.84 -5.87
CA GLU O 137 3.36 53.11 -5.78
C GLU O 137 2.75 54.04 -4.74
N SER O 138 1.50 53.81 -4.36
CA SER O 138 0.89 54.63 -3.32
C SER O 138 1.52 54.37 -1.96
N GLN O 139 1.86 53.11 -1.69
CA GLN O 139 2.64 52.81 -0.50
C GLN O 139 4.09 53.20 -0.70
N ASN O 140 4.61 52.96 -1.91
CA ASN O 140 6.04 53.12 -2.15
C ASN O 140 6.46 54.59 -2.09
N GLN O 141 5.60 55.49 -2.56
CA GLN O 141 5.90 56.91 -2.39
C GLN O 141 5.66 57.35 -0.96
N GLN O 142 4.79 56.65 -0.23
CA GLN O 142 4.54 57.01 1.16
C GLN O 142 5.68 56.57 2.06
N GLU O 143 6.37 55.50 1.69
CA GLU O 143 7.51 55.05 2.49
C GLU O 143 8.68 56.04 2.40
N LYS O 144 8.77 56.76 1.28
CA LYS O 144 9.79 57.80 1.15
C LYS O 144 9.29 59.14 1.67
N ASN O 145 7.97 59.35 1.68
CA ASN O 145 7.41 60.62 2.13
C ASN O 145 7.58 60.79 3.64
N GLU O 146 7.23 59.75 4.41
CA GLU O 146 7.47 59.80 5.84
C GLU O 146 8.95 59.63 6.17
N GLN O 147 9.77 59.19 5.21
CA GLN O 147 11.21 59.15 5.41
C GLN O 147 11.81 60.55 5.43
N ASP O 148 11.17 61.50 4.77
CA ASP O 148 11.64 62.88 4.76
C ASP O 148 10.88 63.73 5.76
C1 NAG P . 47.38 -11.35 -12.68
C2 NAG P . 47.77 -12.41 -11.66
C3 NAG P . 49.28 -12.38 -11.43
C4 NAG P . 50.08 -12.41 -12.73
C5 NAG P . 49.51 -11.39 -13.73
C6 NAG P . 50.08 -11.52 -15.12
C7 NAG P . 46.87 -13.14 -9.49
C8 NAG P . 46.10 -12.72 -8.28
N2 NAG P . 47.05 -12.20 -10.42
O3 NAG P . 49.66 -13.48 -10.61
O4 NAG P . 51.41 -12.03 -12.41
O5 NAG P . 48.09 -11.55 -13.87
O6 NAG P . 49.34 -10.74 -16.05
O7 NAG P . 47.32 -14.28 -9.62
C1 NAG P . 52.54 -12.91 -12.73
C2 NAG P . 52.30 -14.40 -12.34
C3 NAG P . 53.39 -15.32 -12.90
C4 NAG P . 53.67 -15.05 -14.37
C5 NAG P . 53.98 -13.57 -14.55
C6 NAG P . 54.26 -13.19 -15.98
C7 NAG P . 53.10 -14.32 -9.95
C8 NAG P . 52.69 -14.61 -8.53
N2 NAG P . 52.17 -14.57 -10.89
O3 NAG P . 52.99 -16.68 -12.73
O4 NAG P . 54.77 -15.82 -14.82
O5 NAG P . 52.84 -12.82 -14.15
O6 NAG P . 54.53 -11.81 -16.09
O7 NAG P . 54.22 -13.86 -10.20
C1 NAG Q . 27.58 -0.16 -14.94
C2 NAG Q . 27.46 -1.39 -14.08
C3 NAG Q . 26.96 -2.56 -14.90
C4 NAG Q . 25.69 -2.20 -15.67
C5 NAG Q . 25.82 -0.86 -16.39
C6 NAG Q . 24.51 -0.32 -16.89
C7 NAG Q . 28.95 -1.63 -12.16
C8 NAG Q . 30.32 -2.02 -11.70
N2 NAG Q . 28.73 -1.73 -13.47
O3 NAG Q . 26.69 -3.66 -14.03
O4 NAG Q . 25.48 -3.22 -16.64
O5 NAG Q . 26.34 0.14 -15.49
O6 NAG Q . 23.47 -0.51 -15.95
O7 NAG Q . 28.09 -1.27 -11.38
C1 NAG Q . 24.24 -3.92 -16.41
C2 NAG Q . 23.71 -4.30 -17.78
C3 NAG Q . 22.35 -4.94 -17.63
C4 NAG Q . 22.44 -6.14 -16.69
C5 NAG Q . 23.13 -5.76 -15.37
C6 NAG Q . 23.44 -6.96 -14.49
C7 NAG Q . 24.20 -3.14 -19.88
C8 NAG Q . 24.06 -1.87 -20.66
N2 NAG Q . 23.64 -3.15 -18.66
O3 NAG Q . 21.88 -5.35 -18.91
O4 NAG Q . 21.13 -6.59 -16.38
O5 NAG Q . 24.38 -5.10 -15.61
O6 NAG Q . 24.56 -6.69 -13.66
O7 NAG Q . 24.79 -4.11 -20.32
C1 BMA Q . 20.85 -7.84 -17.05
C2 BMA Q . 19.79 -8.51 -16.22
C3 BMA Q . 19.26 -9.73 -16.93
C4 BMA Q . 18.80 -9.39 -18.34
C5 BMA Q . 19.97 -8.76 -19.10
C6 BMA Q . 19.62 -8.32 -20.52
O2 BMA Q . 18.68 -7.64 -16.08
O3 BMA Q . 18.20 -10.29 -16.21
O4 BMA Q . 18.40 -10.56 -19.00
O5 BMA Q . 20.38 -7.59 -18.36
O6 BMA Q . 18.21 -8.22 -20.63
C1 MAN Q . 18.59 -11.61 -15.77
C2 MAN Q . 17.35 -12.30 -15.13
C3 MAN Q . 17.13 -11.71 -13.77
C4 MAN Q . 18.34 -12.01 -12.91
C5 MAN Q . 19.50 -11.18 -13.47
C6 MAN Q . 20.81 -11.44 -12.76
O2 MAN Q . 17.65 -13.66 -14.84
O3 MAN Q . 15.98 -12.23 -13.15
O4 MAN Q . 18.09 -11.65 -11.59
O5 MAN Q . 19.71 -11.53 -14.87
O6 MAN Q . 20.57 -12.21 -11.59
C1 MAN Q . 17.31 -14.53 -15.93
C2 MAN Q . 16.74 -15.80 -15.31
C3 MAN Q . 17.84 -16.48 -14.51
C4 MAN Q . 19.05 -16.76 -15.39
C5 MAN Q . 19.55 -15.42 -15.97
C6 MAN Q . 20.69 -15.59 -16.92
O2 MAN Q . 16.40 -16.75 -16.32
O3 MAN Q . 17.40 -17.69 -13.94
O4 MAN Q . 20.07 -17.33 -14.61
O5 MAN Q . 18.47 -14.81 -16.69
O6 MAN Q . 21.29 -14.33 -17.11
C1 NAG R . 51.50 17.49 3.23
C2 NAG R . 51.71 18.84 3.82
C3 NAG R . 53.19 19.09 3.97
C4 NAG R . 53.93 17.91 4.62
C5 NAG R . 53.22 16.53 4.57
C6 NAG R . 53.21 15.83 5.91
C7 NAG R . 50.03 20.58 3.39
C8 NAG R . 49.53 21.59 2.42
N2 NAG R . 51.10 19.88 3.00
O3 NAG R . 53.39 20.25 4.77
O4 NAG R . 55.17 17.77 3.94
O5 NAG R . 51.85 16.55 4.15
O6 NAG R . 52.01 16.12 6.61
O7 NAG R . 49.51 20.41 4.48
C1 NAG R . 56.27 17.45 4.82
C2 NAG R . 57.58 17.85 4.15
C3 NAG R . 58.76 17.55 5.08
C4 NAG R . 58.55 18.21 6.44
C5 NAG R . 57.19 17.80 7.02
C6 NAG R . 56.86 18.50 8.31
C7 NAG R . 58.39 17.66 1.84
C8 NAG R . 58.46 16.80 0.61
N2 NAG R . 57.74 17.15 2.89
O3 NAG R . 59.97 18.05 4.50
O4 NAG R . 59.59 17.80 7.33
O5 NAG R . 56.15 18.13 6.09
O6 NAG R . 55.60 18.08 8.82
O7 NAG R . 58.92 18.77 1.88
C1 NAG S . -16.75 -19.23 48.07
C2 NAG S . -18.10 -19.86 47.80
C3 NAG S . -18.95 -19.83 49.08
C4 NAG S . -18.20 -20.47 50.25
C5 NAG S . -16.79 -19.86 50.36
C6 NAG S . -15.91 -20.56 51.37
C7 NAG S . -19.54 -19.82 45.83
C8 NAG S . -20.18 -18.97 44.77
N2 NAG S . -18.79 -19.18 46.72
O3 NAG S . -20.19 -20.49 48.83
O4 NAG S . -18.94 -20.18 51.42
O5 NAG S . -16.10 -19.92 49.11
O6 NAG S . -16.27 -21.93 51.52
O7 NAG S . -19.71 -21.03 45.87
C1 NAG S . -19.44 -21.27 52.28
C2 NAG S . -20.07 -22.44 51.48
C3 NAG S . -20.41 -23.62 52.42
C4 NAG S . -19.24 -23.99 53.31
C5 NAG S . -18.72 -22.75 54.05
C6 NAG S . -17.51 -23.02 54.90
C7 NAG S . -22.41 -21.54 51.17
C8 NAG S . -23.43 -21.22 50.13
N2 NAG S . -21.24 -22.04 50.70
O3 NAG S . -20.78 -24.75 51.62
O4 NAG S . -19.65 -24.95 54.26
O5 NAG S . -18.34 -21.76 53.08
O6 NAG S . -17.75 -22.71 56.26
O7 NAG S . -22.63 -21.36 52.37
C1 NAG T . -1.40 -7.86 33.80
C2 NAG T . -2.39 -8.80 33.18
C3 NAG T . -1.72 -10.12 32.85
C4 NAG T . -0.50 -9.89 31.96
C5 NAG T . 0.42 -8.84 32.57
C6 NAG T . 1.50 -8.40 31.62
C7 NAG T . -4.78 -9.07 33.54
C8 NAG T . -5.87 -9.28 34.55
N2 NAG T . -3.55 -9.00 34.03
O3 NAG T . -2.67 -10.96 32.20
O4 NAG T . 0.25 -11.10 31.85
O5 NAG T . -0.32 -7.66 32.92
O6 NAG T . 2.70 -8.07 32.31
O7 NAG T . -5.02 -8.99 32.35
C1 NAG T . 0.05 -11.61 30.52
C2 NAG T . 1.36 -12.18 30.00
C3 NAG T . 1.14 -12.80 28.62
C4 NAG T . -0.01 -13.79 28.65
C5 NAG T . -1.25 -13.17 29.27
C6 NAG T . -2.38 -14.15 29.49
C7 NAG T . 3.60 -11.24 30.49
C8 NAG T . 3.90 -12.51 31.22
N2 NAG T . 2.38 -11.15 29.93
O3 NAG T . 2.33 -13.44 28.20
O4 NAG T . -0.29 -14.18 27.31
O5 NAG T . -0.93 -12.64 30.57
O6 NAG T . -1.89 -15.40 29.94
O7 NAG T . 4.41 -10.34 30.40
C1 BMA T . -0.03 -15.59 27.15
C2 BMA T . 0.12 -15.88 25.68
C3 BMA T . 0.20 -17.37 25.56
C4 BMA T . 1.36 -17.99 26.41
C5 BMA T . 1.36 -17.41 27.86
C6 BMA T . 2.66 -17.65 28.58
O2 BMA T . 1.34 -15.36 25.19
O3 BMA T . 0.29 -17.74 24.21
O4 BMA T . 1.22 -19.39 26.49
O5 BMA T . 1.18 -15.98 27.80
O6 BMA T . 3.67 -17.29 27.66
C1 MAN T . -0.77 -18.69 23.93
C2 MAN T . -0.68 -19.06 22.43
C3 MAN T . -1.22 -17.91 21.62
C4 MAN T . -2.68 -17.75 21.94
C5 MAN T . -2.82 -17.29 23.40
C6 MAN T . -4.25 -17.29 23.87
O2 MAN T . -1.55 -20.15 22.15
O3 MAN T . -1.04 -18.09 20.25
O4 MAN T . -3.25 -16.81 21.07
O5 MAN T . -2.09 -18.18 24.30
O6 MAN T . -4.24 -17.18 25.28
C1 MAN T . -0.83 -21.39 22.06
C2 MAN T . -1.70 -22.32 21.20
C3 MAN T . -2.94 -22.72 22.01
C4 MAN T . -2.54 -23.35 23.34
C5 MAN T . -1.74 -22.31 24.13
C6 MAN T . -1.25 -22.81 25.47
O2 MAN T . -1.02 -23.52 20.93
O3 MAN T . -3.78 -23.59 21.29
O4 MAN T . -3.69 -23.72 24.05
O5 MAN T . -0.58 -21.94 23.34
O6 MAN T . -1.45 -21.80 26.44
C1 MAN T . 4.93 -17.06 28.31
C2 MAN T . 5.73 -16.16 27.37
C3 MAN T . 5.97 -16.95 26.06
C4 MAN T . 6.66 -18.30 26.31
C5 MAN T . 5.85 -19.10 27.35
C6 MAN T . 6.54 -20.37 27.79
O2 MAN T . 7.01 -15.87 27.88
O3 MAN T . 6.70 -16.19 25.12
O4 MAN T . 6.73 -19.05 25.11
O5 MAN T . 5.61 -18.27 28.54
O6 MAN T . 7.72 -20.01 28.50
C1 MAN T . 5.69 -15.58 24.31
C2 MAN T . 6.01 -15.93 22.79
C3 MAN T . 6.88 -14.85 22.08
C4 MAN T . 6.51 -13.43 22.52
C5 MAN T . 6.69 -13.38 24.03
C6 MAN T . 6.57 -11.99 24.62
O2 MAN T . 4.83 -16.04 22.01
O3 MAN T . 6.79 -14.96 20.67
O4 MAN T . 7.35 -12.47 21.89
O5 MAN T . 5.65 -14.18 24.59
O6 MAN T . 6.77 -12.10 26.02
C1 NAG U . -23.72 12.60 51.82
C2 NAG U . -24.43 13.92 51.53
C3 NAG U . -25.20 14.39 52.76
C4 NAG U . -26.13 13.29 53.27
C5 NAG U . -25.35 11.99 53.47
C6 NAG U . -26.23 10.81 53.82
C7 NAG U . -23.75 15.82 50.16
C8 NAG U . -22.66 16.80 49.84
N2 NAG U . -23.48 14.93 51.11
O3 NAG U . -25.95 15.54 52.41
O4 NAG U . -26.68 13.71 54.52
O5 NAG U . -24.66 11.63 52.27
O6 NAG U . -25.49 9.78 54.43
O7 NAG U . -24.83 15.84 49.57
C1 NAG U . -28.11 13.87 54.45
C2 NAG U . -28.69 13.66 55.85
C3 NAG U . -30.20 13.91 55.84
C4 NAG U . -30.52 15.28 55.26
C5 NAG U . -29.90 15.39 53.87
C6 NAG U . -30.11 16.76 53.25
C7 NAG U . -27.29 12.07 57.06
C8 NAG U . -27.12 10.65 57.51
N2 NAG U . -28.38 12.35 56.35
O3 NAG U . -30.70 13.80 57.17
O4 NAG U . -31.93 15.46 55.18
O5 NAG U . -28.48 15.19 53.95
O6 NAG U . -31.39 16.85 52.63
O7 NAG U . -26.45 12.93 57.32
C1 NAG V . -24.74 -1.13 -20.82
C2 NAG V . -23.72 -1.73 -21.75
C3 NAG V . -23.95 -3.23 -21.87
C4 NAG V . -23.98 -3.89 -20.50
C5 NAG V . -24.89 -3.15 -19.53
C6 NAG V . -24.68 -3.55 -18.10
C7 NAG V . -22.66 -0.89 -23.78
C8 NAG V . -22.85 -0.26 -25.10
N2 NAG V . -23.77 -1.11 -23.06
O3 NAG V . -22.90 -3.78 -22.64
O4 NAG V . -24.46 -5.22 -20.65
O5 NAG V . -24.63 -1.73 -19.56
O6 NAG V . -23.30 -3.71 -17.81
O7 NAG V . -21.56 -1.21 -23.36
C1 NAG V . -23.43 -6.15 -20.30
C2 NAG V . -24.12 -7.37 -19.73
C3 NAG V . -23.10 -8.35 -19.22
C4 NAG V . -22.15 -8.75 -20.34
C5 NAG V . -21.58 -7.51 -21.05
C6 NAG V . -20.84 -7.85 -22.32
C7 NAG V . -26.32 -7.43 -18.66
C8 NAG V . -27.17 -6.96 -17.52
N2 NAG V . -25.06 -6.99 -18.67
O3 NAG V . -23.77 -9.50 -18.71
O4 NAG V . -21.07 -9.48 -19.80
O5 NAG V . -22.60 -6.57 -21.41
O6 NAG V . -21.20 -6.96 -23.37
O7 NAG V . -26.76 -8.17 -19.54
C1 BMA V . -21.19 -10.86 -20.18
C2 BMA V . -19.80 -11.44 -20.05
C3 BMA V . -19.87 -12.94 -20.21
C4 BMA V . -20.91 -13.56 -19.29
C5 BMA V . -22.26 -12.90 -19.54
C6 BMA V . -23.33 -13.38 -18.60
O2 BMA V . -19.33 -11.25 -18.73
O3 BMA V . -18.60 -13.46 -19.92
O4 BMA V . -21.03 -14.94 -19.54
O5 BMA V . -22.10 -11.51 -19.32
O6 BMA V . -24.10 -12.26 -18.23
C1 MAN V . -18.18 -14.15 -21.11
C2 MAN V . -16.99 -15.06 -20.69
C3 MAN V . -15.78 -14.21 -20.52
C4 MAN V . -15.46 -13.58 -21.85
C5 MAN V . -16.55 -12.56 -22.16
C6 MAN V . -16.38 -11.94 -23.51
O2 MAN V . -16.63 -15.92 -21.77
O3 MAN V . -14.68 -14.94 -20.04
O4 MAN V . -14.21 -12.96 -21.82
O5 MAN V . -17.84 -13.22 -22.17
O6 MAN V . -15.03 -12.07 -23.92
C1 MAN V . -17.26 -17.21 -21.68
C2 MAN V . -16.25 -18.19 -22.26
C3 MAN V . -16.05 -17.86 -23.72
C4 MAN V . -17.38 -17.90 -24.46
C5 MAN V . -18.33 -16.89 -23.81
C6 MAN V . -19.70 -16.94 -24.40
O2 MAN V . -16.79 -19.51 -22.27
O3 MAN V . -15.14 -18.74 -24.33
O4 MAN V . -17.17 -17.54 -25.79
O5 MAN V . -18.45 -17.22 -22.41
O6 MAN V . -20.35 -15.73 -24.06
C1 NAG W . 52.33 -8.00 -9.75
C2 NAG W . 52.01 -9.33 -9.06
C3 NAG W . 53.30 -10.06 -8.66
C4 NAG W . 54.23 -10.20 -9.85
C5 NAG W . 54.54 -8.83 -10.39
C6 NAG W . 55.44 -8.85 -11.60
C7 NAG W . 49.84 -8.97 -7.95
C8 NAG W . 49.15 -8.81 -6.64
N2 NAG W . 51.16 -9.14 -7.89
O3 NAG W . 52.98 -11.34 -8.14
O4 NAG W . 55.44 -10.85 -9.48
O5 NAG W . 53.31 -8.20 -10.80
O6 NAG W . 54.76 -9.36 -12.74
O7 NAG W . 49.24 -8.90 -9.01
C1 NAG X . 29.31 5.41 -20.93
C2 NAG X . 27.89 4.93 -20.62
C3 NAG X . 26.94 5.36 -21.74
C4 NAG X . 27.03 6.85 -22.00
C5 NAG X . 28.49 7.20 -22.30
C6 NAG X . 28.72 8.67 -22.52
C7 NAG X . 27.27 2.83 -19.47
C8 NAG X . 26.56 3.67 -18.45
N2 NAG X . 27.88 3.48 -20.47
O3 NAG X . 25.61 5.01 -21.38
O4 NAG X . 26.21 7.23 -23.08
O5 NAG X . 29.29 6.81 -21.19
O6 NAG X . 30.12 8.94 -22.62
O7 NAG X . 27.29 1.61 -19.40
C1 NAG Y . 51.39 3.95 -26.40
C2 NAG Y . 52.24 2.88 -27.07
C3 NAG Y . 53.72 3.24 -26.93
C4 NAG Y . 53.98 4.64 -27.49
C5 NAG Y . 53.04 5.66 -26.84
C6 NAG Y . 53.14 7.03 -27.46
C7 NAG Y . 51.11 0.70 -27.04
C8 NAG Y . 50.97 -0.62 -26.33
N2 NAG Y . 51.99 1.57 -26.51
O3 NAG Y . 54.51 2.28 -27.61
O4 NAG Y . 55.33 5.02 -27.24
O5 NAG Y . 51.68 5.23 -27.00
O6 NAG Y . 51.85 7.60 -27.66
O7 NAG Y . 50.44 0.98 -28.04
C1 NAG Z . 31.85 41.70 -10.43
C2 NAG Z . 30.42 42.36 -10.33
C3 NAG Z . 30.39 43.70 -11.06
C4 NAG Z . 31.54 44.61 -10.66
C5 NAG Z . 32.84 43.89 -10.93
C6 NAG Z . 34.06 44.70 -10.52
C7 NAG Z . 28.12 41.56 -10.64
C8 NAG Z . 27.24 40.60 -11.36
N2 NAG Z . 29.42 41.47 -10.89
O3 NAG Z . 29.17 44.39 -10.80
O4 NAG Z . 31.50 45.81 -11.42
O5 NAG Z . 32.87 42.70 -10.15
O6 NAG Z . 34.02 45.01 -9.14
O7 NAG Z . 27.66 42.38 -9.85
C1 NAG AA . 44.63 23.44 -5.49
C2 NAG AA . 45.72 23.60 -4.42
C3 NAG AA . 45.49 24.86 -3.58
C4 NAG AA . 45.24 26.08 -4.47
C5 NAG AA . 44.13 25.77 -5.46
C6 NAG AA . 43.85 26.90 -6.42
C7 NAG AA . 46.41 21.30 -3.87
C8 NAG AA . 46.35 20.20 -2.85
N2 NAG AA . 45.77 22.42 -3.55
O3 NAG AA . 46.62 25.09 -2.76
O4 NAG AA . 44.87 27.18 -3.66
O5 NAG AA . 44.53 24.64 -6.25
O6 NAG AA . 42.56 26.75 -7.01
O7 NAG AA . 47.00 21.16 -4.94
C1 NAG BA . 58.04 21.42 -16.99
C2 NAG BA . 58.48 22.70 -16.28
C3 NAG BA . 57.41 23.78 -16.42
C4 NAG BA . 57.02 23.99 -17.88
C5 NAG BA . 56.62 22.67 -18.51
C6 NAG BA . 56.31 22.78 -19.98
C7 NAG BA . 59.88 22.79 -14.24
C8 NAG BA . 60.93 23.50 -15.06
N2 NAG BA . 58.76 22.44 -14.87
O3 NAG BA . 57.89 25.00 -15.86
O4 NAG BA . 55.92 24.89 -17.97
O5 NAG BA . 57.70 21.72 -18.37
O6 NAG BA . 56.30 21.50 -20.60
O7 NAG BA . 60.05 22.54 -13.05
C1 NAG CA . -2.49 -9.90 60.65
C2 NAG CA . -3.05 -11.09 61.45
C3 NAG CA . -3.38 -10.66 62.87
C4 NAG CA . -2.20 -9.98 63.53
C5 NAG CA . -1.69 -8.83 62.67
C6 NAG CA . -0.45 -8.17 63.20
C7 NAG CA . -4.54 -12.93 60.84
C8 NAG CA . -5.79 -13.34 60.11
N2 NAG CA . -4.22 -11.64 60.79
O3 NAG CA . -3.77 -11.79 63.63
O4 NAG CA . -2.57 -9.47 64.81
O5 NAG CA . -1.36 -9.33 61.36
O6 NAG CA . 0.02 -7.15 62.33
O7 NAG CA . -3.86 -13.74 61.46
C1 NAG DA . -11.52 15.39 49.95
C2 NAG DA . -12.59 15.12 51.01
C3 NAG DA . -13.39 16.39 51.29
C4 NAG DA . -12.46 17.54 51.67
C5 NAG DA . -11.41 17.72 50.58
C6 NAG DA . -10.37 18.76 50.94
C7 NAG DA . -13.27 12.77 50.93
C8 NAG DA . -14.28 11.79 50.42
N2 NAG DA . -13.47 14.05 50.60
O3 NAG DA . -14.31 16.14 52.35
O4 NAG DA . -13.22 18.74 51.82
O5 NAG DA . -10.71 16.50 50.38
O6 NAG DA . -9.10 18.42 50.38
O7 NAG DA . -12.31 12.42 51.61
C1 NAG EA . 4.04 -5.70 39.18
C2 NAG EA . 3.90 -5.03 37.83
C3 NAG EA . 5.21 -4.31 37.49
C4 NAG EA . 5.58 -3.35 38.61
C5 NAG EA . 5.60 -4.08 39.96
C6 NAG EA . 5.87 -3.16 41.12
C7 NAG EA . 2.63 -5.82 35.85
C8 NAG EA . 1.87 -4.53 35.90
N2 NAG EA . 3.58 -6.00 36.80
O3 NAG EA . 5.07 -3.61 36.26
O4 NAG EA . 6.87 -2.79 38.36
O5 NAG EA . 4.33 -4.72 40.19
O6 NAG EA . 6.33 -3.89 42.25
O7 NAG EA . 2.41 -6.68 35.01
C1 NAG FA . -1.25 -22.52 44.38
C2 NAG FA . -0.04 -23.20 43.72
C3 NAG FA . -0.06 -24.70 44.00
C4 NAG FA . -0.15 -24.96 45.50
C5 NAG FA . -1.36 -24.25 46.08
C6 NAG FA . -1.46 -24.37 47.59
C7 NAG FA . 0.70 -21.96 41.74
C8 NAG FA . 0.62 -21.84 40.26
N2 NAG FA . -0.01 -22.94 42.30
O3 NAG FA . 1.11 -25.30 43.47
O4 NAG FA . -0.26 -26.37 45.74
O5 NAG FA . -1.28 -22.84 45.79
O6 NAG FA . -0.75 -23.32 48.24
O7 NAG FA . 1.37 -21.18 42.42
C1 NAG GA . -19.46 -15.83 51.72
C2 NAG GA . -20.37 -15.79 52.95
C3 NAG GA . -21.40 -16.91 52.82
C4 NAG GA . -22.16 -16.78 51.51
C5 NAG GA . -21.21 -16.65 50.31
C6 NAG GA . -21.91 -16.26 49.04
C7 NAG GA . -19.71 -14.96 55.14
C8 NAG GA . -18.89 -15.21 56.38
N2 NAG GA . -19.63 -15.90 54.19
O3 NAG GA . -22.30 -16.87 53.93
O4 NAG GA . -22.99 -17.92 51.32
O5 NAG GA . -20.22 -15.63 50.54
O6 NAG GA . -21.21 -15.20 48.39
O7 NAG GA . -20.42 -13.96 55.03
C1 NAG HA . -31.29 0.33 -16.61
C2 NAG HA . -30.41 0.61 -15.39
C3 NAG HA . -31.16 0.27 -14.10
C4 NAG HA . -32.50 0.99 -14.06
C5 NAG HA . -33.30 0.69 -15.33
C6 NAG HA . -34.61 1.46 -15.40
C7 NAG HA . -27.94 0.46 -15.54
C8 NAG HA . -27.90 1.95 -15.60
N2 NAG HA . -29.15 -0.11 -15.46
O3 NAG HA . -30.37 0.62 -12.98
O4 NAG HA . -33.24 0.57 -12.92
O5 NAG HA . -32.53 1.06 -16.49
O6 NAG HA . -35.53 0.84 -16.28
O7 NAG HA . -26.91 -0.22 -15.57
C1 NAG IA . -26.68 30.90 -35.52
C2 NAG IA . -25.66 32.03 -35.66
C3 NAG IA . -26.24 33.17 -36.49
C4 NAG IA . -26.73 32.65 -37.84
C5 NAG IA . -27.72 31.51 -37.62
C6 NAG IA . -28.14 30.85 -38.91
C7 NAG IA . -23.96 32.77 -34.07
C8 NAG IA . -23.69 33.23 -32.67
N2 NAG IA . -25.24 32.50 -34.35
O3 NAG IA . -25.23 34.15 -36.69
O4 NAG IA . -27.35 33.70 -38.58
O5 NAG IA . -27.11 30.49 -36.82
O6 NAG IA . -27.24 29.81 -39.26
O7 NAG IA . -23.06 32.65 -34.90
C1 NAG JA . -34.24 -8.02 -24.03
C2 NAG JA . -35.65 -7.58 -23.65
C3 NAG JA . -35.83 -7.63 -22.14
C4 NAG JA . -35.53 -9.04 -21.63
C5 NAG JA . -34.14 -9.49 -22.07
C6 NAG JA . -33.89 -10.94 -21.73
C7 NAG JA . -36.82 -6.03 -25.12
C8 NAG JA . -36.99 -4.60 -25.53
N2 NAG JA . -35.93 -6.25 -24.15
O3 NAG JA . -37.17 -7.29 -21.81
O4 NAG JA . -35.61 -9.06 -20.21
O5 NAG JA . -34.00 -9.36 -23.50
O6 NAG JA . -33.99 -11.76 -22.89
O7 NAG JA . -37.46 -6.93 -25.64
C1 NAG KA . -36.14 -10.99 -31.08
C2 NAG KA . -36.18 -12.21 -30.16
C3 NAG KA . -36.57 -13.45 -30.96
C4 NAG KA . -37.88 -13.21 -31.70
C5 NAG KA . -37.79 -11.96 -32.56
C6 NAG KA . -39.10 -11.57 -33.18
C7 NAG KA . -34.60 -11.84 -28.32
C8 NAG KA . -33.27 -12.19 -27.76
N2 NAG KA . -34.92 -12.42 -29.48
O3 NAG KA . -36.69 -14.55 -30.07
O4 NAG KA . -38.20 -14.33 -32.52
O5 NAG KA . -37.38 -10.85 -31.75
O6 NAG KA . -39.65 -10.43 -32.52
O7 NAG KA . -35.36 -11.06 -27.76
C1 NAG LA . -47.81 4.98 -32.05
C2 NAG LA . -48.31 6.30 -31.44
C3 NAG LA . -49.39 6.91 -32.34
C4 NAG LA . -48.87 7.06 -33.76
C5 NAG LA . -48.36 5.72 -34.29
C6 NAG LA . -47.73 5.83 -35.65
C7 NAG LA . -48.72 6.97 -29.12
C8 NAG LA . -49.29 6.56 -27.79
N2 NAG LA . -48.81 6.06 -30.11
O3 NAG LA . -49.76 8.17 -31.82
O4 NAG LA . -49.92 7.53 -34.60
O5 NAG LA . -47.35 5.21 -33.40
O6 NAG LA . -46.75 4.82 -35.84
O7 NAG LA . -48.22 8.07 -29.30
C1 NAG MA . -30.78 -1.60 -43.20
C2 NAG MA . -32.07 -1.01 -43.75
C3 NAG MA . -32.07 -1.10 -45.27
C4 NAG MA . -30.82 -0.47 -45.85
C5 NAG MA . -29.59 -1.08 -45.20
C6 NAG MA . -28.29 -0.44 -45.61
C7 NAG MA . -33.71 -1.45 -41.98
C8 NAG MA . -34.91 -2.24 -41.57
N2 NAG MA . -33.24 -1.69 -43.21
O3 NAG MA . -33.25 -0.47 -45.78
O4 NAG MA . -30.77 -0.67 -47.26
O5 NAG MA . -29.67 -0.93 -43.77
O6 NAG MA . -27.41 -0.34 -44.50
O7 NAG MA . -33.20 -0.62 -41.24
C1 NAG NA . -30.62 34.81 -0.72
C2 NAG NA . -29.93 35.32 0.56
C3 NAG NA . -30.96 35.62 1.63
C4 NAG NA . -32.02 36.59 1.11
C5 NAG NA . -32.66 36.00 -0.15
C6 NAG NA . -33.65 36.95 -0.79
C7 NAG NA . -27.82 34.72 1.65
C8 NAG NA . -26.94 33.60 2.12
N2 NAG NA . -28.95 34.36 1.05
O3 NAG NA . -30.31 36.19 2.77
O4 NAG NA . -33.02 36.80 2.10
O5 NAG NA . -31.65 35.75 -1.12
O6 NAG NA . -33.05 38.21 -1.04
O7 NAG NA . -27.51 35.90 1.81
C1 NAG OA . -31.94 3.74 -45.22
C2 NAG OA . -32.95 4.23 -46.25
C3 NAG OA . -32.69 3.56 -47.59
C4 NAG OA . -31.23 3.73 -48.00
C5 NAG OA . -30.29 3.33 -46.88
C6 NAG OA . -28.84 3.66 -47.15
C7 NAG OA . -35.23 5.01 -45.83
C8 NAG OA . -36.61 4.64 -45.37
N2 NAG OA . -34.32 4.03 -45.83
O3 NAG OA . -33.56 4.10 -48.57
O4 NAG OA . -30.97 2.93 -49.16
O5 NAG OA . -30.63 4.01 -45.66
O6 NAG OA . -28.20 4.08 -45.96
O7 NAG OA . -34.95 6.15 -46.17
C1 NAG PA . -41.28 3.90 -43.12
C2 NAG PA . -41.57 2.43 -43.45
C3 NAG PA . -42.42 2.37 -44.71
C4 NAG PA . -43.69 3.17 -44.48
C5 NAG PA . -43.33 4.61 -44.12
C6 NAG PA . -44.57 5.44 -43.85
C7 NAG PA . -39.83 0.93 -42.69
C8 NAG PA . -38.49 0.32 -42.99
N2 NAG PA . -40.34 1.71 -43.65
O3 NAG PA . -42.75 1.01 -44.99
O4 NAG PA . -44.48 3.17 -45.68
O5 NAG PA . -42.51 4.61 -42.94
O6 NAG PA . -45.20 5.01 -42.64
O7 NAG PA . -40.40 0.72 -41.64
C1 NAG QA . 34.98 37.76 16.08
C2 NAG QA . 36.15 38.17 16.99
C3 NAG QA . 37.38 37.33 16.70
C4 NAG QA . 37.04 35.84 16.76
C5 NAG QA . 35.88 35.54 15.82
C6 NAG QA . 35.40 34.11 15.89
C7 NAG QA . 36.00 40.53 17.65
C8 NAG QA . 36.41 41.94 17.35
N2 NAG QA . 36.46 39.58 16.83
O3 NAG QA . 38.38 37.62 17.66
O4 NAG QA . 38.16 35.07 16.36
O5 NAG QA . 34.76 36.36 16.19
O6 NAG QA . 34.20 33.93 15.14
O7 NAG QA . 35.25 40.27 18.59
#